data_7B2C
#
_entry.id   7B2C
#
_cell.length_a   83.791
_cell.length_b   147.186
_cell.length_c   113.376
_cell.angle_alpha   90.000
_cell.angle_beta   107.200
_cell.angle_gamma   90.000
#
_symmetry.space_group_name_H-M   'P 1 21 1'
#
loop_
_entity.id
_entity.type
_entity.pdbx_description
1 polymer 'Ethyl-Coenzyme M reductase alpha subunit'
2 polymer 'Ethyl-Coenzyme M reductase beta subunit'
3 polymer 'Ethyl-Coenzyme M reductase gamma subunit'
4 non-polymer 'Dimethylated-F430 cofactor'
5 non-polymer GLYCEROL
6 non-polymer 'SODIUM ION'
7 non-polymer 'Coenzyme B'
8 non-polymer '1-THIOETHANESULFONIC ACID'
9 non-polymer 'POTASSIUM ION'
10 non-polymer XENON
11 non-polymer 'CHLORIDE ION'
12 non-polymer (2R)-2-[(2S)-2-[(2S)-2-oxidanylpropoxy]propoxy]propan-1-ol
13 non-polymer 'MAGNESIUM ION'
14 non-polymer 2-AMINO-2-HYDROXYMETHYL-PROPANE-1,3-DIOL
15 water water
#
loop_
_entity_poly.entity_id
_entity_poly.type
_entity_poly.pdbx_seq_one_letter_code
_entity_poly.pdbx_strand_id
1 'polypeptide(L)'
;MVKYPKQLFLESKNSKMNSIEMKYGQDPAINRAEFHVYGGVRQSKRKSEAWEAAKRITKERGIPNYNPDLHLKGAQMGQK
VLQTYRITGLDREWAGGEDTPAHKGWKPGTDIAGLEMDDLNYENNPAMQQCYDDMRRTAINGLSIAHETIERRFGKEVTP
ETINLYFEMLNHNIGAGAIMMEHTAETNPELVKDSYAKCFTGNDELADALDQRFLIDINKMFPKYQADQIKAEVGDRIFQ
VARIPTMAVRTSDGGLSRAWVGQQASLAFLCAYDIPAGDAVTSDFVFTIK(MHS)GDVVFMGTQLPYR(AGM)AQRNNSA
GGIALGYYSDCNQTSRTPEALEGLDGGIDPVKVIVEALTPG(SMC)VITDQGWLHNYLAGGSSGWSNY(I2M)ISVYTDE
VLEDYGYHGAIYAMDKWKCGVGEVPNTYENMMTIAEEVSRWSQKNYDEYPGLMEAHFGGS(MGN)RYSIQAAASGAAVGA
MTGDPDLGNAAWHYNTPLCKEHYLRLGFY(GL3)(HIC)DLQDQQNMGHTYSYRSDQGIPYELKGPNYPDFAMNVGHMGG
YIGIIAGAAHARGAAYSTNPIIKAAFADPNLQFDFRYPRREFGIGGLRQFMPAGERDAVIPPH
;
A,D
2 'polypeptide(L)'
;MAYLTEKIDLYGDNGKVLESDIPLEAVTPVQNPAVRELASIFKRSVAVNLGGAQKALSTGHYANEYIHFPDIPNKDKLGI
KSSPGGKYPPKSVKVRTMDLPLVDDADDIAARLKERLQVNPDDGTEVRVMKKGNVLYVKISEQLANTGVEYTTALTTTAQ
AMTDLVMEKYDLDFHASPLVHCAFYGRYPQTYEFMGGNVISLLAASCANEGPGFAMRNIMANHIVAATRKRTLEAVALSS
TLEAIGHVEMGDAIGRWRRWQALVHACQGLNANNVVYDLVKEAGHGCTGDVVAATVGRALEDGIISVKKTLPSGYKFYTA
NDPSMWNAYVCAGLVAAVIVNQGAARAAQGVSSTLLYFNDLIEHETGLPHAGYGDGMGNGVSFSFFSHAIYGGGSPGIFS
GNHIVTRHSKGFAIPVIAAAVSLDSGTAVYGPEATSGLVGDIFGEVDLIRRPMEAIASAAAEIKDKF
;
B,E
3 'polypeptide(L)'
;MVYQRQFLPADDRVTKNRKKVVDPSVKLEKIRTLSDKDFLTLIGHRHLGEAYRSVNPPLAEIGEPEDPIRELVPPTEGAK
AGDRVCTIIMTDSVYNPPIAHYTRAWMYHNRFRGIDNGVYSGRVTLEMRERDLEEACRTLFETEICDASRDQVRQYTCTG
HSCRLDPDGMMFDPIERCIMSGGNVVYQKDSFGNPVDTPINMGKPLSEEELIERTVVYRTDRGEPMTREGDPGAPDEEVR
EALQWSRRIQWLRMLGNMVPDKIKGM
;
C,F
#
# COMPACT_ATOMS: atom_id res chain seq x y z
N PRO A 5 -40.15 -20.64 -29.54
CA PRO A 5 -39.27 -20.68 -28.35
C PRO A 5 -38.85 -19.27 -27.91
N LYS A 6 -39.61 -18.74 -26.95
CA LYS A 6 -39.42 -17.41 -26.39
C LYS A 6 -38.02 -17.16 -25.81
N GLN A 7 -37.70 -15.87 -25.62
CA GLN A 7 -36.45 -15.40 -25.03
C GLN A 7 -36.41 -15.88 -23.57
N LEU A 8 -35.21 -16.12 -22.99
CA LEU A 8 -35.15 -16.62 -21.62
C LEU A 8 -35.68 -15.62 -20.61
N PHE A 9 -35.65 -14.31 -20.92
CA PHE A 9 -36.16 -13.30 -19.97
C PHE A 9 -37.70 -13.23 -19.98
N LEU A 10 -38.36 -13.90 -20.93
CA LEU A 10 -39.82 -13.97 -20.99
C LEU A 10 -40.31 -15.35 -20.54
N GLU A 11 -39.43 -16.35 -20.57
CA GLU A 11 -39.76 -17.70 -20.17
C GLU A 11 -38.49 -18.50 -19.86
N SER A 12 -38.22 -18.74 -18.55
CA SER A 12 -37.06 -19.53 -18.12
C SER A 12 -37.22 -20.93 -18.70
N LYS A 13 -36.11 -21.56 -19.10
CA LYS A 13 -36.15 -22.85 -19.77
C LYS A 13 -37.00 -23.93 -19.13
N ASN A 14 -36.85 -24.14 -17.82
CA ASN A 14 -37.56 -25.23 -17.13
C ASN A 14 -38.70 -24.77 -16.24
N SER A 15 -38.50 -23.74 -15.41
CA SER A 15 -39.58 -23.28 -14.55
C SER A 15 -40.62 -22.46 -15.31
N LYS A 16 -40.30 -21.99 -16.53
CA LYS A 16 -41.20 -21.20 -17.39
C LYS A 16 -41.64 -19.90 -16.74
N MET A 17 -40.77 -19.30 -15.92
CA MET A 17 -41.09 -18.03 -15.26
C MET A 17 -40.82 -16.89 -16.22
N ASN A 18 -41.66 -15.85 -16.16
CA ASN A 18 -41.48 -14.67 -16.99
C ASN A 18 -40.83 -13.62 -16.11
N SER A 19 -39.50 -13.59 -16.11
CA SER A 19 -38.75 -12.68 -15.25
C SER A 19 -39.07 -11.20 -15.40
N ILE A 20 -39.36 -10.71 -16.63
CA ILE A 20 -39.65 -9.29 -16.79
C ILE A 20 -41.08 -9.02 -16.38
N GLU A 21 -42.02 -9.85 -16.85
CA GLU A 21 -43.43 -9.64 -16.51
C GLU A 21 -43.67 -9.64 -15.00
N MET A 22 -43.01 -10.55 -14.26
CA MET A 22 -43.18 -10.66 -12.81
C MET A 22 -42.86 -9.35 -12.09
N LYS A 23 -42.09 -8.45 -12.71
CA LYS A 23 -41.74 -7.17 -12.06
C LYS A 23 -42.93 -6.22 -12.04
N TYR A 24 -43.82 -6.32 -13.01
CA TYR A 24 -44.94 -5.39 -13.14
C TYR A 24 -46.36 -5.94 -13.08
N GLY A 25 -46.54 -7.21 -13.42
CA GLY A 25 -47.87 -7.79 -13.48
C GLY A 25 -48.58 -7.22 -14.70
N GLN A 26 -47.79 -6.91 -15.75
CA GLN A 26 -48.27 -6.35 -17.00
C GLN A 26 -47.36 -6.83 -18.12
N ASP A 27 -47.91 -6.96 -19.34
CA ASP A 27 -47.15 -7.40 -20.50
C ASP A 27 -45.96 -6.47 -20.72
N PRO A 28 -44.72 -6.96 -20.66
CA PRO A 28 -43.56 -6.06 -20.83
C PRO A 28 -43.41 -5.44 -22.22
N ALA A 29 -44.20 -5.88 -23.20
CA ALA A 29 -44.14 -5.30 -24.55
C ALA A 29 -44.94 -3.99 -24.64
N ILE A 30 -45.82 -3.71 -23.65
CA ILE A 30 -46.65 -2.50 -23.66
C ILE A 30 -45.91 -1.28 -23.16
N ASN A 31 -45.92 -0.18 -23.95
CA ASN A 31 -45.24 1.05 -23.54
C ASN A 31 -46.19 1.95 -22.77
N ARG A 32 -46.54 1.55 -21.55
CA ARG A 32 -47.45 2.34 -20.72
C ARG A 32 -47.27 1.96 -19.27
N ALA A 33 -47.30 2.93 -18.40
CA ALA A 33 -47.19 2.68 -16.97
C ALA A 33 -47.80 3.82 -16.21
N GLU A 34 -48.27 3.54 -14.98
CA GLU A 34 -48.82 4.55 -14.09
C GLU A 34 -47.72 4.81 -13.07
N PHE A 35 -47.43 6.09 -12.81
CA PHE A 35 -46.41 6.43 -11.84
C PHE A 35 -47.04 7.16 -10.65
N HIS A 36 -46.28 7.30 -9.56
CA HIS A 36 -46.71 8.01 -8.36
C HIS A 36 -47.90 7.36 -7.66
N VAL A 37 -48.11 6.05 -7.87
CA VAL A 37 -49.25 5.36 -7.25
C VAL A 37 -48.81 4.16 -6.39
N TYR A 38 -47.52 4.08 -5.98
CA TYR A 38 -47.05 2.92 -5.19
C TYR A 38 -46.80 3.16 -3.72
N GLY A 39 -47.03 4.37 -3.23
CA GLY A 39 -46.81 4.69 -1.82
C GLY A 39 -45.34 4.92 -1.49
N GLY A 40 -44.54 5.21 -2.50
CA GLY A 40 -43.11 5.46 -2.30
C GLY A 40 -42.42 4.22 -1.78
N VAL A 41 -41.60 4.35 -0.73
CA VAL A 41 -40.88 3.20 -0.17
C VAL A 41 -41.82 2.18 0.45
N ARG A 42 -43.12 2.50 0.65
CA ARG A 42 -44.07 1.55 1.23
C ARG A 42 -44.16 0.25 0.42
N GLN A 43 -43.88 0.32 -0.90
CA GLN A 43 -43.93 -0.85 -1.76
C GLN A 43 -42.76 -1.81 -1.50
N SER A 44 -41.71 -1.35 -0.80
CA SER A 44 -40.53 -2.15 -0.50
C SER A 44 -40.59 -2.72 0.92
N LYS A 45 -40.51 -4.05 1.07
CA LYS A 45 -40.52 -4.67 2.40
C LYS A 45 -39.22 -4.28 3.16
N ARG A 46 -38.07 -4.34 2.49
CA ARG A 46 -36.80 -4.02 3.14
C ARG A 46 -36.70 -2.54 3.55
N LYS A 47 -37.11 -1.59 2.67
CA LYS A 47 -37.01 -0.17 3.05
C LYS A 47 -38.06 0.18 4.10
N SER A 48 -39.25 -0.44 4.05
CA SER A 48 -40.28 -0.17 5.06
C SER A 48 -39.78 -0.68 6.43
N GLU A 49 -39.21 -1.89 6.47
CA GLU A 49 -38.67 -2.45 7.71
C GLU A 49 -37.48 -1.57 8.17
N ALA A 50 -36.66 -1.10 7.23
CA ALA A 50 -35.51 -0.24 7.56
C ALA A 50 -35.97 1.04 8.22
N TRP A 51 -37.08 1.60 7.77
CA TRP A 51 -37.59 2.83 8.35
C TRP A 51 -37.99 2.62 9.80
N GLU A 52 -38.66 1.51 10.10
CA GLU A 52 -39.08 1.25 11.48
C GLU A 52 -37.89 0.97 12.39
N ALA A 53 -36.87 0.28 11.87
CA ALA A 53 -35.66 -0.01 12.65
C ALA A 53 -34.91 1.30 12.92
N ALA A 54 -34.84 2.17 11.92
CA ALA A 54 -34.16 3.45 12.03
C ALA A 54 -34.74 4.29 13.16
N LYS A 55 -36.07 4.27 13.35
CA LYS A 55 -36.69 5.06 14.42
C LYS A 55 -36.24 4.56 15.78
N ARG A 56 -36.11 3.23 15.95
CA ARG A 56 -35.65 2.66 17.21
C ARG A 56 -34.19 3.05 17.43
N ILE A 57 -33.35 2.92 16.39
CA ILE A 57 -31.93 3.27 16.45
C ILE A 57 -31.74 4.72 16.86
N THR A 58 -32.49 5.64 16.23
CA THR A 58 -32.41 7.07 16.56
C THR A 58 -32.71 7.30 18.04
N LYS A 59 -33.72 6.62 18.52
CA LYS A 59 -34.14 6.78 19.96
C LYS A 59 -33.05 6.27 20.89
N GLU A 60 -32.39 5.19 20.52
CA GLU A 60 -31.37 4.60 21.36
C GLU A 60 -30.08 5.41 21.38
N ARG A 61 -29.59 5.83 20.20
CA ARG A 61 -28.31 6.52 20.13
C ARG A 61 -28.34 8.05 20.19
N GLY A 62 -29.51 8.66 19.99
CA GLY A 62 -29.63 10.12 20.06
C GLY A 62 -29.16 10.89 18.83
N ILE A 63 -29.07 10.20 17.68
CA ILE A 63 -28.68 10.83 16.42
C ILE A 63 -29.58 10.20 15.35
N PRO A 64 -30.23 11.02 14.50
CA PRO A 64 -31.09 10.44 13.48
C PRO A 64 -30.27 9.69 12.44
N ASN A 65 -30.89 8.78 11.70
CA ASN A 65 -30.18 8.03 10.67
C ASN A 65 -31.11 7.89 9.44
N TYR A 66 -31.41 6.67 8.98
CA TYR A 66 -32.27 6.45 7.81
C TYR A 66 -33.62 7.17 7.94
N ASN A 67 -33.95 8.02 6.97
CA ASN A 67 -35.21 8.77 6.99
C ASN A 67 -35.66 9.05 5.55
N PRO A 68 -36.44 8.14 4.96
CA PRO A 68 -36.91 8.32 3.58
C PRO A 68 -37.59 9.65 3.25
N ASP A 69 -38.18 10.33 4.24
CA ASP A 69 -38.83 11.62 3.99
C ASP A 69 -37.82 12.72 3.65
N LEU A 70 -36.50 12.45 3.73
CA LEU A 70 -35.50 13.45 3.36
C LEU A 70 -35.31 13.48 1.82
N HIS A 71 -35.91 12.53 1.10
CA HIS A 71 -35.79 12.48 -0.39
C HIS A 71 -36.11 13.85 -1.01
N LEU A 72 -35.26 14.30 -1.93
CA LEU A 72 -35.33 15.65 -2.58
C LEU A 72 -36.75 16.06 -3.01
N LYS A 73 -37.09 17.32 -2.70
CA LYS A 73 -38.32 18.05 -3.11
C LYS A 73 -39.60 17.23 -2.86
N GLY A 74 -39.71 16.63 -1.68
CA GLY A 74 -40.90 15.89 -1.29
C GLY A 74 -41.22 14.66 -2.08
N ALA A 75 -40.29 14.21 -2.94
CA ALA A 75 -40.51 13.02 -3.75
C ALA A 75 -39.81 11.82 -3.14
N GLN A 76 -40.54 11.03 -2.36
CA GLN A 76 -39.96 9.82 -1.77
C GLN A 76 -39.48 8.89 -2.88
N MET A 77 -38.48 8.05 -2.60
CA MET A 77 -38.04 7.08 -3.62
C MET A 77 -39.25 6.14 -3.81
N GLY A 78 -39.40 5.56 -4.97
CA GLY A 78 -40.53 4.68 -5.24
C GLY A 78 -41.66 5.36 -6.00
N GLN A 79 -41.35 6.39 -6.80
CA GLN A 79 -42.37 7.03 -7.64
C GLN A 79 -42.69 6.12 -8.83
N LYS A 80 -41.82 5.15 -9.12
CA LYS A 80 -42.01 4.14 -10.15
C LYS A 80 -41.87 2.79 -9.38
N VAL A 81 -42.09 1.67 -10.06
CA VAL A 81 -41.94 0.38 -9.41
C VAL A 81 -40.47 0.17 -9.00
N LEU A 82 -40.29 -0.22 -7.72
CA LEU A 82 -38.97 -0.63 -7.20
C LEU A 82 -38.93 -2.13 -7.48
N GLN A 83 -38.45 -2.50 -8.67
CA GLN A 83 -38.50 -3.88 -9.13
C GLN A 83 -37.83 -4.91 -8.26
N THR A 84 -38.37 -6.15 -8.32
CA THR A 84 -37.77 -7.29 -7.63
C THR A 84 -36.98 -8.01 -8.75
N TYR A 85 -36.15 -8.98 -8.34
CA TYR A 85 -35.30 -9.71 -9.27
C TYR A 85 -35.31 -11.22 -9.08
N ARG A 86 -35.01 -11.94 -10.18
CA ARG A 86 -34.92 -13.38 -10.20
C ARG A 86 -33.52 -13.76 -10.59
N ILE A 87 -32.88 -14.67 -9.82
CA ILE A 87 -31.52 -15.09 -10.15
C ILE A 87 -31.57 -15.88 -11.46
N THR A 88 -30.74 -15.53 -12.43
CA THR A 88 -30.71 -16.25 -13.70
C THR A 88 -30.29 -17.70 -13.58
N GLY A 89 -30.94 -18.53 -14.38
CA GLY A 89 -30.61 -19.94 -14.60
C GLY A 89 -30.64 -20.94 -13.47
N LEU A 90 -31.17 -20.59 -12.28
CA LEU A 90 -31.20 -21.56 -11.19
C LEU A 90 -32.09 -22.77 -11.52
N ASP A 91 -33.08 -22.59 -12.40
CA ASP A 91 -33.97 -23.68 -12.80
C ASP A 91 -33.30 -24.64 -13.79
N ARG A 92 -32.11 -24.28 -14.30
CA ARG A 92 -31.38 -25.16 -15.24
C ARG A 92 -30.25 -25.91 -14.53
N GLU A 93 -30.11 -25.76 -13.20
CA GLU A 93 -29.08 -26.46 -12.47
C GLU A 93 -29.61 -27.81 -11.99
N TRP A 94 -28.75 -28.81 -11.96
CA TRP A 94 -29.12 -30.15 -11.54
C TRP A 94 -28.09 -30.78 -10.59
N ALA A 95 -26.96 -30.10 -10.32
CA ALA A 95 -25.94 -30.65 -9.43
C ALA A 95 -25.64 -29.63 -8.31
N GLY A 96 -24.71 -29.96 -7.40
CA GLY A 96 -24.31 -29.07 -6.32
C GLY A 96 -25.26 -29.04 -5.14
N GLY A 97 -25.94 -30.14 -4.89
CA GLY A 97 -26.88 -30.22 -3.78
C GLY A 97 -26.28 -30.59 -2.43
N GLU A 98 -24.94 -30.58 -2.31
CA GLU A 98 -24.29 -30.95 -1.05
C GLU A 98 -24.38 -29.85 0.00
N ASP A 99 -24.37 -30.23 1.27
CA ASP A 99 -24.39 -29.25 2.36
C ASP A 99 -23.06 -28.52 2.28
N THR A 100 -23.04 -27.23 2.62
CA THR A 100 -21.80 -26.46 2.59
C THR A 100 -21.61 -25.89 3.99
N PRO A 101 -20.45 -25.31 4.27
CA PRO A 101 -20.25 -24.73 5.60
C PRO A 101 -21.19 -23.54 5.88
N ALA A 102 -21.74 -22.94 4.81
CA ALA A 102 -22.61 -21.76 4.94
C ALA A 102 -24.10 -22.04 4.90
N HIS A 103 -24.51 -23.22 4.43
CA HIS A 103 -25.93 -23.52 4.36
C HIS A 103 -26.19 -24.98 4.05
N LYS A 104 -27.38 -25.44 4.42
CA LYS A 104 -27.77 -26.83 4.09
C LYS A 104 -27.76 -26.93 2.55
N GLY A 105 -27.80 -28.14 2.02
CA GLY A 105 -27.71 -28.35 0.59
C GLY A 105 -28.85 -27.70 -0.16
N TRP A 106 -28.50 -26.95 -1.20
CA TRP A 106 -29.52 -26.28 -2.05
C TRP A 106 -30.18 -27.38 -2.89
N LYS A 107 -31.49 -27.27 -3.15
CA LYS A 107 -32.13 -28.27 -4.03
C LYS A 107 -31.89 -27.77 -5.45
N PRO A 108 -31.03 -28.40 -6.26
CA PRO A 108 -30.70 -27.88 -7.57
C PRO A 108 -31.97 -27.80 -8.43
N GLY A 109 -32.14 -26.69 -9.13
CA GLY A 109 -33.31 -26.47 -10.00
C GLY A 109 -34.34 -25.57 -9.33
N THR A 110 -34.12 -25.23 -8.05
CA THR A 110 -35.06 -24.36 -7.34
C THR A 110 -34.73 -22.90 -7.66
N ASP A 111 -35.73 -22.09 -8.03
CA ASP A 111 -35.48 -20.69 -8.34
C ASP A 111 -35.40 -19.83 -7.09
N ILE A 112 -34.85 -18.62 -7.26
CA ILE A 112 -34.82 -17.61 -6.22
C ILE A 112 -35.38 -16.38 -6.93
N ALA A 113 -36.65 -16.06 -6.68
CA ALA A 113 -37.33 -14.94 -7.33
C ALA A 113 -37.90 -13.97 -6.28
N GLY A 114 -38.25 -12.75 -6.71
CA GLY A 114 -38.82 -11.77 -5.79
C GLY A 114 -37.81 -11.10 -4.88
N LEU A 115 -36.50 -11.22 -5.18
CA LEU A 115 -35.48 -10.58 -4.32
C LEU A 115 -35.56 -9.08 -4.52
N GLU A 116 -35.45 -8.31 -3.43
CA GLU A 116 -35.45 -6.86 -3.54
C GLU A 116 -34.01 -6.42 -3.80
N MET A 117 -33.84 -5.22 -4.37
CA MET A 117 -32.51 -4.69 -4.69
C MET A 117 -31.58 -4.68 -3.43
N ASP A 118 -32.14 -4.35 -2.26
CA ASP A 118 -31.33 -4.30 -1.04
C ASP A 118 -30.82 -5.66 -0.60
N ASP A 119 -31.48 -6.76 -1.01
CA ASP A 119 -31.03 -8.11 -0.70
C ASP A 119 -29.76 -8.48 -1.49
N LEU A 120 -29.51 -7.79 -2.62
CA LEU A 120 -28.33 -8.07 -3.44
C LEU A 120 -27.32 -6.91 -3.40
N ASN A 121 -27.33 -6.18 -2.27
CA ASN A 121 -26.43 -5.08 -2.01
C ASN A 121 -25.26 -5.73 -1.25
N TYR A 122 -24.03 -5.49 -1.69
CA TYR A 122 -22.84 -6.07 -1.04
C TYR A 122 -22.81 -5.79 0.46
N GLU A 123 -23.30 -4.64 0.86
CA GLU A 123 -23.30 -4.28 2.30
C GLU A 123 -24.23 -5.21 3.08
N ASN A 124 -25.37 -5.62 2.49
CA ASN A 124 -26.37 -6.46 3.18
C ASN A 124 -26.28 -7.93 2.88
N ASN A 125 -25.39 -8.34 1.98
CA ASN A 125 -25.30 -9.73 1.54
C ASN A 125 -24.02 -10.43 1.98
N PRO A 126 -24.06 -11.21 3.08
CA PRO A 126 -22.85 -11.89 3.54
C PRO A 126 -22.23 -12.93 2.57
N ALA A 127 -22.98 -13.45 1.61
CA ALA A 127 -22.39 -14.39 0.65
C ALA A 127 -21.39 -13.64 -0.22
N MET A 128 -21.72 -12.39 -0.63
CA MET A 128 -20.82 -11.60 -1.46
C MET A 128 -19.57 -11.24 -0.68
N GLN A 129 -19.75 -10.84 0.59
CA GLN A 129 -18.60 -10.50 1.41
C GLN A 129 -17.74 -11.74 1.64
N GLN A 130 -18.35 -12.89 1.95
CA GLN A 130 -17.56 -14.11 2.19
C GLN A 130 -16.82 -14.52 0.94
N CYS A 131 -17.42 -14.29 -0.25
CA CYS A 131 -16.78 -14.64 -1.51
C CYS A 131 -15.42 -13.98 -1.58
N TYR A 132 -15.37 -12.68 -1.31
CA TYR A 132 -14.11 -11.93 -1.30
C TYR A 132 -13.19 -12.40 -0.17
N ASP A 133 -13.73 -12.53 1.04
CA ASP A 133 -12.90 -12.97 2.17
C ASP A 133 -12.23 -14.32 1.92
N ASP A 134 -12.94 -15.28 1.25
CA ASP A 134 -12.34 -16.60 0.94
C ASP A 134 -11.19 -16.44 -0.05
N MET A 135 -11.27 -15.48 -0.98
CA MET A 135 -10.18 -15.25 -1.92
C MET A 135 -8.95 -14.70 -1.20
N ARG A 136 -9.13 -13.60 -0.43
CA ARG A 136 -8.02 -12.92 0.22
C ARG A 136 -7.43 -13.62 1.44
N ARG A 137 -8.17 -14.51 2.10
CA ARG A 137 -7.60 -15.23 3.26
C ARG A 137 -6.83 -16.50 2.83
N THR A 138 -6.71 -16.76 1.51
CA THR A 138 -6.03 -17.93 0.96
C THR A 138 -4.54 -17.65 0.71
N ALA A 139 -3.71 -18.59 1.13
CA ALA A 139 -2.25 -18.52 0.97
C ALA A 139 -1.85 -19.81 0.27
N ILE A 140 -1.06 -19.71 -0.80
CA ILE A 140 -0.68 -20.91 -1.57
C ILE A 140 0.81 -20.97 -1.71
N ASN A 141 1.40 -22.16 -1.50
CA ASN A 141 2.84 -22.32 -1.57
C ASN A 141 3.28 -23.68 -2.03
N GLY A 142 4.40 -23.71 -2.73
CA GLY A 142 5.01 -24.98 -3.08
C GLY A 142 5.77 -25.36 -1.83
N LEU A 143 5.81 -26.65 -1.45
CA LEU A 143 6.56 -27.04 -0.23
C LEU A 143 7.95 -27.64 -0.55
N SER A 144 8.31 -27.79 -1.83
CA SER A 144 9.59 -28.40 -2.23
C SER A 144 10.81 -27.84 -1.51
N ILE A 145 10.93 -26.51 -1.45
CA ILE A 145 12.09 -25.89 -0.83
C ILE A 145 12.13 -26.09 0.69
N ALA A 146 10.98 -26.08 1.38
CA ALA A 146 11.00 -26.30 2.83
C ALA A 146 11.44 -27.75 3.09
N HIS A 147 10.90 -28.70 2.30
CA HIS A 147 11.29 -30.11 2.44
C HIS A 147 12.77 -30.32 2.07
N GLU A 148 13.26 -29.60 1.07
CA GLU A 148 14.65 -29.67 0.65
C GLU A 148 15.56 -29.19 1.79
N THR A 149 15.22 -28.07 2.40
CA THR A 149 16.06 -27.52 3.50
C THR A 149 16.09 -28.50 4.68
N ILE A 150 14.96 -29.13 5.01
CA ILE A 150 14.91 -30.10 6.12
C ILE A 150 15.84 -31.27 5.82
N GLU A 151 15.77 -31.81 4.60
CA GLU A 151 16.59 -32.94 4.22
C GLU A 151 18.08 -32.61 4.07
N ARG A 152 18.42 -31.49 3.41
N ARG A 152 18.41 -31.49 3.42
CA ARG A 152 19.82 -31.08 3.16
CA ARG A 152 19.80 -31.09 3.18
C ARG A 152 20.50 -30.35 4.33
C ARG A 152 20.49 -30.37 4.35
N ARG A 153 19.82 -29.41 4.98
CA ARG A 153 20.41 -28.65 6.08
C ARG A 153 20.18 -29.29 7.42
N PHE A 154 18.93 -29.66 7.70
CA PHE A 154 18.61 -30.24 9.01
C PHE A 154 19.02 -31.72 9.09
N GLY A 155 18.85 -32.46 8.00
CA GLY A 155 19.22 -33.87 7.93
C GLY A 155 18.14 -34.90 8.23
N LYS A 156 16.85 -34.53 8.13
CA LYS A 156 15.75 -35.45 8.42
C LYS A 156 14.99 -35.83 7.13
N GLU A 157 14.45 -37.05 7.08
CA GLU A 157 13.71 -37.52 5.91
C GLU A 157 12.25 -37.01 5.90
N VAL A 158 11.74 -36.65 4.72
CA VAL A 158 10.35 -36.20 4.59
C VAL A 158 9.60 -37.35 3.98
N THR A 159 8.55 -37.83 4.64
CA THR A 159 7.76 -38.98 4.18
C THR A 159 6.27 -38.64 4.26
N PRO A 160 5.38 -39.46 3.68
CA PRO A 160 3.94 -39.17 3.83
C PRO A 160 3.56 -39.01 5.29
N GLU A 161 4.18 -39.82 6.17
CA GLU A 161 3.89 -39.78 7.60
C GLU A 161 4.28 -38.44 8.22
N THR A 162 5.45 -37.89 7.89
CA THR A 162 5.85 -36.59 8.47
C THR A 162 4.98 -35.48 7.86
N ILE A 163 4.59 -35.61 6.59
CA ILE A 163 3.72 -34.60 5.97
C ILE A 163 2.37 -34.60 6.65
N ASN A 164 1.81 -35.78 6.95
CA ASN A 164 0.53 -35.90 7.64
C ASN A 164 0.58 -35.27 9.02
N LEU A 165 1.65 -35.53 9.78
CA LEU A 165 1.78 -34.94 11.13
C LEU A 165 1.91 -33.42 11.00
N TYR A 166 2.65 -32.95 9.98
CA TYR A 166 2.83 -31.51 9.72
C TYR A 166 1.49 -30.87 9.47
N PHE A 167 0.62 -31.51 8.65
CA PHE A 167 -0.69 -30.94 8.37
C PHE A 167 -1.61 -31.01 9.57
N GLU A 168 -1.49 -32.07 10.41
CA GLU A 168 -2.34 -32.15 11.61
C GLU A 168 -1.95 -31.00 12.54
N MET A 169 -0.64 -30.75 12.66
CA MET A 169 -0.15 -29.66 13.50
C MET A 169 -0.52 -28.30 12.92
N LEU A 170 -0.39 -28.12 11.60
CA LEU A 170 -0.75 -26.84 10.99
C LEU A 170 -2.24 -26.59 11.14
N ASN A 171 -3.08 -27.64 11.08
CA ASN A 171 -4.51 -27.42 11.24
C ASN A 171 -4.84 -27.12 12.70
N HIS A 172 -3.96 -27.47 13.63
CA HIS A 172 -4.19 -27.16 15.04
C HIS A 172 -3.79 -25.72 15.31
N ASN A 173 -2.66 -25.27 14.75
CA ASN A 173 -2.19 -23.90 15.04
C ASN A 173 -2.59 -22.82 14.04
N ILE A 174 -3.12 -23.13 12.86
CA ILE A 174 -3.46 -22.07 11.89
C ILE A 174 -4.51 -21.11 12.45
N GLY A 175 -5.48 -21.63 13.18
CA GLY A 175 -6.50 -20.78 13.77
C GLY A 175 -6.49 -20.73 15.28
N ALA A 176 -6.39 -21.90 15.96
CA ALA A 176 -6.58 -21.94 17.41
C ALA A 176 -5.37 -22.13 18.36
N GLY A 177 -4.52 -23.11 18.13
CA GLY A 177 -3.52 -23.49 19.13
C GLY A 177 -2.05 -23.27 19.01
N ALA A 178 -1.35 -23.71 20.08
CA ALA A 178 0.10 -23.68 20.28
C ALA A 178 0.59 -25.14 20.46
N ILE A 179 1.84 -25.42 20.10
CA ILE A 179 2.39 -26.78 20.20
C ILE A 179 3.69 -26.87 20.97
N MET A 180 4.59 -25.93 20.75
CA MET A 180 5.94 -25.98 21.32
C MET A 180 6.12 -25.31 22.67
N MET A 181 5.41 -24.18 22.91
CA MET A 181 5.62 -23.43 24.13
C MET A 181 4.67 -23.64 25.28
N GLU A 182 5.19 -23.37 26.46
CA GLU A 182 4.43 -23.40 27.70
C GLU A 182 3.72 -22.04 27.81
N HIS A 183 2.66 -21.93 28.64
CA HIS A 183 1.95 -20.70 28.96
C HIS A 183 1.76 -19.76 27.76
N THR A 184 1.05 -20.24 26.73
CA THR A 184 0.83 -19.49 25.51
C THR A 184 -0.67 -19.28 25.27
N ALA A 185 -1.05 -18.07 24.88
CA ALA A 185 -2.45 -17.75 24.61
C ALA A 185 -2.88 -18.40 23.31
N GLU A 186 -4.17 -18.68 23.17
CA GLU A 186 -4.69 -19.35 21.99
C GLU A 186 -6.02 -18.73 21.61
N THR A 187 -6.49 -19.00 20.41
CA THR A 187 -7.76 -18.43 19.96
C THR A 187 -8.89 -19.43 20.16
N ASN A 188 -10.09 -18.90 20.45
CA ASN A 188 -11.29 -19.68 20.63
C ASN A 188 -11.60 -20.43 19.33
N PRO A 189 -11.62 -21.78 19.34
CA PRO A 189 -11.88 -22.51 18.10
C PRO A 189 -13.14 -22.08 17.35
N GLU A 190 -14.16 -21.59 18.08
CA GLU A 190 -15.41 -21.18 17.44
C GLU A 190 -15.22 -20.00 16.52
N LEU A 191 -14.26 -19.12 16.84
CA LEU A 191 -14.02 -17.94 16.04
C LEU A 191 -13.23 -18.23 14.77
N VAL A 192 -12.59 -19.38 14.68
CA VAL A 192 -11.72 -19.72 13.53
C VAL A 192 -12.01 -21.07 12.90
N LYS A 193 -13.24 -21.57 13.07
CA LYS A 193 -13.60 -22.88 12.50
C LYS A 193 -13.56 -22.95 10.99
N ASP A 194 -13.42 -21.78 10.33
CA ASP A 194 -13.32 -21.69 8.88
C ASP A 194 -11.86 -21.75 8.40
N SER A 195 -10.90 -21.76 9.33
CA SER A 195 -9.47 -21.75 9.03
C SER A 195 -8.92 -23.15 9.08
N TYR A 196 -8.15 -23.53 8.05
CA TYR A 196 -7.58 -24.86 7.94
C TYR A 196 -6.56 -24.88 6.80
N ALA A 197 -5.85 -25.99 6.62
CA ALA A 197 -4.85 -26.12 5.57
C ALA A 197 -4.93 -27.48 4.90
N LYS A 198 -4.69 -27.49 3.59
CA LYS A 198 -4.71 -28.72 2.82
C LYS A 198 -3.57 -28.69 1.81
N CYS A 199 -3.46 -29.75 1.01
CA CYS A 199 -2.43 -29.79 -0.02
C CYS A 199 -2.97 -30.55 -1.20
N PHE A 200 -2.32 -30.40 -2.36
CA PHE A 200 -2.69 -31.18 -3.53
C PHE A 200 -1.39 -31.55 -4.22
N THR A 201 -1.42 -32.56 -5.09
CA THR A 201 -0.22 -33.00 -5.81
C THR A 201 -0.62 -33.70 -7.10
N GLY A 202 0.29 -33.70 -8.06
CA GLY A 202 0.06 -34.41 -9.31
C GLY A 202 0.46 -35.87 -9.20
N ASN A 203 1.13 -36.26 -8.09
CA ASN A 203 1.58 -37.62 -7.82
C ASN A 203 0.45 -38.40 -7.15
N ASP A 204 -0.22 -39.27 -7.91
CA ASP A 204 -1.34 -40.05 -7.37
C ASP A 204 -0.95 -40.99 -6.21
N GLU A 205 0.28 -41.54 -6.25
CA GLU A 205 0.73 -42.43 -5.17
C GLU A 205 0.89 -41.64 -3.88
N LEU A 206 1.45 -40.43 -3.96
CA LEU A 206 1.59 -39.59 -2.77
C LEU A 206 0.21 -39.17 -2.28
N ALA A 207 -0.68 -38.74 -3.20
CA ALA A 207 -2.04 -38.33 -2.81
C ALA A 207 -2.74 -39.45 -2.00
N ASP A 208 -2.66 -40.70 -2.50
CA ASP A 208 -3.28 -41.86 -1.84
C ASP A 208 -2.63 -42.23 -0.51
N ALA A 209 -1.39 -41.77 -0.24
CA ALA A 209 -0.67 -42.05 1.01
C ALA A 209 -0.97 -41.05 2.12
N LEU A 210 -1.55 -39.90 1.80
CA LEU A 210 -1.83 -38.88 2.79
C LEU A 210 -3.21 -39.02 3.42
N ASP A 211 -3.38 -38.40 4.61
CA ASP A 211 -4.67 -38.37 5.30
C ASP A 211 -5.58 -37.52 4.38
N GLN A 212 -6.63 -38.11 3.80
N GLN A 212 -6.64 -38.12 3.80
CA GLN A 212 -7.48 -37.38 2.85
CA GLN A 212 -7.50 -37.40 2.85
C GLN A 212 -8.16 -36.14 3.43
C GLN A 212 -8.18 -36.15 3.44
N ARG A 213 -8.22 -36.04 4.77
CA ARG A 213 -8.82 -34.87 5.39
C ARG A 213 -7.97 -33.62 5.06
N PHE A 214 -6.67 -33.78 4.73
CA PHE A 214 -5.82 -32.64 4.39
C PHE A 214 -5.58 -32.54 2.90
N LEU A 215 -6.34 -33.25 2.07
CA LEU A 215 -6.08 -33.25 0.63
C LEU A 215 -7.17 -32.61 -0.18
N ILE A 216 -6.73 -31.83 -1.17
CA ILE A 216 -7.62 -31.28 -2.23
C ILE A 216 -7.39 -32.37 -3.28
N ASP A 217 -8.41 -33.18 -3.52
CA ASP A 217 -8.34 -34.35 -4.44
C ASP A 217 -8.67 -33.93 -5.88
N ILE A 218 -7.62 -33.75 -6.70
CA ILE A 218 -7.80 -33.34 -8.09
C ILE A 218 -8.61 -34.37 -8.88
N ASN A 219 -8.38 -35.66 -8.61
CA ASN A 219 -9.10 -36.71 -9.32
C ASN A 219 -10.58 -36.69 -9.00
N LYS A 220 -10.95 -36.37 -7.77
CA LYS A 220 -12.35 -36.32 -7.37
C LYS A 220 -13.04 -35.04 -7.83
N MET A 221 -12.38 -33.91 -7.62
CA MET A 221 -12.99 -32.63 -7.92
C MET A 221 -13.17 -32.35 -9.39
N PHE A 222 -12.27 -32.84 -10.26
CA PHE A 222 -12.33 -32.54 -11.68
C PHE A 222 -12.65 -33.69 -12.59
N PRO A 223 -13.25 -33.40 -13.77
CA PRO A 223 -13.47 -34.49 -14.73
C PRO A 223 -12.09 -34.98 -15.22
N LYS A 224 -12.02 -36.21 -15.66
CA LYS A 224 -10.76 -36.83 -16.12
C LYS A 224 -9.87 -35.94 -17.01
N TYR A 225 -10.42 -35.40 -18.10
CA TYR A 225 -9.62 -34.57 -19.01
C TYR A 225 -9.02 -33.32 -18.35
N GLN A 226 -9.73 -32.74 -17.39
CA GLN A 226 -9.25 -31.56 -16.67
C GLN A 226 -8.25 -31.97 -15.59
N ALA A 227 -8.53 -33.09 -14.91
CA ALA A 227 -7.60 -33.59 -13.89
C ALA A 227 -6.25 -33.91 -14.57
N ASP A 228 -6.29 -34.52 -15.77
CA ASP A 228 -5.05 -34.84 -16.49
C ASP A 228 -4.26 -33.55 -16.77
N GLN A 229 -4.91 -32.49 -17.25
CA GLN A 229 -4.21 -31.23 -17.56
C GLN A 229 -3.60 -30.60 -16.30
N ILE A 230 -4.36 -30.54 -15.22
CA ILE A 230 -3.88 -29.90 -13.99
C ILE A 230 -2.72 -30.68 -13.40
N LYS A 231 -2.86 -32.01 -13.27
CA LYS A 231 -1.81 -32.85 -12.70
C LYS A 231 -0.52 -32.78 -13.56
N ALA A 232 -0.64 -32.64 -14.88
CA ALA A 232 0.54 -32.53 -15.75
C ALA A 232 1.31 -31.23 -15.41
N GLU A 233 0.59 -30.15 -15.05
CA GLU A 233 1.26 -28.88 -14.67
C GLU A 233 1.81 -28.96 -13.26
N VAL A 234 1.02 -29.51 -12.33
CA VAL A 234 1.48 -29.62 -10.94
C VAL A 234 2.69 -30.55 -10.86
N GLY A 235 2.62 -31.66 -11.59
CA GLY A 235 3.69 -32.65 -11.62
C GLY A 235 3.90 -33.30 -10.28
N ASP A 236 5.10 -33.85 -10.07
CA ASP A 236 5.43 -34.53 -8.83
C ASP A 236 5.89 -33.50 -7.81
N ARG A 237 4.95 -32.68 -7.39
CA ARG A 237 5.19 -31.62 -6.42
C ARG A 237 4.02 -31.55 -5.47
N ILE A 238 4.24 -30.97 -4.30
CA ILE A 238 3.17 -30.78 -3.32
C ILE A 238 2.92 -29.30 -3.21
N PHE A 239 1.66 -28.87 -3.26
CA PHE A 239 1.32 -27.45 -3.07
C PHE A 239 0.41 -27.36 -1.85
N GLN A 240 0.65 -26.38 -0.98
CA GLN A 240 -0.16 -26.21 0.22
C GLN A 240 -1.14 -25.09 -0.04
N VAL A 241 -2.40 -25.27 0.42
CA VAL A 241 -3.44 -24.25 0.29
C VAL A 241 -3.92 -24.05 1.71
N ALA A 242 -3.65 -22.88 2.28
CA ALA A 242 -4.03 -22.60 3.66
C ALA A 242 -4.96 -21.44 3.68
N ARG A 243 -6.02 -21.50 4.51
CA ARG A 243 -6.99 -20.42 4.60
C ARG A 243 -6.96 -19.93 6.02
N ILE A 244 -6.53 -18.67 6.21
CA ILE A 244 -6.43 -18.11 7.55
C ILE A 244 -7.84 -17.66 7.97
N PRO A 245 -8.05 -17.37 9.24
CA PRO A 245 -9.42 -17.01 9.66
C PRO A 245 -10.02 -15.83 8.94
N THR A 246 -11.32 -15.94 8.57
CA THR A 246 -12.02 -14.81 7.94
C THR A 246 -12.01 -13.64 8.94
N MET A 247 -12.18 -13.93 10.25
CA MET A 247 -12.19 -12.87 11.26
C MET A 247 -10.87 -12.11 11.22
N ALA A 248 -9.74 -12.80 10.99
CA ALA A 248 -8.44 -12.13 10.96
C ALA A 248 -8.29 -11.17 9.80
N VAL A 249 -8.69 -11.56 8.57
CA VAL A 249 -8.57 -10.61 7.46
C VAL A 249 -9.53 -9.43 7.69
N ARG A 250 -10.66 -9.66 8.39
CA ARG A 250 -11.59 -8.58 8.67
C ARG A 250 -11.02 -7.55 9.69
N THR A 251 -9.96 -7.90 10.43
CA THR A 251 -9.30 -6.93 11.31
C THR A 251 -8.09 -6.27 10.61
N SER A 252 -7.80 -6.64 9.36
N SER A 252 -7.78 -6.68 9.38
CA SER A 252 -6.65 -6.11 8.66
CA SER A 252 -6.60 -6.22 8.70
C SER A 252 -6.82 -6.22 7.14
C SER A 252 -6.81 -6.27 7.18
N ASP A 253 -6.01 -7.00 6.44
CA ASP A 253 -6.13 -7.10 4.99
C ASP A 253 -5.72 -8.50 4.53
N GLY A 254 -5.84 -8.75 3.23
CA GLY A 254 -5.43 -10.02 2.64
C GLY A 254 -3.93 -10.25 2.65
N GLY A 255 -3.15 -9.17 2.73
CA GLY A 255 -1.71 -9.30 2.84
C GLY A 255 -1.29 -9.99 4.13
N LEU A 256 -2.22 -10.11 5.10
CA LEU A 256 -1.92 -10.83 6.34
C LEU A 256 -1.71 -12.32 6.06
N SER A 257 -2.46 -12.88 5.11
CA SER A 257 -2.43 -14.32 4.86
C SER A 257 -1.03 -14.95 4.69
N ARG A 258 -0.19 -14.40 3.82
CA ARG A 258 1.14 -15.04 3.60
C ARG A 258 2.01 -14.89 4.86
N ALA A 259 1.85 -13.77 5.57
CA ALA A 259 2.63 -13.54 6.79
C ALA A 259 2.19 -14.54 7.89
N TRP A 260 0.86 -14.67 8.06
CA TRP A 260 0.21 -15.54 9.04
C TRP A 260 0.59 -16.99 8.81
N VAL A 261 0.46 -17.47 7.56
CA VAL A 261 0.83 -18.83 7.22
C VAL A 261 2.36 -18.95 7.36
N GLY A 262 3.12 -17.87 7.12
CA GLY A 262 4.57 -17.92 7.31
C GLY A 262 4.92 -18.27 8.75
N GLN A 263 4.16 -17.72 9.69
CA GLN A 263 4.41 -18.01 11.11
C GLN A 263 3.99 -19.44 11.44
N GLN A 264 2.74 -19.82 11.11
CA GLN A 264 2.19 -21.11 11.52
C GLN A 264 2.78 -22.30 10.78
N ALA A 265 3.03 -22.18 9.47
CA ALA A 265 3.67 -23.27 8.74
C ALA A 265 5.10 -23.46 9.28
N SER A 266 5.84 -22.37 9.55
CA SER A 266 7.20 -22.48 10.11
C SER A 266 7.14 -23.26 11.42
N LEU A 267 6.21 -22.89 12.31
CA LEU A 267 6.06 -23.59 13.58
C LEU A 267 5.69 -25.06 13.38
N ALA A 268 4.76 -25.37 12.46
CA ALA A 268 4.38 -26.78 12.24
C ALA A 268 5.61 -27.56 11.70
N PHE A 269 6.51 -26.91 10.91
CA PHE A 269 7.71 -27.59 10.44
C PHE A 269 8.64 -27.82 11.62
N LEU A 270 8.80 -26.83 12.51
CA LEU A 270 9.68 -27.00 13.67
C LEU A 270 9.20 -28.14 14.56
N CYS A 271 7.88 -28.22 14.79
CA CYS A 271 7.32 -29.22 15.68
C CYS A 271 7.19 -30.61 15.08
N ALA A 272 6.90 -30.70 13.78
CA ALA A 272 6.74 -32.00 13.15
C ALA A 272 8.11 -32.65 12.90
N TYR A 273 9.19 -31.85 12.76
CA TYR A 273 10.53 -32.38 12.51
C TYR A 273 11.51 -32.20 13.67
N ASP A 274 11.03 -31.80 14.85
CA ASP A 274 11.86 -31.62 16.03
C ASP A 274 13.11 -30.75 15.80
N ILE A 275 12.91 -29.54 15.27
CA ILE A 275 14.02 -28.62 14.99
C ILE A 275 14.23 -27.72 16.21
N PRO A 276 15.48 -27.51 16.66
CA PRO A 276 15.67 -26.65 17.86
C PRO A 276 15.14 -25.22 17.69
N ALA A 277 14.61 -24.65 18.77
CA ALA A 277 14.07 -23.30 18.78
C ALA A 277 15.18 -22.28 18.58
N GLY A 278 15.26 -21.69 17.38
CA GLY A 278 16.28 -20.71 17.06
C GLY A 278 17.29 -21.20 16.06
N ASP A 279 17.07 -22.39 15.48
CA ASP A 279 17.99 -22.94 14.49
C ASP A 279 17.92 -22.07 13.24
N ALA A 280 19.06 -21.85 12.56
CA ALA A 280 19.09 -21.01 11.37
C ALA A 280 18.10 -21.44 10.28
N VAL A 281 17.75 -22.74 10.19
CA VAL A 281 16.85 -23.22 9.14
C VAL A 281 15.48 -22.60 9.23
N THR A 282 15.06 -22.19 10.43
CA THR A 282 13.74 -21.60 10.62
C THR A 282 13.45 -20.46 9.63
N SER A 283 14.43 -19.58 9.38
CA SER A 283 14.21 -18.45 8.48
C SER A 283 13.93 -18.88 7.05
N ASP A 284 14.38 -20.09 6.62
CA ASP A 284 14.08 -20.56 5.26
C ASP A 284 12.59 -20.90 5.11
N PHE A 285 11.92 -21.30 6.20
CA PHE A 285 10.51 -21.68 6.12
C PHE A 285 9.67 -20.41 5.89
N VAL A 286 9.81 -19.40 6.76
CA VAL A 286 9.06 -18.15 6.57
C VAL A 286 9.42 -17.47 5.24
N PHE A 287 10.70 -17.48 4.84
CA PHE A 287 11.08 -16.86 3.55
C PHE A 287 10.40 -17.61 2.40
N THR A 288 10.36 -18.94 2.47
CA THR A 288 9.71 -19.73 1.42
C THR A 288 8.23 -19.40 1.34
N ILE A 289 7.55 -19.35 2.47
CA ILE A 289 6.13 -19.06 2.49
C ILE A 289 5.79 -17.63 2.01
N LYS A 290 6.56 -16.63 2.46
CA LYS A 290 6.26 -15.24 2.13
C LYS A 290 6.81 -14.78 0.79
N GLY A 292 9.84 -16.99 -1.30
CA GLY A 292 10.55 -17.99 -2.10
C GLY A 292 9.74 -18.86 -3.05
N ASP A 293 8.61 -19.40 -2.60
CA ASP A 293 7.81 -20.27 -3.47
C ASP A 293 6.36 -20.03 -3.11
N VAL A 294 5.82 -18.91 -3.59
CA VAL A 294 4.49 -18.51 -3.22
C VAL A 294 3.65 -18.08 -4.39
N VAL A 295 2.35 -18.30 -4.28
CA VAL A 295 1.38 -17.90 -5.27
C VAL A 295 0.38 -17.01 -4.52
N PHE A 296 0.17 -15.81 -5.03
CA PHE A 296 -0.74 -14.84 -4.41
C PHE A 296 -1.97 -14.72 -5.24
N MET A 297 -3.10 -14.40 -4.62
CA MET A 297 -4.30 -14.16 -5.43
C MET A 297 -4.10 -12.76 -6.07
N GLY A 298 -3.53 -11.83 -5.32
CA GLY A 298 -3.30 -10.50 -5.83
C GLY A 298 -1.91 -9.95 -5.60
N THR A 299 -1.39 -9.21 -6.58
CA THR A 299 -0.09 -8.57 -6.51
C THR A 299 -0.25 -7.19 -5.86
N GLN A 300 0.88 -6.60 -5.43
CA GLN A 300 0.86 -5.28 -4.80
C GLN A 300 0.42 -4.17 -5.75
N LEU A 301 -0.08 -3.09 -5.17
CA LEU A 301 -0.57 -1.93 -5.93
C LEU A 301 0.28 -0.69 -5.65
N PRO A 302 0.39 0.23 -6.61
CA PRO A 302 1.18 1.45 -6.39
C PRO A 302 0.58 2.46 -5.38
N TYR A 303 1.40 3.46 -4.99
CA TYR A 303 1.11 4.43 -3.93
C TYR A 303 -0.28 5.06 -3.89
N ARG A 304 -0.83 5.48 -5.03
CA ARG A 304 -2.16 6.13 -4.99
C ARG A 304 -3.21 5.19 -4.42
N ALA A 306 -2.27 2.19 -2.78
CA ALA A 306 -1.37 1.30 -2.06
C ALA A 306 -2.00 0.08 -1.42
N GLN A 307 -1.51 -1.10 -1.77
CA GLN A 307 -1.96 -2.35 -1.16
C GLN A 307 -0.85 -3.37 -1.20
N ARG A 308 -0.77 -4.16 -0.15
CA ARG A 308 0.13 -5.31 -0.06
C ARG A 308 -0.53 -6.38 -0.94
N ASN A 309 -0.02 -7.61 -0.92
CA ASN A 309 -0.61 -8.69 -1.71
C ASN A 309 -2.03 -9.00 -1.25
N ASN A 310 -2.77 -9.65 -2.12
CA ASN A 310 -4.12 -10.14 -1.85
C ASN A 310 -5.19 -9.10 -1.59
N SER A 311 -5.18 -7.97 -2.30
CA SER A 311 -6.28 -7.04 -2.24
C SER A 311 -7.01 -7.35 -3.55
N ALA A 312 -8.31 -7.06 -3.63
CA ALA A 312 -9.05 -7.32 -4.87
C ALA A 312 -8.44 -6.61 -6.09
N GLY A 313 -7.81 -5.45 -5.85
CA GLY A 313 -7.21 -4.66 -6.92
C GLY A 313 -6.03 -5.30 -7.59
N GLY A 314 -5.32 -6.17 -6.88
CA GLY A 314 -4.14 -6.84 -7.43
C GLY A 314 -4.45 -8.17 -8.07
N ILE A 315 -5.72 -8.61 -8.03
CA ILE A 315 -6.08 -9.90 -8.59
C ILE A 315 -6.21 -9.80 -10.09
N ALA A 316 -5.38 -10.53 -10.82
CA ALA A 316 -5.45 -10.52 -12.28
C ALA A 316 -6.79 -11.08 -12.71
N LEU A 317 -7.33 -10.59 -13.83
CA LEU A 317 -8.60 -11.07 -14.36
C LEU A 317 -8.61 -12.61 -14.50
N GLY A 318 -7.51 -13.18 -15.01
CA GLY A 318 -7.40 -14.63 -15.16
C GLY A 318 -7.47 -15.38 -13.84
N TYR A 319 -6.99 -14.77 -12.74
CA TYR A 319 -7.06 -15.40 -11.41
C TYR A 319 -8.51 -15.39 -10.92
N TYR A 320 -9.27 -14.30 -11.22
CA TYR A 320 -10.70 -14.27 -10.87
C TYR A 320 -11.40 -15.34 -11.71
N SER A 321 -10.95 -15.54 -12.97
CA SER A 321 -11.50 -16.54 -13.85
C SER A 321 -11.26 -17.94 -13.29
N ASP A 322 -10.02 -18.22 -12.87
CA ASP A 322 -9.66 -19.55 -12.41
C ASP A 322 -10.11 -19.89 -11.00
N CYS A 323 -10.34 -18.90 -10.12
CA CYS A 323 -10.84 -19.29 -8.79
C CYS A 323 -12.32 -19.71 -8.91
N ASN A 324 -13.05 -19.28 -9.95
CA ASN A 324 -14.42 -19.74 -10.20
C ASN A 324 -14.32 -21.23 -10.49
N GLN A 325 -15.28 -22.02 -10.00
CA GLN A 325 -15.22 -23.47 -10.18
C GLN A 325 -16.36 -24.01 -11.05
N THR A 326 -17.06 -23.13 -11.77
CA THR A 326 -18.16 -23.57 -12.64
C THR A 326 -17.62 -24.43 -13.77
N SER A 327 -16.35 -24.22 -14.15
CA SER A 327 -15.69 -25.00 -15.21
C SER A 327 -15.70 -26.54 -14.94
N ARG A 328 -15.76 -26.96 -13.67
CA ARG A 328 -15.74 -28.40 -13.36
C ARG A 328 -17.11 -28.97 -12.97
N THR A 329 -18.21 -28.23 -13.19
CA THR A 329 -19.54 -28.70 -12.82
C THR A 329 -20.20 -29.46 -13.96
N PRO A 330 -21.14 -30.37 -13.68
CA PRO A 330 -21.83 -31.06 -14.77
C PRO A 330 -22.55 -30.08 -15.70
N GLU A 331 -23.08 -28.96 -15.16
CA GLU A 331 -23.77 -27.99 -16.02
C GLU A 331 -22.83 -27.43 -17.08
N ALA A 332 -21.56 -27.19 -16.71
CA ALA A 332 -20.59 -26.67 -17.67
C ALA A 332 -20.00 -27.77 -18.57
N LEU A 333 -20.07 -29.05 -18.16
CA LEU A 333 -19.49 -30.15 -18.94
C LEU A 333 -20.49 -30.82 -19.88
N GLU A 334 -21.79 -30.78 -19.58
CA GLU A 334 -22.75 -31.43 -20.54
C GLU A 334 -24.04 -30.63 -20.70
N GLY A 335 -24.04 -29.35 -20.32
CA GLY A 335 -25.23 -28.50 -20.42
C GLY A 335 -25.68 -28.12 -21.80
N LEU A 336 -24.75 -28.05 -22.75
CA LEU A 336 -25.11 -27.65 -24.14
C LEU A 336 -25.49 -28.92 -24.92
N ASP A 337 -26.61 -29.53 -24.54
CA ASP A 337 -27.12 -30.76 -25.16
C ASP A 337 -26.06 -31.86 -25.13
N GLY A 338 -25.60 -32.19 -23.93
CA GLY A 338 -24.59 -33.23 -23.75
C GLY A 338 -23.16 -32.75 -23.96
N GLY A 339 -22.99 -31.54 -24.49
CA GLY A 339 -21.68 -30.97 -24.76
C GLY A 339 -21.28 -29.91 -23.77
N ILE A 340 -19.99 -29.52 -23.78
CA ILE A 340 -19.51 -28.50 -22.86
C ILE A 340 -20.26 -27.20 -23.11
N ASP A 341 -20.53 -26.48 -22.04
CA ASP A 341 -21.26 -25.23 -22.12
C ASP A 341 -20.39 -24.08 -21.65
N PRO A 342 -19.57 -23.50 -22.52
CA PRO A 342 -18.73 -22.36 -22.08
C PRO A 342 -19.53 -21.14 -21.65
N VAL A 343 -20.79 -21.02 -22.09
CA VAL A 343 -21.62 -19.86 -21.75
C VAL A 343 -21.97 -19.94 -20.27
N LYS A 344 -22.29 -21.13 -19.74
CA LYS A 344 -22.58 -21.31 -18.31
C LYS A 344 -21.34 -20.86 -17.50
N VAL A 345 -20.14 -21.19 -17.99
CA VAL A 345 -18.90 -20.80 -17.31
C VAL A 345 -18.76 -19.27 -17.32
N ILE A 346 -19.01 -18.62 -18.47
CA ILE A 346 -18.86 -17.15 -18.58
C ILE A 346 -19.83 -16.45 -17.64
N VAL A 347 -21.12 -16.81 -17.73
CA VAL A 347 -22.16 -16.12 -16.96
C VAL A 347 -22.03 -16.32 -15.46
N GLU A 348 -21.41 -17.42 -15.02
CA GLU A 348 -21.19 -17.64 -13.59
C GLU A 348 -19.90 -16.96 -13.16
N ALA A 349 -18.80 -17.14 -13.94
CA ALA A 349 -17.53 -16.53 -13.56
C ALA A 349 -17.62 -15.00 -13.51
N LEU A 350 -18.46 -14.38 -14.36
CA LEU A 350 -18.59 -12.92 -14.34
C LEU A 350 -19.41 -12.44 -13.13
N THR A 351 -20.15 -13.33 -12.45
CA THR A 351 -20.96 -12.88 -11.32
C THR A 351 -20.04 -12.45 -10.17
N PRO A 352 -19.17 -13.31 -9.57
CA PRO A 352 -18.23 -12.78 -8.57
C PRO A 352 -17.25 -11.81 -9.24
N GLY A 353 -16.97 -12.01 -10.53
CA GLY A 353 -16.07 -11.12 -11.26
C GLY A 353 -16.55 -9.69 -11.18
N VAL A 355 -19.28 -8.54 -9.09
CA VAL A 355 -19.58 -8.14 -7.72
C VAL A 355 -18.32 -7.86 -6.89
N ILE A 356 -17.29 -8.66 -7.04
CA ILE A 356 -16.08 -8.42 -6.24
C ILE A 356 -15.33 -7.18 -6.76
N THR A 357 -15.02 -7.09 -8.08
CA THR A 357 -14.30 -5.92 -8.56
C THR A 357 -15.10 -4.63 -8.44
N ASP A 358 -16.42 -4.65 -8.68
CA ASP A 358 -17.21 -3.42 -8.61
C ASP A 358 -17.74 -3.08 -7.21
N GLN A 359 -18.37 -4.04 -6.54
CA GLN A 359 -18.90 -3.74 -5.21
C GLN A 359 -17.85 -3.95 -4.14
N GLY A 360 -17.14 -5.08 -4.20
CA GLY A 360 -16.14 -5.35 -3.18
C GLY A 360 -14.95 -4.40 -3.23
N TRP A 361 -14.53 -4.03 -4.45
CA TRP A 361 -13.31 -3.22 -4.62
C TRP A 361 -13.53 -1.77 -5.01
N LEU A 362 -14.08 -1.49 -6.20
CA LEU A 362 -14.26 -0.09 -6.59
C LEU A 362 -15.11 0.64 -5.56
N HIS A 363 -16.16 0.00 -5.11
CA HIS A 363 -17.04 0.62 -4.11
C HIS A 363 -16.46 0.49 -2.70
N ASN A 364 -16.34 -0.76 -2.17
CA ASN A 364 -15.88 -0.90 -0.79
C ASN A 364 -14.40 -0.58 -0.53
N TYR A 365 -13.59 -0.24 -1.56
CA TYR A 365 -12.23 0.24 -1.27
C TYR A 365 -12.04 1.66 -1.82
N LEU A 366 -12.34 1.89 -3.11
CA LEU A 366 -12.03 3.15 -3.74
C LEU A 366 -13.07 4.28 -3.63
N ALA A 367 -14.34 3.97 -3.31
CA ALA A 367 -15.34 5.04 -3.22
C ALA A 367 -16.26 4.75 -2.01
N GLY A 368 -17.45 4.16 -2.19
CA GLY A 368 -18.27 3.80 -1.05
C GLY A 368 -19.64 4.40 -0.96
N GLY A 369 -20.22 4.26 0.21
CA GLY A 369 -21.55 4.77 0.46
C GLY A 369 -22.53 3.64 0.72
N SER A 370 -23.76 4.01 0.97
CA SER A 370 -24.80 3.08 1.35
C SER A 370 -25.46 2.25 0.26
N SER A 371 -25.28 2.57 -1.02
CA SER A 371 -25.96 1.82 -2.09
C SER A 371 -25.26 0.56 -2.59
N GLY A 372 -23.94 0.50 -2.49
CA GLY A 372 -23.20 -0.63 -3.06
C GLY A 372 -23.30 -0.63 -4.59
N TRP A 373 -23.86 0.46 -5.21
CA TRP A 373 -24.08 0.56 -6.68
C TRP A 373 -24.78 -0.74 -7.14
N SER A 374 -25.61 -1.30 -6.27
CA SER A 374 -26.20 -2.62 -6.48
C SER A 374 -27.00 -2.83 -7.77
N ASN A 375 -27.97 -1.96 -8.09
CA ASN A 375 -28.76 -2.17 -9.31
C ASN A 375 -27.89 -2.22 -10.57
N TYR A 376 -26.79 -1.46 -10.63
CA TYR A 376 -25.90 -1.52 -11.81
C TYR A 376 -25.49 -2.98 -12.09
N ILE A 378 -26.56 -5.88 -10.36
CA ILE A 378 -27.58 -6.91 -10.28
C ILE A 378 -28.07 -7.32 -11.68
N SER A 379 -28.15 -6.35 -12.59
CA SER A 379 -28.63 -6.60 -13.95
C SER A 379 -27.86 -7.66 -14.71
N VAL A 380 -26.60 -7.96 -14.33
CA VAL A 380 -25.80 -8.93 -15.10
C VAL A 380 -25.99 -10.37 -14.70
N TYR A 381 -26.70 -10.66 -13.59
CA TYR A 381 -26.89 -12.06 -13.19
C TYR A 381 -28.33 -12.37 -12.82
N THR A 382 -29.28 -11.52 -13.27
CA THR A 382 -30.68 -11.74 -12.99
C THR A 382 -31.56 -11.64 -14.24
N ASP A 383 -32.75 -12.29 -14.16
CA ASP A 383 -33.82 -12.27 -15.13
C ASP A 383 -33.47 -12.78 -16.53
N GLU A 384 -32.38 -13.54 -16.66
CA GLU A 384 -32.00 -14.15 -17.94
C GLU A 384 -31.78 -13.22 -19.09
N VAL A 385 -31.51 -11.93 -18.83
CA VAL A 385 -31.35 -10.99 -19.93
C VAL A 385 -30.05 -11.22 -20.68
N LEU A 386 -28.92 -11.03 -19.97
CA LEU A 386 -27.60 -11.24 -20.55
C LEU A 386 -27.50 -12.71 -20.99
N GLU A 387 -28.19 -13.62 -20.26
CA GLU A 387 -28.22 -15.04 -20.58
C GLU A 387 -28.79 -15.21 -21.98
N ASP A 388 -29.96 -14.61 -22.27
CA ASP A 388 -30.57 -14.76 -23.60
C ASP A 388 -29.68 -14.24 -24.68
N TYR A 389 -29.09 -13.04 -24.48
CA TYR A 389 -28.23 -12.43 -25.51
C TYR A 389 -26.98 -13.29 -25.76
N GLY A 390 -26.38 -13.79 -24.70
CA GLY A 390 -25.18 -14.61 -24.85
C GLY A 390 -25.44 -15.90 -25.61
N TYR A 391 -26.49 -16.62 -25.22
CA TYR A 391 -26.81 -17.87 -25.92
C TYR A 391 -27.22 -17.59 -27.36
N HIS A 392 -27.87 -16.43 -27.61
CA HIS A 392 -28.24 -16.05 -28.96
C HIS A 392 -26.99 -16.03 -29.88
N GLY A 393 -25.88 -15.40 -29.42
CA GLY A 393 -24.64 -15.30 -30.18
C GLY A 393 -24.02 -16.64 -30.45
N ALA A 394 -24.06 -17.54 -29.45
CA ALA A 394 -23.51 -18.90 -29.59
C ALA A 394 -24.30 -19.71 -30.62
N ILE A 395 -25.64 -19.73 -30.51
CA ILE A 395 -26.49 -20.47 -31.44
C ILE A 395 -26.33 -19.91 -32.86
N TYR A 396 -26.26 -18.58 -32.98
CA TYR A 396 -26.07 -17.92 -34.26
C TYR A 396 -24.77 -18.37 -34.92
N ALA A 397 -23.65 -18.34 -34.16
CA ALA A 397 -22.33 -18.69 -34.68
C ALA A 397 -22.21 -20.17 -34.99
N MET A 398 -22.77 -21.03 -34.13
CA MET A 398 -22.73 -22.48 -34.39
C MET A 398 -23.43 -22.81 -35.68
N ASP A 399 -24.58 -22.15 -35.95
N ASP A 399 -24.57 -22.16 -35.95
CA ASP A 399 -25.35 -22.35 -37.18
CA ASP A 399 -25.31 -22.41 -37.19
C ASP A 399 -24.61 -21.78 -38.39
C ASP A 399 -24.60 -21.79 -38.41
N LYS A 400 -24.06 -20.56 -38.27
CA LYS A 400 -23.39 -19.88 -39.38
C LYS A 400 -22.09 -20.54 -39.79
N TRP A 401 -21.22 -20.86 -38.82
CA TRP A 401 -19.95 -21.46 -39.11
C TRP A 401 -19.98 -22.99 -39.11
N LYS A 402 -21.13 -23.61 -38.79
CA LYS A 402 -21.29 -25.07 -38.78
C LYS A 402 -20.16 -25.73 -38.01
N CYS A 403 -20.06 -25.40 -36.72
CA CYS A 403 -19.01 -25.96 -35.89
C CYS A 403 -19.44 -25.86 -34.45
N GLY A 404 -18.61 -26.35 -33.56
CA GLY A 404 -18.91 -26.30 -32.14
C GLY A 404 -18.25 -25.11 -31.48
N VAL A 405 -18.37 -25.04 -30.15
CA VAL A 405 -17.75 -23.95 -29.42
C VAL A 405 -16.22 -24.04 -29.55
N GLY A 406 -15.58 -22.88 -29.52
CA GLY A 406 -14.14 -22.77 -29.62
C GLY A 406 -13.56 -23.07 -30.98
N GLU A 407 -14.41 -23.24 -32.01
CA GLU A 407 -13.91 -23.61 -33.34
C GLU A 407 -14.13 -22.59 -34.45
N VAL A 408 -14.71 -21.43 -34.16
CA VAL A 408 -14.86 -20.40 -35.18
C VAL A 408 -13.48 -19.81 -35.39
N PRO A 409 -12.91 -19.78 -36.62
CA PRO A 409 -11.57 -19.18 -36.78
C PRO A 409 -11.49 -17.79 -36.14
N ASN A 410 -10.45 -17.56 -35.35
CA ASN A 410 -10.27 -16.32 -34.59
C ASN A 410 -9.81 -15.11 -35.42
N THR A 411 -10.54 -14.78 -36.50
CA THR A 411 -10.18 -13.63 -37.31
C THR A 411 -10.88 -12.40 -36.80
N TYR A 412 -10.30 -11.22 -37.10
CA TYR A 412 -10.93 -9.97 -36.69
C TYR A 412 -12.30 -9.84 -37.36
N GLU A 413 -12.43 -10.28 -38.62
N GLU A 413 -12.42 -10.26 -38.62
CA GLU A 413 -13.69 -10.22 -39.35
CA GLU A 413 -13.69 -10.21 -39.33
C GLU A 413 -14.80 -11.04 -38.68
C GLU A 413 -14.79 -11.02 -38.63
N ASN A 414 -14.49 -12.26 -38.21
CA ASN A 414 -15.51 -13.10 -37.54
C ASN A 414 -15.91 -12.46 -36.22
N MET A 415 -14.96 -11.84 -35.51
CA MET A 415 -15.28 -11.16 -34.26
C MET A 415 -16.30 -10.05 -34.53
N MET A 416 -16.08 -9.27 -35.61
CA MET A 416 -16.96 -8.16 -35.95
C MET A 416 -18.35 -8.63 -36.33
N THR A 417 -18.44 -9.73 -37.11
CA THR A 417 -19.72 -10.31 -37.52
C THR A 417 -20.56 -10.69 -36.29
N ILE A 418 -19.96 -11.48 -35.37
CA ILE A 418 -20.67 -11.93 -34.18
C ILE A 418 -21.08 -10.75 -33.31
N ALA A 419 -20.17 -9.80 -33.10
CA ALA A 419 -20.47 -8.62 -32.29
C ALA A 419 -21.66 -7.84 -32.86
N GLU A 420 -21.69 -7.66 -34.18
CA GLU A 420 -22.78 -6.93 -34.84
C GLU A 420 -24.12 -7.62 -34.62
N GLU A 421 -24.13 -8.98 -34.66
CA GLU A 421 -25.37 -9.72 -34.48
C GLU A 421 -25.81 -9.68 -33.03
N VAL A 422 -24.88 -9.79 -32.07
CA VAL A 422 -25.27 -9.79 -30.66
C VAL A 422 -25.72 -8.39 -30.24
N SER A 423 -25.05 -7.34 -30.73
CA SER A 423 -25.45 -5.97 -30.45
C SER A 423 -26.89 -5.77 -31.04
N ARG A 424 -27.09 -6.24 -32.29
CA ARG A 424 -28.39 -6.14 -32.92
C ARG A 424 -29.49 -6.82 -32.07
N TRP A 425 -29.25 -8.05 -31.63
CA TRP A 425 -30.21 -8.81 -30.84
C TRP A 425 -30.44 -8.14 -29.49
N SER A 426 -29.39 -7.57 -28.88
CA SER A 426 -29.55 -6.90 -27.58
C SER A 426 -30.47 -5.68 -27.77
N GLN A 427 -30.16 -4.86 -28.79
CA GLN A 427 -30.95 -3.66 -29.11
C GLN A 427 -32.36 -4.02 -29.52
N LYS A 428 -32.54 -5.12 -30.25
CA LYS A 428 -33.88 -5.55 -30.69
C LYS A 428 -34.77 -5.75 -29.47
N ASN A 429 -34.27 -6.49 -28.47
CA ASN A 429 -35.08 -6.77 -27.30
C ASN A 429 -35.30 -5.54 -26.39
N TYR A 430 -34.28 -4.70 -26.17
CA TYR A 430 -34.49 -3.48 -25.35
C TYR A 430 -35.50 -2.54 -26.07
N ASP A 431 -35.50 -2.53 -27.42
CA ASP A 431 -36.41 -1.70 -28.20
C ASP A 431 -37.83 -2.27 -28.25
N GLU A 432 -37.97 -3.58 -28.36
CA GLU A 432 -39.28 -4.21 -28.46
C GLU A 432 -39.95 -4.49 -27.13
N TYR A 433 -39.22 -4.33 -26.00
CA TYR A 433 -39.84 -4.59 -24.69
C TYR A 433 -39.65 -3.43 -23.74
N PRO A 434 -40.55 -2.42 -23.81
CA PRO A 434 -40.46 -1.26 -22.89
C PRO A 434 -40.27 -1.63 -21.42
N GLY A 435 -40.87 -2.74 -20.99
CA GLY A 435 -40.74 -3.20 -19.61
C GLY A 435 -39.32 -3.64 -19.28
N LEU A 436 -38.59 -4.13 -20.29
CA LEU A 436 -37.20 -4.57 -20.11
C LEU A 436 -36.30 -3.34 -20.14
N MET A 437 -36.65 -2.39 -21.01
CA MET A 437 -35.89 -1.11 -21.10
C MET A 437 -36.02 -0.40 -19.74
N GLU A 438 -37.20 -0.43 -19.12
CA GLU A 438 -37.41 0.20 -17.81
C GLU A 438 -36.73 -0.60 -16.71
N ALA A 439 -36.72 -1.95 -16.81
CA ALA A 439 -36.06 -2.79 -15.80
C ALA A 439 -34.57 -2.44 -15.74
N HIS A 440 -33.90 -2.39 -16.92
CA HIS A 440 -32.49 -2.01 -16.99
C HIS A 440 -32.48 -0.53 -17.36
N PHE A 441 -33.01 0.28 -16.45
CA PHE A 441 -33.20 1.72 -16.70
C PHE A 441 -31.92 2.55 -16.89
N GLY A 442 -30.79 2.06 -16.39
CA GLY A 442 -29.52 2.76 -16.53
C GLY A 442 -28.88 2.37 -17.85
N GLY A 443 -28.47 3.34 -18.64
CA GLY A 443 -27.83 3.03 -19.92
C GLY A 443 -26.60 2.16 -19.77
N SER A 444 -25.86 2.29 -18.65
CA SER A 444 -24.66 1.46 -18.45
C SER A 444 -25.02 0.01 -18.40
N ARG A 446 -27.52 -1.54 -19.91
CA ARG A 446 -27.83 -1.96 -21.28
C ARG A 446 -26.61 -2.02 -22.18
N TYR A 447 -25.70 -1.07 -22.02
CA TYR A 447 -24.47 -0.96 -22.81
C TYR A 447 -23.51 -2.08 -22.39
N SER A 448 -23.28 -2.25 -21.07
CA SER A 448 -22.41 -3.34 -20.61
C SER A 448 -22.98 -4.69 -21.03
N ILE A 449 -24.31 -4.87 -20.94
CA ILE A 449 -24.91 -6.15 -21.29
C ILE A 449 -24.72 -6.50 -22.79
N GLN A 450 -24.88 -5.52 -23.73
CA GLN A 450 -24.67 -5.90 -25.14
C GLN A 450 -23.20 -6.16 -25.40
N ALA A 451 -22.30 -5.41 -24.75
CA ALA A 451 -20.87 -5.60 -24.91
C ALA A 451 -20.44 -6.96 -24.31
N ALA A 452 -20.97 -7.32 -23.12
CA ALA A 452 -20.63 -8.59 -22.47
C ALA A 452 -21.17 -9.78 -23.25
N ALA A 453 -22.40 -9.69 -23.76
CA ALA A 453 -23.00 -10.77 -24.53
C ALA A 453 -22.18 -10.99 -25.83
N SER A 454 -21.70 -9.90 -26.44
CA SER A 454 -20.91 -9.99 -27.68
C SER A 454 -19.57 -10.66 -27.38
N GLY A 455 -18.93 -10.25 -26.30
CA GLY A 455 -17.65 -10.82 -25.91
C GLY A 455 -17.78 -12.27 -25.49
N ALA A 456 -18.88 -12.61 -24.83
CA ALA A 456 -19.12 -13.99 -24.40
C ALA A 456 -19.28 -14.88 -25.63
N ALA A 457 -20.02 -14.40 -26.63
CA ALA A 457 -20.23 -15.18 -27.84
C ALA A 457 -18.91 -15.33 -28.61
N VAL A 458 -18.15 -14.25 -28.79
CA VAL A 458 -16.86 -14.34 -29.52
C VAL A 458 -15.87 -15.23 -28.75
N GLY A 459 -15.76 -15.02 -27.45
CA GLY A 459 -14.86 -15.80 -26.61
C GLY A 459 -15.23 -17.28 -26.61
N ALA A 460 -16.53 -17.59 -26.43
CA ALA A 460 -16.96 -18.99 -26.42
C ALA A 460 -16.82 -19.63 -27.78
N MET A 461 -17.00 -18.87 -28.85
CA MET A 461 -16.97 -19.45 -30.19
C MET A 461 -15.61 -19.55 -30.82
N THR A 462 -14.66 -18.72 -30.41
CA THR A 462 -13.32 -18.76 -30.98
C THR A 462 -12.26 -19.33 -30.00
N GLY A 463 -12.54 -19.32 -28.70
CA GLY A 463 -11.59 -19.76 -27.70
C GLY A 463 -10.48 -18.75 -27.51
N ASP A 464 -10.61 -17.55 -28.12
CA ASP A 464 -9.57 -16.51 -28.03
C ASP A 464 -10.01 -15.44 -27.03
N PRO A 465 -9.32 -15.33 -25.87
CA PRO A 465 -9.77 -14.38 -24.84
C PRO A 465 -9.55 -12.93 -25.20
N ASP A 466 -8.45 -12.61 -25.93
CA ASP A 466 -8.18 -11.22 -26.30
C ASP A 466 -9.17 -10.82 -27.40
N LEU A 467 -9.48 -11.75 -28.33
CA LEU A 467 -10.42 -11.44 -29.40
C LEU A 467 -11.84 -11.35 -28.82
N GLY A 468 -12.15 -12.17 -27.83
CA GLY A 468 -13.45 -12.13 -27.17
C GLY A 468 -13.67 -10.79 -26.52
N ASN A 469 -12.64 -10.29 -25.86
CA ASN A 469 -12.72 -8.99 -25.19
C ASN A 469 -12.63 -7.82 -26.18
N ALA A 470 -11.99 -8.02 -27.35
CA ALA A 470 -11.97 -7.00 -28.39
C ALA A 470 -13.42 -6.73 -28.84
N ALA A 471 -14.27 -7.79 -28.87
CA ALA A 471 -15.66 -7.65 -29.29
C ALA A 471 -16.42 -6.77 -28.32
N TRP A 472 -16.01 -6.75 -27.04
CA TRP A 472 -16.66 -5.88 -26.06
C TRP A 472 -16.52 -4.42 -26.50
N HIS A 473 -15.28 -3.99 -26.77
CA HIS A 473 -15.03 -2.60 -27.13
C HIS A 473 -15.64 -2.20 -28.47
N TYR A 474 -15.73 -3.13 -29.41
CA TYR A 474 -16.34 -2.82 -30.70
C TYR A 474 -17.83 -2.44 -30.51
N ASN A 475 -18.41 -2.81 -29.37
CA ASN A 475 -19.84 -2.46 -29.13
C ASN A 475 -20.01 -0.97 -28.87
N THR A 476 -18.93 -0.19 -28.72
CA THR A 476 -19.13 1.25 -28.39
C THR A 476 -19.85 2.00 -29.52
N PRO A 477 -19.39 1.96 -30.79
CA PRO A 477 -20.09 2.62 -31.89
C PRO A 477 -21.45 1.96 -32.16
N LEU A 478 -21.49 0.64 -32.08
CA LEU A 478 -22.74 -0.13 -32.35
C LEU A 478 -23.82 0.34 -31.39
N CYS A 479 -23.45 0.58 -30.12
CA CYS A 479 -24.43 1.01 -29.13
C CYS A 479 -24.74 2.51 -29.32
N LYS A 480 -23.69 3.34 -29.32
CA LYS A 480 -23.82 4.79 -29.44
C LYS A 480 -24.54 5.28 -30.68
N GLU A 481 -24.18 4.76 -31.86
CA GLU A 481 -24.80 5.21 -33.10
C GLU A 481 -26.25 4.75 -33.24
N HIS A 482 -26.71 3.79 -32.41
CA HIS A 482 -28.09 3.31 -32.49
C HIS A 482 -28.98 4.17 -31.55
N TYR A 483 -28.65 4.21 -30.25
CA TYR A 483 -29.43 4.94 -29.25
C TYR A 483 -29.05 6.41 -29.07
N LEU A 484 -27.81 6.78 -29.44
CA LEU A 484 -27.31 8.13 -29.20
C LEU A 484 -27.17 8.41 -27.71
N ARG A 485 -26.90 7.36 -26.94
CA ARG A 485 -26.61 7.44 -25.53
C ARG A 485 -25.85 6.15 -25.19
N LEU A 486 -25.00 6.19 -24.16
CA LEU A 486 -24.23 5.02 -23.78
C LEU A 486 -24.56 4.69 -22.33
N GLY A 487 -23.65 5.01 -21.41
CA GLY A 487 -23.87 4.72 -20.00
C GLY A 487 -23.70 5.96 -19.16
N PHE A 488 -23.23 5.78 -17.91
CA PHE A 488 -23.00 6.88 -17.02
C PHE A 488 -21.87 7.76 -17.56
N TYR A 489 -21.72 8.98 -17.00
CA TYR A 489 -20.71 9.96 -17.46
C TYR A 489 -19.34 9.35 -17.87
N ASP A 492 -17.42 4.96 -20.77
CA ASP A 492 -16.64 4.54 -21.95
C ASP A 492 -15.18 4.98 -22.00
N LEU A 493 -14.55 5.29 -20.87
CA LEU A 493 -13.09 5.56 -20.87
C LEU A 493 -12.37 4.35 -21.47
N GLN A 494 -12.58 3.17 -20.85
CA GLN A 494 -11.90 1.96 -21.28
C GLN A 494 -12.40 1.42 -22.60
N ASP A 495 -13.70 1.56 -22.89
CA ASP A 495 -14.24 1.06 -24.15
C ASP A 495 -13.65 1.83 -25.31
N GLN A 496 -13.63 3.18 -25.23
CA GLN A 496 -13.06 3.96 -26.31
C GLN A 496 -11.58 3.61 -26.51
N GLN A 497 -10.79 3.64 -25.43
CA GLN A 497 -9.37 3.43 -25.56
C GLN A 497 -8.99 2.00 -25.92
N ASN A 498 -9.76 0.98 -25.47
CA ASN A 498 -9.41 -0.40 -25.78
C ASN A 498 -9.82 -0.79 -27.17
N MET A 499 -10.57 0.06 -27.91
CA MET A 499 -10.79 -0.22 -29.33
C MET A 499 -9.39 -0.16 -30.01
N GLY A 500 -8.46 0.60 -29.43
CA GLY A 500 -7.10 0.72 -29.89
C GLY A 500 -6.07 -0.03 -29.05
N HIS A 501 -6.21 -0.06 -27.72
CA HIS A 501 -5.21 -0.73 -26.87
C HIS A 501 -5.20 -2.25 -26.90
N THR A 502 -6.29 -2.91 -27.32
CA THR A 502 -6.35 -4.39 -27.26
C THR A 502 -5.17 -5.06 -27.95
N TYR A 503 -4.82 -4.58 -29.15
CA TYR A 503 -3.70 -5.15 -29.90
C TYR A 503 -2.53 -4.18 -30.07
N SER A 504 -2.39 -3.28 -29.11
CA SER A 504 -1.27 -2.34 -29.04
C SER A 504 -0.20 -3.05 -28.20
N TYR A 505 1.06 -2.66 -28.38
CA TYR A 505 2.13 -3.19 -27.55
C TYR A 505 2.89 -2.05 -26.88
N ARG A 506 2.32 -0.80 -26.81
CA ARG A 506 3.01 0.29 -26.14
C ARG A 506 3.13 -0.08 -24.64
N SER A 507 4.11 0.52 -23.94
CA SER A 507 4.46 0.18 -22.55
C SER A 507 3.30 -0.25 -21.64
N ASP A 508 2.35 0.66 -21.34
CA ASP A 508 1.27 0.33 -20.43
C ASP A 508 -0.05 0.08 -21.15
N GLN A 509 -0.01 -0.20 -22.47
CA GLN A 509 -1.22 -0.50 -23.20
C GLN A 509 -1.33 -2.01 -23.47
N GLY A 510 -0.24 -2.62 -23.92
CA GLY A 510 -0.27 -4.05 -24.27
C GLY A 510 -0.12 -4.96 -23.07
N ILE A 511 -0.92 -6.02 -23.03
CA ILE A 511 -0.88 -7.01 -21.94
C ILE A 511 -2.01 -8.02 -22.20
N PRO A 512 -1.77 -9.34 -22.10
CA PRO A 512 -2.86 -10.29 -22.39
C PRO A 512 -3.98 -10.12 -21.39
N TYR A 513 -5.24 -10.36 -21.82
CA TYR A 513 -6.38 -10.19 -20.90
C TYR A 513 -6.27 -11.02 -19.64
N GLU A 514 -5.66 -12.21 -19.71
CA GLU A 514 -5.48 -13.07 -18.55
C GLU A 514 -4.72 -12.36 -17.43
N LEU A 515 -3.77 -11.51 -17.79
CA LEU A 515 -2.93 -10.84 -16.79
C LEU A 515 -3.29 -9.38 -16.55
N LYS A 516 -4.30 -8.85 -17.26
CA LYS A 516 -4.79 -7.51 -16.98
C LYS A 516 -5.47 -7.64 -15.60
N GLY A 517 -5.93 -6.54 -15.06
CA GLY A 517 -6.60 -6.54 -13.77
C GLY A 517 -7.00 -5.14 -13.39
N PRO A 518 -7.52 -4.97 -12.16
CA PRO A 518 -7.95 -3.64 -11.73
C PRO A 518 -6.84 -2.61 -11.63
N ASN A 519 -5.56 -2.99 -11.85
CA ASN A 519 -4.47 -2.00 -11.82
C ASN A 519 -4.01 -1.63 -13.26
N TYR A 520 -4.57 -2.31 -14.30
CA TYR A 520 -4.30 -1.93 -15.71
C TYR A 520 -4.97 -0.53 -15.74
N PRO A 521 -4.23 0.54 -16.12
CA PRO A 521 -4.78 1.89 -15.94
C PRO A 521 -6.17 2.15 -16.49
N ASP A 522 -6.47 1.62 -17.67
CA ASP A 522 -7.78 1.82 -18.28
C ASP A 522 -8.92 1.30 -17.39
N PHE A 523 -8.67 0.24 -16.61
CA PHE A 523 -9.71 -0.42 -15.81
C PHE A 523 -9.76 -0.02 -14.35
N ALA A 524 -8.82 0.79 -13.87
CA ALA A 524 -8.68 1.12 -12.46
C ALA A 524 -9.80 1.90 -11.79
N MET A 525 -10.78 2.40 -12.53
CA MET A 525 -11.79 3.26 -11.91
C MET A 525 -13.25 2.93 -12.08
N ASN A 526 -13.65 2.30 -13.17
CA ASN A 526 -15.07 2.18 -13.50
C ASN A 526 -15.74 0.81 -13.41
N VAL A 527 -17.03 0.85 -13.01
CA VAL A 527 -17.86 -0.33 -12.86
C VAL A 527 -18.35 -0.84 -14.19
N GLY A 528 -18.98 -2.02 -14.16
CA GLY A 528 -19.63 -2.63 -15.31
C GLY A 528 -18.76 -3.20 -16.38
N HIS A 529 -17.47 -3.49 -16.08
CA HIS A 529 -16.58 -4.02 -17.12
C HIS A 529 -15.79 -5.29 -16.74
N MET A 530 -14.86 -5.15 -15.80
CA MET A 530 -13.93 -6.21 -15.41
C MET A 530 -14.54 -7.59 -15.25
N GLY A 531 -15.68 -7.69 -14.58
CA GLY A 531 -16.35 -8.98 -14.41
C GLY A 531 -16.68 -9.65 -15.72
N GLY A 532 -17.12 -8.85 -16.68
CA GLY A 532 -17.44 -9.35 -18.01
C GLY A 532 -16.21 -9.96 -18.65
N TYR A 533 -15.08 -9.24 -18.58
CA TYR A 533 -13.82 -9.74 -19.14
C TYR A 533 -13.43 -11.06 -18.47
N ILE A 534 -13.60 -11.14 -17.14
CA ILE A 534 -13.30 -12.32 -16.35
C ILE A 534 -14.10 -13.52 -16.86
N GLY A 535 -15.39 -13.32 -17.11
CA GLY A 535 -16.23 -14.40 -17.62
C GLY A 535 -15.77 -14.85 -18.99
N ILE A 536 -15.43 -13.89 -19.85
CA ILE A 536 -14.99 -14.18 -21.21
C ILE A 536 -13.70 -15.00 -21.20
N ILE A 537 -12.73 -14.62 -20.36
CA ILE A 537 -11.46 -15.35 -20.26
C ILE A 537 -11.73 -16.79 -19.85
N ALA A 538 -12.59 -17.00 -18.85
CA ALA A 538 -12.90 -18.36 -18.37
C ALA A 538 -13.59 -19.18 -19.45
N GLY A 539 -14.53 -18.58 -20.16
CA GLY A 539 -15.27 -19.27 -21.21
C GLY A 539 -14.45 -19.59 -22.42
N ALA A 540 -13.53 -18.69 -22.80
CA ALA A 540 -12.67 -18.94 -23.98
C ALA A 540 -11.78 -20.15 -23.69
N ALA A 541 -11.24 -20.25 -22.48
CA ALA A 541 -10.39 -21.39 -22.11
C ALA A 541 -11.24 -22.66 -22.12
N HIS A 542 -12.44 -22.60 -21.53
CA HIS A 542 -13.34 -23.73 -21.48
C HIS A 542 -13.68 -24.22 -22.89
N ALA A 543 -14.02 -23.29 -23.78
CA ALA A 543 -14.41 -23.65 -25.14
C ALA A 543 -13.32 -24.37 -25.92
N ARG A 544 -12.04 -24.01 -25.74
CA ARG A 544 -10.96 -24.67 -26.50
C ARG A 544 -10.43 -25.95 -25.84
N GLY A 545 -11.15 -26.46 -24.83
CA GLY A 545 -10.81 -27.71 -24.15
C GLY A 545 -9.88 -27.61 -22.96
N ALA A 546 -9.61 -26.39 -22.46
CA ALA A 546 -8.71 -26.22 -21.33
C ALA A 546 -9.44 -26.31 -19.99
N ALA A 547 -8.70 -26.69 -18.94
CA ALA A 547 -9.21 -26.84 -17.58
C ALA A 547 -9.16 -25.56 -16.75
N TYR A 548 -8.42 -24.58 -17.24
CA TYR A 548 -8.26 -23.27 -16.60
C TYR A 548 -7.81 -22.30 -17.69
N SER A 549 -7.70 -21.01 -17.38
CA SER A 549 -7.28 -20.02 -18.36
C SER A 549 -5.91 -19.44 -18.08
N THR A 550 -5.49 -19.37 -16.82
CA THR A 550 -4.28 -18.64 -16.47
C THR A 550 -3.32 -19.28 -15.48
N ASN A 551 -3.84 -19.97 -14.47
CA ASN A 551 -2.97 -20.53 -13.47
C ASN A 551 -3.56 -21.83 -12.93
N PRO A 552 -2.95 -22.98 -13.24
CA PRO A 552 -3.53 -24.25 -12.80
C PRO A 552 -3.53 -24.42 -11.29
N ILE A 553 -2.60 -23.75 -10.62
CA ILE A 553 -2.48 -23.79 -9.16
C ILE A 553 -3.68 -23.07 -8.54
N ILE A 554 -4.13 -21.96 -9.13
CA ILE A 554 -5.30 -21.23 -8.62
C ILE A 554 -6.53 -22.08 -8.81
N LYS A 555 -6.67 -22.71 -9.99
CA LYS A 555 -7.85 -23.55 -10.26
C LYS A 555 -7.95 -24.69 -9.27
N ALA A 556 -6.84 -25.40 -9.02
CA ALA A 556 -6.85 -26.50 -8.08
C ALA A 556 -7.07 -25.98 -6.67
N ALA A 557 -6.44 -24.84 -6.31
CA ALA A 557 -6.54 -24.27 -4.95
C ALA A 557 -7.95 -23.95 -4.49
N PHE A 558 -8.87 -23.67 -5.42
CA PHE A 558 -10.25 -23.33 -5.06
C PHE A 558 -11.23 -24.50 -5.28
N ALA A 559 -10.72 -25.70 -5.59
CA ALA A 559 -11.58 -26.89 -5.74
C ALA A 559 -11.64 -27.49 -4.34
N ASP A 560 -12.42 -26.89 -3.45
CA ASP A 560 -12.43 -27.31 -2.06
C ASP A 560 -13.81 -27.17 -1.41
N PRO A 561 -14.47 -28.29 -1.01
CA PRO A 561 -15.80 -28.16 -0.37
C PRO A 561 -15.79 -27.54 1.01
N ASN A 562 -14.61 -27.35 1.62
CA ASN A 562 -14.54 -26.71 2.94
C ASN A 562 -14.54 -25.16 2.83
N LEU A 563 -14.52 -24.61 1.61
CA LEU A 563 -14.58 -23.17 1.42
C LEU A 563 -15.96 -22.69 1.91
N GLN A 564 -16.00 -21.56 2.60
CA GLN A 564 -17.27 -21.04 3.13
C GLN A 564 -18.24 -20.72 1.98
N PHE A 565 -17.71 -20.14 0.90
CA PHE A 565 -18.49 -19.80 -0.29
C PHE A 565 -18.39 -20.91 -1.32
N ASP A 566 -19.51 -21.21 -2.02
CA ASP A 566 -19.47 -22.28 -3.04
C ASP A 566 -19.04 -21.67 -4.37
N PHE A 567 -17.76 -21.75 -4.71
CA PHE A 567 -17.25 -21.16 -5.94
C PHE A 567 -17.74 -21.82 -7.20
N ARG A 568 -18.48 -22.95 -7.11
CA ARG A 568 -19.03 -23.59 -8.31
C ARG A 568 -20.30 -22.90 -8.82
N TYR A 569 -21.16 -22.42 -7.90
CA TYR A 569 -22.45 -21.82 -8.25
C TYR A 569 -22.61 -20.45 -7.60
N PRO A 570 -21.82 -19.46 -8.04
CA PRO A 570 -21.89 -18.13 -7.40
C PRO A 570 -23.21 -17.39 -7.54
N ARG A 571 -23.88 -17.46 -8.68
CA ARG A 571 -25.18 -16.78 -8.83
C ARG A 571 -26.14 -17.28 -7.76
N ARG A 572 -26.19 -18.62 -7.58
CA ARG A 572 -27.02 -19.26 -6.56
C ARG A 572 -26.61 -18.80 -5.16
N GLU A 573 -25.29 -18.82 -4.85
CA GLU A 573 -24.81 -18.39 -3.52
C GLU A 573 -25.22 -16.96 -3.23
N PHE A 574 -25.07 -16.03 -4.20
CA PHE A 574 -25.47 -14.64 -3.97
C PHE A 574 -26.99 -14.56 -3.70
N GLY A 575 -27.77 -15.43 -4.36
CA GLY A 575 -29.21 -15.47 -4.11
C GLY A 575 -29.53 -15.98 -2.72
N ILE A 576 -28.76 -16.96 -2.24
CA ILE A 576 -28.95 -17.52 -0.91
C ILE A 576 -28.65 -16.46 0.13
N GLY A 577 -27.62 -15.64 -0.11
CA GLY A 577 -27.32 -14.52 0.78
C GLY A 577 -28.47 -13.51 0.70
N GLY A 578 -29.06 -13.35 -0.49
CA GLY A 578 -30.22 -12.47 -0.66
C GLY A 578 -31.41 -12.93 0.17
N LEU A 579 -31.54 -14.26 0.39
CA LEU A 579 -32.59 -14.81 1.23
C LEU A 579 -32.18 -14.78 2.73
N ARG A 580 -31.01 -14.24 3.06
CA ARG A 580 -30.51 -14.23 4.44
C ARG A 580 -30.32 -15.69 4.93
N GLN A 581 -29.94 -16.59 4.01
CA GLN A 581 -29.74 -18.00 4.35
C GLN A 581 -28.25 -18.43 4.27
N PHE A 582 -27.34 -17.48 4.05
CA PHE A 582 -25.92 -17.77 3.97
C PHE A 582 -25.27 -17.38 5.29
N MET A 583 -24.68 -18.36 6.00
CA MET A 583 -24.00 -18.08 7.25
C MET A 583 -22.56 -17.86 6.92
N PRO A 584 -22.05 -16.62 7.08
CA PRO A 584 -20.65 -16.38 6.78
C PRO A 584 -19.77 -16.83 7.95
N ALA A 585 -18.47 -16.76 7.74
CA ALA A 585 -17.48 -17.06 8.76
C ALA A 585 -17.05 -15.67 9.29
N GLY A 586 -16.27 -15.64 10.36
CA GLY A 586 -15.77 -14.38 10.88
C GLY A 586 -16.61 -13.68 11.93
N GLU A 587 -17.84 -14.16 12.19
CA GLU A 587 -18.70 -13.51 13.20
C GLU A 587 -18.13 -13.79 14.59
N ARG A 588 -18.34 -12.87 15.52
CA ARG A 588 -17.76 -12.98 16.86
C ARG A 588 -18.73 -13.36 17.94
N ASP A 589 -19.78 -14.09 17.58
CA ASP A 589 -20.80 -14.57 18.50
C ASP A 589 -20.28 -15.24 19.76
N ALA A 590 -19.23 -16.03 19.64
CA ALA A 590 -18.70 -16.79 20.75
C ALA A 590 -18.20 -15.95 21.90
N VAL A 591 -17.82 -14.70 21.66
CA VAL A 591 -17.23 -13.86 22.71
C VAL A 591 -17.98 -12.55 22.93
N ILE A 592 -19.26 -12.49 22.55
CA ILE A 592 -20.03 -11.24 22.72
C ILE A 592 -21.31 -11.54 23.45
N PRO A 593 -21.94 -10.53 24.06
CA PRO A 593 -23.18 -10.82 24.79
C PRO A 593 -24.33 -11.30 23.89
N PRO A 594 -25.29 -12.01 24.47
CA PRO A 594 -26.42 -12.52 23.66
C PRO A 594 -27.13 -11.46 22.83
N HIS A 595 -27.86 -11.91 21.81
CA HIS A 595 -28.61 -11.01 20.93
C HIS A 595 -29.52 -11.80 20.00
N ALA B 2 17.32 5.61 -36.94
CA ALA B 2 17.63 6.64 -37.92
C ALA B 2 17.12 7.99 -37.43
N TYR B 3 17.78 9.08 -37.84
CA TYR B 3 17.39 10.42 -37.41
C TYR B 3 16.07 10.86 -38.02
N LEU B 4 15.28 11.63 -37.26
CA LEU B 4 14.01 12.22 -37.72
C LEU B 4 14.43 13.50 -38.48
N THR B 5 14.78 13.33 -39.76
CA THR B 5 15.28 14.43 -40.60
C THR B 5 14.24 15.36 -41.19
N GLU B 6 12.93 15.00 -41.16
CA GLU B 6 11.92 15.90 -41.75
C GLU B 6 11.99 17.29 -41.12
N LYS B 7 11.89 18.32 -41.94
CA LYS B 7 12.02 19.70 -41.45
C LYS B 7 10.69 20.33 -41.02
N ILE B 8 10.74 21.09 -39.94
CA ILE B 8 9.59 21.82 -39.42
C ILE B 8 10.06 23.25 -39.12
N ASP B 9 9.11 24.16 -38.97
CA ASP B 9 9.42 25.53 -38.60
C ASP B 9 8.85 25.68 -37.22
N LEU B 10 9.59 26.34 -36.33
CA LEU B 10 9.11 26.56 -34.98
C LEU B 10 8.63 28.01 -34.90
N TYR B 11 7.38 28.21 -34.48
CA TYR B 11 6.79 29.53 -34.36
C TYR B 11 6.52 29.85 -32.88
N GLY B 12 6.57 31.15 -32.56
CA GLY B 12 6.32 31.62 -31.22
C GLY B 12 4.82 31.78 -31.00
N ASP B 13 4.42 32.19 -29.79
CA ASP B 13 2.97 32.33 -29.47
C ASP B 13 2.34 33.54 -30.16
N ASN B 14 3.15 34.44 -30.73
CA ASN B 14 2.63 35.60 -31.45
C ASN B 14 2.41 35.25 -32.95
N GLY B 15 2.63 34.00 -33.34
CA GLY B 15 2.44 33.56 -34.71
C GLY B 15 3.56 33.91 -35.68
N LYS B 16 4.71 34.35 -35.16
CA LYS B 16 5.85 34.72 -36.00
C LYS B 16 6.93 33.62 -35.87
N VAL B 17 7.65 33.32 -36.96
CA VAL B 17 8.64 32.27 -36.90
C VAL B 17 9.78 32.58 -35.93
N LEU B 18 10.19 31.56 -35.15
CA LEU B 18 11.30 31.67 -34.23
C LEU B 18 12.50 31.08 -34.96
N GLU B 19 12.34 29.85 -35.51
CA GLU B 19 13.42 29.18 -36.24
C GLU B 19 12.86 28.37 -37.39
N SER B 20 13.49 28.46 -38.56
CA SER B 20 13.04 27.73 -39.75
C SER B 20 13.95 26.54 -40.06
N ASP B 21 13.41 25.59 -40.85
CA ASP B 21 14.13 24.43 -41.33
C ASP B 21 14.80 23.63 -40.23
N ILE B 22 14.06 23.34 -39.17
CA ILE B 22 14.59 22.57 -38.06
C ILE B 22 14.23 21.10 -38.23
N PRO B 23 15.20 20.17 -38.23
CA PRO B 23 14.82 18.74 -38.33
C PRO B 23 14.04 18.35 -37.07
N LEU B 24 13.00 17.53 -37.22
CA LEU B 24 12.19 17.08 -36.07
C LEU B 24 13.09 16.51 -34.94
N GLU B 25 14.15 15.82 -35.33
CA GLU B 25 15.11 15.25 -34.39
C GLU B 25 15.67 16.29 -33.40
N ALA B 26 15.85 17.55 -33.82
CA ALA B 26 16.46 18.58 -32.97
C ALA B 26 15.59 19.12 -31.83
N VAL B 27 14.30 18.75 -31.78
CA VAL B 27 13.43 19.20 -30.65
C VAL B 27 13.13 18.04 -29.71
N THR B 28 13.63 16.82 -30.01
CA THR B 28 13.36 15.66 -29.15
C THR B 28 14.11 15.75 -27.84
N PRO B 29 13.54 15.21 -26.75
CA PRO B 29 14.24 15.27 -25.46
C PRO B 29 15.60 14.58 -25.45
N VAL B 30 15.78 13.53 -26.31
CA VAL B 30 17.05 12.82 -26.35
C VAL B 30 18.17 13.68 -27.01
N GLN B 31 17.82 14.77 -27.71
CA GLN B 31 18.84 15.61 -28.37
C GLN B 31 18.89 17.07 -27.94
N ASN B 32 17.73 17.71 -27.73
CA ASN B 32 17.65 19.14 -27.46
C ASN B 32 18.23 19.59 -26.11
N PRO B 33 19.31 20.42 -26.10
CA PRO B 33 19.90 20.85 -24.82
C PRO B 33 18.96 21.60 -23.87
N ALA B 34 18.01 22.39 -24.40
CA ALA B 34 17.10 23.13 -23.53
C ALA B 34 16.13 22.18 -22.86
N VAL B 35 15.58 21.22 -23.62
CA VAL B 35 14.64 20.24 -23.04
C VAL B 35 15.40 19.43 -21.97
N ARG B 36 16.62 19.01 -22.29
CA ARG B 36 17.42 18.25 -21.32
C ARG B 36 17.73 19.10 -20.08
N GLU B 37 18.05 20.39 -20.27
CA GLU B 37 18.33 21.29 -19.14
C GLU B 37 17.08 21.48 -18.28
N LEU B 38 15.91 21.47 -18.90
CA LEU B 38 14.66 21.61 -18.14
C LEU B 38 14.55 20.47 -17.13
N ALA B 39 14.73 19.22 -17.59
CA ALA B 39 14.68 18.05 -16.69
C ALA B 39 15.76 18.19 -15.61
N SER B 40 16.95 18.62 -15.99
CA SER B 40 18.06 18.79 -15.05
C SER B 40 17.70 19.81 -13.96
N ILE B 41 17.01 20.88 -14.34
CA ILE B 41 16.59 21.95 -13.38
C ILE B 41 15.60 21.37 -12.37
N PHE B 42 14.61 20.59 -12.85
CA PHE B 42 13.60 20.00 -11.97
C PHE B 42 14.26 19.04 -11.00
N LYS B 43 15.22 18.24 -11.50
CA LYS B 43 15.93 17.31 -10.62
C LYS B 43 16.76 18.02 -9.55
N ARG B 44 17.52 19.08 -9.93
CA ARG B 44 18.46 19.73 -9.02
C ARG B 44 17.97 20.91 -8.20
N SER B 45 16.77 21.40 -8.46
CA SER B 45 16.27 22.56 -7.73
C SER B 45 15.31 22.24 -6.61
N VAL B 46 15.45 22.97 -5.51
CA VAL B 46 14.57 22.86 -4.34
C VAL B 46 14.45 24.24 -3.75
N ALA B 47 13.41 24.46 -2.92
CA ALA B 47 13.21 25.72 -2.22
C ALA B 47 13.23 25.40 -0.71
N VAL B 48 13.89 26.23 0.10
CA VAL B 48 13.92 26.06 1.55
C VAL B 48 13.02 27.16 2.09
N ASN B 49 11.97 26.81 2.82
CA ASN B 49 11.08 27.79 3.39
C ASN B 49 11.57 28.10 4.79
N LEU B 50 12.49 29.09 4.91
CA LEU B 50 13.03 29.50 6.21
C LEU B 50 11.96 30.11 7.11
N GLY B 51 11.02 30.84 6.51
CA GLY B 51 9.95 31.45 7.31
C GLY B 51 9.08 30.38 7.94
N GLY B 52 8.74 29.38 7.15
CA GLY B 52 7.95 28.25 7.61
C GLY B 52 8.69 27.49 8.70
N ALA B 53 9.99 27.25 8.50
CA ALA B 53 10.79 26.53 9.49
C ALA B 53 10.87 27.29 10.79
N GLN B 54 11.07 28.61 10.70
CA GLN B 54 11.15 29.46 11.89
C GLN B 54 9.85 29.48 12.66
N LYS B 55 8.72 29.59 11.95
N LYS B 55 8.71 29.59 11.95
CA LYS B 55 7.41 29.62 12.59
CA LYS B 55 7.38 29.62 12.58
C LYS B 55 7.07 28.27 13.26
C LYS B 55 7.04 28.28 13.25
N ALA B 56 7.38 27.17 12.60
CA ALA B 56 7.11 25.82 13.17
C ALA B 56 7.85 25.67 14.52
N LEU B 57 9.14 26.04 14.57
CA LEU B 57 9.91 25.97 15.80
C LEU B 57 9.39 26.92 16.85
N SER B 58 9.01 28.13 16.44
CA SER B 58 8.55 29.12 17.39
C SER B 58 7.25 28.79 18.09
N THR B 59 6.21 28.37 17.34
CA THR B 59 4.90 28.10 17.91
C THR B 59 4.58 26.65 18.18
N GLY B 60 5.36 25.73 17.62
CA GLY B 60 5.10 24.31 17.79
C GLY B 60 4.15 23.74 16.75
N HIS B 61 3.75 24.56 15.76
CA HIS B 61 2.90 24.07 14.68
C HIS B 61 3.81 23.44 13.65
N TYR B 62 4.33 22.25 13.99
CA TYR B 62 5.22 21.50 13.11
C TYR B 62 4.41 20.74 12.09
N ALA B 63 5.05 20.42 10.97
CA ALA B 63 4.47 19.60 9.92
C ALA B 63 3.09 20.15 9.39
N ASN B 64 2.08 19.27 9.06
CA ASN B 64 0.81 19.65 8.48
C ASN B 64 -0.35 19.21 9.37
N GLU B 65 -1.56 19.08 8.81
CA GLU B 65 -2.74 18.55 9.50
C GLU B 65 -3.09 19.21 10.83
N TYR B 66 -2.79 20.49 11.03
CA TYR B 66 -3.11 21.19 12.28
C TYR B 66 -2.31 20.69 13.50
N ILE B 67 -1.19 20.03 13.25
CA ILE B 67 -0.34 19.53 14.34
C ILE B 67 0.16 20.70 15.19
N HIS B 68 0.24 20.49 16.51
CA HIS B 68 0.72 21.50 17.43
C HIS B 68 1.30 20.81 18.66
N PHE B 69 2.60 20.98 18.90
CA PHE B 69 3.25 20.50 20.15
C PHE B 69 3.05 21.63 21.15
N PRO B 70 2.13 21.53 22.12
CA PRO B 70 1.85 22.65 23.00
C PRO B 70 2.82 22.92 24.16
N ASP B 71 3.27 24.18 24.25
CA ASP B 71 4.07 24.63 25.37
C ASP B 71 3.08 25.57 26.08
N ILE B 72 2.96 25.43 27.40
CA ILE B 72 2.00 26.18 28.20
C ILE B 72 2.77 27.15 29.09
N PRO B 73 2.75 28.44 28.75
CA PRO B 73 3.50 29.42 29.55
C PRO B 73 2.76 29.95 30.78
N ASN B 74 1.51 29.54 31.00
CA ASN B 74 0.72 30.06 32.12
C ASN B 74 0.15 28.94 33.00
N LYS B 75 0.96 27.91 33.29
CA LYS B 75 0.52 26.77 34.09
C LYS B 75 -0.10 27.18 35.43
N ASP B 76 0.43 28.21 36.08
CA ASP B 76 -0.10 28.66 37.38
C ASP B 76 -1.45 29.40 37.27
N LYS B 77 -2.00 29.57 36.06
CA LYS B 77 -3.27 30.27 35.87
C LYS B 77 -4.36 29.35 35.27
N LEU B 78 -4.10 28.02 35.21
CA LEU B 78 -5.07 27.07 34.65
C LEU B 78 -6.11 26.55 35.65
N GLY B 79 -5.92 26.84 36.94
CA GLY B 79 -6.86 26.37 37.96
C GLY B 79 -6.65 24.92 38.32
N ILE B 80 -5.45 24.38 38.08
CA ILE B 80 -5.12 23.00 38.38
C ILE B 80 -3.98 22.96 39.39
N LYS B 81 -3.87 21.84 40.10
CA LYS B 81 -2.81 21.62 41.05
C LYS B 81 -1.90 20.57 40.42
N SER B 82 -0.60 20.83 40.35
CA SER B 82 0.35 19.87 39.77
C SER B 82 1.16 19.14 40.87
N SER B 83 0.91 19.49 42.15
CA SER B 83 1.58 18.87 43.28
C SER B 83 0.50 18.26 44.17
N PRO B 84 0.73 17.08 44.79
CA PRO B 84 -0.33 16.51 45.67
C PRO B 84 -0.75 17.51 46.75
N GLY B 85 -2.05 17.79 46.82
CA GLY B 85 -2.62 18.73 47.79
C GLY B 85 -2.21 20.18 47.55
N GLY B 86 -1.56 20.45 46.41
CA GLY B 86 -1.10 21.79 46.06
C GLY B 86 0.07 22.25 46.90
N LYS B 87 0.89 21.31 47.36
CA LYS B 87 2.07 21.64 48.22
C LYS B 87 2.95 22.69 47.55
N TYR B 88 3.28 22.50 46.28
CA TYR B 88 4.15 23.41 45.52
C TYR B 88 3.33 24.11 44.43
N PRO B 89 3.50 25.43 44.23
CA PRO B 89 2.72 26.12 43.19
C PRO B 89 3.12 25.66 41.77
N PRO B 90 2.20 25.65 40.78
CA PRO B 90 2.60 25.19 39.44
C PRO B 90 3.60 26.10 38.73
N LYS B 91 4.59 25.50 38.04
CA LYS B 91 5.62 26.25 37.32
C LYS B 91 5.63 25.77 35.87
N SER B 92 5.58 26.70 34.93
CA SER B 92 5.56 26.35 33.51
C SER B 92 6.95 25.94 33.00
N VAL B 93 6.96 25.19 31.90
CA VAL B 93 8.20 24.77 31.25
C VAL B 93 8.05 25.01 29.75
N LYS B 94 9.18 25.01 29.02
CA LYS B 94 9.19 25.25 27.57
C LYS B 94 10.07 24.17 27.00
N VAL B 95 9.46 23.12 26.41
CA VAL B 95 10.23 21.97 25.98
C VAL B 95 10.05 21.54 24.53
N ARG B 96 9.13 22.15 23.76
CA ARG B 96 8.92 21.72 22.36
C ARG B 96 9.12 22.83 21.34
N THR B 97 9.47 24.05 21.77
CA THR B 97 9.59 25.18 20.88
C THR B 97 10.82 26.02 21.17
N MET B 98 11.20 26.82 20.18
CA MET B 98 12.34 27.73 20.31
C MET B 98 12.27 28.82 19.25
N ASP B 99 12.89 29.94 19.53
CA ASP B 99 12.90 31.07 18.60
C ASP B 99 14.29 31.22 17.98
N LEU B 100 14.40 30.96 16.67
CA LEU B 100 15.66 31.09 15.95
C LEU B 100 15.46 32.15 14.87
N PRO B 101 16.41 33.09 14.71
CA PRO B 101 16.25 34.14 13.71
C PRO B 101 16.69 33.68 12.33
N LEU B 102 16.08 32.62 11.82
CA LEU B 102 16.48 32.07 10.52
C LEU B 102 16.32 33.08 9.37
N VAL B 103 15.17 33.73 9.30
CA VAL B 103 14.89 34.69 8.24
C VAL B 103 15.85 35.87 8.34
N ASP B 104 16.04 36.42 9.55
CA ASP B 104 16.97 37.56 9.71
C ASP B 104 18.39 37.15 9.30
N ASP B 105 18.78 35.86 9.51
CA ASP B 105 20.14 35.39 9.14
C ASP B 105 20.17 34.66 7.80
N ALA B 106 19.16 34.88 6.95
CA ALA B 106 19.08 34.15 5.68
C ALA B 106 20.32 34.23 4.83
N ASP B 107 20.96 35.41 4.82
CA ASP B 107 22.17 35.61 3.98
C ASP B 107 23.31 34.72 4.46
N ASP B 108 23.59 34.71 5.76
CA ASP B 108 24.69 33.88 6.29
C ASP B 108 24.33 32.40 6.13
N ILE B 109 23.05 32.07 6.38
CA ILE B 109 22.59 30.68 6.24
C ILE B 109 22.79 30.25 4.79
N ALA B 110 22.45 31.12 3.81
CA ALA B 110 22.63 30.80 2.39
C ALA B 110 24.09 30.49 2.07
N ALA B 111 25.04 31.27 2.61
CA ALA B 111 26.46 31.02 2.37
C ALA B 111 26.86 29.66 2.97
N ARG B 112 26.43 29.36 4.20
CA ARG B 112 26.77 28.11 4.85
C ARG B 112 26.16 26.90 4.13
N LEU B 113 24.91 27.02 3.61
CA LEU B 113 24.24 25.94 2.87
C LEU B 113 24.98 25.68 1.56
N LYS B 114 25.38 26.74 0.85
CA LYS B 114 26.08 26.56 -0.43
C LYS B 114 27.40 25.86 -0.22
N GLU B 115 28.13 26.21 0.85
CA GLU B 115 29.42 25.57 1.12
C GLU B 115 29.21 24.09 1.45
N ARG B 116 28.13 23.75 2.18
CA ARG B 116 27.88 22.33 2.53
C ARG B 116 27.48 21.50 1.31
N LEU B 117 26.73 22.08 0.39
CA LEU B 117 26.27 21.40 -0.82
C LEU B 117 27.31 21.31 -1.91
N GLN B 118 28.20 22.29 -1.96
CA GLN B 118 29.26 22.36 -2.97
C GLN B 118 30.21 21.18 -2.90
N VAL B 119 30.58 20.62 -4.07
CA VAL B 119 31.53 19.49 -4.12
C VAL B 119 32.90 20.09 -4.46
N ASN B 120 32.94 20.91 -5.49
CA ASN B 120 34.15 21.59 -5.90
C ASN B 120 33.79 23.08 -6.10
N PRO B 121 34.73 24.02 -5.82
CA PRO B 121 34.41 25.45 -5.98
C PRO B 121 33.75 25.88 -7.29
N ASP B 122 34.23 25.43 -8.45
CA ASP B 122 33.62 25.87 -9.72
C ASP B 122 32.53 24.88 -10.23
N ASP B 123 31.74 24.28 -9.34
CA ASP B 123 30.79 23.19 -9.73
C ASP B 123 29.37 23.64 -10.16
N GLY B 124 29.01 24.91 -10.02
CA GLY B 124 27.68 25.36 -10.44
C GLY B 124 26.64 25.41 -9.35
N THR B 125 27.00 25.07 -8.11
CA THR B 125 26.02 25.13 -7.01
C THR B 125 25.53 26.55 -6.83
N GLU B 126 24.23 26.71 -6.69
CA GLU B 126 23.66 28.03 -6.48
C GLU B 126 22.69 28.01 -5.32
N VAL B 127 22.65 29.10 -4.57
CA VAL B 127 21.73 29.30 -3.46
C VAL B 127 21.38 30.79 -3.54
N ARG B 128 20.10 31.12 -3.74
CA ARG B 128 19.68 32.49 -3.85
C ARG B 128 18.70 32.81 -2.74
N VAL B 129 18.82 34.00 -2.13
CA VAL B 129 17.94 34.43 -1.07
C VAL B 129 16.78 35.17 -1.71
N MET B 130 15.56 34.73 -1.43
CA MET B 130 14.36 35.33 -2.00
C MET B 130 13.34 35.66 -0.93
N LYS B 131 12.31 36.44 -1.30
CA LYS B 131 11.25 36.86 -0.37
C LYS B 131 11.82 37.48 0.91
N LYS B 132 12.81 38.40 0.74
CA LYS B 132 13.43 39.10 1.87
C LYS B 132 13.98 38.15 2.96
N GLY B 133 14.43 36.96 2.56
CA GLY B 133 14.98 35.98 3.47
C GLY B 133 14.08 34.82 3.85
N ASN B 134 12.79 34.91 3.51
CA ASN B 134 11.85 33.85 3.86
C ASN B 134 12.04 32.57 3.07
N VAL B 135 12.57 32.62 1.84
CA VAL B 135 12.75 31.39 1.06
C VAL B 135 14.12 31.39 0.41
N LEU B 136 14.75 30.24 0.30
CA LEU B 136 16.01 30.12 -0.42
C LEU B 136 15.75 29.24 -1.65
N TYR B 137 16.22 29.66 -2.84
CA TYR B 137 16.12 28.82 -4.03
C TYR B 137 17.48 28.15 -4.12
N VAL B 138 17.52 26.83 -4.21
CA VAL B 138 18.78 26.10 -4.26
C VAL B 138 18.83 25.28 -5.52
N LYS B 139 19.99 25.24 -6.17
CA LYS B 139 20.19 24.39 -7.33
C LYS B 139 21.53 23.72 -7.11
N ILE B 140 21.53 22.44 -6.83
CA ILE B 140 22.76 21.71 -6.57
C ILE B 140 23.50 21.53 -7.88
N SER B 141 24.78 21.19 -7.78
CA SER B 141 25.61 20.98 -8.97
C SER B 141 25.26 19.69 -9.67
N GLU B 142 25.63 19.59 -10.96
CA GLU B 142 25.45 18.35 -11.69
C GLU B 142 26.36 17.30 -11.04
N GLN B 143 27.54 17.72 -10.51
CA GLN B 143 28.47 16.80 -9.86
C GLN B 143 27.78 16.08 -8.70
N LEU B 144 27.15 16.84 -7.78
CA LEU B 144 26.49 16.20 -6.65
C LEU B 144 25.26 15.42 -7.16
N ALA B 145 24.43 16.03 -8.01
CA ALA B 145 23.19 15.38 -8.51
C ALA B 145 23.40 14.03 -9.19
N ASN B 146 24.50 13.88 -9.92
CA ASN B 146 24.75 12.65 -10.66
C ASN B 146 25.68 11.68 -9.92
N THR B 147 25.81 11.82 -8.59
CA THR B 147 26.69 10.94 -7.83
C THR B 147 26.16 9.48 -7.92
N GLY B 148 24.88 9.32 -7.62
CA GLY B 148 24.23 8.04 -7.68
C GLY B 148 23.25 7.94 -8.84
N VAL B 149 22.11 7.29 -8.62
CA VAL B 149 21.14 7.08 -9.71
C VAL B 149 19.81 7.81 -9.52
N GLU B 150 19.57 8.37 -8.33
CA GLU B 150 18.27 8.99 -8.03
C GLU B 150 18.13 10.48 -8.38
N TYR B 151 16.89 10.99 -8.41
CA TYR B 151 16.66 12.42 -8.69
C TYR B 151 16.40 13.24 -7.43
N THR B 152 16.34 12.59 -6.25
CA THR B 152 16.01 13.23 -4.97
C THR B 152 17.21 13.78 -4.19
N THR B 153 18.42 13.75 -4.75
CA THR B 153 19.60 14.21 -4.00
C THR B 153 19.53 15.67 -3.58
N ALA B 154 18.97 16.56 -4.41
CA ALA B 154 18.87 17.98 -4.01
C ALA B 154 17.99 18.12 -2.78
N LEU B 155 16.90 17.33 -2.75
CA LEU B 155 15.97 17.36 -1.62
C LEU B 155 16.59 16.81 -0.34
N THR B 156 17.22 15.63 -0.42
CA THR B 156 17.80 14.99 0.75
C THR B 156 18.99 15.77 1.29
N THR B 157 19.89 16.18 0.42
CA THR B 157 21.09 16.91 0.90
C THR B 157 20.72 18.26 1.48
N THR B 158 19.78 18.98 0.83
CA THR B 158 19.41 20.31 1.37
C THR B 158 18.77 20.18 2.75
N ALA B 159 17.88 19.19 2.96
CA ALA B 159 17.26 19.02 4.28
C ALA B 159 18.30 18.74 5.38
N GLN B 160 19.28 17.90 5.08
CA GLN B 160 20.30 17.55 6.06
C GLN B 160 21.26 18.72 6.25
N ALA B 161 21.74 19.35 5.15
CA ALA B 161 22.65 20.51 5.29
C ALA B 161 21.99 21.62 6.11
N MET B 162 20.70 21.86 5.87
CA MET B 162 19.96 22.88 6.62
C MET B 162 19.89 22.53 8.10
N THR B 163 19.52 21.29 8.40
CA THR B 163 19.39 20.83 9.78
C THR B 163 20.75 20.92 10.49
N ASP B 164 21.80 20.40 9.85
CA ASP B 164 23.16 20.42 10.42
C ASP B 164 23.65 21.85 10.63
N LEU B 165 23.55 22.70 9.61
CA LEU B 165 24.04 24.07 9.75
C LEU B 165 23.28 24.89 10.79
N VAL B 166 21.95 24.71 10.94
CA VAL B 166 21.19 25.44 11.97
C VAL B 166 21.64 24.97 13.36
N MET B 167 21.82 23.66 13.55
CA MET B 167 22.26 23.13 14.85
C MET B 167 23.64 23.72 15.22
N GLU B 168 24.55 23.79 14.25
CA GLU B 168 25.89 24.30 14.49
C GLU B 168 25.90 25.82 14.69
N LYS B 169 25.27 26.57 13.77
CA LYS B 169 25.28 28.04 13.84
C LYS B 169 24.84 28.59 15.18
N TYR B 170 23.71 28.10 15.70
CA TYR B 170 23.14 28.55 16.96
C TYR B 170 23.59 27.70 18.15
N ASP B 171 24.59 26.79 17.96
CA ASP B 171 25.13 25.91 19.01
C ASP B 171 24.02 25.34 19.90
N LEU B 172 23.00 24.76 19.27
CA LEU B 172 21.85 24.25 19.99
C LEU B 172 22.14 23.03 20.83
N ASP B 173 21.39 22.86 21.92
CA ASP B 173 21.59 21.72 22.81
C ASP B 173 20.99 20.46 22.21
N PHE B 174 21.23 19.31 22.84
CA PHE B 174 20.72 18.03 22.34
C PHE B 174 19.21 18.01 22.15
N HIS B 175 18.42 18.69 23.01
CA HIS B 175 16.97 18.69 22.89
C HIS B 175 16.51 19.20 21.52
N ALA B 176 17.26 20.11 20.92
CA ALA B 176 16.91 20.70 19.64
C ALA B 176 17.00 19.79 18.45
N SER B 177 17.85 18.74 18.50
CA SER B 177 18.03 17.86 17.34
C SER B 177 16.73 17.37 16.66
N PRO B 178 15.79 16.73 17.38
CA PRO B 178 14.57 16.26 16.70
C PRO B 178 13.69 17.40 16.16
N LEU B 179 13.63 18.50 16.90
CA LEU B 179 12.80 19.66 16.56
C LEU B 179 13.30 20.39 15.31
N VAL B 180 14.62 20.61 15.22
CA VAL B 180 15.21 21.25 14.05
C VAL B 180 15.09 20.31 12.87
N HIS B 181 15.26 18.99 13.07
CA HIS B 181 15.08 18.02 11.98
C HIS B 181 13.61 18.13 11.49
N CYS B 182 12.66 18.20 12.43
CA CYS B 182 11.24 18.34 12.08
C CYS B 182 10.96 19.63 11.30
N ALA B 183 11.64 20.74 11.66
CA ALA B 183 11.44 22.02 10.97
C ALA B 183 11.75 21.89 9.50
N PHE B 184 12.68 21.00 9.12
CA PHE B 184 13.03 20.89 7.68
C PHE B 184 12.43 19.65 7.02
N TYR B 185 12.48 18.51 7.71
CA TYR B 185 11.97 17.24 7.17
C TYR B 185 10.49 16.96 7.40
N GLY B 186 9.86 17.68 8.33
CA GLY B 186 8.46 17.43 8.64
C GLY B 186 8.31 16.07 9.32
N ARG B 187 7.41 15.24 8.83
CA ARG B 187 7.18 13.93 9.44
C ARG B 187 8.12 12.78 8.97
N TYR B 188 9.15 13.08 8.15
CA TYR B 188 10.08 12.04 7.71
C TYR B 188 10.95 11.62 8.91
N PRO B 189 11.21 10.31 9.14
CA PRO B 189 10.90 9.15 8.29
C PRO B 189 9.62 8.38 8.63
N GLN B 190 8.76 8.85 9.57
CA GLN B 190 7.50 8.15 9.81
C GLN B 190 6.68 8.16 8.46
N THR B 191 6.87 9.22 7.66
CA THR B 191 6.28 9.34 6.32
C THR B 191 7.45 9.20 5.34
N TYR B 192 7.22 8.71 4.12
CA TYR B 192 8.29 8.63 3.12
C TYR B 192 8.60 10.06 2.63
N GLU B 193 7.52 10.86 2.47
CA GLU B 193 7.63 12.26 2.06
C GLU B 193 8.21 13.08 3.21
N PHE B 194 8.79 14.25 2.92
CA PHE B 194 9.25 15.17 3.96
C PHE B 194 7.97 15.98 4.23
N MET B 195 6.90 15.27 4.70
CA MET B 195 5.55 15.80 4.87
C MET B 195 5.44 16.92 5.85
N GLY B 196 4.96 18.07 5.38
CA GLY B 196 4.82 19.23 6.24
C GLY B 196 6.17 19.84 6.57
N GLY B 197 7.22 19.44 5.84
CA GLY B 197 8.55 19.99 6.05
C GLY B 197 8.72 21.31 5.33
N ASN B 198 9.96 21.80 5.25
CA ASN B 198 10.23 23.07 4.61
C ASN B 198 11.32 23.01 3.55
N VAL B 199 11.40 21.87 2.85
CA VAL B 199 12.32 21.69 1.73
C VAL B 199 11.41 21.15 0.65
N ILE B 200 11.23 21.92 -0.45
CA ILE B 200 10.29 21.57 -1.52
C ILE B 200 10.92 21.38 -2.87
N SER B 201 10.47 20.34 -3.58
CA SER B 201 10.92 20.07 -4.92
C SER B 201 9.70 20.21 -5.84
N LEU B 202 9.93 20.47 -7.13
CA LEU B 202 8.85 20.50 -8.11
C LEU B 202 8.37 19.05 -8.37
N LEU B 203 9.23 18.06 -8.11
CA LEU B 203 8.91 16.66 -8.30
C LEU B 203 8.19 16.11 -7.09
N ALA B 204 7.43 15.04 -7.28
CA ALA B 204 6.69 14.41 -6.21
C ALA B 204 7.63 13.45 -5.48
N ALA B 205 7.20 12.91 -4.30
CA ALA B 205 8.02 11.93 -3.59
C ALA B 205 8.32 10.75 -4.52
N SER B 206 9.50 10.13 -4.38
CA SER B 206 9.90 9.07 -5.31
C SER B 206 9.17 7.75 -5.10
N CYS B 207 8.18 7.70 -4.18
CA CYS B 207 7.37 6.51 -3.96
C CYS B 207 6.07 6.58 -4.77
N ALA B 208 5.71 7.77 -5.31
CA ALA B 208 4.41 8.07 -5.91
C ALA B 208 4.14 7.81 -7.39
N ASN B 209 5.09 7.26 -8.14
CA ASN B 209 4.85 7.04 -9.57
C ASN B 209 3.77 6.02 -9.85
N GLU B 210 3.07 6.17 -10.99
CA GLU B 210 2.09 5.18 -11.43
C GLU B 210 2.84 4.00 -12.12
N GLY B 211 4.03 4.28 -12.64
CA GLY B 211 4.85 3.28 -13.29
C GLY B 211 6.27 3.79 -13.43
N PRO B 212 7.17 2.96 -13.97
CA PRO B 212 8.55 3.43 -14.14
C PRO B 212 8.61 4.51 -15.24
N GLY B 213 9.35 5.59 -14.97
CA GLY B 213 9.50 6.69 -15.92
C GLY B 213 8.46 7.80 -15.84
N PHE B 214 7.55 7.73 -14.85
CA PHE B 214 6.46 8.72 -14.71
C PHE B 214 6.81 9.93 -13.87
N ALA B 215 8.04 10.04 -13.32
CA ALA B 215 8.39 11.19 -12.46
C ALA B 215 8.09 12.55 -13.12
N MET B 216 8.51 12.72 -14.37
CA MET B 216 8.32 14.01 -15.09
C MET B 216 6.83 14.25 -15.45
N ARG B 217 5.98 13.26 -15.22
CA ARG B 217 4.56 13.37 -15.48
C ARG B 217 3.77 13.69 -14.19
N ASN B 218 4.37 13.49 -13.01
CA ASN B 218 3.69 13.74 -11.74
C ASN B 218 3.83 15.20 -11.31
N ILE B 219 3.37 16.09 -12.19
CA ILE B 219 3.43 17.53 -11.97
C ILE B 219 2.05 18.09 -12.31
N MET B 220 1.34 18.64 -11.31
CA MET B 220 0.01 19.19 -11.54
C MET B 220 -0.03 20.31 -12.58
N ALA B 221 -1.13 20.39 -13.34
CA ALA B 221 -1.32 21.46 -14.33
C ALA B 221 -1.25 22.83 -13.64
N ASN B 222 -1.75 22.95 -12.38
CA ASN B 222 -1.69 24.23 -11.66
C ASN B 222 -0.25 24.69 -11.47
N HIS B 223 0.68 23.75 -11.21
CA HIS B 223 2.09 24.10 -11.05
C HIS B 223 2.62 24.67 -12.35
N ILE B 224 2.29 24.02 -13.46
CA ILE B 224 2.75 24.45 -14.79
C ILE B 224 2.21 25.85 -15.13
N VAL B 225 0.92 26.08 -14.87
CA VAL B 225 0.30 27.36 -15.13
C VAL B 225 0.92 28.44 -14.22
N ALA B 226 1.11 28.13 -12.93
CA ALA B 226 1.70 29.09 -12.00
C ALA B 226 3.13 29.43 -12.43
N ALA B 227 3.95 28.42 -12.82
CA ALA B 227 5.32 28.69 -13.22
C ALA B 227 5.41 29.51 -14.51
N THR B 228 4.43 29.36 -15.44
CA THR B 228 4.47 30.13 -16.69
C THR B 228 3.63 31.42 -16.56
N ARG B 229 3.08 31.69 -15.36
CA ARG B 229 2.28 32.87 -15.07
C ARG B 229 1.13 33.04 -16.07
N LYS B 230 0.46 31.94 -16.35
CA LYS B 230 -0.72 31.87 -17.21
C LYS B 230 -0.55 32.26 -18.67
N ARG B 231 0.68 32.30 -19.21
CA ARG B 231 0.84 32.64 -20.62
C ARG B 231 0.52 31.35 -21.37
N THR B 232 -0.73 31.26 -21.84
CA THR B 232 -1.31 30.06 -22.47
C THR B 232 -0.34 29.10 -23.22
N LEU B 233 0.25 29.52 -24.35
CA LEU B 233 1.09 28.60 -25.12
C LEU B 233 2.40 28.25 -24.44
N GLU B 234 2.92 29.10 -23.53
CA GLU B 234 4.14 28.75 -22.81
C GLU B 234 3.76 27.61 -21.80
N ALA B 235 2.54 27.67 -21.22
CA ALA B 235 2.08 26.62 -20.33
C ALA B 235 1.91 25.34 -21.14
N VAL B 236 1.38 25.45 -22.37
CA VAL B 236 1.22 24.29 -23.25
C VAL B 236 2.61 23.73 -23.57
N ALA B 237 3.56 24.58 -23.92
CA ALA B 237 4.93 24.13 -24.24
C ALA B 237 5.59 23.44 -23.06
N LEU B 238 5.44 23.97 -21.81
CA LEU B 238 6.08 23.37 -20.64
C LEU B 238 5.44 22.03 -20.37
N SER B 239 4.10 21.97 -20.36
CA SER B 239 3.39 20.70 -20.12
C SER B 239 3.75 19.65 -21.19
N SER B 240 3.69 20.01 -22.46
CA SER B 240 3.99 19.10 -23.55
C SER B 240 5.44 18.62 -23.50
N THR B 241 6.36 19.51 -23.15
CA THR B 241 7.78 19.14 -23.07
C THR B 241 7.99 18.18 -21.91
N LEU B 242 7.36 18.42 -20.74
CA LEU B 242 7.50 17.51 -19.60
C LEU B 242 6.88 16.15 -19.96
N GLU B 243 5.75 16.15 -20.68
CA GLU B 243 5.14 14.90 -21.11
C GLU B 243 6.05 14.23 -22.14
N ALA B 244 6.77 15.01 -22.96
CA ALA B 244 7.68 14.42 -23.97
C ALA B 244 8.83 13.73 -23.26
N ILE B 245 9.41 14.37 -22.22
CA ILE B 245 10.50 13.74 -21.47
C ILE B 245 9.97 12.50 -20.79
N GLY B 246 8.78 12.61 -20.16
CA GLY B 246 8.18 11.49 -19.47
C GLY B 246 7.98 10.29 -20.39
N HIS B 247 7.50 10.54 -21.60
CA HIS B 247 7.26 9.42 -22.55
C HIS B 247 8.57 8.76 -22.98
N VAL B 248 9.67 9.51 -23.00
CA VAL B 248 10.98 8.92 -23.34
C VAL B 248 11.36 8.00 -22.17
N GLU B 249 11.22 8.50 -20.93
CA GLU B 249 11.55 7.72 -19.76
C GLU B 249 10.65 6.50 -19.57
N MET B 250 9.40 6.56 -20.07
CA MET B 250 8.48 5.43 -20.01
C MET B 250 8.86 4.35 -21.03
N GLY B 251 9.74 4.69 -21.98
CA GLY B 251 10.20 3.81 -23.05
C GLY B 251 9.33 3.88 -24.29
N ASP B 252 8.40 4.84 -24.36
CA ASP B 252 7.48 4.92 -25.49
C ASP B 252 7.93 5.76 -26.68
N ALA B 253 9.10 6.43 -26.61
CA ALA B 253 9.57 7.22 -27.76
C ALA B 253 10.61 6.35 -28.45
N ILE B 254 10.20 5.12 -28.83
CA ILE B 254 11.09 4.11 -29.37
C ILE B 254 10.59 3.44 -30.64
N GLY B 255 11.54 3.07 -31.50
CA GLY B 255 11.23 2.33 -32.69
C GLY B 255 10.12 2.88 -33.57
N ARG B 256 9.17 2.02 -33.97
CA ARG B 256 8.09 2.45 -34.87
C ARG B 256 7.13 3.45 -34.28
N TRP B 257 7.30 3.76 -33.00
CA TRP B 257 6.42 4.76 -32.31
C TRP B 257 7.18 6.07 -32.05
N ARG B 258 8.49 6.11 -32.32
CA ARG B 258 9.28 7.31 -32.02
C ARG B 258 8.81 8.57 -32.76
N ARG B 259 8.60 8.47 -34.09
CA ARG B 259 8.18 9.63 -34.89
C ARG B 259 6.82 10.11 -34.41
N TRP B 260 5.90 9.18 -34.19
CA TRP B 260 4.52 9.49 -33.71
C TRP B 260 4.60 10.31 -32.42
N GLN B 261 5.44 9.88 -31.49
CA GLN B 261 5.61 10.55 -30.18
C GLN B 261 6.29 11.91 -30.30
N ALA B 262 7.30 12.01 -31.18
CA ALA B 262 8.02 13.26 -31.37
C ALA B 262 7.13 14.33 -32.04
N LEU B 263 6.21 13.88 -32.90
CA LEU B 263 5.32 14.81 -33.59
C LEU B 263 4.26 15.34 -32.67
N VAL B 264 3.83 14.56 -31.67
CA VAL B 264 2.86 15.05 -30.69
C VAL B 264 3.49 16.26 -29.99
N HIS B 265 4.75 16.11 -29.58
CA HIS B 265 5.47 17.16 -28.87
C HIS B 265 5.67 18.39 -29.78
N ALA B 266 6.21 18.17 -30.97
CA ALA B 266 6.45 19.29 -31.91
C ALA B 266 5.17 20.05 -32.25
N CYS B 267 4.19 19.34 -32.81
CA CYS B 267 2.92 19.94 -33.33
C CYS B 267 2.03 20.53 -32.23
N GLN B 268 1.82 19.81 -31.11
CA GLN B 268 0.87 20.32 -30.10
C GLN B 268 1.58 21.22 -29.09
N GLY B 269 2.83 20.89 -28.76
CA GLY B 269 3.58 21.65 -27.77
C GLY B 269 4.46 22.79 -28.24
N LEU B 270 4.96 22.75 -29.49
CA LEU B 270 5.88 23.79 -29.96
C LEU B 270 5.37 24.59 -31.14
N ASN B 271 4.04 24.55 -31.38
CA ASN B 271 3.43 25.31 -32.46
C ASN B 271 4.21 25.10 -33.77
N ALA B 272 4.62 23.85 -34.07
CA ALA B 272 5.36 23.56 -35.29
C ALA B 272 4.53 23.98 -36.50
N ASN B 273 5.16 24.68 -37.46
CA ASN B 273 4.47 25.18 -38.65
C ASN B 273 3.30 26.10 -38.31
N ASN B 274 3.28 26.67 -37.09
CA ASN B 274 2.23 27.57 -36.64
C ASN B 274 0.83 26.95 -36.73
N VAL B 275 0.69 25.61 -36.72
CA VAL B 275 -0.64 25.01 -36.84
C VAL B 275 -1.56 25.44 -35.70
N VAL B 276 -1.11 25.32 -34.44
CA VAL B 276 -1.96 25.71 -33.30
C VAL B 276 -2.41 27.15 -33.44
N TYR B 277 -1.46 28.07 -33.64
CA TYR B 277 -1.80 29.48 -33.80
C TYR B 277 -2.76 29.72 -34.98
N ASP B 278 -2.47 29.15 -36.14
CA ASP B 278 -3.32 29.34 -37.31
C ASP B 278 -4.75 28.86 -37.07
N LEU B 279 -4.93 27.72 -36.40
CA LEU B 279 -6.25 27.19 -36.13
C LEU B 279 -7.02 28.08 -35.19
N VAL B 280 -6.36 28.57 -34.12
CA VAL B 280 -7.00 29.47 -33.16
C VAL B 280 -7.36 30.78 -33.87
N LYS B 281 -6.47 31.29 -34.72
CA LYS B 281 -6.74 32.53 -35.45
C LYS B 281 -7.97 32.40 -36.35
N GLU B 282 -8.07 31.30 -37.11
CA GLU B 282 -9.17 31.08 -38.02
C GLU B 282 -10.50 30.87 -37.32
N ALA B 283 -10.53 30.08 -36.25
CA ALA B 283 -11.77 29.72 -35.57
C ALA B 283 -12.02 30.41 -34.23
N GLY B 284 -11.18 31.35 -33.82
CA GLY B 284 -11.29 32.01 -32.52
C GLY B 284 -12.62 32.67 -32.19
N HIS B 285 -13.30 33.18 -33.21
CA HIS B 285 -14.59 33.84 -33.00
C HIS B 285 -15.75 32.84 -33.02
N GLY B 286 -15.44 31.55 -33.15
CA GLY B 286 -16.45 30.50 -33.24
C GLY B 286 -16.46 29.57 -32.05
N CYS B 287 -16.88 28.31 -32.33
CA CYS B 287 -17.04 27.23 -31.37
C CYS B 287 -16.01 26.12 -31.59
N THR B 288 -16.12 25.05 -30.77
CA THR B 288 -15.27 23.87 -30.91
C THR B 288 -15.36 23.35 -32.37
N GLY B 289 -16.58 23.30 -32.90
CA GLY B 289 -16.85 22.83 -34.26
C GLY B 289 -16.08 23.56 -35.33
N ASP B 290 -15.87 24.87 -35.14
CA ASP B 290 -15.12 25.66 -36.13
C ASP B 290 -13.65 25.22 -36.12
N VAL B 291 -13.16 24.79 -34.95
CA VAL B 291 -11.76 24.28 -34.88
C VAL B 291 -11.70 22.95 -35.63
N VAL B 292 -12.77 22.14 -35.50
CA VAL B 292 -12.82 20.85 -36.20
C VAL B 292 -12.73 21.13 -37.72
N ALA B 293 -13.53 22.08 -38.21
CA ALA B 293 -13.49 22.44 -39.63
C ALA B 293 -12.10 22.94 -40.03
N ALA B 294 -11.47 23.78 -39.20
CA ALA B 294 -10.16 24.31 -39.51
C ALA B 294 -9.09 23.22 -39.51
N THR B 295 -9.20 22.24 -38.58
CA THR B 295 -8.22 21.16 -38.47
C THR B 295 -8.27 20.26 -39.70
N VAL B 296 -9.49 19.84 -40.09
CA VAL B 296 -9.64 18.98 -41.26
C VAL B 296 -9.14 19.74 -42.52
N GLY B 297 -9.50 21.01 -42.63
CA GLY B 297 -9.09 21.81 -43.78
C GLY B 297 -7.58 21.94 -43.88
N ARG B 298 -6.90 22.18 -42.74
CA ARG B 298 -5.43 22.32 -42.71
C ARG B 298 -4.76 20.98 -43.06
N ALA B 299 -5.32 19.86 -42.53
CA ALA B 299 -4.76 18.54 -42.83
C ALA B 299 -4.87 18.28 -44.35
N LEU B 300 -5.99 18.68 -44.97
CA LEU B 300 -6.15 18.50 -46.43
C LEU B 300 -5.21 19.41 -47.20
N GLU B 301 -5.13 20.68 -46.80
CA GLU B 301 -4.26 21.67 -47.44
C GLU B 301 -2.80 21.19 -47.42
N ASP B 302 -2.37 20.59 -46.30
CA ASP B 302 -1.01 20.12 -46.18
C ASP B 302 -0.75 18.71 -46.78
N GLY B 303 -1.76 18.10 -47.39
CA GLY B 303 -1.61 16.77 -47.99
C GLY B 303 -1.50 15.64 -46.98
N ILE B 304 -1.87 15.91 -45.70
CA ILE B 304 -1.81 14.89 -44.66
C ILE B 304 -2.92 13.86 -44.82
N ILE B 305 -4.09 14.30 -45.29
CA ILE B 305 -5.21 13.41 -45.55
C ILE B 305 -5.75 13.69 -46.94
N SER B 306 -6.54 12.76 -47.50
CA SER B 306 -7.15 12.89 -48.82
C SER B 306 -8.46 12.12 -48.84
N VAL B 307 -9.37 12.43 -49.78
CA VAL B 307 -10.62 11.68 -49.88
C VAL B 307 -10.29 10.24 -50.30
N LYS B 308 -10.81 9.25 -49.57
CA LYS B 308 -10.58 7.84 -49.84
C LYS B 308 -11.71 7.27 -50.69
N LYS B 309 -12.94 7.53 -50.27
CA LYS B 309 -14.10 6.98 -50.94
C LYS B 309 -15.32 7.84 -50.67
N THR B 310 -16.21 7.98 -51.65
CA THR B 310 -17.43 8.75 -51.44
C THR B 310 -18.58 7.76 -51.37
N LEU B 311 -19.28 7.70 -50.24
CA LEU B 311 -20.41 6.79 -50.06
C LEU B 311 -21.62 7.28 -50.88
N PRO B 312 -22.61 6.43 -51.15
CA PRO B 312 -23.76 6.89 -51.95
C PRO B 312 -24.46 8.16 -51.48
N SER B 313 -24.51 8.42 -50.16
CA SER B 313 -25.16 9.61 -49.63
C SER B 313 -24.38 10.90 -49.95
N GLY B 314 -23.10 10.77 -50.29
CA GLY B 314 -22.23 11.91 -50.55
C GLY B 314 -21.19 12.06 -49.45
N TYR B 315 -21.34 11.29 -48.34
CA TYR B 315 -20.38 11.35 -47.24
C TYR B 315 -19.03 10.79 -47.68
N LYS B 316 -17.95 11.49 -47.38
CA LYS B 316 -16.62 11.06 -47.78
C LYS B 316 -15.79 10.51 -46.63
N PHE B 317 -15.16 9.35 -46.86
CA PHE B 317 -14.24 8.77 -45.89
C PHE B 317 -12.90 9.33 -46.27
N TYR B 318 -12.13 9.83 -45.32
CA TYR B 318 -10.81 10.35 -45.64
C TYR B 318 -9.78 9.30 -45.25
N THR B 319 -8.62 9.32 -45.91
CA THR B 319 -7.53 8.41 -45.59
C THR B 319 -6.36 9.23 -45.11
N ALA B 320 -5.55 8.65 -44.24
CA ALA B 320 -4.38 9.34 -43.75
C ALA B 320 -3.19 8.96 -44.64
N ASN B 321 -2.67 9.96 -45.37
CA ASN B 321 -1.49 9.73 -46.23
C ASN B 321 -0.26 9.65 -45.32
N ASP B 322 -0.36 10.25 -44.13
CA ASP B 322 0.71 10.25 -43.13
C ASP B 322 0.03 10.08 -41.77
N PRO B 323 -0.25 8.83 -41.37
CA PRO B 323 -0.96 8.58 -40.08
C PRO B 323 -0.42 9.24 -38.82
N SER B 324 0.92 9.23 -38.60
CA SER B 324 1.49 9.87 -37.41
C SER B 324 1.31 11.41 -37.48
N MET B 325 1.43 12.00 -38.68
CA MET B 325 1.23 13.45 -38.81
C MET B 325 -0.26 13.77 -38.65
N TRP B 326 -1.18 12.89 -39.12
CA TRP B 326 -2.61 13.14 -38.93
C TRP B 326 -2.91 13.17 -37.43
N ASN B 327 -2.36 12.22 -36.69
CA ASN B 327 -2.56 12.17 -35.25
C ASN B 327 -2.03 13.47 -34.63
N ALA B 328 -0.85 13.91 -35.05
CA ALA B 328 -0.26 15.12 -34.51
C ALA B 328 -1.11 16.36 -34.87
N TYR B 329 -1.74 16.39 -36.04
CA TYR B 329 -2.60 17.52 -36.44
C TYR B 329 -3.87 17.49 -35.57
N VAL B 330 -4.36 16.29 -35.21
CA VAL B 330 -5.53 16.21 -34.33
C VAL B 330 -5.13 16.72 -32.94
N CYS B 331 -3.90 16.44 -32.48
CA CYS B 331 -3.44 16.92 -31.17
C CYS B 331 -3.33 18.45 -31.17
N ALA B 332 -2.86 19.03 -32.27
CA ALA B 332 -2.75 20.49 -32.40
C ALA B 332 -4.16 21.09 -32.41
N GLY B 333 -5.07 20.49 -33.19
CA GLY B 333 -6.45 20.98 -33.25
C GLY B 333 -7.11 20.87 -31.89
N LEU B 334 -6.70 19.86 -31.11
CA LEU B 334 -7.27 19.62 -29.77
C LEU B 334 -6.95 20.79 -28.83
N VAL B 335 -5.68 21.24 -28.80
CA VAL B 335 -5.31 22.35 -27.91
C VAL B 335 -5.90 23.65 -28.46
N ALA B 336 -5.99 23.80 -29.80
CA ALA B 336 -6.63 24.96 -30.39
C ALA B 336 -8.11 24.99 -29.98
N ALA B 337 -8.78 23.83 -30.01
CA ALA B 337 -10.22 23.73 -29.67
C ALA B 337 -10.46 24.17 -28.21
N VAL B 338 -9.55 23.78 -27.30
CA VAL B 338 -9.68 24.13 -25.90
C VAL B 338 -9.45 25.64 -25.74
N ILE B 339 -8.49 26.19 -26.48
CA ILE B 339 -8.21 27.63 -26.41
C ILE B 339 -9.43 28.41 -26.89
N VAL B 340 -10.07 27.96 -27.98
CA VAL B 340 -11.26 28.63 -28.51
C VAL B 340 -12.46 28.46 -27.56
N ASN B 341 -12.78 27.23 -27.15
CA ASN B 341 -13.93 26.99 -26.31
C ASN B 341 -13.75 27.52 -24.87
N GLN B 342 -12.77 27.02 -24.12
CA GLN B 342 -12.55 27.52 -22.76
C GLN B 342 -12.07 28.96 -22.77
N GLY B 343 -11.44 29.41 -23.86
CA GLY B 343 -11.01 30.79 -24.01
C GLY B 343 -12.19 31.73 -24.13
N ALA B 344 -13.27 31.30 -24.83
CA ALA B 344 -14.44 32.16 -24.96
C ALA B 344 -15.09 32.35 -23.61
N ALA B 345 -15.20 31.28 -22.82
CA ALA B 345 -15.84 31.37 -21.50
C ALA B 345 -14.87 31.92 -20.44
N ARG B 346 -13.56 31.87 -20.71
CA ARG B 346 -12.52 32.25 -19.74
C ARG B 346 -12.74 31.46 -18.46
N ALA B 347 -13.18 30.17 -18.63
CA ALA B 347 -13.49 29.26 -17.55
C ALA B 347 -12.97 27.90 -17.98
N ALA B 348 -12.09 27.31 -17.17
CA ALA B 348 -11.46 26.03 -17.52
C ALA B 348 -12.31 24.79 -17.47
N GLN B 349 -13.38 24.76 -16.67
CA GLN B 349 -14.13 23.50 -16.49
C GLN B 349 -14.48 22.71 -17.75
N GLY B 350 -14.86 23.40 -18.82
CA GLY B 350 -15.26 22.70 -20.05
C GLY B 350 -14.16 22.00 -20.80
N VAL B 351 -12.90 22.13 -20.34
CA VAL B 351 -11.77 21.48 -21.02
C VAL B 351 -12.00 19.99 -21.22
N SER B 352 -12.58 19.32 -20.21
CA SER B 352 -12.81 17.86 -20.32
C SER B 352 -13.86 17.55 -21.41
N SER B 353 -14.83 18.44 -21.59
CA SER B 353 -15.85 18.26 -22.63
C SER B 353 -15.24 18.49 -24.01
N THR B 354 -14.36 19.50 -24.12
CA THR B 354 -13.72 19.77 -25.41
C THR B 354 -12.79 18.62 -25.78
N LEU B 355 -12.09 18.05 -24.78
CA LEU B 355 -11.18 16.93 -25.03
C LEU B 355 -11.97 15.76 -25.66
N LEU B 356 -13.13 15.48 -25.10
CA LEU B 356 -13.99 14.40 -25.62
C LEU B 356 -14.61 14.71 -26.98
N TYR B 357 -15.38 15.81 -27.08
CA TYR B 357 -16.14 16.09 -28.29
C TYR B 357 -15.34 16.67 -29.46
N PHE B 358 -14.15 17.26 -29.25
CA PHE B 358 -13.37 17.72 -30.42
C PHE B 358 -12.95 16.43 -31.19
N ASN B 359 -12.52 15.43 -30.45
CA ASN B 359 -12.10 14.13 -31.00
C ASN B 359 -13.31 13.38 -31.60
N ASP B 360 -14.43 13.32 -30.88
CA ASP B 360 -15.63 12.63 -31.37
C ASP B 360 -16.12 13.30 -32.68
N LEU B 361 -16.12 14.63 -32.72
CA LEU B 361 -16.56 15.35 -33.93
C LEU B 361 -15.59 15.05 -35.07
N ILE B 362 -14.29 15.02 -34.78
CA ILE B 362 -13.26 14.72 -35.80
C ILE B 362 -13.56 13.38 -36.47
N GLU B 363 -13.78 12.31 -35.69
CA GLU B 363 -14.07 10.99 -36.26
C GLU B 363 -15.34 11.01 -37.09
N HIS B 364 -16.43 11.59 -36.54
CA HIS B 364 -17.69 11.64 -37.28
C HIS B 364 -17.56 12.45 -38.59
N GLU B 365 -16.68 13.46 -38.59
CA GLU B 365 -16.43 14.34 -39.73
C GLU B 365 -15.57 13.70 -40.82
N THR B 366 -14.61 12.83 -40.45
CA THR B 366 -13.68 12.27 -41.44
C THR B 366 -13.65 10.77 -41.63
N GLY B 367 -14.06 10.01 -40.63
CA GLY B 367 -13.95 8.55 -40.71
C GLY B 367 -12.53 8.09 -40.43
N LEU B 368 -11.72 8.98 -39.78
CA LEU B 368 -10.34 8.70 -39.37
C LEU B 368 -10.28 8.64 -37.84
N PRO B 369 -9.32 7.92 -37.26
CA PRO B 369 -9.28 7.84 -35.79
C PRO B 369 -8.78 9.13 -35.16
N HIS B 370 -9.32 9.46 -33.97
CA HIS B 370 -8.91 10.66 -33.27
C HIS B 370 -7.55 10.45 -32.57
N ALA B 371 -7.09 11.46 -31.81
CA ALA B 371 -5.80 11.38 -31.11
C ALA B 371 -5.68 10.16 -30.19
N GLY B 372 -4.62 9.38 -30.38
CA GLY B 372 -4.38 8.23 -29.54
C GLY B 372 -5.29 7.05 -29.80
N TYR B 373 -5.96 7.01 -30.96
CA TYR B 373 -6.79 5.85 -31.32
C TYR B 373 -7.74 5.38 -30.23
N GLY B 374 -8.28 6.33 -29.47
CA GLY B 374 -9.19 6.00 -28.38
C GLY B 374 -8.89 6.71 -27.09
N ASP B 375 -7.61 7.05 -26.84
CA ASP B 375 -7.24 7.71 -25.58
C ASP B 375 -7.75 9.14 -25.48
N GLY B 376 -7.83 9.87 -26.58
CA GLY B 376 -8.35 11.25 -26.53
C GLY B 376 -9.79 11.29 -26.04
N MET B 377 -10.65 10.44 -26.60
CA MET B 377 -12.04 10.38 -26.15
C MET B 377 -12.13 9.71 -24.80
N GLY B 378 -11.29 8.69 -24.58
CA GLY B 378 -11.26 7.98 -23.32
C GLY B 378 -10.99 8.93 -22.17
N ASN B 379 -9.94 9.75 -22.30
CA ASN B 379 -9.62 10.71 -21.24
C ASN B 379 -10.61 11.84 -21.19
N GLY B 380 -11.24 12.19 -22.33
CA GLY B 380 -12.30 13.18 -22.31
C GLY B 380 -13.41 12.68 -21.41
N VAL B 381 -13.77 11.37 -21.52
CA VAL B 381 -14.77 10.72 -20.68
C VAL B 381 -14.33 10.67 -19.19
N SER B 382 -13.18 10.08 -18.89
CA SER B 382 -12.73 9.95 -17.49
C SER B 382 -12.55 11.29 -16.84
N PHE B 383 -11.86 12.20 -17.53
CA PHE B 383 -11.59 13.53 -17.02
C PHE B 383 -12.91 14.30 -16.82
N SER B 384 -13.88 14.22 -17.75
CA SER B 384 -15.15 14.89 -17.55
C SER B 384 -15.81 14.35 -16.27
N PHE B 385 -15.92 13.02 -16.19
CA PHE B 385 -16.55 12.34 -15.06
C PHE B 385 -15.93 12.74 -13.74
N PHE B 386 -14.61 12.60 -13.63
CA PHE B 386 -13.92 12.91 -12.38
C PHE B 386 -13.65 14.42 -12.12
N SER B 387 -14.30 15.30 -12.86
CA SER B 387 -14.23 16.75 -12.57
C SER B 387 -15.68 17.30 -12.38
N HIS B 388 -16.72 16.41 -12.34
CA HIS B 388 -18.11 16.83 -12.17
C HIS B 388 -18.91 15.79 -11.40
N ALA B 389 -18.27 14.93 -10.58
CA ALA B 389 -19.02 13.88 -9.88
C ALA B 389 -18.53 13.69 -8.44
N ILE B 390 -19.22 12.88 -7.64
CA ILE B 390 -18.87 12.71 -6.23
C ILE B 390 -17.74 11.76 -5.97
N TYR B 391 -17.33 10.99 -6.99
CA TYR B 391 -16.44 9.85 -6.84
C TYR B 391 -14.97 10.07 -6.55
N GLY B 392 -14.43 11.16 -7.04
CA GLY B 392 -13.03 11.49 -6.86
C GLY B 392 -12.66 12.62 -7.80
N GLY B 393 -11.38 12.78 -8.05
CA GLY B 393 -10.94 13.81 -8.97
C GLY B 393 -10.83 15.18 -8.32
N GLY B 394 -11.21 16.20 -9.05
CA GLY B 394 -11.16 17.57 -8.56
C GLY B 394 -11.29 18.54 -9.70
N SER B 395 -10.86 19.80 -9.49
CA SER B 395 -10.95 20.78 -10.57
C SER B 395 -9.85 20.48 -11.59
N PRO B 396 -9.95 20.98 -12.84
CA PRO B 396 -8.92 20.64 -13.84
C PRO B 396 -7.46 20.79 -13.43
N GLY B 397 -7.14 21.85 -12.72
CA GLY B 397 -5.76 22.12 -12.33
C GLY B 397 -5.04 21.12 -11.44
N ILE B 398 -5.76 20.21 -10.78
CA ILE B 398 -5.10 19.23 -9.90
C ILE B 398 -4.69 17.95 -10.64
N PHE B 399 -5.01 17.82 -11.94
CA PHE B 399 -4.63 16.65 -12.69
C PHE B 399 -3.21 16.79 -13.26
N SER B 400 -2.64 15.67 -13.65
CA SER B 400 -1.29 15.55 -14.19
C SER B 400 -1.15 14.29 -15.01
N GLY B 401 -0.04 14.14 -15.69
CA GLY B 401 0.24 12.94 -16.46
C GLY B 401 0.35 11.70 -15.57
N ASN B 402 0.55 11.87 -14.25
CA ASN B 402 0.63 10.73 -13.33
C ASN B 402 -0.70 10.45 -12.62
N HIS B 403 -1.72 11.31 -12.78
CA HIS B 403 -2.99 11.08 -12.10
C HIS B 403 -3.68 9.90 -12.79
N ILE B 404 -4.21 8.95 -12.00
CA ILE B 404 -4.89 7.78 -12.58
C ILE B 404 -6.00 8.18 -13.58
N VAL B 405 -6.67 9.33 -13.35
CA VAL B 405 -7.75 9.74 -14.23
C VAL B 405 -7.27 10.19 -15.61
N THR B 406 -6.12 10.89 -15.68
CA THR B 406 -5.62 11.48 -16.93
C THR B 406 -4.29 10.96 -17.47
N ARG B 407 -3.72 9.91 -16.90
CA ARG B 407 -2.42 9.39 -17.36
C ARG B 407 -2.39 8.72 -18.74
N HIS B 408 -3.53 8.16 -19.16
CA HIS B 408 -3.59 7.31 -20.36
C HIS B 408 -3.10 7.90 -21.66
N SER B 409 -3.60 9.08 -22.07
CA SER B 409 -3.18 9.69 -23.35
C SER B 409 -1.69 9.78 -23.44
N LYS B 410 -1.11 9.47 -24.61
CA LYS B 410 0.35 9.50 -24.74
C LYS B 410 0.90 10.91 -25.02
N GLY B 411 0.81 11.76 -24.01
CA GLY B 411 1.36 13.11 -24.00
C GLY B 411 0.56 14.28 -24.56
N PHE B 412 -0.63 14.05 -25.07
CA PHE B 412 -1.41 15.15 -25.67
C PHE B 412 -2.62 15.63 -24.85
N ALA B 413 -2.79 15.16 -23.60
CA ALA B 413 -3.95 15.57 -22.80
C ALA B 413 -3.62 16.63 -21.77
N ILE B 414 -2.54 16.45 -20.99
CA ILE B 414 -2.23 17.43 -19.95
C ILE B 414 -1.99 18.83 -20.54
N PRO B 415 -1.34 18.98 -21.72
CA PRO B 415 -1.13 20.33 -22.25
C PRO B 415 -2.41 21.11 -22.50
N VAL B 416 -3.52 20.40 -22.77
CA VAL B 416 -4.79 21.14 -23.01
C VAL B 416 -5.36 21.62 -21.66
N ILE B 417 -5.06 20.89 -20.59
CA ILE B 417 -5.52 21.30 -19.27
C ILE B 417 -4.75 22.58 -18.89
N ALA B 418 -3.42 22.61 -19.19
CA ALA B 418 -2.61 23.78 -18.88
C ALA B 418 -3.14 25.00 -19.65
N ALA B 419 -3.54 24.81 -20.92
CA ALA B 419 -4.09 25.90 -21.71
C ALA B 419 -5.38 26.44 -21.07
N ALA B 420 -6.32 25.55 -20.71
CA ALA B 420 -7.60 25.94 -20.14
C ALA B 420 -7.44 26.63 -18.80
N VAL B 421 -6.62 26.06 -17.92
CA VAL B 421 -6.42 26.65 -16.59
C VAL B 421 -5.73 28.02 -16.74
N SER B 422 -4.87 28.19 -17.76
CA SER B 422 -4.20 29.47 -17.99
C SER B 422 -5.21 30.57 -18.37
N LEU B 423 -6.27 30.18 -19.10
CA LEU B 423 -7.31 31.10 -19.56
C LEU B 423 -8.41 31.33 -18.54
N ASP B 424 -8.42 30.57 -17.45
CA ASP B 424 -9.46 30.72 -16.42
C ASP B 424 -9.40 32.09 -15.70
N SER B 425 -10.56 32.72 -15.50
CA SER B 425 -10.68 34.03 -14.88
C SER B 425 -10.77 34.03 -13.35
N GLY B 426 -10.59 32.87 -12.72
CA GLY B 426 -10.66 32.71 -11.27
C GLY B 426 -11.97 32.08 -10.88
N THR B 427 -12.41 31.04 -11.63
CA THR B 427 -13.69 30.37 -11.38
C THR B 427 -13.58 29.17 -10.45
N ALA B 428 -12.35 28.77 -10.06
CA ALA B 428 -12.16 27.61 -9.20
C ALA B 428 -11.64 28.02 -7.83
N VAL B 429 -11.77 27.11 -6.87
CA VAL B 429 -11.27 27.35 -5.48
C VAL B 429 -9.88 26.72 -5.37
N TYR B 430 -9.65 25.62 -6.11
CA TYR B 430 -8.36 24.94 -6.12
C TYR B 430 -7.64 25.31 -7.41
N GLY B 431 -7.41 26.61 -7.55
CA GLY B 431 -6.72 27.18 -8.70
C GLY B 431 -5.24 27.31 -8.43
N PRO B 432 -4.49 27.81 -9.41
CA PRO B 432 -3.03 27.92 -9.23
C PRO B 432 -2.58 28.69 -7.98
N GLU B 433 -3.25 29.78 -7.62
CA GLU B 433 -2.85 30.53 -6.42
C GLU B 433 -3.03 29.68 -5.17
N ALA B 434 -4.12 28.92 -5.10
CA ALA B 434 -4.39 28.07 -3.94
C ALA B 434 -3.43 26.89 -3.78
N THR B 435 -3.08 26.18 -4.86
CA THR B 435 -2.22 25.00 -4.74
C THR B 435 -0.77 25.18 -5.12
N SER B 436 -0.43 26.25 -5.85
CA SER B 436 0.92 26.42 -6.38
C SER B 436 1.50 27.84 -6.24
N GLY B 437 1.15 28.54 -5.17
CA GLY B 437 1.65 29.90 -4.96
C GLY B 437 3.16 30.00 -4.88
N LEU B 438 3.76 29.19 -4.01
CA LEU B 438 5.21 29.18 -3.82
C LEU B 438 5.89 28.71 -5.09
N VAL B 439 5.32 27.70 -5.75
CA VAL B 439 5.89 27.18 -6.99
C VAL B 439 6.02 28.28 -8.04
N GLY B 440 4.94 29.01 -8.26
CA GLY B 440 4.95 30.07 -9.25
C GLY B 440 5.84 31.25 -8.89
N ASP B 441 5.85 31.65 -7.61
CA ASP B 441 6.66 32.78 -7.20
C ASP B 441 8.14 32.49 -7.26
N ILE B 442 8.54 31.26 -6.89
CA ILE B 442 9.93 30.88 -6.82
C ILE B 442 10.43 30.22 -8.12
N PHE B 443 9.93 29.03 -8.46
CA PHE B 443 10.39 28.34 -9.66
C PHE B 443 10.03 29.08 -10.95
N GLY B 444 8.98 29.91 -10.90
CA GLY B 444 8.58 30.70 -12.05
C GLY B 444 9.62 31.75 -12.41
N GLU B 445 10.59 32.03 -11.50
CA GLU B 445 11.66 33.00 -11.79
C GLU B 445 12.72 32.37 -12.71
N VAL B 446 12.75 31.03 -12.80
CA VAL B 446 13.69 30.34 -13.68
C VAL B 446 13.20 30.56 -15.11
N ASP B 447 13.94 31.34 -15.90
CA ASP B 447 13.56 31.67 -17.29
C ASP B 447 13.20 30.46 -18.14
N LEU B 448 13.97 29.37 -18.03
CA LEU B 448 13.72 28.19 -18.84
C LEU B 448 12.37 27.53 -18.51
N ILE B 449 11.95 27.54 -17.23
CA ILE B 449 10.67 26.97 -16.82
C ILE B 449 9.53 27.90 -17.23
N ARG B 450 9.71 29.20 -17.03
CA ARG B 450 8.67 30.17 -17.35
C ARG B 450 8.47 30.41 -18.84
N ARG B 451 9.56 30.37 -19.66
N ARG B 451 9.55 30.38 -19.66
CA ARG B 451 9.46 30.61 -21.10
CA ARG B 451 9.46 30.62 -21.10
C ARG B 451 10.27 29.58 -21.90
C ARG B 451 10.27 29.58 -21.90
N PRO B 452 9.84 28.31 -21.93
CA PRO B 452 10.60 27.29 -22.67
C PRO B 452 10.56 27.35 -24.20
N MET B 453 9.50 27.88 -24.82
CA MET B 453 9.39 27.89 -26.28
C MET B 453 10.62 28.46 -26.99
N GLU B 454 11.01 29.69 -26.67
CA GLU B 454 12.16 30.31 -27.32
C GLU B 454 13.44 29.55 -27.00
N ALA B 455 13.59 29.09 -25.76
CA ALA B 455 14.80 28.35 -25.38
C ALA B 455 14.93 27.05 -26.19
N ILE B 456 13.80 26.34 -26.42
CA ILE B 456 13.86 25.08 -27.18
C ILE B 456 14.20 25.35 -28.64
N ALA B 457 13.59 26.38 -29.21
CA ALA B 457 13.83 26.74 -30.61
C ALA B 457 15.28 27.16 -30.82
N SER B 458 15.84 27.99 -29.93
CA SER B 458 17.24 28.41 -30.08
C SER B 458 18.18 27.23 -29.96
N ALA B 459 17.91 26.31 -29.03
CA ALA B 459 18.76 25.14 -28.84
C ALA B 459 18.63 24.19 -30.04
N ALA B 460 17.43 24.07 -30.62
CA ALA B 460 17.22 23.23 -31.80
C ALA B 460 18.01 23.80 -32.99
N ALA B 461 18.07 25.15 -33.13
CA ALA B 461 18.82 25.77 -34.23
C ALA B 461 20.33 25.55 -34.08
N GLU B 462 20.82 25.49 -32.84
CA GLU B 462 22.25 25.26 -32.57
C GLU B 462 22.71 23.90 -33.10
N ILE B 463 21.85 22.88 -33.03
CA ILE B 463 22.22 21.52 -33.47
C ILE B 463 21.50 21.07 -34.75
N LYS B 464 20.81 21.98 -35.46
CA LYS B 464 20.08 21.60 -36.66
C LYS B 464 20.93 20.97 -37.76
N ASP B 465 22.23 21.32 -37.86
CA ASP B 465 23.09 20.75 -38.91
C ASP B 465 23.63 19.35 -38.57
N LYS B 466 23.45 18.89 -37.31
CA LYS B 466 23.92 17.56 -36.89
C LYS B 466 23.10 16.43 -37.53
N PHE B 467 21.88 16.72 -37.97
CA PHE B 467 21.00 15.68 -38.51
C PHE B 467 20.68 15.85 -39.99
N VAL C 2 -12.29 28.13 -46.46
CA VAL C 2 -12.67 27.32 -45.31
C VAL C 2 -13.30 26.01 -45.80
N TYR C 3 -12.82 24.89 -45.26
CA TYR C 3 -13.32 23.53 -45.54
C TYR C 3 -14.79 23.48 -45.09
N GLN C 4 -15.67 22.84 -45.86
CA GLN C 4 -17.10 22.72 -45.52
C GLN C 4 -17.41 21.38 -44.87
N ARG C 5 -17.78 21.41 -43.57
CA ARG C 5 -18.08 20.19 -42.83
C ARG C 5 -19.23 19.38 -43.38
N GLN C 6 -19.14 18.04 -43.21
CA GLN C 6 -20.19 17.09 -43.61
C GLN C 6 -20.86 16.51 -42.34
N PHE C 7 -20.23 16.71 -41.14
CA PHE C 7 -20.72 16.34 -39.82
C PHE C 7 -20.81 14.85 -39.48
N LEU C 8 -21.53 14.08 -40.29
CA LEU C 8 -21.70 12.65 -40.05
C LEU C 8 -22.42 12.00 -41.24
N PRO C 9 -22.29 10.68 -41.42
CA PRO C 9 -22.98 10.03 -42.56
C PRO C 9 -24.48 10.16 -42.42
N ALA C 10 -25.16 10.64 -43.45
CA ALA C 10 -26.60 10.82 -43.39
C ALA C 10 -27.23 10.19 -44.62
N ASP C 11 -27.44 8.88 -44.57
CA ASP C 11 -28.00 8.10 -45.69
C ASP C 11 -29.50 7.81 -45.54
N ASP C 12 -30.13 8.23 -44.43
CA ASP C 12 -31.55 7.94 -44.25
C ASP C 12 -32.20 9.05 -43.41
N ARG C 13 -33.53 8.96 -43.21
CA ARG C 13 -34.28 9.97 -42.45
C ARG C 13 -33.69 10.22 -41.05
N VAL C 14 -33.29 9.16 -40.34
CA VAL C 14 -32.76 9.31 -38.98
C VAL C 14 -31.44 10.08 -38.95
N THR C 15 -30.46 9.66 -39.77
CA THR C 15 -29.16 10.32 -39.77
C THR C 15 -29.26 11.71 -40.41
N LYS C 16 -30.21 11.93 -41.34
CA LYS C 16 -30.39 13.27 -41.91
C LYS C 16 -30.94 14.20 -40.81
N ASN C 17 -31.82 13.67 -39.91
CA ASN C 17 -32.32 14.47 -38.80
C ASN C 17 -31.14 14.81 -37.88
N ARG C 18 -30.22 13.84 -37.66
CA ARG C 18 -29.04 14.09 -36.83
C ARG C 18 -28.22 15.23 -37.42
N LYS C 19 -27.96 15.19 -38.74
CA LYS C 19 -27.17 16.23 -39.42
C LYS C 19 -27.80 17.62 -39.28
N LYS C 20 -29.14 17.73 -39.41
CA LYS C 20 -29.84 19.00 -39.28
C LYS C 20 -29.59 19.58 -37.89
N VAL C 21 -29.75 18.76 -36.85
CA VAL C 21 -29.57 19.22 -35.48
C VAL C 21 -28.16 19.77 -35.24
N VAL C 22 -27.12 19.04 -35.67
CA VAL C 22 -25.75 19.44 -35.42
C VAL C 22 -25.16 20.51 -36.38
N ASP C 23 -25.72 20.68 -37.59
CA ASP C 23 -25.19 21.66 -38.54
C ASP C 23 -25.60 23.07 -38.10
N PRO C 24 -24.63 23.94 -37.73
CA PRO C 24 -25.01 25.28 -37.24
C PRO C 24 -25.60 26.20 -38.30
N SER C 25 -25.36 25.91 -39.58
CA SER C 25 -25.93 26.72 -40.65
C SER C 25 -27.40 26.37 -40.91
N VAL C 26 -27.98 25.42 -40.14
CA VAL C 26 -29.37 25.04 -40.31
C VAL C 26 -30.16 25.65 -39.17
N LYS C 27 -31.18 26.45 -39.50
CA LYS C 27 -31.98 27.12 -38.49
C LYS C 27 -32.95 26.14 -37.83
N LEU C 28 -32.94 26.07 -36.50
CA LEU C 28 -33.89 25.22 -35.78
C LEU C 28 -35.17 26.05 -35.64
N GLU C 29 -36.27 25.56 -36.23
CA GLU C 29 -37.56 26.29 -36.25
C GLU C 29 -38.13 26.50 -34.84
N LYS C 30 -38.58 27.74 -34.55
CA LYS C 30 -39.17 28.03 -33.25
C LYS C 30 -40.60 27.47 -33.25
N ILE C 31 -40.96 26.67 -32.25
CA ILE C 31 -42.30 26.07 -32.17
C ILE C 31 -43.12 26.52 -30.96
N ARG C 32 -42.57 27.39 -30.12
CA ARG C 32 -43.30 27.91 -28.97
C ARG C 32 -42.67 29.20 -28.51
N THR C 33 -43.45 30.01 -27.79
CA THR C 33 -43.00 31.28 -27.26
C THR C 33 -43.06 31.18 -25.73
N LEU C 34 -42.02 31.67 -25.05
CA LEU C 34 -42.00 31.69 -23.59
C LEU C 34 -41.74 33.12 -23.15
N SER C 35 -42.49 33.61 -22.15
CA SER C 35 -42.27 34.96 -21.66
C SER C 35 -40.93 34.96 -20.93
N ASP C 36 -40.28 36.12 -20.80
CA ASP C 36 -39.00 36.19 -20.09
C ASP C 36 -39.15 35.70 -18.66
N LYS C 37 -40.27 36.04 -18.00
CA LYS C 37 -40.49 35.60 -16.62
C LYS C 37 -40.62 34.08 -16.54
N ASP C 38 -41.44 33.45 -17.43
CA ASP C 38 -41.63 32.00 -17.41
C ASP C 38 -40.31 31.28 -17.79
N PHE C 39 -39.60 31.81 -18.78
CA PHE C 39 -38.34 31.23 -19.23
C PHE C 39 -37.34 31.19 -18.08
N LEU C 40 -37.14 32.33 -17.39
CA LEU C 40 -36.18 32.37 -16.27
C LEU C 40 -36.67 31.54 -15.08
N THR C 41 -37.99 31.48 -14.85
CA THR C 41 -38.54 30.69 -13.75
C THR C 41 -38.27 29.21 -13.99
N LEU C 42 -38.40 28.76 -15.24
CA LEU C 42 -38.17 27.36 -15.58
C LEU C 42 -36.69 26.99 -15.33
N ILE C 43 -35.75 27.85 -15.72
CA ILE C 43 -34.32 27.58 -15.50
C ILE C 43 -34.08 27.48 -13.99
N GLY C 44 -34.63 28.43 -13.24
CA GLY C 44 -34.55 28.42 -11.79
C GLY C 44 -33.30 28.94 -11.15
N HIS C 45 -32.42 29.61 -11.91
CA HIS C 45 -31.18 30.15 -11.36
C HIS C 45 -31.33 31.61 -10.93
N ARG C 46 -32.12 32.38 -11.68
CA ARG C 46 -32.33 33.81 -11.46
C ARG C 46 -33.73 34.18 -11.93
N HIS C 47 -34.36 35.17 -11.30
CA HIS C 47 -35.70 35.60 -11.70
C HIS C 47 -35.60 36.91 -12.46
N LEU C 48 -36.64 37.22 -13.25
CA LEU C 48 -36.69 38.45 -14.03
C LEU C 48 -36.39 39.71 -13.21
N GLY C 49 -35.47 40.53 -13.70
CA GLY C 49 -35.10 41.77 -13.03
C GLY C 49 -34.05 41.62 -11.94
N GLU C 50 -33.71 40.37 -11.55
CA GLU C 50 -32.70 40.15 -10.52
C GLU C 50 -31.32 40.30 -11.13
N ALA C 51 -30.40 40.94 -10.42
CA ALA C 51 -29.04 41.16 -10.89
C ALA C 51 -28.26 39.85 -11.03
N TYR C 52 -27.41 39.74 -12.07
CA TYR C 52 -26.60 38.54 -12.26
C TYR C 52 -25.56 38.45 -11.16
N ARG C 53 -25.35 37.25 -10.59
CA ARG C 53 -24.33 37.03 -9.57
C ARG C 53 -23.02 36.82 -10.32
N SER C 54 -21.89 37.05 -9.65
CA SER C 54 -20.60 36.89 -10.29
C SER C 54 -19.72 35.96 -9.49
N VAL C 55 -18.85 35.22 -10.17
CA VAL C 55 -17.91 34.31 -9.51
C VAL C 55 -16.53 34.99 -9.42
N ASN C 56 -16.24 35.95 -10.32
CA ASN C 56 -14.98 36.68 -10.29
C ASN C 56 -15.24 38.10 -10.78
N PRO C 57 -14.34 39.08 -10.52
CA PRO C 57 -14.61 40.45 -11.01
C PRO C 57 -14.71 40.53 -12.55
N PRO C 58 -15.19 41.66 -13.12
CA PRO C 58 -15.25 41.77 -14.58
C PRO C 58 -13.89 41.49 -15.19
N LEU C 59 -13.86 40.81 -16.34
CA LEU C 59 -12.62 40.44 -17.02
C LEU C 59 -11.60 41.59 -17.15
N ALA C 60 -12.08 42.80 -17.44
CA ALA C 60 -11.21 43.97 -17.59
C ALA C 60 -10.47 44.36 -16.31
N GLU C 61 -10.92 43.89 -15.13
CA GLU C 61 -10.30 44.23 -13.86
C GLU C 61 -9.37 43.15 -13.28
N ILE C 62 -9.40 41.92 -13.83
CA ILE C 62 -8.58 40.84 -13.29
C ILE C 62 -7.11 40.83 -13.75
N GLY C 63 -6.69 41.80 -14.53
CA GLY C 63 -5.31 41.87 -14.99
C GLY C 63 -4.84 40.68 -15.80
N GLU C 64 -5.51 40.39 -16.93
CA GLU C 64 -5.09 39.26 -17.78
C GLU C 64 -3.66 39.51 -18.25
N PRO C 65 -2.83 38.46 -18.31
CA PRO C 65 -1.44 38.67 -18.72
C PRO C 65 -1.27 38.92 -20.19
N GLU C 66 -0.08 39.40 -20.60
CA GLU C 66 0.25 39.59 -22.03
C GLU C 66 0.23 38.17 -22.61
N ASP C 67 -0.60 37.92 -23.60
CA ASP C 67 -0.78 36.59 -24.15
C ASP C 67 -1.38 36.74 -25.54
N PRO C 68 -0.55 36.71 -26.60
CA PRO C 68 -1.09 36.91 -27.95
C PRO C 68 -2.20 35.96 -28.40
N ILE C 69 -2.18 34.69 -27.97
CA ILE C 69 -3.19 33.72 -28.40
C ILE C 69 -4.55 34.08 -27.84
N ARG C 70 -4.57 34.51 -26.57
CA ARG C 70 -5.78 34.91 -25.84
C ARG C 70 -6.48 36.05 -26.60
N GLU C 71 -5.70 36.96 -27.23
CA GLU C 71 -6.25 38.09 -28.01
C GLU C 71 -7.01 37.62 -29.25
N LEU C 72 -6.80 36.37 -29.68
CA LEU C 72 -7.48 35.84 -30.86
C LEU C 72 -8.86 35.25 -30.53
N VAL C 73 -9.22 35.16 -29.24
CA VAL C 73 -10.48 34.55 -28.82
C VAL C 73 -11.30 35.56 -28.03
N PRO C 74 -12.28 36.21 -28.68
CA PRO C 74 -13.10 37.18 -27.95
C PRO C 74 -13.88 36.52 -26.83
N PRO C 75 -13.88 37.10 -25.63
CA PRO C 75 -14.66 36.49 -24.55
C PRO C 75 -16.16 36.70 -24.77
N THR C 76 -16.98 35.80 -24.25
CA THR C 76 -18.43 35.96 -24.37
C THR C 76 -18.85 37.12 -23.45
N GLU C 77 -20.10 37.58 -23.56
CA GLU C 77 -20.58 38.65 -22.70
C GLU C 77 -20.60 38.20 -21.24
N GLY C 78 -20.87 36.92 -20.99
CA GLY C 78 -20.89 36.39 -19.63
C GLY C 78 -19.50 36.38 -19.04
N ALA C 79 -18.50 36.06 -19.87
CA ALA C 79 -17.11 36.02 -19.43
C ALA C 79 -16.63 37.43 -19.14
N LYS C 80 -16.98 38.39 -20.00
CA LYS C 80 -16.59 39.80 -19.80
C LYS C 80 -17.15 40.32 -18.48
N ALA C 81 -18.38 39.90 -18.12
CA ALA C 81 -18.99 40.37 -16.87
C ALA C 81 -18.54 39.58 -15.65
N GLY C 82 -18.06 38.34 -15.86
CA GLY C 82 -17.60 37.46 -14.78
C GLY C 82 -18.72 36.71 -14.10
N ASP C 83 -19.76 36.38 -14.87
CA ASP C 83 -20.95 35.67 -14.35
C ASP C 83 -20.60 34.30 -13.77
N ARG C 84 -21.45 33.80 -12.87
CA ARG C 84 -21.29 32.43 -12.33
C ARG C 84 -21.54 31.45 -13.48
N VAL C 85 -20.85 30.30 -13.45
CA VAL C 85 -21.07 29.31 -14.49
C VAL C 85 -22.22 28.47 -13.92
N CYS C 86 -23.35 28.44 -14.65
CA CYS C 86 -24.54 27.71 -14.22
C CYS C 86 -24.80 26.54 -15.11
N THR C 87 -25.50 25.53 -14.57
CA THR C 87 -25.79 24.28 -15.30
C THR C 87 -27.29 24.14 -15.60
N ILE C 88 -27.63 23.70 -16.82
CA ILE C 88 -29.02 23.39 -17.18
C ILE C 88 -28.96 21.94 -17.62
N ILE C 89 -29.94 21.13 -17.25
CA ILE C 89 -29.94 19.72 -17.59
C ILE C 89 -31.22 19.33 -18.29
N MET C 90 -31.10 18.56 -19.36
CA MET C 90 -32.26 18.08 -20.08
C MET C 90 -32.13 16.57 -20.28
N THR C 91 -33.28 15.91 -20.44
CA THR C 91 -33.34 14.46 -20.60
C THR C 91 -34.24 14.17 -21.80
N ASP C 92 -33.78 13.29 -22.69
CA ASP C 92 -34.56 12.91 -23.86
C ASP C 92 -34.96 11.47 -23.71
N SER C 93 -36.25 11.21 -23.89
CA SER C 93 -36.79 9.86 -23.79
C SER C 93 -36.16 8.99 -24.86
N VAL C 94 -36.11 7.67 -24.63
CA VAL C 94 -35.63 6.75 -25.65
C VAL C 94 -36.72 6.64 -26.75
N TYR C 95 -37.97 7.03 -26.43
CA TYR C 95 -39.08 6.92 -27.38
C TYR C 95 -39.22 8.09 -28.35
N ASN C 96 -38.53 7.95 -29.50
CA ASN C 96 -38.62 8.88 -30.63
C ASN C 96 -38.44 10.38 -30.34
N PRO C 97 -37.39 10.80 -29.63
CA PRO C 97 -37.21 12.24 -29.39
C PRO C 97 -36.61 12.93 -30.61
N PRO C 98 -36.88 14.24 -30.78
CA PRO C 98 -36.31 14.98 -31.92
C PRO C 98 -34.82 15.29 -31.73
N ILE C 99 -34.28 15.01 -30.53
CA ILE C 99 -32.86 15.16 -30.23
C ILE C 99 -32.53 14.15 -29.16
N ALA C 100 -31.32 13.56 -29.21
CA ALA C 100 -30.94 12.58 -28.22
C ALA C 100 -29.64 13.05 -27.55
N HIS C 101 -29.06 12.25 -26.67
CA HIS C 101 -27.92 12.74 -25.83
C HIS C 101 -26.65 13.10 -26.60
N TYR C 102 -26.06 12.19 -27.38
CA TYR C 102 -24.82 12.57 -28.06
C TYR C 102 -25.03 13.67 -29.09
N THR C 103 -26.21 13.72 -29.72
CA THR C 103 -26.50 14.79 -30.67
C THR C 103 -26.49 16.14 -29.93
N ARG C 104 -26.87 16.17 -28.62
CA ARG C 104 -26.83 17.40 -27.84
C ARG C 104 -25.38 17.86 -27.73
N ALA C 105 -24.46 16.95 -27.35
CA ALA C 105 -23.04 17.33 -27.25
C ALA C 105 -22.52 17.85 -28.61
N TRP C 106 -22.84 17.16 -29.69
CA TRP C 106 -22.34 17.57 -31.00
C TRP C 106 -22.95 18.92 -31.38
N MET C 107 -24.24 19.12 -31.12
CA MET C 107 -24.89 20.37 -31.43
C MET C 107 -24.34 21.51 -30.57
N TYR C 108 -24.23 21.31 -29.25
CA TYR C 108 -23.72 22.35 -28.36
C TYR C 108 -22.34 22.81 -28.82
N HIS C 109 -21.43 21.88 -29.06
CA HIS C 109 -20.07 22.19 -29.48
C HIS C 109 -20.00 22.86 -30.87
N ASN C 110 -21.06 22.73 -31.68
CA ASN C 110 -21.11 23.34 -33.01
C ASN C 110 -21.90 24.67 -33.06
N ARG C 111 -22.84 24.90 -32.13
CA ARG C 111 -23.70 26.08 -32.15
C ARG C 111 -23.44 27.11 -31.06
N PHE C 112 -22.91 26.69 -29.89
CA PHE C 112 -22.69 27.61 -28.77
C PHE C 112 -21.23 27.82 -28.40
N ARG C 113 -20.84 29.07 -28.05
CA ARG C 113 -19.47 29.37 -27.65
C ARG C 113 -19.31 29.25 -26.14
N GLY C 114 -18.11 28.89 -25.71
CA GLY C 114 -17.72 28.79 -24.30
C GLY C 114 -18.54 27.85 -23.44
N ILE C 115 -18.56 26.57 -23.80
CA ILE C 115 -19.36 25.59 -23.07
C ILE C 115 -18.56 24.51 -22.35
N ASP C 116 -19.25 23.90 -21.42
CA ASP C 116 -18.85 22.71 -20.67
C ASP C 116 -20.13 21.86 -20.83
N ASN C 117 -19.98 20.55 -21.05
CA ASN C 117 -21.19 19.72 -21.33
C ASN C 117 -20.86 18.25 -21.06
N GLY C 118 -21.77 17.55 -20.40
CA GLY C 118 -21.56 16.15 -20.15
C GLY C 118 -22.71 15.33 -20.67
N VAL C 119 -22.39 14.18 -21.27
CA VAL C 119 -23.44 13.26 -21.78
C VAL C 119 -23.49 12.04 -20.87
N TYR C 120 -24.70 11.71 -20.43
CA TYR C 120 -25.00 10.55 -19.61
C TYR C 120 -26.16 9.86 -20.30
N SER C 121 -26.47 8.62 -19.91
CA SER C 121 -27.60 7.96 -20.53
C SER C 121 -28.92 8.64 -20.15
N GLY C 122 -29.04 9.08 -18.90
CA GLY C 122 -30.28 9.68 -18.39
C GLY C 122 -30.42 11.21 -18.42
N ARG C 123 -29.35 11.92 -18.78
CA ARG C 123 -29.41 13.38 -18.81
C ARG C 123 -28.23 13.93 -19.55
N VAL C 124 -28.29 15.23 -19.90
CA VAL C 124 -27.20 15.92 -20.56
C VAL C 124 -27.07 17.28 -19.90
N THR C 125 -25.86 17.63 -19.44
CA THR C 125 -25.64 18.92 -18.79
C THR C 125 -25.04 19.90 -19.78
N LEU C 126 -25.30 21.20 -19.57
CA LEU C 126 -24.73 22.29 -20.33
C LEU C 126 -24.40 23.31 -19.27
N GLU C 127 -23.14 23.73 -19.16
CA GLU C 127 -22.73 24.66 -18.13
C GLU C 127 -21.99 25.80 -18.80
N MET C 128 -22.52 27.01 -18.66
CA MET C 128 -21.95 28.20 -19.26
C MET C 128 -22.13 29.37 -18.32
N ARG C 129 -21.43 30.50 -18.62
CA ARG C 129 -21.60 31.74 -17.83
C ARG C 129 -23.11 32.06 -17.89
N GLU C 130 -23.72 32.31 -16.74
CA GLU C 130 -25.17 32.49 -16.61
C GLU C 130 -25.89 33.20 -17.80
N ARG C 131 -25.48 34.43 -18.21
CA ARG C 131 -26.19 35.09 -19.31
C ARG C 131 -26.04 34.35 -20.64
N ASP C 132 -24.90 33.69 -20.86
CA ASP C 132 -24.66 32.90 -22.08
C ASP C 132 -25.61 31.69 -22.05
N LEU C 133 -25.73 31.03 -20.87
CA LEU C 133 -26.61 29.86 -20.70
C LEU C 133 -28.04 30.24 -21.03
N GLU C 134 -28.49 31.42 -20.56
CA GLU C 134 -29.84 31.89 -20.83
C GLU C 134 -30.09 31.99 -22.34
N GLU C 135 -29.15 32.56 -23.08
CA GLU C 135 -29.32 32.70 -24.54
C GLU C 135 -29.39 31.29 -25.19
N ALA C 136 -28.51 30.36 -24.77
CA ALA C 136 -28.52 29.00 -25.31
C ALA C 136 -29.85 28.29 -25.02
N CYS C 137 -30.40 28.48 -23.81
CA CYS C 137 -31.65 27.84 -23.43
C CYS C 137 -32.83 28.24 -24.29
N ARG C 138 -32.77 29.39 -24.98
CA ARG C 138 -33.88 29.77 -25.87
C ARG C 138 -33.97 28.72 -27.00
N THR C 139 -32.83 28.25 -27.50
CA THR C 139 -32.80 27.23 -28.54
C THR C 139 -33.24 25.87 -27.98
N LEU C 140 -32.72 25.51 -26.80
CA LEU C 140 -33.05 24.23 -26.18
C LEU C 140 -34.53 24.08 -25.81
N PHE C 141 -35.18 25.19 -25.41
CA PHE C 141 -36.59 25.13 -24.89
C PHE C 141 -37.67 25.46 -25.93
N GLU C 142 -37.39 26.37 -26.87
CA GLU C 142 -38.40 26.85 -27.81
C GLU C 142 -38.40 26.28 -29.21
N THR C 143 -37.34 25.58 -29.63
CA THR C 143 -37.28 25.09 -31.01
C THR C 143 -37.72 23.63 -31.19
N GLU C 144 -37.75 23.18 -32.46
CA GLU C 144 -38.14 21.84 -32.87
C GLU C 144 -37.37 20.73 -32.14
N ILE C 145 -36.23 21.04 -31.50
CA ILE C 145 -35.50 19.99 -30.73
C ILE C 145 -36.10 19.80 -29.33
N CYS C 146 -37.23 20.46 -29.02
CA CYS C 146 -37.86 20.30 -27.73
C CYS C 146 -39.31 19.92 -27.90
N ASP C 147 -39.57 18.60 -27.87
CA ASP C 147 -40.98 18.12 -27.81
C ASP C 147 -41.29 18.15 -26.32
N ALA C 148 -42.31 18.90 -25.92
CA ALA C 148 -42.60 19.03 -24.50
C ALA C 148 -42.76 17.71 -23.70
N SER C 149 -43.31 16.65 -24.34
N SER C 149 -43.30 16.65 -24.34
CA SER C 149 -43.51 15.35 -23.67
CA SER C 149 -43.49 15.38 -23.65
C SER C 149 -42.28 14.44 -23.66
C SER C 149 -42.25 14.46 -23.63
N ARG C 150 -41.33 14.60 -24.59
CA ARG C 150 -40.14 13.72 -24.63
C ARG C 150 -38.78 14.36 -24.33
N ASP C 151 -38.69 15.68 -24.21
CA ASP C 151 -37.42 16.36 -23.92
C ASP C 151 -37.77 17.34 -22.80
N GLN C 152 -37.36 17.01 -21.56
CA GLN C 152 -37.69 17.78 -20.39
C GLN C 152 -36.50 18.31 -19.62
N VAL C 153 -36.72 19.37 -18.84
CA VAL C 153 -35.67 20.01 -18.03
C VAL C 153 -35.77 19.46 -16.62
N ARG C 154 -34.64 19.09 -16.00
CA ARG C 154 -34.66 18.52 -14.64
C ARG C 154 -33.26 18.51 -14.11
N GLN C 155 -33.02 19.25 -13.02
CA GLN C 155 -31.68 19.40 -12.44
C GLN C 155 -31.17 18.20 -11.62
N TYR C 156 -32.07 17.33 -11.18
CA TYR C 156 -31.72 16.15 -10.37
C TYR C 156 -32.97 15.26 -10.22
N THR C 157 -32.81 14.00 -9.77
CA THR C 157 -33.87 13.00 -9.70
C THR C 157 -34.40 12.89 -11.13
N CYS C 158 -33.46 12.60 -12.05
CA CYS C 158 -33.68 12.61 -13.49
C CYS C 158 -34.22 11.36 -14.13
N THR C 159 -34.37 10.27 -13.40
CA THR C 159 -34.87 9.02 -13.98
C THR C 159 -36.13 9.22 -14.83
N GLY C 160 -36.19 8.55 -15.98
CA GLY C 160 -37.34 8.65 -16.86
C GLY C 160 -37.03 8.40 -18.32
N HIS C 161 -35.77 8.68 -18.77
CA HIS C 161 -35.45 8.47 -20.20
C HIS C 161 -35.84 7.07 -20.70
N SER C 162 -35.52 6.03 -19.90
CA SER C 162 -35.77 4.62 -20.25
C SER C 162 -37.05 4.04 -19.68
N CYS C 163 -37.80 4.81 -18.89
CA CYS C 163 -39.04 4.31 -18.31
C CYS C 163 -40.16 4.27 -19.35
N ARG C 164 -41.18 3.45 -19.08
CA ARG C 164 -42.32 3.38 -19.98
C ARG C 164 -43.06 4.74 -19.95
N LEU C 165 -43.66 5.14 -21.05
CA LEU C 165 -44.37 6.42 -21.11
C LEU C 165 -45.62 6.31 -20.24
N ASP C 166 -46.09 7.45 -19.73
CA ASP C 166 -47.33 7.44 -18.89
C ASP C 166 -48.58 7.34 -19.77
N PRO C 167 -49.79 7.18 -19.19
CA PRO C 167 -51.02 7.03 -19.98
C PRO C 167 -51.23 8.15 -21.01
N ASP C 168 -50.60 9.31 -20.80
CA ASP C 168 -50.75 10.43 -21.73
C ASP C 168 -49.56 10.55 -22.71
N GLY C 169 -48.66 9.56 -22.73
CA GLY C 169 -47.50 9.58 -23.61
C GLY C 169 -46.39 10.48 -23.12
N MET C 170 -46.45 10.87 -21.85
CA MET C 170 -45.46 11.75 -21.25
C MET C 170 -44.34 10.94 -20.61
N MET C 171 -43.12 11.51 -20.59
CA MET C 171 -42.01 10.84 -19.94
C MET C 171 -42.14 11.04 -18.44
N PHE C 172 -41.81 10.00 -17.68
CA PHE C 172 -41.87 9.98 -16.22
C PHE C 172 -40.92 11.01 -15.62
N ASP C 173 -41.36 11.65 -14.52
CA ASP C 173 -40.54 12.59 -13.76
C ASP C 173 -40.82 12.27 -12.29
N PRO C 174 -39.86 11.74 -11.51
CA PRO C 174 -40.17 11.42 -10.11
C PRO C 174 -40.69 12.61 -9.32
N ILE C 175 -40.20 13.83 -9.62
CA ILE C 175 -40.63 15.05 -8.91
C ILE C 175 -41.90 15.67 -9.50
N GLU C 176 -42.39 15.14 -10.62
CA GLU C 176 -43.61 15.66 -11.25
C GLU C 176 -43.50 17.15 -11.58
N ARG C 177 -42.35 17.58 -12.11
CA ARG C 177 -42.19 18.99 -12.49
C ARG C 177 -43.07 19.27 -13.73
N CYS C 178 -43.10 18.29 -14.64
CA CYS C 178 -43.79 18.33 -15.96
C CYS C 178 -45.08 17.51 -15.92
N ILE C 179 -46.24 18.13 -16.18
CA ILE C 179 -47.53 17.43 -16.16
C ILE C 179 -48.35 17.73 -17.43
N MET C 180 -49.41 16.95 -17.63
CA MET C 180 -50.33 17.14 -18.79
C MET C 180 -51.64 17.74 -18.25
N SER C 181 -52.00 18.94 -18.73
CA SER C 181 -53.19 19.62 -18.24
C SER C 181 -53.94 20.21 -19.42
N GLY C 182 -55.16 19.73 -19.65
CA GLY C 182 -55.99 20.21 -20.75
C GLY C 182 -55.36 19.98 -22.12
N GLY C 183 -54.62 18.88 -22.26
CA GLY C 183 -53.95 18.54 -23.50
C GLY C 183 -52.61 19.20 -23.68
N ASN C 184 -52.26 20.17 -22.81
CA ASN C 184 -50.98 20.86 -22.89
C ASN C 184 -50.01 20.31 -21.88
N VAL C 185 -48.73 20.41 -22.18
CA VAL C 185 -47.69 19.99 -21.25
C VAL C 185 -47.35 21.27 -20.49
N VAL C 186 -47.39 21.23 -19.15
CA VAL C 186 -47.07 22.42 -18.37
C VAL C 186 -46.08 22.05 -17.27
N TYR C 187 -45.23 23.00 -16.90
CA TYR C 187 -44.29 22.79 -15.80
C TYR C 187 -44.95 23.38 -14.56
N GLN C 188 -45.38 22.54 -13.63
CA GLN C 188 -46.05 23.00 -12.39
C GLN C 188 -45.02 23.30 -11.28
N LYS C 189 -43.73 22.95 -11.52
CA LYS C 189 -42.61 23.24 -10.64
C LYS C 189 -41.46 23.62 -11.57
N ASP C 190 -40.42 24.27 -11.06
CA ASP C 190 -39.28 24.65 -11.91
C ASP C 190 -38.32 23.47 -12.12
N SER C 191 -37.20 23.69 -12.85
CA SER C 191 -36.23 22.63 -13.13
C SER C 191 -35.65 21.99 -11.86
N PHE C 192 -35.66 22.74 -10.75
CA PHE C 192 -35.17 22.25 -9.45
C PHE C 192 -36.29 21.62 -8.58
N GLY C 193 -37.50 21.50 -9.13
CA GLY C 193 -38.62 20.95 -8.38
C GLY C 193 -39.21 21.93 -7.39
N ASN C 194 -38.83 23.22 -7.48
CA ASN C 194 -39.31 24.25 -6.56
C ASN C 194 -40.64 24.80 -7.01
N PRO C 195 -41.46 25.35 -6.10
CA PRO C 195 -42.76 25.89 -6.52
C PRO C 195 -42.65 27.04 -7.50
N VAL C 196 -43.66 27.22 -8.36
CA VAL C 196 -43.69 28.34 -9.29
C VAL C 196 -45.01 29.07 -9.04
N ASP C 197 -45.01 30.40 -9.18
CA ASP C 197 -46.23 31.18 -8.96
C ASP C 197 -47.35 30.74 -9.92
N THR C 198 -46.99 30.53 -11.19
CA THR C 198 -47.95 30.11 -12.21
C THR C 198 -47.28 29.05 -13.11
N PRO C 199 -47.99 27.99 -13.53
CA PRO C 199 -47.33 26.99 -14.39
C PRO C 199 -46.84 27.55 -15.72
N ILE C 200 -45.77 26.97 -16.27
CA ILE C 200 -45.22 27.39 -17.55
C ILE C 200 -45.80 26.49 -18.62
N ASN C 201 -46.68 27.03 -19.46
CA ASN C 201 -47.31 26.25 -20.53
C ASN C 201 -46.35 26.05 -21.72
N MET C 202 -46.11 24.79 -22.10
CA MET C 202 -45.19 24.46 -23.22
C MET C 202 -45.97 24.14 -24.51
N GLY C 203 -47.30 24.07 -24.43
CA GLY C 203 -48.12 23.76 -25.58
C GLY C 203 -48.37 22.28 -25.73
N LYS C 204 -48.77 21.87 -26.93
CA LYS C 204 -49.08 20.48 -27.23
C LYS C 204 -47.86 19.69 -27.60
N PRO C 205 -47.84 18.40 -27.24
CA PRO C 205 -46.75 17.56 -27.70
C PRO C 205 -46.96 17.27 -29.19
N LEU C 206 -45.90 16.85 -29.88
CA LEU C 206 -46.02 16.51 -31.29
C LEU C 206 -46.75 15.18 -31.39
N SER C 207 -47.46 14.97 -32.49
CA SER C 207 -48.18 13.72 -32.72
C SER C 207 -47.16 12.60 -32.88
N GLU C 208 -47.62 11.35 -32.82
CA GLU C 208 -46.69 10.19 -32.95
C GLU C 208 -46.01 10.21 -34.32
N GLU C 209 -46.78 10.40 -35.41
CA GLU C 209 -46.16 10.41 -36.75
C GLU C 209 -45.15 11.54 -36.89
N GLU C 210 -45.40 12.71 -36.25
CA GLU C 210 -44.46 13.82 -36.32
C GLU C 210 -43.18 13.38 -35.60
N LEU C 211 -43.31 12.79 -34.41
CA LEU C 211 -42.17 12.29 -33.65
C LEU C 211 -41.36 11.28 -34.46
N ILE C 212 -42.03 10.31 -35.10
CA ILE C 212 -41.32 9.30 -35.90
C ILE C 212 -40.59 10.00 -37.06
N GLU C 213 -41.23 10.99 -37.69
CA GLU C 213 -40.61 11.70 -38.81
C GLU C 213 -39.34 12.47 -38.37
N ARG C 214 -39.39 13.17 -37.23
CA ARG C 214 -38.26 13.99 -36.80
C ARG C 214 -37.22 13.31 -35.90
N THR C 215 -37.44 12.07 -35.42
CA THR C 215 -36.50 11.46 -34.48
C THR C 215 -35.07 11.18 -34.98
N VAL C 216 -34.12 11.28 -34.06
CA VAL C 216 -32.71 11.02 -34.37
C VAL C 216 -32.27 9.63 -33.90
N VAL C 217 -33.13 8.87 -33.21
CA VAL C 217 -32.73 7.55 -32.73
C VAL C 217 -33.22 6.46 -33.64
N TYR C 218 -32.46 5.36 -33.70
CA TYR C 218 -32.89 4.20 -34.45
C TYR C 218 -33.67 3.37 -33.42
N ARG C 219 -34.71 2.65 -33.85
CA ARG C 219 -35.49 1.81 -32.96
C ARG C 219 -35.92 0.59 -33.76
N THR C 220 -35.62 -0.60 -33.24
CA THR C 220 -35.98 -1.85 -33.92
C THR C 220 -37.49 -2.06 -34.00
N ASP C 221 -38.25 -1.68 -32.95
CA ASP C 221 -39.70 -1.89 -32.94
C ASP C 221 -40.43 -1.18 -34.09
N ARG C 222 -39.93 -0.04 -34.56
CA ARG C 222 -40.62 0.66 -35.67
C ARG C 222 -40.02 0.25 -37.03
N GLY C 223 -39.24 -0.83 -37.03
CA GLY C 223 -38.62 -1.39 -38.23
C GLY C 223 -37.42 -0.61 -38.71
N GLU C 224 -36.81 0.21 -37.83
CA GLU C 224 -35.68 1.04 -38.23
C GLU C 224 -34.50 0.89 -37.24
N PRO C 225 -33.96 -0.32 -37.11
CA PRO C 225 -32.79 -0.50 -36.23
C PRO C 225 -31.53 -0.01 -36.92
N MET C 226 -30.43 0.25 -36.17
CA MET C 226 -29.18 0.65 -36.82
C MET C 226 -28.68 -0.54 -37.66
N THR C 227 -28.71 -1.74 -37.06
CA THR C 227 -28.26 -2.97 -37.69
C THR C 227 -29.46 -3.83 -37.98
N ARG C 228 -29.72 -4.11 -39.24
CA ARG C 228 -30.87 -4.91 -39.61
C ARG C 228 -30.50 -6.39 -39.64
N GLU C 229 -31.50 -7.27 -39.67
CA GLU C 229 -31.27 -8.71 -39.76
C GLU C 229 -30.47 -8.98 -41.07
N GLY C 230 -29.42 -9.78 -41.00
CA GLY C 230 -28.61 -10.06 -42.19
C GLY C 230 -27.48 -9.07 -42.44
N ASP C 231 -27.50 -7.91 -41.76
CA ASP C 231 -26.42 -6.93 -41.93
C ASP C 231 -25.13 -7.44 -41.30
N PRO C 232 -25.16 -8.12 -40.13
CA PRO C 232 -23.89 -8.57 -39.52
C PRO C 232 -23.04 -9.40 -40.49
N GLY C 233 -21.81 -8.96 -40.69
CA GLY C 233 -20.91 -9.64 -41.60
C GLY C 233 -21.08 -9.28 -43.07
N ALA C 234 -22.23 -8.71 -43.46
CA ALA C 234 -22.44 -8.39 -44.88
C ALA C 234 -21.48 -7.30 -45.36
N PRO C 235 -21.22 -7.19 -46.68
CA PRO C 235 -20.34 -6.14 -47.17
C PRO C 235 -20.83 -4.74 -46.80
N ASP C 236 -19.91 -3.78 -46.71
CA ASP C 236 -20.22 -2.39 -46.39
C ASP C 236 -21.36 -1.84 -47.25
N GLU C 237 -21.29 -2.06 -48.57
CA GLU C 237 -22.30 -1.55 -49.48
C GLU C 237 -23.71 -2.05 -49.19
N GLU C 238 -23.83 -3.16 -48.44
CA GLU C 238 -25.13 -3.74 -48.09
C GLU C 238 -25.65 -3.33 -46.71
N VAL C 239 -24.93 -2.45 -45.99
CA VAL C 239 -25.37 -2.03 -44.65
C VAL C 239 -25.53 -0.50 -44.56
N ARG C 240 -26.06 0.01 -43.41
CA ARG C 240 -26.26 1.44 -43.23
C ARG C 240 -24.91 2.14 -43.18
N GLU C 241 -24.85 3.40 -43.65
CA GLU C 241 -23.58 4.13 -43.60
C GLU C 241 -23.08 4.32 -42.17
N ALA C 242 -23.98 4.40 -41.18
CA ALA C 242 -23.50 4.52 -39.78
C ALA C 242 -22.73 3.24 -39.37
N LEU C 243 -23.16 2.07 -39.88
CA LEU C 243 -22.46 0.83 -39.58
C LEU C 243 -21.14 0.76 -40.37
N GLN C 244 -21.13 1.25 -41.63
CA GLN C 244 -19.88 1.28 -42.41
C GLN C 244 -18.87 2.20 -41.72
N TRP C 245 -19.37 3.33 -41.16
CA TRP C 245 -18.53 4.28 -40.45
C TRP C 245 -18.00 3.62 -39.16
N SER C 246 -18.87 2.92 -38.42
CA SER C 246 -18.47 2.24 -37.17
C SER C 246 -17.39 1.20 -37.43
N ARG C 247 -17.57 0.36 -38.47
CA ARG C 247 -16.57 -0.66 -38.81
C ARG C 247 -15.24 -0.01 -39.15
N ARG C 248 -15.27 1.11 -39.92
CA ARG C 248 -14.03 1.79 -40.32
C ARG C 248 -13.28 2.33 -39.10
N ILE C 249 -13.98 3.00 -38.19
CA ILE C 249 -13.32 3.53 -37.00
C ILE C 249 -12.68 2.40 -36.19
N GLN C 250 -13.37 1.26 -36.05
CA GLN C 250 -12.78 0.15 -35.29
C GLN C 250 -11.55 -0.36 -36.00
N TRP C 251 -11.60 -0.60 -37.32
CA TRP C 251 -10.43 -1.11 -38.04
C TRP C 251 -9.23 -0.19 -37.92
N LEU C 252 -9.44 1.13 -38.07
CA LEU C 252 -8.35 2.10 -38.03
C LEU C 252 -7.82 2.32 -36.61
N ARG C 253 -8.68 2.32 -35.58
CA ARG C 253 -8.17 2.45 -34.19
C ARG C 253 -7.34 1.21 -33.85
N MET C 254 -7.79 0.00 -34.24
CA MET C 254 -7.05 -1.23 -33.95
C MET C 254 -5.70 -1.29 -34.69
N LEU C 255 -5.71 -1.07 -36.02
CA LEU C 255 -4.46 -1.15 -36.79
C LEU C 255 -3.52 0.01 -36.47
N GLY C 256 -4.06 1.21 -36.35
CA GLY C 256 -3.27 2.40 -36.05
C GLY C 256 -2.58 2.29 -34.70
N ASN C 257 -3.29 1.75 -33.70
CA ASN C 257 -2.71 1.62 -32.36
C ASN C 257 -1.72 0.43 -32.28
N MET C 258 -1.67 -0.44 -33.30
CA MET C 258 -0.71 -1.54 -33.32
C MET C 258 0.58 -0.92 -33.86
N VAL C 259 0.52 -0.32 -35.06
CA VAL C 259 1.64 0.40 -35.69
C VAL C 259 1.00 1.54 -36.50
N PRO C 260 1.27 2.84 -36.21
CA PRO C 260 0.58 3.91 -36.95
C PRO C 260 0.64 3.79 -38.46
N ASP C 261 1.81 3.49 -39.02
CA ASP C 261 1.96 3.37 -40.47
C ASP C 261 1.03 2.32 -41.10
N LYS C 262 0.47 1.39 -40.31
CA LYS C 262 -0.41 0.37 -40.88
C LYS C 262 -1.70 0.91 -41.49
N ILE C 263 -2.15 2.11 -41.09
CA ILE C 263 -3.38 2.68 -41.66
C ILE C 263 -3.11 3.67 -42.81
N LYS C 264 -1.86 3.79 -43.25
CA LYS C 264 -1.51 4.70 -44.35
C LYS C 264 -2.26 4.27 -45.62
N GLY C 265 -2.98 5.20 -46.23
CA GLY C 265 -3.72 4.91 -47.46
C GLY C 265 -4.96 4.08 -47.29
N MET C 266 -5.30 3.68 -46.04
CA MET C 266 -6.48 2.85 -45.76
C MET C 266 -7.76 3.66 -45.59
N LYS D 3 10.91 4.73 52.78
CA LYS D 3 10.08 5.90 52.47
C LYS D 3 9.10 5.60 51.32
N TYR D 4 8.90 4.31 50.98
CA TYR D 4 7.99 3.94 49.89
C TYR D 4 6.78 3.17 50.39
N PRO D 5 5.59 3.40 49.81
CA PRO D 5 4.39 2.69 50.28
C PRO D 5 4.38 1.21 49.88
N LYS D 6 3.44 0.41 50.46
CA LYS D 6 3.33 -1.02 50.11
C LYS D 6 3.06 -1.12 48.60
N GLN D 7 3.71 -2.05 47.95
CA GLN D 7 3.58 -2.24 46.49
C GLN D 7 2.16 -2.49 46.04
N LEU D 8 1.73 -1.78 44.96
CA LEU D 8 0.37 -1.94 44.46
C LEU D 8 0.09 -3.37 43.98
N PHE D 9 1.10 -4.08 43.45
CA PHE D 9 0.89 -5.46 42.99
C PHE D 9 0.62 -6.47 44.12
N LEU D 10 0.87 -6.09 45.38
CA LEU D 10 0.63 -6.89 46.59
C LEU D 10 -0.64 -6.42 47.30
N GLU D 11 -1.01 -5.15 47.09
CA GLU D 11 -2.18 -4.57 47.70
C GLU D 11 -2.75 -3.43 46.83
N SER D 12 -3.86 -3.66 46.11
CA SER D 12 -4.48 -2.61 45.32
C SER D 12 -4.93 -1.52 46.32
N LYS D 13 -4.84 -0.26 45.92
CA LYS D 13 -5.14 0.86 46.81
C LYS D 13 -6.44 0.80 47.58
N ASN D 14 -7.56 0.49 46.91
CA ASN D 14 -8.87 0.50 47.57
C ASN D 14 -9.45 -0.89 47.83
N SER D 15 -9.41 -1.79 46.83
CA SER D 15 -9.97 -3.12 47.04
C SER D 15 -9.04 -4.00 47.89
N LYS D 16 -7.76 -3.60 48.04
CA LYS D 16 -6.76 -4.33 48.83
C LYS D 16 -6.54 -5.75 48.33
N MET D 17 -6.65 -5.96 47.00
CA MET D 17 -6.42 -7.27 46.41
C MET D 17 -4.93 -7.47 46.19
N ASN D 18 -4.49 -8.72 46.36
CA ASN D 18 -3.10 -9.06 46.16
C ASN D 18 -3.02 -9.71 44.80
N SER D 19 -2.78 -8.92 43.77
CA SER D 19 -2.77 -9.40 42.40
C SER D 19 -1.79 -10.55 42.12
N ILE D 20 -0.60 -10.57 42.75
CA ILE D 20 0.36 -11.64 42.48
C ILE D 20 -0.04 -12.88 43.26
N GLU D 21 -0.38 -12.73 44.57
CA GLU D 21 -0.76 -13.88 45.37
C GLU D 21 -1.97 -14.61 44.79
N MET D 22 -2.96 -13.87 44.29
CA MET D 22 -4.16 -14.48 43.73
C MET D 22 -3.85 -15.46 42.57
N LYS D 23 -2.68 -15.34 41.94
CA LYS D 23 -2.34 -16.24 40.84
C LYS D 23 -1.97 -17.62 41.35
N TYR D 24 -1.43 -17.72 42.58
CA TYR D 24 -0.94 -19.00 43.11
C TYR D 24 -1.58 -19.51 44.39
N GLY D 25 -2.13 -18.63 45.20
CA GLY D 25 -2.68 -19.03 46.50
C GLY D 25 -1.52 -19.36 47.43
N GLN D 26 -0.38 -18.70 47.21
CA GLN D 26 0.84 -18.89 47.98
C GLN D 26 1.56 -17.54 48.04
N ASP D 27 2.33 -17.30 49.12
CA ASP D 27 3.08 -16.06 49.29
C ASP D 27 4.04 -15.86 48.11
N PRO D 28 3.88 -14.78 47.33
CA PRO D 28 4.77 -14.60 46.17
C PRO D 28 6.24 -14.37 46.48
N ALA D 29 6.60 -14.16 47.77
CA ALA D 29 7.99 -13.97 48.15
C ALA D 29 8.74 -15.32 48.27
N ILE D 30 8.01 -16.45 48.35
CA ILE D 30 8.62 -17.78 48.50
C ILE D 30 9.14 -18.34 47.18
N ASN D 31 10.40 -18.76 47.14
CA ASN D 31 10.97 -19.33 45.92
C ASN D 31 10.79 -20.85 45.90
N ARG D 32 9.55 -21.30 45.72
CA ARG D 32 9.26 -22.72 45.69
C ARG D 32 7.94 -22.94 44.98
N ALA D 33 7.87 -23.97 44.17
CA ALA D 33 6.64 -24.32 43.47
C ALA D 33 6.67 -25.77 43.08
N GLU D 34 5.47 -26.36 42.95
CA GLU D 34 5.32 -27.73 42.50
C GLU D 34 4.88 -27.65 41.04
N PHE D 35 5.51 -28.40 40.16
CA PHE D 35 5.16 -28.39 38.75
C PHE D 35 4.57 -29.75 38.35
N HIS D 36 3.95 -29.80 37.17
CA HIS D 36 3.37 -31.02 36.60
C HIS D 36 2.24 -31.60 37.42
N VAL D 37 1.55 -30.78 38.22
CA VAL D 37 0.46 -31.26 39.06
C VAL D 37 -0.86 -30.55 38.78
N TYR D 38 -1.01 -29.86 37.63
CA TYR D 38 -2.24 -29.09 37.35
C TYR D 38 -3.18 -29.69 36.33
N GLY D 39 -2.85 -30.84 35.77
CA GLY D 39 -3.70 -31.48 34.77
C GLY D 39 -3.56 -30.86 33.39
N GLY D 40 -2.46 -30.14 33.15
CA GLY D 40 -2.23 -29.50 31.86
C GLY D 40 -3.28 -28.43 31.59
N VAL D 41 -3.84 -28.43 30.38
CA VAL D 41 -4.87 -27.45 30.02
C VAL D 41 -6.14 -27.59 30.84
N ARG D 42 -6.29 -28.69 31.58
CA ARG D 42 -7.49 -28.90 32.40
C ARG D 42 -7.67 -27.79 33.44
N GLN D 43 -6.59 -27.10 33.85
CA GLN D 43 -6.66 -25.99 34.81
C GLN D 43 -7.25 -24.71 34.19
N SER D 44 -7.33 -24.65 32.85
CA SER D 44 -7.85 -23.49 32.12
C SER D 44 -9.28 -23.70 31.68
N LYS D 45 -10.20 -22.82 32.11
CA LYS D 45 -11.59 -22.91 31.70
C LYS D 45 -11.69 -22.71 30.18
N ARG D 46 -11.06 -21.66 29.64
CA ARG D 46 -11.16 -21.40 28.21
C ARG D 46 -10.55 -22.50 27.35
N LYS D 47 -9.35 -23.02 27.71
CA LYS D 47 -8.75 -24.06 26.85
C LYS D 47 -9.52 -25.38 26.98
N SER D 48 -10.08 -25.68 28.17
CA SER D 48 -10.86 -26.91 28.34
C SER D 48 -12.14 -26.80 27.47
N GLU D 49 -12.83 -25.64 27.50
CA GLU D 49 -14.02 -25.42 26.68
C GLU D 49 -13.63 -25.47 25.19
N ALA D 50 -12.47 -24.90 24.85
CA ALA D 50 -12.00 -24.88 23.47
C ALA D 50 -11.79 -26.30 22.95
N TRP D 51 -11.29 -27.19 23.80
CA TRP D 51 -11.07 -28.57 23.40
C TRP D 51 -12.38 -29.25 23.05
N GLU D 52 -13.41 -29.05 23.87
CA GLU D 52 -14.71 -29.69 23.61
C GLU D 52 -15.36 -29.10 22.34
N ALA D 53 -15.21 -27.78 22.13
CA ALA D 53 -15.77 -27.13 20.93
C ALA D 53 -15.05 -27.66 19.69
N ALA D 54 -13.74 -27.88 19.81
CA ALA D 54 -12.93 -28.38 18.69
C ALA D 54 -13.40 -29.73 18.21
N LYS D 55 -13.81 -30.60 19.15
CA LYS D 55 -14.24 -31.94 18.76
C LYS D 55 -15.51 -31.85 17.95
N ARG D 56 -16.42 -30.92 18.30
CA ARG D 56 -17.65 -30.72 17.55
C ARG D 56 -17.32 -30.17 16.16
N ILE D 57 -16.45 -29.14 16.10
CA ILE D 57 -16.02 -28.50 14.85
C ILE D 57 -15.41 -29.53 13.90
N THR D 58 -14.51 -30.37 14.43
CA THR D 58 -13.86 -31.42 13.62
C THR D 58 -14.91 -32.35 13.00
N LYS D 59 -15.90 -32.73 13.79
CA LYS D 59 -16.95 -33.62 13.30
C LYS D 59 -17.78 -32.96 12.20
N GLU D 60 -18.11 -31.67 12.39
CA GLU D 60 -18.93 -30.97 11.39
C GLU D 60 -18.20 -30.71 10.08
N ARG D 61 -16.93 -30.29 10.13
CA ARG D 61 -16.20 -29.92 8.90
C ARG D 61 -15.31 -31.02 8.28
N GLY D 62 -14.99 -32.06 9.04
CA GLY D 62 -14.17 -33.16 8.50
C GLY D 62 -12.68 -32.89 8.45
N ILE D 63 -12.19 -31.92 9.24
CA ILE D 63 -10.77 -31.59 9.33
C ILE D 63 -10.50 -31.32 10.80
N PRO D 64 -9.46 -31.94 11.38
CA PRO D 64 -9.17 -31.66 12.79
C PRO D 64 -8.69 -30.24 12.98
N ASN D 65 -8.81 -29.71 14.19
CA ASN D 65 -8.36 -28.35 14.48
C ASN D 65 -7.66 -28.37 15.85
N TYR D 66 -8.10 -27.55 16.81
CA TYR D 66 -7.48 -27.47 18.14
C TYR D 66 -7.36 -28.86 18.80
N ASN D 67 -6.14 -29.27 19.18
CA ASN D 67 -5.92 -30.55 19.83
C ASN D 67 -4.73 -30.43 20.79
N PRO D 68 -4.98 -30.08 22.06
CA PRO D 68 -3.88 -29.95 23.03
C PRO D 68 -2.93 -31.12 23.16
N ASP D 69 -3.37 -32.35 22.84
CA ASP D 69 -2.48 -33.50 22.95
C ASP D 69 -1.36 -33.49 21.90
N LEU D 70 -1.37 -32.51 20.95
CA LEU D 70 -0.29 -32.43 19.97
C LEU D 70 0.94 -31.71 20.57
N HIS D 71 0.82 -31.10 21.77
CA HIS D 71 1.95 -30.38 22.38
C HIS D 71 3.17 -31.29 22.44
N LEU D 72 4.31 -30.73 22.06
CA LEU D 72 5.59 -31.43 21.92
C LEU D 72 6.00 -32.40 23.02
N LYS D 73 6.47 -33.58 22.58
CA LYS D 73 7.00 -34.66 23.42
C LYS D 73 6.14 -35.02 24.62
N GLY D 74 4.83 -35.12 24.38
CA GLY D 74 3.86 -35.52 25.40
C GLY D 74 3.65 -34.55 26.55
N ALA D 75 4.20 -33.34 26.46
CA ALA D 75 4.05 -32.36 27.53
C ALA D 75 2.94 -31.37 27.18
N GLN D 76 1.72 -31.60 27.67
CA GLN D 76 0.61 -30.68 27.42
C GLN D 76 0.97 -29.31 27.98
N MET D 77 0.42 -28.22 27.42
CA MET D 77 0.67 -26.89 27.99
C MET D 77 0.02 -26.94 29.38
N GLY D 78 0.54 -26.18 30.32
CA GLY D 78 0.01 -26.19 31.68
C GLY D 78 0.82 -27.04 32.64
N GLN D 79 2.12 -27.21 32.39
CA GLN D 79 2.98 -27.95 33.34
C GLN D 79 3.29 -27.06 34.54
N LYS D 80 3.05 -25.74 34.40
CA LYS D 80 3.18 -24.77 35.49
C LYS D 80 1.79 -24.08 35.55
N VAL D 81 1.58 -23.20 36.51
CA VAL D 81 0.30 -22.50 36.61
C VAL D 81 0.10 -21.61 35.37
N LEU D 82 -1.06 -21.75 34.74
CA LEU D 82 -1.47 -20.86 33.61
C LEU D 82 -2.20 -19.73 34.33
N GLN D 83 -1.44 -18.70 34.72
CA GLN D 83 -1.97 -17.62 35.56
C GLN D 83 -3.17 -16.86 35.04
N THR D 84 -3.99 -16.36 35.98
CA THR D 84 -5.11 -15.50 35.66
C THR D 84 -4.58 -14.06 35.90
N TYR D 85 -5.34 -13.06 35.47
CA TYR D 85 -4.94 -11.66 35.58
C TYR D 85 -6.01 -10.72 36.12
N ARG D 86 -5.56 -9.62 36.72
CA ARG D 86 -6.43 -8.59 37.26
C ARG D 86 -6.13 -7.31 36.54
N ILE D 87 -7.16 -6.61 36.04
CA ILE D 87 -6.94 -5.35 35.33
C ILE D 87 -6.43 -4.33 36.34
N THR D 88 -5.33 -3.65 36.05
CA THR D 88 -4.80 -2.65 36.96
C THR D 88 -5.73 -1.46 37.17
N GLY D 89 -5.73 -0.97 38.40
CA GLY D 89 -6.39 0.25 38.83
C GLY D 89 -7.88 0.45 38.71
N LEU D 90 -8.65 -0.57 38.37
CA LEU D 90 -10.11 -0.40 38.26
C LEU D 90 -10.74 0.00 39.59
N ASP D 91 -10.13 -0.40 40.71
CA ASP D 91 -10.65 -0.06 42.05
C ASP D 91 -10.37 1.41 42.42
N ARG D 92 -9.55 2.11 41.63
CA ARG D 92 -9.27 3.52 41.89
C ARG D 92 -10.11 4.46 41.00
N GLU D 93 -10.98 3.92 40.14
CA GLU D 93 -11.82 4.73 39.28
C GLU D 93 -13.09 5.12 40.01
N TRP D 94 -13.58 6.35 39.77
CA TRP D 94 -14.82 6.81 40.37
C TRP D 94 -15.80 7.45 39.37
N ALA D 95 -15.42 7.60 38.09
CA ALA D 95 -16.30 8.21 37.09
C ALA D 95 -16.42 7.30 35.83
N GLY D 96 -17.15 7.75 34.81
CA GLY D 96 -17.33 6.96 33.60
C GLY D 96 -18.37 5.86 33.73
N GLY D 97 -19.36 6.07 34.57
CA GLY D 97 -20.41 5.08 34.77
C GLY D 97 -21.58 5.15 33.81
N GLU D 98 -21.45 5.93 32.73
CA GLU D 98 -22.53 6.08 31.75
C GLU D 98 -22.67 4.85 30.85
N ASP D 99 -23.90 4.59 30.38
CA ASP D 99 -24.12 3.50 29.43
C ASP D 99 -23.38 3.88 28.15
N THR D 100 -22.83 2.91 27.44
CA THR D 100 -22.12 3.18 26.19
C THR D 100 -22.82 2.36 25.12
N PRO D 101 -22.49 2.58 23.84
CA PRO D 101 -23.12 1.77 22.80
C PRO D 101 -22.75 0.28 22.89
N ALA D 102 -21.65 -0.06 23.61
CA ALA D 102 -21.15 -1.43 23.71
C ALA D 102 -21.54 -2.15 24.99
N HIS D 103 -21.99 -1.43 26.03
CA HIS D 103 -22.35 -2.08 27.27
C HIS D 103 -23.05 -1.15 28.22
N LYS D 104 -23.82 -1.73 29.15
CA LYS D 104 -24.49 -0.93 30.17
C LYS D 104 -23.38 -0.25 31.01
N GLY D 105 -23.73 0.82 31.70
CA GLY D 105 -22.75 1.57 32.49
C GLY D 105 -21.96 0.71 33.46
N TRP D 106 -20.63 0.85 33.40
CA TRP D 106 -19.75 0.13 34.35
C TRP D 106 -19.92 0.82 35.70
N LYS D 107 -19.91 0.05 36.79
CA LYS D 107 -19.99 0.72 38.11
C LYS D 107 -18.54 1.06 38.48
N PRO D 108 -18.14 2.35 38.49
CA PRO D 108 -16.75 2.71 38.72
C PRO D 108 -16.22 2.21 40.07
N GLY D 109 -15.01 1.65 40.05
CA GLY D 109 -14.38 1.10 41.26
C GLY D 109 -14.53 -0.42 41.35
N THR D 110 -15.26 -1.03 40.41
CA THR D 110 -15.44 -2.48 40.41
C THR D 110 -14.24 -3.12 39.74
N ASP D 111 -13.62 -4.13 40.36
CA ASP D 111 -12.48 -4.79 39.75
C ASP D 111 -12.88 -5.82 38.71
N ILE D 112 -11.91 -6.21 37.88
CA ILE D 112 -12.07 -7.30 36.93
C ILE D 112 -10.87 -8.18 37.23
N ALA D 113 -11.08 -9.28 37.95
CA ALA D 113 -10.00 -10.19 38.32
C ALA D 113 -10.31 -11.63 37.85
N GLY D 114 -9.30 -12.48 37.81
CA GLY D 114 -9.48 -13.87 37.40
C GLY D 114 -9.60 -14.05 35.90
N LEU D 115 -9.22 -13.04 35.08
CA LEU D 115 -9.31 -13.20 33.62
C LEU D 115 -8.25 -14.16 33.17
N GLU D 116 -8.58 -15.03 32.20
CA GLU D 116 -7.58 -15.95 31.68
C GLU D 116 -6.86 -15.25 30.52
N MET D 117 -5.65 -15.72 30.19
CA MET D 117 -4.87 -15.13 29.11
C MET D 117 -5.66 -15.07 27.78
N ASP D 118 -6.46 -16.09 27.49
CA ASP D 118 -7.21 -16.12 26.22
C ASP D 118 -8.30 -15.07 26.18
N ASP D 119 -8.78 -14.59 27.34
CA ASP D 119 -9.79 -13.53 27.38
C ASP D 119 -9.20 -12.16 26.95
N LEU D 120 -7.85 -12.02 27.03
CA LEU D 120 -7.20 -10.77 26.66
C LEU D 120 -6.35 -10.93 25.41
N ASN D 121 -6.75 -11.88 24.55
CA ASN D 121 -6.12 -12.15 23.27
C ASN D 121 -6.89 -11.32 22.28
N TYR D 122 -6.19 -10.49 21.50
CA TYR D 122 -6.83 -9.63 20.49
C TYR D 122 -7.78 -10.42 19.58
N GLU D 123 -7.50 -11.69 19.31
CA GLU D 123 -8.37 -12.49 18.42
C GLU D 123 -9.71 -12.80 19.11
N ASN D 124 -9.71 -12.97 20.45
CA ASN D 124 -10.93 -13.31 21.19
C ASN D 124 -11.61 -12.15 21.88
N ASN D 125 -11.01 -10.95 21.81
CA ASN D 125 -11.53 -9.79 22.54
C ASN D 125 -12.08 -8.70 21.62
N PRO D 126 -13.40 -8.65 21.44
CA PRO D 126 -13.99 -7.62 20.56
C PRO D 126 -13.78 -6.16 20.99
N ALA D 127 -13.46 -5.92 22.26
CA ALA D 127 -13.20 -4.52 22.70
C ALA D 127 -11.93 -4.02 22.01
N MET D 128 -10.91 -4.88 22.00
CA MET D 128 -9.63 -4.52 21.40
C MET D 128 -9.80 -4.31 19.89
N GLN D 129 -10.55 -5.19 19.24
CA GLN D 129 -10.79 -5.04 17.81
C GLN D 129 -11.59 -3.77 17.53
N GLN D 130 -12.64 -3.50 18.34
CA GLN D 130 -13.44 -2.30 18.11
C GLN D 130 -12.62 -1.04 18.34
N CYS D 131 -11.70 -1.05 19.28
CA CYS D 131 -10.84 0.11 19.55
C CYS D 131 -10.15 0.51 18.24
N TYR D 132 -9.51 -0.48 17.59
CA TYR D 132 -8.84 -0.20 16.32
C TYR D 132 -9.82 0.22 15.26
N ASP D 133 -10.94 -0.51 15.10
CA ASP D 133 -11.93 -0.16 14.09
C ASP D 133 -12.46 1.29 14.25
N ASP D 134 -12.67 1.75 15.51
CA ASP D 134 -13.14 3.13 15.74
C ASP D 134 -12.09 4.14 15.28
N MET D 135 -10.80 3.83 15.44
CA MET D 135 -9.74 4.73 14.98
C MET D 135 -9.74 4.82 13.46
N ARG D 136 -9.70 3.67 12.78
CA ARG D 136 -9.57 3.64 11.31
C ARG D 136 -10.83 3.98 10.53
N ARG D 137 -12.02 3.84 11.13
CA ARG D 137 -13.26 4.21 10.40
C ARG D 137 -13.59 5.72 10.53
N THR D 138 -12.72 6.49 11.21
CA THR D 138 -12.92 7.92 11.44
C THR D 138 -12.30 8.75 10.31
N ALA D 139 -13.05 9.74 9.86
CA ALA D 139 -12.63 10.65 8.80
C ALA D 139 -12.83 12.05 9.36
N ILE D 140 -11.82 12.91 9.26
CA ILE D 140 -11.91 14.25 9.83
C ILE D 140 -11.59 15.28 8.78
N ASN D 141 -12.40 16.35 8.71
CA ASN D 141 -12.19 17.38 7.71
C ASN D 141 -12.60 18.75 8.15
N GLY D 142 -11.89 19.76 7.67
CA GLY D 142 -12.31 21.13 7.88
C GLY D 142 -13.37 21.36 6.81
N LEU D 143 -14.47 22.09 7.11
CA LEU D 143 -15.48 22.33 6.06
C LEU D 143 -15.39 23.71 5.40
N SER D 144 -14.44 24.55 5.82
CA SER D 144 -14.31 25.91 5.28
C SER D 144 -14.30 26.01 3.77
N ILE D 145 -13.50 25.15 3.12
CA ILE D 145 -13.38 25.21 1.62
C ILE D 145 -14.67 24.76 0.93
N ALA D 146 -15.38 23.74 1.46
CA ALA D 146 -16.62 23.31 0.80
C ALA D 146 -17.64 24.46 0.91
N HIS D 147 -17.73 25.08 2.09
CA HIS D 147 -18.63 26.20 2.28
C HIS D 147 -18.24 27.40 1.38
N GLU D 148 -16.93 27.64 1.22
CA GLU D 148 -16.43 28.71 0.35
C GLU D 148 -16.83 28.45 -1.09
N THR D 149 -16.72 27.19 -1.57
N THR D 149 -16.72 27.19 -1.53
CA THR D 149 -17.08 26.92 -2.97
CA THR D 149 -17.07 26.84 -2.93
C THR D 149 -18.58 27.11 -3.18
C THR D 149 -18.56 27.09 -3.18
N ILE D 150 -19.40 26.74 -2.21
CA ILE D 150 -20.86 26.92 -2.35
C ILE D 150 -21.21 28.41 -2.44
N GLU D 151 -20.61 29.22 -1.57
CA GLU D 151 -20.90 30.66 -1.56
C GLU D 151 -20.34 31.42 -2.76
N ARG D 152 -19.08 31.17 -3.11
CA ARG D 152 -18.45 31.90 -4.23
CA ARG D 152 -18.44 31.89 -4.22
C ARG D 152 -18.80 31.34 -5.60
N ARG D 153 -18.79 30.01 -5.73
CA ARG D 153 -18.92 29.34 -7.05
C ARG D 153 -20.40 29.06 -7.34
N PHE D 154 -21.11 28.45 -6.39
CA PHE D 154 -22.51 28.11 -6.58
C PHE D 154 -23.43 29.31 -6.33
N GLY D 155 -23.10 30.16 -5.36
CA GLY D 155 -23.87 31.37 -5.06
C GLY D 155 -24.91 31.27 -3.97
N LYS D 156 -24.83 30.27 -3.08
CA LYS D 156 -25.80 30.09 -2.00
C LYS D 156 -25.19 30.41 -0.63
N GLU D 157 -25.98 30.93 0.31
CA GLU D 157 -25.50 31.27 1.65
C GLU D 157 -25.43 30.05 2.57
N VAL D 158 -24.36 29.96 3.38
CA VAL D 158 -24.21 28.88 4.35
C VAL D 158 -24.58 29.46 5.69
N THR D 159 -25.55 28.86 6.37
CA THR D 159 -26.02 29.33 7.67
C THR D 159 -26.12 28.16 8.63
N PRO D 160 -26.33 28.40 9.95
CA PRO D 160 -26.50 27.25 10.86
C PRO D 160 -27.60 26.32 10.36
N GLU D 161 -28.66 26.88 9.79
CA GLU D 161 -29.78 26.11 9.29
C GLU D 161 -29.38 25.18 8.13
N THR D 162 -28.59 25.67 7.18
CA THR D 162 -28.18 24.80 6.06
C THR D 162 -27.17 23.76 6.57
N ILE D 163 -26.34 24.11 7.56
CA ILE D 163 -25.38 23.16 8.13
C ILE D 163 -26.13 22.04 8.84
N ASN D 164 -27.20 22.38 9.58
CA ASN D 164 -28.02 21.38 10.27
C ASN D 164 -28.68 20.44 9.30
N LEU D 165 -29.24 20.95 8.19
CA LEU D 165 -29.88 20.09 7.20
C LEU D 165 -28.82 19.19 6.56
N TYR D 166 -27.63 19.74 6.28
CA TYR D 166 -26.52 18.99 5.70
C TYR D 166 -26.16 17.82 6.61
N PHE D 167 -26.08 18.06 7.94
CA PHE D 167 -25.74 16.98 8.86
C PHE D 167 -26.86 15.97 9.00
N GLU D 168 -28.13 16.42 8.92
CA GLU D 168 -29.25 15.47 9.01
C GLU D 168 -29.19 14.55 7.79
N MET D 169 -28.91 15.14 6.61
CA MET D 169 -28.79 14.36 5.39
C MET D 169 -27.57 13.44 5.42
N LEU D 170 -26.42 13.95 5.91
CA LEU D 170 -25.21 13.11 5.97
C LEU D 170 -25.44 11.96 6.95
N ASN D 171 -26.18 12.19 8.04
CA ASN D 171 -26.43 11.09 8.98
C ASN D 171 -27.41 10.07 8.38
N HIS D 172 -28.20 10.47 7.39
CA HIS D 172 -29.13 9.57 6.72
C HIS D 172 -28.36 8.73 5.71
N ASN D 173 -27.46 9.34 4.94
CA ASN D 173 -26.77 8.59 3.90
C ASN D 173 -25.38 8.02 4.26
N ILE D 174 -24.77 8.39 5.39
CA ILE D 174 -23.42 7.87 5.69
C ILE D 174 -23.42 6.35 5.83
N GLY D 175 -24.48 5.79 6.43
CA GLY D 175 -24.56 4.35 6.56
C GLY D 175 -25.70 3.71 5.78
N ALA D 176 -26.92 4.27 5.85
CA ALA D 176 -28.10 3.61 5.28
C ALA D 176 -28.75 4.09 3.95
N GLY D 177 -29.04 5.39 3.80
CA GLY D 177 -29.92 5.74 2.67
C GLY D 177 -29.40 6.59 1.52
N ALA D 178 -30.35 6.94 0.64
CA ALA D 178 -30.22 7.72 -0.59
C ALA D 178 -31.18 8.92 -0.46
N ILE D 179 -30.88 10.03 -1.13
CA ILE D 179 -31.71 11.25 -1.04
C ILE D 179 -32.16 11.80 -2.39
N MET D 180 -31.24 11.82 -3.35
CA MET D 180 -31.47 12.43 -4.64
C MET D 180 -32.05 11.53 -5.70
N MET D 181 -31.65 10.24 -5.75
CA MET D 181 -32.08 9.37 -6.83
C MET D 181 -33.25 8.45 -6.59
N GLU D 182 -33.91 8.13 -7.70
CA GLU D 182 -35.01 7.18 -7.73
C GLU D 182 -34.36 5.77 -7.80
N HIS D 183 -35.12 4.72 -7.45
CA HIS D 183 -34.71 3.32 -7.57
C HIS D 183 -33.24 3.08 -7.20
N THR D 184 -32.88 3.36 -5.95
CA THR D 184 -31.51 3.21 -5.47
C THR D 184 -31.44 2.26 -4.28
N ALA D 185 -30.45 1.36 -4.28
CA ALA D 185 -30.26 0.40 -3.20
C ALA D 185 -29.75 1.12 -1.96
N GLU D 186 -30.05 0.57 -0.79
CA GLU D 186 -29.65 1.17 0.47
C GLU D 186 -29.21 0.08 1.42
N THR D 187 -28.53 0.47 2.51
CA THR D 187 -28.06 -0.51 3.48
C THR D 187 -29.02 -0.63 4.66
N ASN D 188 -29.12 -1.85 5.20
CA ASN D 188 -29.96 -2.15 6.35
C ASN D 188 -29.49 -1.31 7.54
N PRO D 189 -30.33 -0.41 8.09
CA PRO D 189 -29.89 0.40 9.22
C PRO D 189 -29.28 -0.37 10.37
N GLU D 190 -29.69 -1.62 10.59
CA GLU D 190 -29.17 -2.42 11.70
C GLU D 190 -27.70 -2.70 11.54
N LEU D 191 -27.23 -2.83 10.29
CA LEU D 191 -25.84 -3.14 10.03
C LEU D 191 -24.91 -1.94 10.18
N VAL D 192 -25.46 -0.72 10.20
CA VAL D 192 -24.63 0.50 10.25
C VAL D 192 -25.04 1.47 11.35
N LYS D 193 -25.70 0.99 12.40
CA LYS D 193 -26.14 1.87 13.49
C LYS D 193 -25.00 2.55 14.24
N ASP D 194 -23.75 2.11 13.99
CA ASP D 194 -22.57 2.70 14.61
C ASP D 194 -21.98 3.84 13.74
N SER D 195 -22.54 4.09 12.54
CA SER D 195 -22.05 5.09 11.60
C SER D 195 -22.88 6.35 11.74
N TYR D 196 -22.19 7.50 11.80
CA TYR D 196 -22.83 8.79 11.96
C TYR D 196 -21.79 9.89 11.75
N ALA D 197 -22.23 11.16 11.71
CA ALA D 197 -21.33 12.29 11.54
C ALA D 197 -21.67 13.42 12.48
N LYS D 198 -20.64 14.10 12.95
CA LYS D 198 -20.81 15.23 13.86
C LYS D 198 -19.83 16.31 13.48
N CYS D 199 -19.84 17.42 14.23
CA CYS D 199 -18.90 18.50 13.97
C CYS D 199 -18.56 19.16 15.29
N PHE D 200 -17.47 19.92 15.33
CA PHE D 200 -17.11 20.70 16.52
C PHE D 200 -16.58 22.03 16.01
N THR D 201 -16.55 23.04 16.87
CA THR D 201 -16.07 24.37 16.49
C THR D 201 -15.59 25.11 17.73
N GLY D 202 -14.69 26.06 17.52
CA GLY D 202 -14.20 26.90 18.61
C GLY D 202 -15.12 28.09 18.84
N ASN D 203 -16.09 28.31 17.92
CA ASN D 203 -17.07 29.40 18.00
C ASN D 203 -18.27 28.95 18.83
N ASP D 204 -18.35 29.41 20.08
CA ASP D 204 -19.45 29.02 20.98
C ASP D 204 -20.83 29.43 20.47
N GLU D 205 -20.95 30.56 19.79
CA GLU D 205 -22.24 31.02 19.25
C GLU D 205 -22.70 30.07 18.12
N LEU D 206 -21.76 29.65 17.26
CA LEU D 206 -22.12 28.71 16.19
C LEU D 206 -22.49 27.38 16.82
N ALA D 207 -21.70 26.90 17.81
CA ALA D 207 -21.98 25.64 18.48
C ALA D 207 -23.42 25.63 19.04
N ASP D 208 -23.80 26.71 19.74
CA ASP D 208 -25.14 26.82 20.33
C ASP D 208 -26.25 26.92 19.28
N ALA D 209 -25.94 27.33 18.04
CA ALA D 209 -26.93 27.47 16.96
C ALA D 209 -27.22 26.16 16.22
N LEU D 210 -26.34 25.16 16.36
CA LEU D 210 -26.52 23.89 15.67
C LEU D 210 -27.33 22.90 16.46
N ASP D 211 -27.89 21.90 15.76
CA ASP D 211 -28.65 20.81 16.38
C ASP D 211 -27.60 20.05 17.19
N GLN D 212 -27.77 20.05 18.50
CA GLN D 212 -26.81 19.46 19.40
C GLN D 212 -26.59 17.96 19.15
N ARG D 213 -27.51 17.29 18.47
CA ARG D 213 -27.34 15.87 18.16
C ARG D 213 -26.15 15.66 17.21
N PHE D 214 -25.77 16.69 16.44
CA PHE D 214 -24.64 16.57 15.48
C PHE D 214 -23.38 17.24 16.02
N LEU D 215 -23.33 17.59 17.30
CA LEU D 215 -22.18 18.32 17.83
C LEU D 215 -21.35 17.53 18.82
N ILE D 216 -20.04 17.70 18.67
CA ILE D 216 -19.04 17.20 19.67
C ILE D 216 -18.84 18.48 20.47
N ASP D 217 -19.33 18.49 21.71
CA ASP D 217 -19.35 19.70 22.51
C ASP D 217 -18.08 19.79 23.35
N ILE D 218 -17.13 20.64 22.92
CA ILE D 218 -15.85 20.81 23.59
C ILE D 218 -16.02 21.33 25.02
N ASN D 219 -16.99 22.22 25.23
CA ASN D 219 -17.23 22.77 26.57
C ASN D 219 -17.73 21.69 27.53
N LYS D 220 -18.58 20.77 27.07
CA LYS D 220 -19.13 19.69 27.92
C LYS D 220 -18.13 18.56 28.12
N MET D 221 -17.38 18.17 27.08
CA MET D 221 -16.45 17.05 27.19
C MET D 221 -15.17 17.34 27.96
N PHE D 222 -14.66 18.57 27.90
CA PHE D 222 -13.39 18.90 28.54
C PHE D 222 -13.46 19.83 29.72
N PRO D 223 -12.47 19.75 30.65
CA PRO D 223 -12.44 20.73 31.75
C PRO D 223 -12.13 22.10 31.14
N LYS D 224 -12.55 23.17 31.81
CA LYS D 224 -12.37 24.54 31.32
C LYS D 224 -10.98 24.84 30.74
N TYR D 225 -9.91 24.59 31.48
CA TYR D 225 -8.56 24.91 30.98
C TYR D 225 -8.19 24.19 29.70
N GLN D 226 -8.69 22.95 29.52
CA GLN D 226 -8.41 22.18 28.31
C GLN D 226 -9.32 22.64 27.18
N ALA D 227 -10.59 22.94 27.48
CA ALA D 227 -11.51 23.44 26.47
C ALA D 227 -10.97 24.77 25.91
N ASP D 228 -10.44 25.64 26.78
CA ASP D 228 -9.88 26.91 26.34
C ASP D 228 -8.73 26.66 25.35
N GLN D 229 -7.82 25.73 25.65
CA GLN D 229 -6.69 25.46 24.76
C GLN D 229 -7.13 24.90 23.42
N ILE D 230 -8.07 23.95 23.44
CA ILE D 230 -8.52 23.33 22.18
C ILE D 230 -9.26 24.34 21.31
N LYS D 231 -10.22 25.08 21.89
CA LYS D 231 -10.99 26.06 21.14
C LYS D 231 -10.09 27.16 20.55
N ALA D 232 -9.00 27.54 21.26
CA ALA D 232 -8.08 28.54 20.73
C ALA D 232 -7.41 28.02 19.45
N GLU D 233 -7.11 26.70 19.38
CA GLU D 233 -6.50 26.13 18.17
C GLU D 233 -7.53 25.93 17.07
N VAL D 234 -8.72 25.43 17.43
CA VAL D 234 -9.76 25.21 16.42
C VAL D 234 -10.20 26.56 15.83
N GLY D 235 -10.33 27.56 16.68
CA GLY D 235 -10.73 28.90 16.27
C GLY D 235 -12.12 28.93 15.69
N ASP D 236 -12.41 29.95 14.89
CA ASP D 236 -13.72 30.12 14.28
C ASP D 236 -13.79 29.30 13.01
N ARG D 237 -13.75 27.98 13.19
CA ARG D 237 -13.81 27.04 12.10
C ARG D 237 -14.69 25.87 12.49
N ILE D 238 -15.21 25.14 11.50
CA ILE D 238 -16.02 23.95 11.73
C ILE D 238 -15.23 22.76 11.28
N PHE D 239 -15.14 21.72 12.11
CA PHE D 239 -14.47 20.48 11.70
C PHE D 239 -15.50 19.37 11.74
N GLN D 240 -15.54 18.53 10.72
CA GLN D 240 -16.48 17.42 10.68
C GLN D 240 -15.75 16.15 11.12
N VAL D 241 -16.42 15.32 11.91
CA VAL D 241 -15.88 14.04 12.36
C VAL D 241 -16.93 13.03 11.95
N ALA D 242 -16.60 12.19 10.96
CA ALA D 242 -17.54 11.21 10.46
C ALA D 242 -16.99 9.84 10.70
N ARG D 243 -17.85 8.89 11.12
CA ARG D 243 -17.42 7.52 11.39
C ARG D 243 -18.18 6.64 10.44
N ILE D 244 -17.48 5.99 9.52
CA ILE D 244 -18.14 5.12 8.54
C ILE D 244 -18.41 3.78 9.23
N PRO D 245 -19.25 2.92 8.64
CA PRO D 245 -19.59 1.68 9.33
C PRO D 245 -18.40 0.79 9.67
N THR D 246 -18.40 0.23 10.89
CA THR D 246 -17.33 -0.71 11.30
C THR D 246 -17.37 -1.90 10.31
N MET D 247 -18.59 -2.35 9.91
CA MET D 247 -18.70 -3.47 8.98
C MET D 247 -17.97 -3.14 7.67
N ALA D 248 -18.02 -1.88 7.22
CA ALA D 248 -17.37 -1.52 5.95
C ALA D 248 -15.84 -1.60 6.02
N VAL D 249 -15.23 -1.10 7.11
CA VAL D 249 -13.76 -1.19 7.18
C VAL D 249 -13.36 -2.69 7.31
N ARG D 250 -14.22 -3.51 7.90
CA ARG D 250 -13.96 -4.95 8.06
C ARG D 250 -14.01 -5.67 6.71
N THR D 251 -14.59 -5.08 5.67
CA THR D 251 -14.55 -5.68 4.32
C THR D 251 -13.42 -5.10 3.46
N SER D 252 -12.63 -4.16 4.02
N SER D 252 -12.67 -4.13 4.01
CA SER D 252 -11.57 -3.53 3.27
CA SER D 252 -11.66 -3.44 3.25
C SER D 252 -10.50 -2.95 4.20
C SER D 252 -10.55 -2.93 4.19
N ASP D 253 -10.31 -1.63 4.26
CA ASP D 253 -9.28 -1.04 5.12
C ASP D 253 -9.71 0.33 5.60
N GLY D 254 -8.90 0.95 6.45
CA GLY D 254 -9.17 2.30 6.95
C GLY D 254 -9.07 3.38 5.88
N GLY D 255 -8.33 3.11 4.81
CA GLY D 255 -8.24 4.05 3.70
C GLY D 255 -9.60 4.24 3.03
N LEU D 256 -10.56 3.36 3.28
CA LEU D 256 -11.91 3.53 2.73
C LEU D 256 -12.59 4.77 3.32
N SER D 257 -12.34 5.06 4.61
CA SER D 257 -13.04 6.15 5.28
C SER D 257 -13.07 7.51 4.55
N ARG D 258 -11.91 8.01 4.12
CA ARG D 258 -11.90 9.35 3.48
C ARG D 258 -12.62 9.28 2.12
N ALA D 259 -12.52 8.14 1.44
CA ALA D 259 -13.18 7.99 0.13
C ALA D 259 -14.70 7.92 0.33
N TRP D 260 -15.14 7.13 1.33
CA TRP D 260 -16.55 6.89 1.67
C TRP D 260 -17.21 8.20 2.09
N VAL D 261 -16.57 8.93 3.01
CA VAL D 261 -17.09 10.23 3.43
C VAL D 261 -17.01 11.20 2.23
N GLY D 262 -16.05 11.04 1.33
CA GLY D 262 -15.97 11.89 0.14
C GLY D 262 -17.23 11.75 -0.69
N GLN D 263 -17.73 10.52 -0.81
CA GLN D 263 -18.95 10.27 -1.59
C GLN D 263 -20.17 10.85 -0.87
N GLN D 264 -20.36 10.48 0.41
CA GLN D 264 -21.56 10.84 1.15
C GLN D 264 -21.66 12.30 1.53
N ALA D 265 -20.54 12.93 1.92
CA ALA D 265 -20.55 14.34 2.25
C ALA D 265 -20.83 15.12 0.95
N SER D 266 -20.23 14.73 -0.19
CA SER D 266 -20.50 15.41 -1.46
C SER D 266 -22.00 15.36 -1.74
N LEU D 267 -22.61 14.17 -1.63
CA LEU D 267 -24.05 14.04 -1.85
C LEU D 267 -24.86 14.88 -0.88
N ALA D 268 -24.50 14.89 0.42
CA ALA D 268 -25.27 15.71 1.38
C ALA D 268 -25.14 17.21 1.01
N PHE D 269 -23.97 17.64 0.45
CA PHE D 269 -23.82 19.03 0.03
C PHE D 269 -24.72 19.28 -1.17
N LEU D 270 -24.75 18.35 -2.14
CA LEU D 270 -25.60 18.52 -3.31
C LEU D 270 -27.08 18.63 -2.92
N CYS D 271 -27.51 17.79 -2.00
CA CYS D 271 -28.92 17.75 -1.60
C CYS D 271 -29.34 18.84 -0.65
N ALA D 272 -28.46 19.26 0.26
CA ALA D 272 -28.79 20.31 1.22
C ALA D 272 -28.78 21.69 0.54
N TYR D 273 -28.01 21.86 -0.55
CA TYR D 273 -27.91 23.15 -1.24
C TYR D 273 -28.53 23.16 -2.63
N ASP D 274 -29.27 22.11 -3.00
CA ASP D 274 -29.92 22.01 -4.31
C ASP D 274 -28.99 22.30 -5.49
N ILE D 275 -27.87 21.58 -5.56
CA ILE D 275 -26.91 21.75 -6.64
C ILE D 275 -27.24 20.77 -7.78
N PRO D 276 -27.26 21.20 -9.05
CA PRO D 276 -27.61 20.26 -10.13
C PRO D 276 -26.68 19.04 -10.22
N ALA D 277 -27.24 17.89 -10.59
CA ALA D 277 -26.47 16.64 -10.70
C ALA D 277 -25.48 16.73 -11.87
N GLY D 278 -24.21 16.88 -11.56
CA GLY D 278 -23.17 16.97 -12.58
C GLY D 278 -22.56 18.36 -12.68
N ASP D 279 -22.87 19.24 -11.73
CA ASP D 279 -22.32 20.59 -11.72
C ASP D 279 -20.83 20.48 -11.39
N ALA D 280 -19.99 21.30 -12.02
CA ALA D 280 -18.55 21.26 -11.78
C ALA D 280 -18.15 21.43 -10.32
N VAL D 281 -18.94 22.14 -9.49
N VAL D 281 -18.94 22.14 -9.50
CA VAL D 281 -18.57 22.33 -8.07
CA VAL D 281 -18.59 22.34 -8.09
C VAL D 281 -18.46 21.01 -7.32
C VAL D 281 -18.48 21.02 -7.32
N THR D 282 -19.22 19.98 -7.75
CA THR D 282 -19.22 18.67 -7.07
C THR D 282 -17.82 18.13 -6.82
N SER D 283 -16.92 18.25 -7.79
CA SER D 283 -15.55 17.74 -7.64
C SER D 283 -14.78 18.43 -6.53
N ASP D 284 -15.13 19.68 -6.17
CA ASP D 284 -14.42 20.37 -5.07
C ASP D 284 -14.77 19.74 -3.71
N PHE D 285 -15.97 19.14 -3.59
CA PHE D 285 -16.39 18.56 -2.31
C PHE D 285 -15.57 17.28 -2.07
N VAL D 286 -15.58 16.34 -3.02
CA VAL D 286 -14.79 15.12 -2.85
C VAL D 286 -13.29 15.43 -2.74
N PHE D 287 -12.76 16.39 -3.50
CA PHE D 287 -11.32 16.73 -3.39
C PHE D 287 -11.03 17.27 -1.99
N THR D 288 -11.91 18.12 -1.46
CA THR D 288 -11.71 18.67 -0.13
C THR D 288 -11.68 17.57 0.92
N ILE D 289 -12.64 16.66 0.86
CA ILE D 289 -12.71 15.57 1.82
C ILE D 289 -11.53 14.60 1.74
N LYS D 290 -11.12 14.23 0.52
CA LYS D 290 -10.04 13.25 0.37
C LYS D 290 -8.65 13.83 0.44
N GLY D 292 -7.89 18.02 0.05
CA GLY D 292 -7.79 19.45 0.30
C GLY D 292 -7.75 19.94 1.73
N ASP D 293 -8.61 19.41 2.60
CA ASP D 293 -8.63 19.86 4.00
C ASP D 293 -9.00 18.65 4.85
N VAL D 294 -8.03 17.76 5.05
CA VAL D 294 -8.29 16.51 5.72
C VAL D 294 -7.26 16.18 6.77
N VAL D 295 -7.71 15.48 7.82
CA VAL D 295 -6.85 15.02 8.88
C VAL D 295 -7.05 13.50 8.91
N PHE D 296 -5.94 12.76 8.83
CA PHE D 296 -5.97 11.31 8.83
C PHE D 296 -5.47 10.80 10.15
N MET D 297 -5.95 9.64 10.58
CA MET D 297 -5.38 9.05 11.80
C MET D 297 -3.99 8.50 11.41
N GLY D 298 -3.88 7.95 10.20
CA GLY D 298 -2.61 7.41 9.74
C GLY D 298 -2.23 7.80 8.33
N THR D 299 -0.93 8.03 8.14
CA THR D 299 -0.36 8.38 6.84
C THR D 299 -0.01 7.09 6.08
N GLN D 300 0.20 7.21 4.75
CA GLN D 300 0.54 6.06 3.92
C GLN D 300 1.89 5.43 4.30
N LEU D 301 2.03 4.15 3.96
CA LEU D 301 3.26 3.38 4.24
C LEU D 301 3.94 2.97 2.94
N PRO D 302 5.27 2.78 2.97
CA PRO D 302 5.99 2.38 1.74
C PRO D 302 5.74 0.93 1.30
N TYR D 303 6.19 0.60 0.07
CA TYR D 303 5.92 -0.65 -0.62
C TYR D 303 6.03 -1.94 0.17
N ARG D 304 7.09 -2.11 0.98
CA ARG D 304 7.25 -3.37 1.70
C ARG D 304 6.06 -3.64 2.62
N ALA D 306 3.08 -1.73 2.29
CA ALA D 306 2.14 -0.86 1.61
C ALA D 306 0.79 -0.68 2.26
N GLN D 307 0.41 0.55 2.53
CA GLN D 307 -0.90 0.86 3.06
C GLN D 307 -1.32 2.25 2.62
N ARG D 308 -2.60 2.40 2.36
CA ARG D 308 -3.23 3.68 2.10
C ARG D 308 -3.33 4.35 3.50
N ASN D 309 -4.03 5.50 3.59
CA ASN D 309 -4.19 6.16 4.89
C ASN D 309 -4.98 5.30 5.88
N ASN D 310 -4.85 5.64 7.15
CA ASN D 310 -5.59 5.04 8.22
C ASN D 310 -5.33 3.56 8.50
N SER D 311 -4.09 3.11 8.38
CA SER D 311 -3.74 1.76 8.83
C SER D 311 -3.04 2.05 10.14
N ALA D 312 -3.03 1.09 11.06
CA ALA D 312 -2.38 1.31 12.35
C ALA D 312 -0.90 1.70 12.22
N GLY D 313 -0.24 1.20 11.16
CA GLY D 313 1.16 1.48 10.91
C GLY D 313 1.49 2.92 10.60
N GLY D 314 0.51 3.65 10.06
CA GLY D 314 0.71 5.06 9.71
C GLY D 314 0.32 6.03 10.80
N ILE D 315 -0.20 5.51 11.92
CA ILE D 315 -0.62 6.39 13.00
C ILE D 315 0.58 6.83 13.82
N ALA D 316 0.83 8.14 13.86
CA ALA D 316 1.94 8.67 14.64
C ALA D 316 1.70 8.39 16.12
N LEU D 317 2.78 8.19 16.88
CA LEU D 317 2.66 7.92 18.31
C LEU D 317 1.81 9.00 19.00
N GLY D 318 2.03 10.28 18.65
CA GLY D 318 1.26 11.37 19.24
C GLY D 318 -0.22 11.29 18.95
N TYR D 319 -0.61 10.75 17.77
CA TYR D 319 -2.04 10.61 17.42
C TYR D 319 -2.65 9.48 18.27
N TYR D 320 -1.88 8.41 18.57
CA TYR D 320 -2.36 7.36 19.48
C TYR D 320 -2.50 8.00 20.87
N SER D 321 -1.59 8.90 21.21
CA SER D 321 -1.63 9.59 22.50
C SER D 321 -2.88 10.45 22.61
N ASP D 322 -3.17 11.24 21.56
CA ASP D 322 -4.28 12.16 21.59
C ASP D 322 -5.65 11.54 21.38
N CYS D 323 -5.76 10.38 20.69
CA CYS D 323 -7.10 9.78 20.56
C CYS D 323 -7.53 9.20 21.93
N ASN D 324 -6.56 8.88 22.84
CA ASN D 324 -6.90 8.44 24.19
C ASN D 324 -7.60 9.62 24.88
N GLN D 325 -8.62 9.36 25.68
CA GLN D 325 -9.37 10.43 26.33
C GLN D 325 -9.23 10.43 27.84
N THR D 326 -8.26 9.70 28.39
CA THR D 326 -8.05 9.66 29.84
C THR D 326 -7.64 11.04 30.34
N SER D 327 -7.00 11.85 29.48
CA SER D 327 -6.57 13.20 29.82
C SER D 327 -7.72 14.11 30.32
N ARG D 328 -8.98 13.85 29.89
CA ARG D 328 -10.11 14.70 30.31
C ARG D 328 -11.00 14.06 31.39
N THR D 329 -10.54 12.97 32.03
CA THR D 329 -11.34 12.31 33.06
C THR D 329 -11.06 12.87 34.45
N PRO D 330 -12.03 12.78 35.38
CA PRO D 330 -11.75 13.26 36.73
C PRO D 330 -10.53 12.56 37.35
N GLU D 331 -10.37 11.26 37.08
CA GLU D 331 -9.23 10.49 37.60
C GLU D 331 -7.88 11.13 37.19
N ALA D 332 -7.78 11.60 35.94
CA ALA D 332 -6.55 12.24 35.48
C ALA D 332 -6.43 13.71 35.93
N LEU D 333 -7.56 14.34 36.30
CA LEU D 333 -7.55 15.75 36.69
C LEU D 333 -7.43 15.97 38.19
N GLU D 334 -7.88 15.02 39.02
CA GLU D 334 -7.81 15.23 40.50
C GLU D 334 -7.45 13.95 41.27
N GLY D 335 -6.95 12.92 40.57
CA GLY D 335 -6.55 11.67 41.18
C GLY D 335 -5.29 11.69 42.03
N LEU D 336 -4.44 12.69 41.80
CA LEU D 336 -3.17 12.84 42.57
C LEU D 336 -3.41 13.79 43.74
N ASP D 337 -4.16 13.33 44.75
CA ASP D 337 -4.48 14.15 45.93
C ASP D 337 -5.02 15.51 45.50
N GLY D 338 -6.09 15.49 44.72
CA GLY D 338 -6.73 16.70 44.24
C GLY D 338 -6.06 17.35 43.04
N GLY D 339 -4.88 16.88 42.67
CA GLY D 339 -4.15 17.43 41.55
C GLY D 339 -4.11 16.52 40.34
N ILE D 340 -3.59 17.02 39.22
CA ILE D 340 -3.52 16.23 38.00
C ILE D 340 -2.66 14.99 38.17
N ASP D 341 -3.08 13.90 37.51
CA ASP D 341 -2.36 12.64 37.62
C ASP D 341 -1.87 12.24 36.24
N PRO D 342 -0.68 12.69 35.83
CA PRO D 342 -0.16 12.28 34.51
C PRO D 342 0.14 10.79 34.40
N VAL D 343 0.34 10.11 35.54
CA VAL D 343 0.64 8.68 35.53
C VAL D 343 -0.60 7.91 35.09
N LYS D 344 -1.79 8.30 35.57
CA LYS D 344 -3.05 7.67 35.14
C LYS D 344 -3.18 7.80 33.61
N VAL D 345 -2.81 8.97 33.06
CA VAL D 345 -2.87 9.20 31.62
C VAL D 345 -1.88 8.28 30.89
N ILE D 346 -0.66 8.15 31.38
CA ILE D 346 0.36 7.31 30.74
C ILE D 346 -0.06 5.86 30.72
N VAL D 347 -0.45 5.33 31.89
CA VAL D 347 -0.78 3.91 32.02
C VAL D 347 -2.04 3.52 31.25
N GLU D 348 -2.95 4.48 31.00
CA GLU D 348 -4.14 4.18 30.20
C GLU D 348 -3.83 4.36 28.72
N ALA D 349 -3.16 5.46 28.35
CA ALA D 349 -2.85 5.70 26.93
C ALA D 349 -1.96 4.60 26.37
N LEU D 350 -1.06 4.03 27.19
CA LEU D 350 -0.20 2.95 26.68
C LEU D 350 -0.96 1.64 26.50
N THR D 351 -2.16 1.48 27.07
CA THR D 351 -2.88 0.22 26.94
C THR D 351 -3.34 0.05 25.48
N PRO D 352 -4.18 0.92 24.87
CA PRO D 352 -4.47 0.74 23.44
C PRO D 352 -3.19 0.98 22.64
N GLY D 353 -2.27 1.84 23.11
CA GLY D 353 -1.02 2.07 22.41
C GLY D 353 -0.28 0.76 22.18
N VAL D 355 -1.61 -2.52 22.77
CA VAL D 355 -2.47 -3.54 22.15
C VAL D 355 -2.70 -3.29 20.67
N ILE D 356 -2.95 -2.05 20.28
CA ILE D 356 -3.21 -1.80 18.85
C ILE D 356 -1.92 -1.93 18.04
N THR D 357 -0.79 -1.34 18.48
CA THR D 357 0.44 -1.44 17.67
C THR D 357 1.02 -2.83 17.67
N ASP D 358 0.98 -3.53 18.81
CA ASP D 358 1.56 -4.87 18.87
C ASP D 358 0.61 -5.99 18.44
N GLN D 359 -0.63 -6.02 18.95
CA GLN D 359 -1.55 -7.09 18.57
C GLN D 359 -2.33 -6.73 17.32
N GLY D 360 -2.86 -5.52 17.28
CA GLY D 360 -3.65 -5.11 16.11
C GLY D 360 -2.82 -4.98 14.85
N TRP D 361 -1.58 -4.48 15.00
CA TRP D 361 -0.74 -4.19 13.83
C TRP D 361 0.43 -5.15 13.61
N LEU D 362 1.43 -5.19 14.50
CA LEU D 362 2.58 -6.07 14.27
C LEU D 362 2.11 -7.52 14.10
N HIS D 363 1.17 -7.93 14.95
CA HIS D 363 0.64 -9.30 14.85
C HIS D 363 -0.42 -9.42 13.76
N ASN D 364 -1.58 -8.74 13.89
CA ASN D 364 -2.64 -8.90 12.91
C ASN D 364 -2.38 -8.30 11.53
N TYR D 365 -1.24 -7.61 11.27
CA TYR D 365 -0.94 -7.18 9.91
C TYR D 365 0.42 -7.77 9.45
N LEU D 366 1.47 -7.62 10.26
CA LEU D 366 2.82 -8.02 9.82
C LEU D 366 3.24 -9.45 10.10
N ALA D 367 2.58 -10.17 11.03
CA ALA D 367 3.01 -11.56 11.31
C ALA D 367 1.74 -12.42 11.52
N GLY D 368 1.30 -12.69 12.75
CA GLY D 368 0.06 -13.42 12.94
C GLY D 368 0.14 -14.73 13.69
N GLY D 369 -0.96 -15.46 13.63
CA GLY D 369 -1.08 -16.73 14.31
C GLY D 369 -2.11 -16.67 15.41
N SER D 370 -2.30 -17.81 16.05
CA SER D 370 -3.35 -17.98 17.05
C SER D 370 -3.12 -17.39 18.44
N SER D 371 -1.89 -17.00 18.80
CA SER D 371 -1.65 -16.48 20.16
C SER D 371 -1.93 -14.99 20.40
N GLY D 372 -1.83 -14.17 19.36
CA GLY D 372 -1.98 -12.72 19.54
C GLY D 372 -0.83 -12.17 20.39
N TRP D 373 0.23 -12.99 20.67
CA TRP D 373 1.36 -12.60 21.53
C TRP D 373 0.79 -11.97 22.82
N SER D 374 -0.36 -12.47 23.25
CA SER D 374 -1.13 -11.85 24.34
C SER D 374 -0.41 -11.70 25.68
N ASN D 375 0.21 -12.76 26.21
CA ASN D 375 0.88 -12.62 27.51
C ASN D 375 1.96 -11.53 27.51
N TYR D 376 2.67 -11.33 26.39
CA TYR D 376 3.68 -10.26 26.33
C TYR D 376 3.09 -8.92 26.74
N ILE D 378 -0.22 -8.33 27.87
CA ILE D 378 -1.11 -8.32 29.05
C ILE D 378 -0.37 -7.78 30.28
N SER D 379 0.92 -8.11 30.39
CA SER D 379 1.73 -7.70 31.53
C SER D 379 1.79 -6.19 31.76
N VAL D 380 1.52 -5.37 30.73
CA VAL D 380 1.64 -3.91 30.90
C VAL D 380 0.39 -3.21 31.44
N TYR D 381 -0.75 -3.92 31.55
CA TYR D 381 -1.96 -3.27 32.06
C TYR D 381 -2.66 -4.10 33.12
N THR D 382 -1.95 -5.07 33.72
CA THR D 382 -2.54 -5.92 34.74
C THR D 382 -1.68 -6.04 36.00
N ASP D 383 -2.35 -6.37 37.11
CA ASP D 383 -1.74 -6.65 38.41
C ASP D 383 -0.92 -5.52 39.05
N GLU D 384 -1.10 -4.27 38.58
CA GLU D 384 -0.44 -3.10 39.15
C GLU D 384 1.08 -3.13 39.21
N VAL D 385 1.74 -4.00 38.42
CA VAL D 385 3.20 -4.09 38.48
C VAL D 385 3.83 -2.82 37.89
N LEU D 386 3.57 -2.53 36.60
CA LEU D 386 4.09 -1.33 35.96
C LEU D 386 3.54 -0.11 36.69
N GLU D 387 2.30 -0.20 37.19
CA GLU D 387 1.68 0.90 37.94
C GLU D 387 2.55 1.28 39.14
N ASP D 388 2.97 0.27 39.92
CA ASP D 388 3.78 0.50 41.11
C ASP D 388 5.11 1.13 40.77
N TYR D 389 5.74 0.66 39.71
CA TYR D 389 7.05 1.15 39.32
C TYR D 389 6.98 2.58 38.83
N GLY D 390 5.95 2.91 38.06
CA GLY D 390 5.75 4.26 37.54
C GLY D 390 5.51 5.22 38.66
N TYR D 391 4.55 4.89 39.55
CA TYR D 391 4.27 5.78 40.69
C TYR D 391 5.49 5.89 41.59
N HIS D 392 6.32 4.85 41.68
CA HIS D 392 7.53 4.91 42.53
C HIS D 392 8.44 6.05 42.07
N GLY D 393 8.64 6.11 40.77
CA GLY D 393 9.50 7.12 40.17
C GLY D 393 8.96 8.53 40.38
N ALA D 394 7.64 8.70 40.30
CA ALA D 394 7.00 9.98 40.52
C ALA D 394 7.17 10.43 41.98
N ILE D 395 6.84 9.55 42.95
CA ILE D 395 6.97 9.86 44.37
C ILE D 395 8.43 10.17 44.71
N TYR D 396 9.36 9.38 44.19
CA TYR D 396 10.79 9.57 44.41
C TYR D 396 11.23 10.96 43.91
N ALA D 397 10.85 11.33 42.68
CA ALA D 397 11.23 12.61 42.09
C ALA D 397 10.57 13.79 42.78
N MET D 398 9.30 13.67 43.13
CA MET D 398 8.60 14.75 43.82
C MET D 398 9.28 15.05 45.14
N ASP D 399 9.75 14.01 45.85
CA ASP D 399 10.43 14.19 47.14
C ASP D 399 11.86 14.73 46.94
N LYS D 400 12.58 14.22 45.96
CA LYS D 400 13.96 14.62 45.72
C LYS D 400 14.06 16.05 45.23
N TRP D 401 13.26 16.42 44.24
CA TRP D 401 13.29 17.74 43.66
C TRP D 401 12.34 18.73 44.32
N LYS D 402 11.53 18.28 45.30
CA LYS D 402 10.58 19.14 46.02
C LYS D 402 9.76 19.99 45.08
N CYS D 403 9.01 19.32 44.21
CA CYS D 403 8.20 20.01 43.22
C CYS D 403 7.07 19.09 42.78
N GLY D 404 6.20 19.58 41.90
CA GLY D 404 5.09 18.79 41.39
C GLY D 404 5.43 18.15 40.06
N VAL D 405 4.44 17.52 39.46
CA VAL D 405 4.64 16.89 38.16
C VAL D 405 4.94 17.96 37.10
N GLY D 406 5.75 17.59 36.12
CA GLY D 406 6.14 18.46 35.01
C GLY D 406 7.10 19.56 35.41
N GLU D 407 7.62 19.56 36.66
CA GLU D 407 8.49 20.65 37.11
C GLU D 407 9.93 20.28 37.40
N VAL D 408 10.35 19.03 37.19
CA VAL D 408 11.75 18.66 37.40
C VAL D 408 12.50 19.21 36.18
N PRO D 409 13.59 19.98 36.35
CA PRO D 409 14.33 20.46 35.17
C PRO D 409 14.62 19.34 34.18
N ASN D 410 14.37 19.58 32.90
CA ASN D 410 14.59 18.55 31.88
C ASN D 410 16.06 18.37 31.46
N THR D 411 16.97 18.14 32.42
CA THR D 411 18.37 17.93 32.10
C THR D 411 18.66 16.46 31.87
N TYR D 412 19.70 16.15 31.10
CA TYR D 412 20.05 14.76 30.82
C TYR D 412 20.42 14.07 32.15
N GLU D 413 21.15 14.78 33.03
CA GLU D 413 21.56 14.31 34.35
C GLU D 413 20.33 13.96 35.19
N ASN D 414 19.24 14.77 35.12
CA ASN D 414 18.04 14.44 35.91
C ASN D 414 17.33 13.20 35.39
N MET D 415 17.32 13.03 34.06
CA MET D 415 16.73 11.86 33.43
C MET D 415 17.47 10.58 33.89
N MET D 416 18.80 10.63 33.92
CA MET D 416 19.61 9.46 34.31
C MET D 416 19.37 9.06 35.76
N THR D 417 19.27 10.05 36.63
CA THR D 417 19.02 9.80 38.05
C THR D 417 17.69 9.06 38.26
N ILE D 418 16.60 9.57 37.67
CA ILE D 418 15.29 8.95 37.83
C ILE D 418 15.29 7.56 37.21
N ALA D 419 15.87 7.41 36.01
CA ALA D 419 15.92 6.11 35.35
C ALA D 419 16.65 5.07 36.21
N GLU D 420 17.77 5.46 36.84
CA GLU D 420 18.55 4.56 37.69
C GLU D 420 17.71 4.10 38.87
N GLU D 421 16.93 5.01 39.46
CA GLU D 421 16.11 4.65 40.63
C GLU D 421 14.93 3.76 40.22
N VAL D 422 14.29 4.04 39.08
CA VAL D 422 13.14 3.22 38.67
C VAL D 422 13.60 1.84 38.24
N SER D 423 14.74 1.76 37.54
CA SER D 423 15.31 0.49 37.15
C SER D 423 15.65 -0.31 38.45
N ARG D 424 16.29 0.37 39.40
CA ARG D 424 16.63 -0.25 40.67
C ARG D 424 15.39 -0.83 41.35
N TRP D 425 14.31 -0.04 41.45
CA TRP D 425 13.08 -0.47 42.10
C TRP D 425 12.44 -1.61 41.36
N SER D 426 12.46 -1.56 40.02
CA SER D 426 11.87 -2.63 39.21
C SER D 426 12.62 -3.93 39.50
N GLN D 427 13.95 -3.88 39.45
CA GLN D 427 14.80 -5.04 39.72
C GLN D 427 14.65 -5.53 41.16
N LYS D 428 14.52 -4.62 42.11
CA LYS D 428 14.34 -5.01 43.50
C LYS D 428 13.12 -5.89 43.63
N ASN D 429 12.00 -5.51 43.00
CA ASN D 429 10.76 -6.29 43.14
C ASN D 429 10.79 -7.59 42.40
N TYR D 430 11.33 -7.61 41.18
CA TYR D 430 11.42 -8.87 40.45
C TYR D 430 12.37 -9.84 41.20
N ASP D 431 13.40 -9.31 41.87
CA ASP D 431 14.38 -10.15 42.60
C ASP D 431 13.81 -10.64 43.94
N GLU D 432 13.07 -9.79 44.64
CA GLU D 432 12.55 -10.14 45.95
C GLU D 432 11.24 -10.90 45.92
N TYR D 433 10.59 -11.01 44.75
CA TYR D 433 9.31 -11.73 44.66
C TYR D 433 9.33 -12.78 43.55
N PRO D 434 9.83 -13.99 43.87
CA PRO D 434 9.87 -15.07 42.87
C PRO D 434 8.53 -15.31 42.15
N GLY D 435 7.41 -15.10 42.85
CA GLY D 435 6.10 -15.26 42.25
C GLY D 435 5.82 -14.20 41.19
N LEU D 436 6.38 -12.99 41.37
CA LEU D 436 6.27 -11.89 40.42
C LEU D 436 7.17 -12.20 39.21
N MET D 437 8.40 -12.67 39.48
CA MET D 437 9.36 -13.05 38.43
C MET D 437 8.76 -14.17 37.55
N GLU D 438 8.04 -15.12 38.16
CA GLU D 438 7.40 -16.20 37.42
C GLU D 438 6.16 -15.68 36.67
N ALA D 439 5.41 -14.72 37.26
CA ALA D 439 4.23 -14.16 36.58
C ALA D 439 4.65 -13.49 35.26
N HIS D 440 5.70 -12.64 35.32
CA HIS D 440 6.24 -11.99 34.12
C HIS D 440 7.43 -12.82 33.71
N PHE D 441 7.16 -14.07 33.35
CA PHE D 441 8.21 -15.04 33.02
C PHE D 441 9.06 -14.72 31.78
N GLY D 442 8.57 -13.89 30.88
CA GLY D 442 9.34 -13.52 29.70
C GLY D 442 10.22 -12.33 30.04
N GLY D 443 11.50 -12.39 29.73
CA GLY D 443 12.40 -11.27 30.00
C GLY D 443 11.95 -9.98 29.35
N SER D 444 11.32 -10.05 28.15
CA SER D 444 10.85 -8.84 27.49
C SER D 444 9.85 -8.10 28.34
N ARG D 446 9.63 -8.02 31.60
CA ARG D 446 10.36 -7.38 32.71
C ARG D 446 11.23 -6.21 32.27
N TYR D 447 11.85 -6.35 31.11
CA TYR D 447 12.73 -5.34 30.51
C TYR D 447 11.86 -4.14 30.03
N SER D 448 10.79 -4.41 29.26
CA SER D 448 9.90 -3.34 28.81
C SER D 448 9.29 -2.61 30.01
N ILE D 449 8.91 -3.37 31.04
CA ILE D 449 8.26 -2.74 32.21
C ILE D 449 9.24 -1.81 32.96
N GLN D 450 10.53 -2.17 33.15
CA GLN D 450 11.41 -1.23 33.87
C GLN D 450 11.71 -0.01 32.97
N ALA D 451 11.82 -0.22 31.66
CA ALA D 451 12.06 0.87 30.72
C ALA D 451 10.84 1.79 30.67
N ALA D 452 9.62 1.25 30.61
CA ALA D 452 8.39 2.04 30.54
C ALA D 452 8.16 2.81 31.83
N ALA D 453 8.40 2.18 32.99
CA ALA D 453 8.21 2.85 34.27
C ALA D 453 9.20 4.03 34.39
N SER D 454 10.44 3.85 33.90
CA SER D 454 11.46 4.90 33.93
C SER D 454 11.05 6.06 33.04
N GLY D 455 10.57 5.76 31.83
CA GLY D 455 10.13 6.78 30.90
C GLY D 455 8.89 7.50 31.39
N ALA D 456 7.98 6.77 32.02
CA ALA D 456 6.75 7.36 32.57
C ALA D 456 7.13 8.35 33.66
N ALA D 457 8.06 7.97 34.54
CA ALA D 457 8.48 8.85 35.63
C ALA D 457 9.18 10.10 35.07
N VAL D 458 10.13 9.93 34.15
CA VAL D 458 10.84 11.09 33.58
C VAL D 458 9.86 11.98 32.80
N GLY D 459 9.01 11.39 31.97
CA GLY D 459 8.03 12.15 31.18
C GLY D 459 7.05 12.90 32.06
N ALA D 460 6.52 12.22 33.10
CA ALA D 460 5.56 12.88 33.99
C ALA D 460 6.23 13.94 34.84
N MET D 461 7.50 13.76 35.20
CA MET D 461 8.16 14.70 36.10
C MET D 461 8.81 15.88 35.41
N THR D 462 9.19 15.75 34.13
CA THR D 462 9.82 16.85 33.42
C THR D 462 8.90 17.48 32.35
N GLY D 463 7.86 16.77 31.91
CA GLY D 463 6.98 17.26 30.86
C GLY D 463 7.64 17.20 29.49
N ASP D 464 8.84 16.56 29.40
CA ASP D 464 9.58 16.48 28.15
C ASP D 464 9.40 15.07 27.54
N PRO D 465 8.71 14.96 26.38
CA PRO D 465 8.44 13.64 25.81
C PRO D 465 9.66 12.95 25.23
N ASP D 466 10.59 13.70 24.62
CA ASP D 466 11.79 13.11 24.05
C ASP D 466 12.69 12.67 25.20
N LEU D 467 12.79 13.45 26.28
CA LEU D 467 13.64 13.09 27.40
C LEU D 467 13.03 11.91 28.16
N GLY D 468 11.69 11.88 28.23
CA GLY D 468 11.00 10.78 28.88
C GLY D 468 11.31 9.47 28.16
N ASN D 469 11.29 9.51 26.83
CA ASN D 469 11.56 8.35 26.02
C ASN D 469 13.05 8.01 25.98
N ALA D 470 13.94 9.02 26.17
CA ALA D 470 15.36 8.76 26.24
C ALA D 470 15.63 7.87 27.48
N ALA D 471 14.84 8.08 28.56
CA ALA D 471 15.02 7.30 29.78
C ALA D 471 14.71 5.83 29.51
N TRP D 472 13.80 5.53 28.56
CA TRP D 472 13.49 4.16 28.22
C TRP D 472 14.75 3.45 27.73
N HIS D 473 15.44 4.04 26.74
CA HIS D 473 16.62 3.40 26.16
C HIS D 473 17.79 3.29 27.13
N TYR D 474 17.92 4.23 28.05
CA TYR D 474 19.00 4.16 29.03
C TYR D 474 18.84 2.89 29.91
N ASN D 475 17.63 2.33 29.97
CA ASN D 475 17.43 1.12 30.80
C ASN D 475 18.15 -0.09 30.19
N THR D 476 18.65 -0.01 28.96
CA THR D 476 19.27 -1.22 28.36
C THR D 476 20.50 -1.71 29.16
N PRO D 477 21.53 -0.88 29.43
CA PRO D 477 22.69 -1.30 30.23
C PRO D 477 22.26 -1.61 31.67
N LEU D 478 21.35 -0.79 32.20
CA LEU D 478 20.87 -0.94 33.60
C LEU D 478 20.24 -2.33 33.77
N CYS D 479 19.48 -2.78 32.77
CA CYS D 479 18.82 -4.08 32.83
C CYS D 479 19.84 -5.20 32.54
N LYS D 480 20.53 -5.09 31.40
CA LYS D 480 21.49 -6.09 30.96
C LYS D 480 22.64 -6.37 31.95
N GLU D 481 23.26 -5.33 32.48
CA GLU D 481 24.40 -5.52 33.39
C GLU D 481 23.96 -6.07 34.77
N HIS D 482 22.67 -6.05 35.09
CA HIS D 482 22.20 -6.57 36.37
C HIS D 482 21.87 -8.07 36.22
N TYR D 483 20.93 -8.40 35.30
CA TYR D 483 20.47 -9.76 35.08
C TYR D 483 21.32 -10.58 34.11
N LEU D 484 22.04 -9.91 33.21
CA LEU D 484 22.78 -10.60 32.14
C LEU D 484 21.84 -11.29 31.18
N ARG D 485 20.65 -10.73 31.03
CA ARG D 485 19.65 -11.18 30.06
C ARG D 485 18.72 -9.99 29.83
N LEU D 486 18.09 -9.90 28.65
CA LEU D 486 17.21 -8.78 28.37
C LEU D 486 15.83 -9.36 28.03
N GLY D 487 15.47 -9.36 26.75
CA GLY D 487 14.18 -9.88 26.33
C GLY D 487 14.34 -10.94 25.26
N PHE D 488 13.36 -11.03 24.37
CA PHE D 488 13.40 -11.98 23.27
C PHE D 488 14.55 -11.65 22.33
N TYR D 489 14.91 -12.57 21.43
CA TYR D 489 16.06 -12.41 20.51
C TYR D 489 16.24 -10.99 19.91
N ASP D 492 16.05 -5.70 21.70
CA ASP D 492 16.82 -4.47 21.87
C ASP D 492 17.36 -3.81 20.60
N LEU D 493 16.82 -4.11 19.41
CA LEU D 493 17.23 -3.38 18.19
C LEU D 493 17.03 -1.86 18.45
N GLN D 494 15.80 -1.47 18.78
CA GLN D 494 15.50 -0.05 18.97
C GLN D 494 16.08 0.52 20.23
N ASP D 495 16.18 -0.27 21.30
CA ASP D 495 16.74 0.24 22.56
C ASP D 495 18.21 0.57 22.38
N GLN D 496 18.98 -0.35 21.78
CA GLN D 496 20.40 -0.08 21.56
C GLN D 496 20.58 1.16 20.67
N GLN D 497 19.91 1.19 19.51
CA GLN D 497 20.11 2.29 18.58
C GLN D 497 19.55 3.62 19.06
N ASN D 498 18.43 3.63 19.83
CA ASN D 498 17.89 4.90 20.28
C ASN D 498 18.64 5.48 21.46
N MET D 499 19.60 4.74 22.05
CA MET D 499 20.49 5.35 23.05
C MET D 499 21.30 6.46 22.31
N GLY D 500 21.46 6.29 20.98
CA GLY D 500 22.13 7.26 20.12
C GLY D 500 21.18 8.06 19.23
N HIS D 501 20.12 7.45 18.67
CA HIS D 501 19.23 8.18 17.75
C HIS D 501 18.31 9.22 18.39
N THR D 502 18.04 9.14 19.71
CA THR D 502 17.08 10.08 20.31
C THR D 502 17.38 11.54 20.04
N TYR D 503 18.65 11.94 20.15
CA TYR D 503 19.03 13.32 19.92
C TYR D 503 19.99 13.47 18.72
N SER D 504 19.84 12.56 17.74
CA SER D 504 20.55 12.59 16.49
C SER D 504 19.67 13.38 15.54
N TYR D 505 20.25 13.98 14.51
CA TYR D 505 19.47 14.69 13.49
C TYR D 505 19.80 14.12 12.12
N ARG D 506 20.42 12.91 12.02
CA ARG D 506 20.71 12.33 10.69
C ARG D 506 19.36 12.05 10.01
N SER D 507 19.36 11.96 8.67
CA SER D 507 18.16 11.84 7.85
C SER D 507 17.00 11.04 8.44
N ASP D 508 17.17 9.71 8.67
CA ASP D 508 16.08 8.89 9.16
C ASP D 508 16.24 8.54 10.63
N GLN D 509 17.09 9.29 11.36
CA GLN D 509 17.26 9.03 12.78
C GLN D 509 16.51 10.08 13.61
N GLY D 510 16.66 11.35 13.25
CA GLY D 510 16.04 12.42 14.04
C GLY D 510 14.58 12.63 13.71
N ILE D 511 13.75 12.84 14.73
CA ILE D 511 12.32 13.09 14.55
C ILE D 511 11.69 13.17 15.97
N PRO D 512 10.84 14.16 16.28
CA PRO D 512 10.29 14.23 17.64
C PRO D 512 9.44 13.00 17.92
N TYR D 513 9.39 12.56 19.19
CA TYR D 513 8.60 11.37 19.53
C TYR D 513 7.14 11.48 19.14
N GLU D 514 6.56 12.70 19.19
CA GLU D 514 5.15 12.91 18.83
C GLU D 514 4.87 12.44 17.41
N LEU D 515 5.84 12.62 16.51
CA LEU D 515 5.63 12.29 15.10
C LEU D 515 6.30 10.99 14.65
N LYS D 516 6.99 10.29 15.57
CA LYS D 516 7.52 8.97 15.26
C LYS D 516 6.27 8.07 15.15
N GLY D 517 6.45 6.83 14.78
CA GLY D 517 5.36 5.89 14.64
C GLY D 517 5.86 4.54 14.19
N PRO D 518 4.94 3.61 13.88
CA PRO D 518 5.37 2.29 13.46
C PRO D 518 6.13 2.24 12.14
N ASN D 519 6.27 3.39 11.43
CA ASN D 519 7.06 3.40 10.17
C ASN D 519 8.46 4.02 10.40
N TYR D 520 8.75 4.53 11.62
CA TYR D 520 10.10 5.01 11.98
C TYR D 520 10.88 3.68 11.92
N PRO D 521 11.97 3.58 11.14
CA PRO D 521 12.57 2.27 10.90
C PRO D 521 12.92 1.45 12.13
N ASP D 522 13.44 2.10 13.17
CA ASP D 522 13.80 1.39 14.38
C ASP D 522 12.61 0.66 15.02
N PHE D 523 11.40 1.20 14.88
CA PHE D 523 10.20 0.67 15.52
C PHE D 523 9.33 -0.21 14.68
N ALA D 524 9.63 -0.37 13.39
CA ALA D 524 8.78 -1.07 12.44
C ALA D 524 8.55 -2.55 12.64
N MET D 525 9.27 -3.20 13.55
CA MET D 525 9.16 -4.66 13.66
C MET D 525 8.83 -5.27 14.98
N ASN D 526 9.22 -4.64 16.11
CA ASN D 526 9.15 -5.32 17.40
C ASN D 526 8.12 -4.85 18.44
N VAL D 527 7.61 -5.84 19.20
CA VAL D 527 6.61 -5.65 20.24
C VAL D 527 7.23 -5.06 21.49
N GLY D 528 6.36 -4.68 22.42
CA GLY D 528 6.77 -4.22 23.75
C GLY D 528 7.37 -2.84 23.85
N HIS D 529 7.19 -1.98 22.83
CA HIS D 529 7.79 -0.64 22.89
C HIS D 529 6.86 0.55 22.62
N MET D 530 6.37 0.65 21.38
CA MET D 530 5.58 1.79 20.90
C MET D 530 4.50 2.27 21.87
N GLY D 531 3.73 1.36 22.44
CA GLY D 531 2.68 1.74 23.39
C GLY D 531 3.22 2.50 24.57
N GLY D 532 4.38 2.08 25.07
CA GLY D 532 5.03 2.74 26.19
C GLY D 532 5.36 4.17 25.82
N TYR D 533 5.93 4.37 24.62
CA TYR D 533 6.27 5.72 24.16
C TYR D 533 5.00 6.58 24.05
N ILE D 534 3.91 5.99 23.53
CA ILE D 534 2.62 6.66 23.38
C ILE D 534 2.13 7.17 24.75
N GLY D 535 2.23 6.32 25.78
CA GLY D 535 1.81 6.73 27.12
C GLY D 535 2.64 7.87 27.63
N ILE D 536 3.97 7.78 27.41
CA ILE D 536 4.90 8.79 27.88
C ILE D 536 4.61 10.15 27.23
N ILE D 537 4.35 10.17 25.91
CA ILE D 537 4.05 11.40 25.21
C ILE D 537 2.79 12.04 25.79
N ALA D 538 1.75 11.23 26.03
CA ALA D 538 0.50 11.76 26.58
C ALA D 538 0.68 12.32 27.98
N GLY D 539 1.43 11.61 28.81
CA GLY D 539 1.69 12.01 30.18
C GLY D 539 2.55 13.24 30.31
N ALA D 540 3.55 13.37 29.43
CA ALA D 540 4.45 14.53 29.47
C ALA D 540 3.64 15.80 29.14
N ALA D 541 2.72 15.71 28.15
CA ALA D 541 1.89 16.86 27.80
C ALA D 541 0.96 17.18 28.96
N HIS D 542 0.35 16.15 29.56
CA HIS D 542 -0.55 16.32 30.68
C HIS D 542 0.17 17.01 31.86
N ALA D 543 1.37 16.53 32.18
CA ALA D 543 2.13 17.08 33.30
C ALA D 543 2.47 18.56 33.17
N ARG D 544 2.77 19.04 31.95
CA ARG D 544 3.12 20.47 31.76
C ARG D 544 1.89 21.39 31.53
N GLY D 545 0.69 20.87 31.78
CA GLY D 545 -0.55 21.64 31.69
C GLY D 545 -1.24 21.68 30.33
N ALA D 546 -0.82 20.83 29.40
CA ALA D 546 -1.42 20.81 28.07
C ALA D 546 -2.63 19.88 27.99
N ALA D 547 -3.54 20.18 27.04
CA ALA D 547 -4.78 19.41 26.80
C ALA D 547 -4.60 18.25 25.83
N TYR D 548 -3.48 18.24 25.12
CA TYR D 548 -3.14 17.22 24.14
C TYR D 548 -1.64 17.29 23.94
N SER D 549 -1.05 16.38 23.18
CA SER D 549 0.39 16.38 22.95
C SER D 549 0.77 16.72 21.52
N THR D 550 -0.10 16.41 20.54
CA THR D 550 0.31 16.54 19.14
C THR D 550 -0.69 17.14 18.16
N ASN D 551 -1.98 16.90 18.36
CA ASN D 551 -2.96 17.41 17.41
C ASN D 551 -4.26 17.69 18.12
N PRO D 552 -4.64 18.97 18.27
CA PRO D 552 -5.87 19.29 19.00
C PRO D 552 -7.12 18.78 18.32
N ILE D 553 -7.06 18.63 17.00
CA ILE D 553 -8.18 18.15 16.20
C ILE D 553 -8.42 16.65 16.51
N ILE D 554 -7.35 15.88 16.69
CA ILE D 554 -7.49 14.46 17.03
C ILE D 554 -8.08 14.35 18.44
N LYS D 555 -7.59 15.15 19.38
CA LYS D 555 -8.10 15.10 20.74
C LYS D 555 -9.60 15.40 20.80
N ALA D 556 -10.03 16.46 20.12
CA ALA D 556 -11.45 16.82 20.09
C ALA D 556 -12.25 15.74 19.33
N ALA D 557 -11.71 15.24 18.23
CA ALA D 557 -12.42 14.25 17.38
C ALA D 557 -12.81 12.97 18.11
N PHE D 558 -12.08 12.60 19.16
CA PHE D 558 -12.38 11.36 19.89
C PHE D 558 -13.10 11.62 21.23
N ALA D 559 -13.54 12.86 21.49
CA ALA D 559 -14.30 13.19 22.70
C ALA D 559 -15.75 13.01 22.28
N ASP D 560 -16.19 11.75 22.18
CA ASP D 560 -17.52 11.46 21.66
C ASP D 560 -18.17 10.25 22.32
N PRO D 561 -19.27 10.41 23.09
CA PRO D 561 -19.90 9.26 23.74
C PRO D 561 -20.57 8.27 22.79
N ASN D 562 -20.73 8.64 21.51
CA ASN D 562 -21.33 7.72 20.54
C ASN D 562 -20.29 6.73 19.97
N LEU D 563 -19.01 6.86 20.34
CA LEU D 563 -17.98 5.91 19.88
C LEU D 563 -18.30 4.55 20.51
N GLN D 564 -18.12 3.48 19.73
CA GLN D 564 -18.42 2.13 20.23
C GLN D 564 -17.50 1.78 21.41
N PHE D 565 -16.22 2.16 21.31
CA PHE D 565 -15.22 1.91 22.36
C PHE D 565 -15.11 3.15 23.26
N ASP D 566 -14.95 2.95 24.59
CA ASP D 566 -14.83 4.10 25.49
C ASP D 566 -13.35 4.49 25.59
N PHE D 567 -12.93 5.49 24.80
CA PHE D 567 -11.53 5.91 24.79
C PHE D 567 -11.06 6.56 26.08
N ARG D 568 -11.96 6.82 27.05
CA ARG D 568 -11.54 7.40 28.33
C ARG D 568 -10.92 6.35 29.26
N TYR D 569 -11.46 5.12 29.27
CA TYR D 569 -11.04 4.05 30.19
C TYR D 569 -10.71 2.78 29.44
N PRO D 570 -9.63 2.77 28.66
CA PRO D 570 -9.32 1.59 27.85
C PRO D 570 -8.98 0.31 28.62
N ARG D 571 -8.27 0.41 29.74
CA ARG D 571 -7.94 -0.81 30.51
C ARG D 571 -9.24 -1.49 30.93
N ARG D 572 -10.21 -0.69 31.42
CA ARG D 572 -11.52 -1.19 31.80
C ARG D 572 -12.24 -1.82 30.61
N GLU D 573 -12.27 -1.11 29.45
CA GLU D 573 -12.93 -1.63 28.25
C GLU D 573 -12.35 -2.97 27.83
N PHE D 574 -11.01 -3.09 27.82
CA PHE D 574 -10.39 -4.38 27.45
C PHE D 574 -10.81 -5.48 28.44
N GLY D 575 -10.97 -5.13 29.72
CA GLY D 575 -11.43 -6.09 30.72
C GLY D 575 -12.87 -6.51 30.48
N ILE D 576 -13.71 -5.57 30.05
CA ILE D 576 -15.11 -5.84 29.75
C ILE D 576 -15.19 -6.78 28.56
N GLY D 577 -14.33 -6.59 27.57
CA GLY D 577 -14.25 -7.51 26.44
C GLY D 577 -13.76 -8.88 26.94
N GLY D 578 -12.86 -8.87 27.93
CA GLY D 578 -12.38 -10.11 28.54
C GLY D 578 -13.50 -10.89 29.22
N LEU D 579 -14.51 -10.17 29.74
CA LEU D 579 -15.67 -10.81 30.35
C LEU D 579 -16.72 -11.16 29.28
N ARG D 580 -16.44 -10.93 27.98
CA ARG D 580 -17.41 -11.18 26.92
C ARG D 580 -18.67 -10.30 27.12
N GLN D 581 -18.47 -9.08 27.67
CA GLN D 581 -19.57 -8.15 27.92
C GLN D 581 -19.51 -6.91 27.00
N PHE D 582 -18.61 -6.89 26.02
CA PHE D 582 -18.49 -5.77 25.10
C PHE D 582 -19.15 -6.16 23.81
N MET D 583 -20.20 -5.43 23.38
CA MET D 583 -20.88 -5.70 22.13
C MET D 583 -20.24 -4.82 21.10
N PRO D 584 -19.52 -5.40 20.14
CA PRO D 584 -18.91 -4.56 19.10
C PRO D 584 -19.92 -4.19 18.04
N ALA D 585 -19.50 -3.34 17.10
CA ALA D 585 -20.30 -2.94 15.96
C ALA D 585 -19.78 -3.81 14.80
N GLY D 586 -20.46 -3.77 13.66
CA GLY D 586 -19.98 -4.52 12.50
C GLY D 586 -20.50 -5.94 12.35
N GLU D 587 -21.19 -6.49 13.34
CA GLU D 587 -21.72 -7.89 13.22
C GLU D 587 -22.85 -7.91 12.20
N ARG D 588 -23.01 -9.03 11.52
CA ARG D 588 -24.01 -9.14 10.45
C ARG D 588 -25.26 -9.92 10.79
N ASP D 589 -25.61 -9.96 12.07
CA ASP D 589 -26.79 -10.65 12.58
C ASP D 589 -28.07 -10.39 11.83
N ALA D 590 -28.29 -9.14 11.44
CA ALA D 590 -29.53 -8.75 10.78
C ALA D 590 -29.80 -9.47 9.49
N VAL D 591 -28.76 -9.95 8.79
CA VAL D 591 -28.94 -10.57 7.48
C VAL D 591 -28.40 -12.00 7.39
N ILE D 592 -28.24 -12.68 8.53
CA ILE D 592 -27.75 -14.05 8.56
C ILE D 592 -28.74 -14.93 9.31
N PRO D 593 -28.78 -16.25 9.01
CA PRO D 593 -29.75 -17.14 9.68
C PRO D 593 -29.72 -17.10 11.21
N PRO D 594 -30.79 -17.57 11.87
CA PRO D 594 -30.86 -17.53 13.34
C PRO D 594 -29.61 -18.00 14.08
N HIS D 595 -28.83 -18.94 13.53
CA HIS D 595 -27.60 -19.44 14.16
C HIS D 595 -27.62 -19.50 15.70
N ALA E 2 34.65 21.98 3.10
CA ALA E 2 36.09 21.96 2.86
C ALA E 2 36.50 20.55 2.46
N TYR E 3 37.61 20.42 1.71
CA TYR E 3 38.05 19.12 1.27
C TYR E 3 38.57 18.24 2.39
N LEU E 4 38.34 16.92 2.28
CA LEU E 4 38.85 15.93 3.23
C LEU E 4 40.28 15.65 2.78
N THR E 5 41.22 16.49 3.23
CA THR E 5 42.61 16.41 2.81
C THR E 5 43.47 15.37 3.52
N GLU E 6 43.02 14.78 4.65
CA GLU E 6 43.85 13.79 5.34
C GLU E 6 44.24 12.65 4.39
N LYS E 7 45.50 12.22 4.45
CA LYS E 7 46.00 11.20 3.55
C LYS E 7 45.85 9.78 4.08
N ILE E 8 45.51 8.85 3.18
CA ILE E 8 45.38 7.44 3.50
C ILE E 8 46.09 6.65 2.40
N ASP E 9 46.40 5.41 2.68
CA ASP E 9 47.03 4.54 1.70
C ASP E 9 45.96 3.52 1.37
N LEU E 10 45.83 3.19 0.10
CA LEU E 10 44.84 2.19 -0.30
C LEU E 10 45.60 0.90 -0.57
N TYR E 11 45.20 -0.18 0.09
CA TYR E 11 45.81 -1.48 -0.06
C TYR E 11 44.85 -2.45 -0.73
N GLY E 12 45.41 -3.41 -1.46
CA GLY E 12 44.62 -4.43 -2.14
C GLY E 12 44.31 -5.56 -1.16
N ASP E 13 43.56 -6.57 -1.63
CA ASP E 13 43.16 -7.70 -0.73
C ASP E 13 44.36 -8.62 -0.43
N ASN E 14 45.47 -8.48 -1.14
CA ASN E 14 46.67 -9.30 -0.86
C ASN E 14 47.57 -8.60 0.19
N GLY E 15 47.12 -7.48 0.74
CA GLY E 15 47.88 -6.74 1.75
C GLY E 15 49.03 -5.89 1.23
N LYS E 16 49.10 -5.67 -0.09
CA LYS E 16 50.15 -4.85 -0.69
C LYS E 16 49.53 -3.51 -1.11
N VAL E 17 50.30 -2.42 -0.99
CA VAL E 17 49.78 -1.10 -1.33
C VAL E 17 49.41 -1.00 -2.81
N LEU E 18 48.26 -0.38 -3.10
CA LEU E 18 47.81 -0.12 -4.46
C LEU E 18 48.21 1.33 -4.75
N GLU E 19 47.82 2.26 -3.86
CA GLU E 19 48.15 3.68 -4.04
C GLU E 19 48.44 4.33 -2.69
N SER E 20 49.49 5.13 -2.62
CA SER E 20 49.87 5.83 -1.40
C SER E 20 49.52 7.30 -1.45
N ASP E 21 49.45 7.92 -0.25
CA ASP E 21 49.20 9.35 -0.07
C ASP E 21 47.97 9.84 -0.81
N ILE E 22 46.85 9.15 -0.66
CA ILE E 22 45.61 9.54 -1.31
C ILE E 22 44.77 10.35 -0.34
N PRO E 23 44.36 11.59 -0.69
CA PRO E 23 43.49 12.33 0.23
C PRO E 23 42.15 11.62 0.37
N LEU E 24 41.57 11.56 1.57
CA LEU E 24 40.29 10.87 1.79
C LEU E 24 39.21 11.37 0.76
N GLU E 25 39.25 12.64 0.44
CA GLU E 25 38.36 13.26 -0.52
C GLU E 25 38.33 12.52 -1.88
N ALA E 26 39.48 11.97 -2.32
CA ALA E 26 39.56 11.32 -3.64
C ALA E 26 38.87 9.95 -3.76
N VAL E 27 38.39 9.36 -2.66
CA VAL E 27 37.67 8.07 -2.73
C VAL E 27 36.17 8.27 -2.52
N THR E 28 35.71 9.51 -2.24
CA THR E 28 34.31 9.76 -1.99
C THR E 28 33.48 9.65 -3.26
N PRO E 29 32.22 9.20 -3.15
CA PRO E 29 31.38 9.07 -4.35
C PRO E 29 31.17 10.38 -5.09
N VAL E 30 31.19 11.53 -4.39
CA VAL E 30 31.00 12.83 -5.04
C VAL E 30 32.21 13.22 -5.91
N GLN E 31 33.39 12.58 -5.74
CA GLN E 31 34.58 12.91 -6.53
C GLN E 31 35.16 11.81 -7.39
N ASN E 32 35.20 10.58 -6.87
CA ASN E 32 35.88 9.44 -7.54
C ASN E 32 35.23 8.96 -8.84
N PRO E 33 35.92 9.08 -10.00
CA PRO E 33 35.30 8.64 -11.27
C PRO E 33 34.89 7.18 -11.34
N ALA E 34 35.62 6.26 -10.66
CA ALA E 34 35.28 4.85 -10.71
C ALA E 34 34.01 4.60 -9.92
N VAL E 35 33.89 5.20 -8.71
CA VAL E 35 32.69 5.04 -7.90
C VAL E 35 31.49 5.60 -8.68
N ARG E 36 31.67 6.77 -9.29
CA ARG E 36 30.59 7.40 -10.06
C ARG E 36 30.24 6.52 -11.29
N GLU E 37 31.24 5.93 -11.95
CA GLU E 37 30.99 5.06 -13.10
C GLU E 37 30.25 3.80 -12.66
N LEU E 38 30.51 3.32 -11.44
CA LEU E 38 29.82 2.13 -10.93
C LEU E 38 28.31 2.41 -10.87
N ALA E 39 27.91 3.54 -10.28
CA ALA E 39 26.49 3.92 -10.20
C ALA E 39 25.92 4.07 -11.61
N SER E 40 26.69 4.67 -12.52
CA SER E 40 26.25 4.85 -13.90
C SER E 40 25.99 3.51 -14.58
N ILE E 41 26.84 2.51 -14.31
CA ILE E 41 26.67 1.16 -14.93
C ILE E 41 25.40 0.49 -14.40
N PHE E 42 25.12 0.61 -13.10
CA PHE E 42 23.91 0.01 -12.53
C PHE E 42 22.67 0.67 -13.14
N LYS E 43 22.72 1.99 -13.31
CA LYS E 43 21.59 2.70 -13.88
C LYS E 43 21.34 2.31 -15.35
N ARG E 44 22.43 2.22 -16.16
CA ARG E 44 22.29 2.00 -17.60
C ARG E 44 22.30 0.58 -18.13
N SER E 45 22.69 -0.40 -17.31
CA SER E 45 22.75 -1.78 -17.78
C SER E 45 21.48 -2.58 -17.50
N VAL E 46 21.10 -3.43 -18.45
CA VAL E 46 20.03 -4.40 -18.26
C VAL E 46 20.41 -5.69 -19.03
N ALA E 47 19.74 -6.79 -18.70
CA ALA E 47 19.94 -8.06 -19.42
C ALA E 47 18.61 -8.44 -20.05
N VAL E 48 18.65 -8.95 -21.28
CA VAL E 48 17.44 -9.42 -21.94
C VAL E 48 17.56 -10.94 -21.98
N ASN E 49 16.60 -11.64 -21.41
CA ASN E 49 16.61 -13.10 -21.43
C ASN E 49 15.82 -13.59 -22.61
N LEU E 50 16.49 -13.73 -23.75
CA LEU E 50 15.85 -14.20 -24.98
C LEU E 50 15.38 -15.65 -24.86
N GLY E 51 16.13 -16.48 -24.15
CA GLY E 51 15.74 -17.87 -23.96
C GLY E 51 14.43 -17.95 -23.20
N GLY E 52 14.34 -17.15 -22.14
CA GLY E 52 13.15 -17.08 -21.31
C GLY E 52 11.97 -16.56 -22.10
N ALA E 53 12.18 -15.52 -22.91
CA ALA E 53 11.11 -14.93 -23.71
C ALA E 53 10.62 -15.93 -24.74
N GLN E 54 11.55 -16.64 -25.39
CA GLN E 54 11.21 -17.64 -26.38
C GLN E 54 10.38 -18.77 -25.78
N LYS E 55 10.79 -19.24 -24.56
CA LYS E 55 10.14 -20.35 -23.87
C LYS E 55 8.73 -19.96 -23.45
N ALA E 56 8.57 -18.74 -22.89
CA ALA E 56 7.26 -18.25 -22.46
C ALA E 56 6.27 -18.24 -23.64
N LEU E 57 6.69 -17.70 -24.80
CA LEU E 57 5.82 -17.67 -25.97
C LEU E 57 5.51 -19.06 -26.49
N SER E 58 6.51 -19.94 -26.51
CA SER E 58 6.34 -21.27 -27.04
C SER E 58 5.38 -22.14 -26.24
N THR E 59 5.50 -22.17 -24.90
CA THR E 59 4.67 -23.05 -24.08
C THR E 59 3.51 -22.39 -23.36
N GLY E 60 3.50 -21.07 -23.31
CA GLY E 60 2.44 -20.36 -22.63
C GLY E 60 2.72 -20.13 -21.15
N HIS E 61 3.91 -20.53 -20.68
CA HIS E 61 4.27 -20.29 -19.28
C HIS E 61 4.82 -18.88 -19.20
N TYR E 62 3.91 -17.89 -19.29
CA TYR E 62 4.27 -16.48 -19.24
C TYR E 62 4.44 -16.05 -17.80
N ALA E 63 5.22 -14.99 -17.60
CA ALA E 63 5.40 -14.39 -16.29
C ALA E 63 5.90 -15.39 -15.19
N ASN E 64 5.44 -15.30 -13.91
CA ASN E 64 5.90 -16.11 -12.79
C ASN E 64 4.72 -16.88 -12.17
N GLU E 65 4.86 -17.31 -10.89
CA GLU E 65 3.78 -17.96 -10.13
C GLU E 65 3.11 -19.16 -10.80
N TYR E 66 3.82 -19.91 -11.65
CA TYR E 66 3.27 -21.09 -12.33
C TYR E 66 2.18 -20.76 -13.35
N ILE E 67 2.12 -19.50 -13.80
CA ILE E 67 1.13 -19.09 -14.79
C ILE E 67 1.31 -19.91 -16.08
N HIS E 68 0.19 -20.26 -16.71
CA HIS E 68 0.20 -21.03 -17.96
C HIS E 68 -1.08 -20.72 -18.73
N PHE E 69 -0.97 -20.15 -19.93
CA PHE E 69 -2.12 -19.89 -20.81
C PHE E 69 -2.17 -21.16 -21.64
N PRO E 70 -3.14 -22.05 -21.41
CA PRO E 70 -3.12 -23.32 -22.11
C PRO E 70 -3.65 -23.36 -23.52
N ASP E 71 -2.92 -24.02 -24.41
CA ASP E 71 -3.35 -24.30 -25.76
C ASP E 71 -3.48 -25.84 -25.75
N ILE E 72 -4.61 -26.35 -26.23
CA ILE E 72 -4.94 -27.77 -26.20
C ILE E 72 -4.89 -28.31 -27.61
N PRO E 73 -3.83 -29.06 -27.94
CA PRO E 73 -3.71 -29.58 -29.32
C PRO E 73 -4.45 -30.89 -29.59
N ASN E 74 -5.10 -31.47 -28.57
CA ASN E 74 -5.77 -32.77 -28.74
C ASN E 74 -7.23 -32.73 -28.29
N LYS E 75 -7.95 -31.65 -28.64
CA LYS E 75 -9.35 -31.49 -28.23
C LYS E 75 -10.22 -32.69 -28.59
N ASP E 76 -10.00 -33.32 -29.75
CA ASP E 76 -10.81 -34.47 -30.15
C ASP E 76 -10.50 -35.76 -29.38
N LYS E 77 -9.54 -35.74 -28.43
CA LYS E 77 -9.19 -36.91 -27.64
C LYS E 77 -9.48 -36.72 -26.15
N LEU E 78 -10.20 -35.66 -25.76
CA LEU E 78 -10.53 -35.39 -24.36
C LEU E 78 -11.78 -36.11 -23.86
N GLY E 79 -12.56 -36.71 -24.75
CA GLY E 79 -13.78 -37.41 -24.36
C GLY E 79 -14.93 -36.47 -24.11
N ILE E 80 -14.88 -35.25 -24.70
CA ILE E 80 -15.93 -34.26 -24.54
C ILE E 80 -16.54 -33.92 -25.88
N LYS E 81 -17.76 -33.43 -25.87
CA LYS E 81 -18.42 -32.99 -27.09
C LYS E 81 -18.45 -31.46 -26.98
N SER E 82 -18.03 -30.76 -28.03
CA SER E 82 -18.01 -29.29 -28.08
C SER E 82 -19.18 -28.75 -28.94
N SER E 83 -19.99 -29.65 -29.52
CA SER E 83 -21.13 -29.28 -30.34
C SER E 83 -22.37 -29.90 -29.70
N PRO E 84 -23.54 -29.23 -29.69
CA PRO E 84 -24.73 -29.86 -29.10
C PRO E 84 -25.02 -31.23 -29.74
N GLY E 85 -25.13 -32.26 -28.89
CA GLY E 85 -25.37 -33.62 -29.34
C GLY E 85 -24.23 -34.24 -30.11
N GLY E 86 -23.09 -33.56 -30.13
CA GLY E 86 -21.91 -34.02 -30.86
C GLY E 86 -22.06 -33.96 -32.37
N LYS E 87 -22.92 -33.05 -32.88
CA LYS E 87 -23.14 -32.94 -34.34
C LYS E 87 -21.83 -32.75 -35.12
N TYR E 88 -20.91 -31.89 -34.63
CA TYR E 88 -19.63 -31.64 -35.30
C TYR E 88 -18.49 -32.17 -34.42
N PRO E 89 -17.48 -32.83 -35.01
CA PRO E 89 -16.38 -33.37 -34.17
C PRO E 89 -15.52 -32.25 -33.59
N PRO E 90 -14.91 -32.41 -32.39
CA PRO E 90 -14.10 -31.31 -31.84
C PRO E 90 -12.82 -31.01 -32.61
N LYS E 91 -12.51 -29.71 -32.80
CA LYS E 91 -11.29 -29.30 -33.51
C LYS E 91 -10.48 -28.38 -32.58
N SER E 92 -9.19 -28.64 -32.48
CA SER E 92 -8.31 -27.84 -31.62
C SER E 92 -7.92 -26.52 -32.28
N VAL E 93 -7.54 -25.56 -31.44
CA VAL E 93 -7.07 -24.24 -31.89
C VAL E 93 -5.80 -23.91 -31.09
N LYS E 94 -5.01 -22.97 -31.60
CA LYS E 94 -3.77 -22.53 -30.95
C LYS E 94 -3.89 -21.01 -30.98
N VAL E 95 -4.14 -20.41 -29.82
CA VAL E 95 -4.39 -18.97 -29.72
C VAL E 95 -3.57 -18.20 -28.69
N ARG E 96 -2.76 -18.85 -27.83
CA ARG E 96 -2.00 -18.13 -26.80
C ARG E 96 -0.49 -18.33 -26.89
N THR E 97 -0.01 -19.09 -27.90
CA THR E 97 1.39 -19.42 -27.98
C THR E 97 1.92 -19.33 -29.41
N MET E 98 3.25 -19.24 -29.52
CA MET E 98 3.89 -19.18 -30.84
C MET E 98 5.37 -19.51 -30.68
N ASP E 99 5.98 -20.00 -31.75
CA ASP E 99 7.39 -20.35 -31.74
C ASP E 99 8.18 -19.34 -32.56
N LEU E 100 9.04 -18.56 -31.89
CA LEU E 100 9.90 -17.56 -32.53
C LEU E 100 11.35 -17.97 -32.24
N PRO E 101 12.22 -17.97 -33.26
CA PRO E 101 13.62 -18.39 -33.03
C PRO E 101 14.47 -17.25 -32.50
N LEU E 102 14.12 -16.70 -31.34
CA LEU E 102 14.83 -15.55 -30.77
C LEU E 102 16.29 -15.85 -30.49
N VAL E 103 16.55 -16.99 -29.85
CA VAL E 103 17.92 -17.35 -29.51
C VAL E 103 18.73 -17.58 -30.77
N ASP E 104 18.19 -18.32 -31.74
CA ASP E 104 18.94 -18.56 -32.99
C ASP E 104 19.22 -17.22 -33.72
N ASP E 105 18.34 -16.24 -33.55
CA ASP E 105 18.46 -14.93 -34.19
C ASP E 105 19.03 -13.86 -33.27
N ALA E 106 19.70 -14.25 -32.20
CA ALA E 106 20.23 -13.30 -31.21
C ALA E 106 21.15 -12.21 -31.76
N ASP E 107 22.03 -12.59 -32.69
CA ASP E 107 23.00 -11.61 -33.28
C ASP E 107 22.23 -10.48 -33.98
N ASP E 108 21.27 -10.82 -34.84
CA ASP E 108 20.50 -9.81 -35.58
C ASP E 108 19.57 -9.05 -34.65
N ILE E 109 19.07 -9.73 -33.63
CA ILE E 109 18.19 -9.11 -32.64
C ILE E 109 18.99 -8.05 -31.89
N ALA E 110 20.22 -8.39 -31.47
CA ALA E 110 21.08 -7.44 -30.76
C ALA E 110 21.32 -6.20 -31.63
N ALA E 111 21.54 -6.39 -32.93
CA ALA E 111 21.78 -5.29 -33.85
C ALA E 111 20.54 -4.38 -33.94
N ARG E 112 19.34 -4.95 -34.08
CA ARG E 112 18.13 -4.15 -34.17
C ARG E 112 17.87 -3.45 -32.85
N LEU E 113 18.18 -4.12 -31.75
CA LEU E 113 17.97 -3.52 -30.42
C LEU E 113 18.90 -2.32 -30.26
N LYS E 114 20.19 -2.44 -30.63
CA LYS E 114 21.12 -1.31 -30.49
C LYS E 114 20.66 -0.10 -31.32
N GLU E 115 20.24 -0.32 -32.57
CA GLU E 115 19.80 0.78 -33.44
C GLU E 115 18.63 1.53 -32.79
N ARG E 116 17.71 0.81 -32.17
CA ARG E 116 16.56 1.44 -31.51
C ARG E 116 16.96 2.17 -30.25
N LEU E 117 17.95 1.63 -29.52
CA LEU E 117 18.35 2.31 -28.28
C LEU E 117 19.28 3.48 -28.51
N GLN E 118 20.15 3.37 -29.51
CA GLN E 118 21.12 4.41 -29.79
C GLN E 118 20.47 5.74 -30.16
N VAL E 119 21.01 6.87 -29.62
CA VAL E 119 20.51 8.24 -29.89
C VAL E 119 21.35 8.86 -31.02
N ASN E 120 22.67 8.70 -30.91
CA ASN E 120 23.61 9.19 -31.93
C ASN E 120 24.70 8.19 -32.14
N PRO E 121 25.26 8.07 -33.35
CA PRO E 121 26.39 7.16 -33.52
C PRO E 121 27.51 7.52 -32.54
N ASP E 122 28.20 6.50 -32.05
CA ASP E 122 29.32 6.62 -31.12
C ASP E 122 28.91 7.17 -29.79
N ASP E 123 27.62 7.07 -29.41
CA ASP E 123 27.19 7.57 -28.11
C ASP E 123 27.49 6.58 -26.97
N GLY E 124 28.12 5.45 -27.26
CA GLY E 124 28.46 4.48 -26.22
C GLY E 124 27.41 3.43 -25.91
N THR E 125 26.34 3.34 -26.73
CA THR E 125 25.31 2.32 -26.53
C THR E 125 25.94 0.97 -26.88
N GLU E 126 25.73 -0.05 -26.05
CA GLU E 126 26.30 -1.39 -26.29
C GLU E 126 25.27 -2.51 -26.13
N VAL E 127 25.32 -3.50 -27.01
CA VAL E 127 24.47 -4.70 -26.89
C VAL E 127 25.44 -5.85 -27.12
N ARG E 128 25.59 -6.76 -26.14
CA ARG E 128 26.52 -7.89 -26.29
C ARG E 128 25.75 -9.21 -26.19
N VAL E 129 25.94 -10.09 -27.14
CA VAL E 129 25.29 -11.39 -27.12
C VAL E 129 26.05 -12.27 -26.16
N MET E 130 25.34 -12.96 -25.25
CA MET E 130 25.98 -13.83 -24.28
C MET E 130 25.24 -15.19 -24.20
N LYS E 131 25.83 -16.18 -23.50
CA LYS E 131 25.23 -17.51 -23.33
CA LYS E 131 25.21 -17.50 -23.33
C LYS E 131 24.74 -18.10 -24.66
N LYS E 132 25.59 -18.01 -25.69
CA LYS E 132 25.29 -18.53 -27.03
C LYS E 132 23.97 -18.03 -27.58
N GLY E 133 23.58 -16.79 -27.25
CA GLY E 133 22.35 -16.21 -27.76
C GLY E 133 21.18 -16.19 -26.78
N ASN E 134 21.31 -16.88 -25.64
CA ASN E 134 20.20 -16.91 -24.67
C ASN E 134 20.02 -15.61 -23.92
N VAL E 135 21.07 -14.79 -23.81
CA VAL E 135 21.00 -13.55 -23.07
C VAL E 135 21.73 -12.42 -23.79
N LEU E 136 21.19 -11.20 -23.70
CA LEU E 136 21.86 -10.03 -24.27
C LEU E 136 22.22 -9.12 -23.10
N TYR E 137 23.44 -8.58 -23.07
CA TYR E 137 23.83 -7.60 -22.05
C TYR E 137 23.66 -6.27 -22.76
N VAL E 138 22.87 -5.38 -22.18
CA VAL E 138 22.58 -4.08 -22.77
C VAL E 138 23.06 -2.96 -21.90
N LYS E 139 23.73 -1.97 -22.48
CA LYS E 139 24.11 -0.77 -21.71
C LYS E 139 23.75 0.43 -22.57
N ILE E 140 22.75 1.19 -22.13
CA ILE E 140 22.35 2.36 -22.89
C ILE E 140 23.37 3.49 -22.75
N SER E 141 23.29 4.47 -23.65
CA SER E 141 24.19 5.61 -23.61
C SER E 141 23.89 6.52 -22.46
N GLU E 142 24.88 7.33 -22.05
CA GLU E 142 24.64 8.36 -21.03
C GLU E 142 23.65 9.37 -21.64
N GLN E 143 23.71 9.58 -22.98
CA GLN E 143 22.81 10.51 -23.64
C GLN E 143 21.37 10.07 -23.42
N LEU E 144 21.05 8.77 -23.65
CA LEU E 144 19.68 8.33 -23.45
C LEU E 144 19.33 8.36 -21.99
N ALA E 145 20.21 7.78 -21.13
CA ALA E 145 19.98 7.66 -19.68
C ALA E 145 19.71 8.95 -18.96
N ASN E 146 20.37 10.04 -19.38
CA ASN E 146 20.19 11.33 -18.68
C ASN E 146 19.18 12.23 -19.36
N THR E 147 18.27 11.68 -20.19
CA THR E 147 17.28 12.52 -20.86
C THR E 147 16.36 13.18 -19.83
N GLY E 148 15.82 12.37 -18.93
CA GLY E 148 14.93 12.85 -17.88
C GLY E 148 15.59 12.79 -16.53
N VAL E 149 14.83 12.44 -15.50
CA VAL E 149 15.37 12.42 -14.13
C VAL E 149 15.47 11.01 -13.50
N GLU E 150 14.87 9.99 -14.14
CA GLU E 150 14.82 8.65 -13.56
C GLU E 150 15.98 7.73 -13.88
N TYR E 151 16.10 6.62 -13.12
CA TYR E 151 17.17 5.64 -13.41
C TYR E 151 16.69 4.42 -14.17
N THR E 152 15.38 4.33 -14.44
CA THR E 152 14.74 3.18 -15.09
C THR E 152 14.68 3.21 -16.63
N THR E 153 15.30 4.22 -17.27
CA THR E 153 15.20 4.36 -18.72
C THR E 153 15.77 3.18 -19.49
N ALA E 154 16.88 2.57 -19.01
CA ALA E 154 17.43 1.41 -19.74
C ALA E 154 16.43 0.26 -19.71
N LEU E 155 15.73 0.07 -18.57
CA LEU E 155 14.75 -0.99 -18.41
C LEU E 155 13.55 -0.75 -19.31
N THR E 156 12.96 0.47 -19.26
CA THR E 156 11.76 0.76 -20.03
C THR E 156 12.02 0.76 -21.53
N THR E 157 13.09 1.41 -21.97
CA THR E 157 13.37 1.47 -23.40
C THR E 157 13.72 0.10 -23.96
N THR E 158 14.51 -0.71 -23.22
CA THR E 158 14.87 -2.04 -23.70
C THR E 158 13.63 -2.95 -23.86
N ALA E 159 12.69 -2.90 -22.90
CA ALA E 159 11.50 -3.73 -23.01
C ALA E 159 10.67 -3.33 -24.22
N GLN E 160 10.49 -2.03 -24.47
CA GLN E 160 9.68 -1.57 -25.60
C GLN E 160 10.44 -1.85 -26.90
N ALA E 161 11.74 -1.62 -26.92
CA ALA E 161 12.56 -1.86 -28.13
C ALA E 161 12.52 -3.33 -28.50
N MET E 162 12.67 -4.24 -27.54
CA MET E 162 12.58 -5.69 -27.79
C MET E 162 11.19 -6.05 -28.33
N THR E 163 10.14 -5.54 -27.68
CA THR E 163 8.78 -5.86 -28.11
C THR E 163 8.55 -5.38 -29.54
N ASP E 164 8.86 -4.11 -29.83
CA ASP E 164 8.65 -3.56 -31.17
C ASP E 164 9.48 -4.28 -32.23
N LEU E 165 10.78 -4.53 -31.96
CA LEU E 165 11.62 -5.17 -32.98
C LEU E 165 11.22 -6.62 -33.23
N VAL E 166 10.72 -7.35 -32.20
CA VAL E 166 10.27 -8.72 -32.42
C VAL E 166 8.97 -8.70 -33.25
N MET E 167 8.07 -7.77 -32.99
CA MET E 167 6.82 -7.66 -33.77
C MET E 167 7.15 -7.34 -35.23
N GLU E 168 8.13 -6.46 -35.46
CA GLU E 168 8.50 -6.10 -36.82
C GLU E 168 9.31 -7.20 -37.53
N LYS E 169 10.35 -7.71 -36.86
CA LYS E 169 11.24 -8.72 -37.47
C LYS E 169 10.49 -9.94 -38.00
N TYR E 170 9.53 -10.46 -37.24
CA TYR E 170 8.79 -11.64 -37.66
C TYR E 170 7.42 -11.28 -38.29
N ASP E 171 7.16 -9.96 -38.57
CA ASP E 171 5.91 -9.45 -39.17
C ASP E 171 4.68 -10.13 -38.54
N LEU E 172 4.62 -10.12 -37.21
CA LEU E 172 3.56 -10.80 -36.49
C LEU E 172 2.21 -10.14 -36.64
N ASP E 173 1.14 -10.93 -36.53
CA ASP E 173 -0.21 -10.42 -36.67
C ASP E 173 -0.67 -9.73 -35.39
N PHE E 174 -1.82 -9.08 -35.43
CA PHE E 174 -2.33 -8.35 -34.25
C PHE E 174 -2.44 -9.18 -33.01
N HIS E 175 -2.80 -10.47 -33.12
CA HIS E 175 -2.94 -11.33 -31.93
C HIS E 175 -1.64 -11.39 -31.11
N ALA E 176 -0.49 -11.31 -31.77
CA ALA E 176 0.79 -11.42 -31.06
C ALA E 176 1.13 -10.22 -30.16
N SER E 177 0.60 -9.01 -30.43
CA SER E 177 0.94 -7.81 -29.65
C SER E 177 0.95 -8.00 -28.13
N PRO E 178 -0.15 -8.49 -27.51
CA PRO E 178 -0.14 -8.65 -26.04
C PRO E 178 0.83 -9.73 -25.56
N LEU E 179 0.94 -10.81 -26.34
CA LEU E 179 1.78 -11.96 -25.99
C LEU E 179 3.27 -11.62 -26.06
N VAL E 180 3.70 -10.91 -27.11
CA VAL E 180 5.10 -10.48 -27.23
C VAL E 180 5.41 -9.46 -26.16
N HIS E 181 4.45 -8.55 -25.84
CA HIS E 181 4.64 -7.57 -24.78
C HIS E 181 4.84 -8.36 -23.46
N CYS E 182 4.01 -9.38 -23.22
CA CYS E 182 4.11 -10.22 -22.02
C CYS E 182 5.49 -10.93 -21.95
N ALA E 183 6.00 -11.40 -23.10
CA ALA E 183 7.28 -12.10 -23.12
C ALA E 183 8.38 -11.20 -22.57
N PHE E 184 8.31 -9.87 -22.77
CA PHE E 184 9.37 -9.00 -22.25
C PHE E 184 9.01 -8.27 -20.95
N TYR E 185 7.78 -7.77 -20.84
CA TYR E 185 7.31 -7.02 -19.68
C TYR E 185 6.72 -7.85 -18.54
N GLY E 186 6.34 -9.09 -18.81
CA GLY E 186 5.71 -9.92 -17.80
C GLY E 186 4.32 -9.39 -17.49
N ARG E 187 4.02 -9.18 -16.21
CA ARG E 187 2.70 -8.69 -15.82
C ARG E 187 2.50 -7.16 -15.84
N TYR E 188 3.48 -6.38 -16.32
CA TYR E 188 3.33 -4.92 -16.41
C TYR E 188 2.30 -4.57 -17.49
N PRO E 189 1.34 -3.65 -17.26
CA PRO E 189 1.23 -2.73 -16.13
C PRO E 189 0.29 -3.13 -15.00
N GLN E 190 -0.29 -4.37 -15.02
CA GLN E 190 -1.13 -4.77 -13.87
C GLN E 190 -0.22 -4.75 -12.59
N THR E 191 1.07 -5.03 -12.76
CA THR E 191 2.06 -4.92 -11.69
C THR E 191 2.93 -3.70 -12.04
N TYR E 192 3.51 -3.03 -11.04
CA TYR E 192 4.41 -1.89 -11.32
C TYR E 192 5.71 -2.47 -11.91
N GLU E 193 6.16 -3.60 -11.34
CA GLU E 193 7.36 -4.30 -11.79
C GLU E 193 7.10 -4.96 -13.15
N PHE E 194 8.17 -5.26 -13.90
CA PHE E 194 8.00 -6.00 -15.15
C PHE E 194 8.08 -7.46 -14.64
N MET E 195 7.12 -7.84 -13.76
CA MET E 195 7.08 -9.11 -13.03
C MET E 195 7.00 -10.32 -13.89
N GLY E 196 7.99 -11.20 -13.76
CA GLY E 196 8.03 -12.41 -14.56
C GLY E 196 8.39 -12.12 -16.00
N GLY E 197 8.88 -10.91 -16.28
CA GLY E 197 9.29 -10.52 -17.62
C GLY E 197 10.70 -11.00 -17.94
N ASN E 198 11.28 -10.54 -19.05
CA ASN E 198 12.61 -10.96 -19.45
C ASN E 198 13.56 -9.80 -19.72
N VAL E 199 13.38 -8.70 -19.00
CA VAL E 199 14.29 -7.54 -19.06
C VAL E 199 14.62 -7.30 -17.60
N ILE E 200 15.90 -7.48 -17.22
CA ILE E 200 16.35 -7.39 -15.83
C ILE E 200 17.36 -6.31 -15.57
N SER E 201 17.18 -5.60 -14.46
CA SER E 201 18.12 -4.58 -14.03
C SER E 201 18.70 -5.05 -12.69
N LEU E 202 19.89 -4.56 -12.33
CA LEU E 202 20.48 -4.84 -11.04
C LEU E 202 19.69 -4.08 -9.96
N LEU E 203 19.04 -2.97 -10.34
CA LEU E 203 18.23 -2.18 -9.41
C LEU E 203 16.85 -2.77 -9.26
N ALA E 204 16.20 -2.45 -8.15
CA ALA E 204 14.87 -2.91 -7.88
C ALA E 204 13.86 -2.00 -8.58
N ALA E 205 12.57 -2.38 -8.60
CA ALA E 205 11.54 -1.51 -9.16
C ALA E 205 11.58 -0.14 -8.43
N SER E 206 11.28 0.95 -9.15
CA SER E 206 11.38 2.29 -8.55
C SER E 206 10.27 2.61 -7.57
N CYS E 207 9.40 1.64 -7.26
CA CYS E 207 8.35 1.85 -6.25
C CYS E 207 8.79 1.32 -4.87
N ALA E 208 9.88 0.53 -4.83
CA ALA E 208 10.34 -0.23 -3.67
C ALA E 208 11.27 0.38 -2.63
N ASN E 209 11.64 1.66 -2.74
CA ASN E 209 12.56 2.25 -1.75
C ASN E 209 11.97 2.39 -0.39
N GLU E 210 12.79 2.31 0.65
CA GLU E 210 12.34 2.55 2.03
C GLU E 210 12.27 4.07 2.29
N GLY E 211 13.04 4.83 1.52
CA GLY E 211 13.08 6.28 1.63
C GLY E 211 13.75 6.88 0.42
N PRO E 212 13.79 8.21 0.34
CA PRO E 212 14.43 8.84 -0.83
C PRO E 212 15.94 8.59 -0.76
N GLY E 213 16.54 8.21 -1.90
CA GLY E 213 17.98 7.95 -1.99
C GLY E 213 18.43 6.53 -1.69
N PHE E 214 17.49 5.60 -1.45
CA PHE E 214 17.80 4.23 -1.09
C PHE E 214 17.97 3.27 -2.30
N ALA E 215 17.82 3.76 -3.55
CA ALA E 215 17.94 2.86 -4.70
C ALA E 215 19.25 2.02 -4.71
N MET E 216 20.39 2.68 -4.47
CA MET E 216 21.71 1.98 -4.49
C MET E 216 21.89 1.05 -3.28
N ARG E 217 20.94 1.09 -2.34
CA ARG E 217 20.97 0.22 -1.17
C ARG E 217 20.06 -1.01 -1.35
N ASN E 218 19.12 -0.98 -2.34
CA ASN E 218 18.19 -2.09 -2.56
C ASN E 218 18.80 -3.15 -3.46
N ILE E 219 19.96 -3.66 -3.04
CA ILE E 219 20.69 -4.69 -3.78
C ILE E 219 21.07 -5.79 -2.80
N MET E 220 20.53 -7.01 -2.99
CA MET E 220 20.82 -8.11 -2.08
C MET E 220 22.30 -8.46 -1.98
N ALA E 221 22.73 -8.88 -0.79
CA ALA E 221 24.13 -9.31 -0.59
C ALA E 221 24.48 -10.46 -1.55
N ASN E 222 23.50 -11.37 -1.85
CA ASN E 222 23.76 -12.49 -2.80
C ASN E 222 24.15 -11.96 -4.16
N HIS E 223 23.53 -10.87 -4.60
CA HIS E 223 23.87 -10.30 -5.92
C HIS E 223 25.33 -9.83 -5.89
N ILE E 224 25.69 -9.12 -4.82
CA ILE E 224 27.04 -8.58 -4.68
C ILE E 224 28.08 -9.70 -4.67
N VAL E 225 27.80 -10.77 -3.92
CA VAL E 225 28.71 -11.92 -3.85
C VAL E 225 28.78 -12.59 -5.21
N ALA E 226 27.64 -12.81 -5.86
CA ALA E 226 27.64 -13.45 -7.18
C ALA E 226 28.41 -12.61 -8.20
N ALA E 227 28.21 -11.28 -8.21
CA ALA E 227 28.92 -10.42 -9.17
C ALA E 227 30.44 -10.39 -8.91
N THR E 228 30.89 -10.52 -7.65
CA THR E 228 32.33 -10.51 -7.35
C THR E 228 32.90 -11.94 -7.30
N ARG E 229 32.06 -12.96 -7.61
CA ARG E 229 32.44 -14.37 -7.62
C ARG E 229 33.10 -14.79 -6.33
N LYS E 230 32.51 -14.38 -5.21
CA LYS E 230 32.93 -14.73 -3.86
C LYS E 230 34.32 -14.29 -3.42
N ARG E 231 34.95 -13.32 -4.08
CA ARG E 231 36.28 -12.87 -3.63
C ARG E 231 35.98 -11.91 -2.50
N THR E 232 36.07 -12.44 -1.27
CA THR E 232 35.70 -11.73 -0.02
C THR E 232 35.84 -10.19 0.00
N LEU E 233 37.07 -9.64 -0.06
CA LEU E 233 37.21 -8.18 0.06
C LEU E 233 36.71 -7.40 -1.14
N GLU E 234 36.65 -8.01 -2.32
CA GLU E 234 36.07 -7.30 -3.47
C GLU E 234 34.54 -7.21 -3.23
N ALA E 235 33.93 -8.23 -2.62
CA ALA E 235 32.49 -8.19 -2.29
C ALA E 235 32.29 -7.11 -1.23
N VAL E 236 33.21 -7.02 -0.25
CA VAL E 236 33.12 -5.99 0.79
C VAL E 236 33.24 -4.62 0.13
N ALA E 237 34.22 -4.45 -0.78
CA ALA E 237 34.39 -3.17 -1.47
C ALA E 237 33.17 -2.77 -2.28
N LEU E 238 32.55 -3.72 -3.02
CA LEU E 238 31.38 -3.40 -3.85
C LEU E 238 30.22 -3.01 -2.94
N SER E 239 29.95 -3.81 -1.91
CA SER E 239 28.87 -3.51 -0.97
C SER E 239 29.08 -2.16 -0.28
N SER E 240 30.27 -1.93 0.26
CA SER E 240 30.59 -0.68 0.95
C SER E 240 30.50 0.52 0.02
N THR E 241 30.94 0.37 -1.24
CA THR E 241 30.88 1.47 -2.19
C THR E 241 29.43 1.77 -2.55
N LEU E 242 28.59 0.74 -2.74
CA LEU E 242 27.16 0.98 -3.05
C LEU E 242 26.50 1.63 -1.84
N GLU E 243 26.87 1.23 -0.63
CA GLU E 243 26.30 1.86 0.58
C GLU E 243 26.82 3.31 0.67
N ALA E 244 28.07 3.56 0.22
CA ALA E 244 28.61 4.92 0.26
C ALA E 244 27.84 5.81 -0.68
N ILE E 245 27.55 5.34 -1.90
CA ILE E 245 26.77 6.13 -2.86
C ILE E 245 25.37 6.35 -2.28
N GLY E 246 24.77 5.28 -1.75
CA GLY E 246 23.44 5.37 -1.16
C GLY E 246 23.37 6.41 -0.07
N HIS E 247 24.38 6.45 0.80
CA HIS E 247 24.36 7.44 1.92
C HIS E 247 24.51 8.87 1.40
N VAL E 248 25.16 9.05 0.25
CA VAL E 248 25.27 10.40 -0.33
C VAL E 248 23.86 10.79 -0.82
N GLU E 249 23.21 9.85 -1.54
CA GLU E 249 21.88 10.11 -2.07
C GLU E 249 20.83 10.28 -0.97
N MET E 250 21.05 9.67 0.21
CA MET E 250 20.14 9.83 1.36
C MET E 250 20.32 11.20 2.03
N GLY E 251 21.40 11.90 1.70
CA GLY E 251 21.75 13.21 2.25
C GLY E 251 22.57 13.14 3.50
N ASP E 252 23.10 11.93 3.84
CA ASP E 252 23.84 11.76 5.07
C ASP E 252 25.35 11.97 4.97
N ALA E 253 25.92 12.21 3.78
CA ALA E 253 27.36 12.44 3.67
C ALA E 253 27.51 13.97 3.55
N ILE E 254 26.98 14.67 4.57
CA ILE E 254 26.91 16.14 4.57
C ILE E 254 27.37 16.77 5.86
N GLY E 255 27.96 17.95 5.72
CA GLY E 255 28.35 18.75 6.88
C GLY E 255 29.17 18.03 7.92
N ARG E 256 28.79 18.18 9.20
CA ARG E 256 29.57 17.59 10.29
C ARG E 256 29.57 16.06 10.30
N TRP E 257 28.77 15.41 9.46
CA TRP E 257 28.74 13.94 9.38
C TRP E 257 29.51 13.44 8.12
N ARG E 258 29.95 14.35 7.23
CA ARG E 258 30.61 13.93 5.99
C ARG E 258 31.88 13.11 6.20
N ARG E 259 32.80 13.58 7.08
CA ARG E 259 34.05 12.86 7.31
C ARG E 259 33.78 11.48 7.91
N TRP E 260 32.86 11.41 8.90
CA TRP E 260 32.47 10.16 9.54
C TRP E 260 32.01 9.16 8.51
N GLN E 261 31.15 9.60 7.58
CA GLN E 261 30.62 8.73 6.55
C GLN E 261 31.67 8.30 5.51
N ALA E 262 32.57 9.21 5.17
CA ALA E 262 33.62 8.91 4.18
C ALA E 262 34.63 7.91 4.75
N LEU E 263 34.88 7.99 6.06
CA LEU E 263 35.83 7.10 6.70
C LEU E 263 35.28 5.70 6.83
N VAL E 264 33.95 5.55 7.00
CA VAL E 264 33.34 4.21 7.06
C VAL E 264 33.66 3.51 5.71
N HIS E 265 33.47 4.23 4.62
CA HIS E 265 33.69 3.69 3.29
C HIS E 265 35.19 3.37 3.09
N ALA E 266 36.08 4.33 3.35
CA ALA E 266 37.51 4.11 3.17
C ALA E 266 38.08 2.99 4.04
N CYS E 267 37.77 3.01 5.34
CA CYS E 267 38.35 2.04 6.32
C CYS E 267 37.75 0.63 6.20
N GLN E 268 36.42 0.51 6.14
CA GLN E 268 35.81 -0.80 6.08
C GLN E 268 35.75 -1.35 4.68
N GLY E 269 35.49 -0.49 3.71
CA GLY E 269 35.32 -0.91 2.33
C GLY E 269 36.54 -0.92 1.44
N LEU E 270 37.55 -0.09 1.72
CA LEU E 270 38.72 -0.02 0.80
C LEU E 270 40.03 -0.40 1.45
N ASN E 271 39.98 -1.09 2.60
CA ASN E 271 41.18 -1.54 3.28
C ASN E 271 42.18 -0.40 3.44
N ALA E 272 41.70 0.81 3.78
CA ALA E 272 42.58 1.97 3.95
C ALA E 272 43.63 1.67 5.01
N ASN E 273 44.89 1.98 4.72
CA ASN E 273 46.01 1.69 5.64
C ASN E 273 46.11 0.20 5.99
N ASN E 274 45.54 -0.69 5.15
CA ASN E 274 45.59 -2.13 5.36
C ASN E 274 45.03 -2.55 6.72
N VAL E 275 44.16 -1.76 7.36
CA VAL E 275 43.65 -2.14 8.69
C VAL E 275 42.89 -3.46 8.64
N VAL E 276 41.93 -3.60 7.72
CA VAL E 276 41.15 -4.84 7.63
C VAL E 276 42.07 -6.04 7.45
N TYR E 277 42.96 -5.98 6.44
CA TYR E 277 43.91 -7.07 6.20
C TYR E 277 44.78 -7.35 7.43
N ASP E 278 45.38 -6.32 8.03
CA ASP E 278 46.24 -6.50 9.19
C ASP E 278 45.51 -7.18 10.35
N LEU E 279 44.26 -6.80 10.61
CA LEU E 279 43.50 -7.38 11.71
C LEU E 279 43.22 -8.84 11.46
N VAL E 280 42.82 -9.20 10.22
CA VAL E 280 42.54 -10.58 9.85
C VAL E 280 43.84 -11.39 9.95
N LYS E 281 44.95 -10.84 9.47
CA LYS E 281 46.23 -11.54 9.54
C LYS E 281 46.63 -11.86 10.98
N GLU E 282 46.51 -10.87 11.89
CA GLU E 282 46.88 -11.03 13.28
C GLU E 282 46.00 -12.02 14.03
N ALA E 283 44.69 -11.94 13.84
CA ALA E 283 43.74 -12.75 14.59
C ALA E 283 43.10 -13.92 13.84
N GLY E 284 43.51 -14.19 12.60
CA GLY E 284 42.91 -15.22 11.76
C GLY E 284 42.83 -16.61 12.33
N HIS E 285 43.80 -17.00 13.15
CA HIS E 285 43.82 -18.32 13.74
C HIS E 285 43.00 -18.37 15.05
N GLY E 286 42.39 -17.26 15.42
CA GLY E 286 41.63 -17.16 16.66
C GLY E 286 40.14 -16.98 16.47
N CYS E 287 39.50 -16.31 17.45
CA CYS E 287 38.07 -16.07 17.55
C CYS E 287 37.72 -14.60 17.36
N THR E 288 36.42 -14.29 17.46
CA THR E 288 35.94 -12.91 17.36
C THR E 288 36.72 -12.03 18.37
N GLY E 289 36.88 -12.55 19.59
CA GLY E 289 37.59 -11.85 20.67
C GLY E 289 39.00 -11.44 20.31
N ASP E 290 39.71 -12.26 19.51
CA ASP E 290 41.07 -11.92 19.10
C ASP E 290 41.05 -10.71 18.15
N VAL E 291 39.96 -10.56 17.40
CA VAL E 291 39.85 -9.37 16.50
C VAL E 291 39.58 -8.15 17.38
N VAL E 292 38.79 -8.34 18.45
CA VAL E 292 38.53 -7.23 19.37
C VAL E 292 39.88 -6.76 19.93
N ALA E 293 40.71 -7.69 20.40
CA ALA E 293 42.02 -7.34 20.94
C ALA E 293 42.88 -6.63 19.87
N ALA E 294 42.87 -7.13 18.62
CA ALA E 294 43.66 -6.54 17.56
C ALA E 294 43.15 -5.15 17.19
N THR E 295 41.83 -4.94 17.23
CA THR E 295 41.24 -3.64 16.87
C THR E 295 41.61 -2.59 17.89
N VAL E 296 41.45 -2.91 19.20
CA VAL E 296 41.80 -1.96 20.24
C VAL E 296 43.31 -1.65 20.18
N GLY E 297 44.12 -2.66 19.99
CA GLY E 297 45.57 -2.49 19.90
C GLY E 297 45.98 -1.59 18.75
N ARG E 298 45.36 -1.78 17.57
CA ARG E 298 45.67 -0.97 16.38
C ARG E 298 45.21 0.48 16.58
N ALA E 299 44.02 0.67 17.20
CA ALA E 299 43.53 2.02 17.48
C ALA E 299 44.51 2.73 18.42
N LEU E 300 45.05 2.02 19.41
CA LEU E 300 46.04 2.63 20.35
C LEU E 300 47.34 2.92 19.63
N GLU E 301 47.83 1.96 18.84
CA GLU E 301 49.07 2.11 18.09
C GLU E 301 49.01 3.33 17.17
N ASP E 302 47.86 3.54 16.54
CA ASP E 302 47.71 4.67 15.63
C ASP E 302 47.32 6.00 16.31
N GLY E 303 47.25 6.04 17.64
CA GLY E 303 46.90 7.26 18.37
C GLY E 303 45.44 7.67 18.24
N ILE E 304 44.57 6.74 17.80
CA ILE E 304 43.15 7.05 17.64
C ILE E 304 42.45 7.10 19.00
N ILE E 305 42.91 6.28 19.94
CA ILE E 305 42.35 6.26 21.29
C ILE E 305 43.51 6.31 22.28
N SER E 306 43.21 6.66 23.55
CA SER E 306 44.22 6.71 24.62
C SER E 306 43.53 6.41 25.94
N VAL E 307 44.28 6.02 26.97
CA VAL E 307 43.69 5.77 28.29
C VAL E 307 43.19 7.11 28.84
N LYS E 308 41.92 7.15 29.27
CA LYS E 308 41.30 8.37 29.82
C LYS E 308 41.40 8.38 31.33
N LYS E 309 41.02 7.27 31.94
CA LYS E 309 41.01 7.19 33.40
C LYS E 309 41.11 5.75 33.84
N THR E 310 41.81 5.49 34.95
CA THR E 310 41.92 4.14 35.47
C THR E 310 41.06 4.06 36.71
N LEU E 311 40.03 3.20 36.71
CA LEU E 311 39.13 3.04 37.85
C LEU E 311 39.86 2.30 38.97
N PRO E 312 39.38 2.37 40.21
CA PRO E 312 40.08 1.68 41.31
C PRO E 312 40.40 0.20 41.10
N SER E 313 39.54 -0.54 40.39
CA SER E 313 39.76 -1.96 40.13
C SER E 313 40.92 -2.21 39.17
N GLY E 314 41.30 -1.19 38.40
CA GLY E 314 42.36 -1.32 37.40
C GLY E 314 41.78 -1.23 35.99
N TYR E 315 40.44 -1.26 35.87
CA TYR E 315 39.79 -1.16 34.57
C TYR E 315 40.02 0.25 33.99
N LYS E 316 40.40 0.33 32.71
CA LYS E 316 40.66 1.60 32.07
C LYS E 316 39.58 2.03 31.09
N PHE E 317 39.16 3.29 31.20
CA PHE E 317 38.21 3.88 30.24
C PHE E 317 39.08 4.48 29.19
N TYR E 318 38.79 4.25 27.92
CA TYR E 318 39.58 4.84 26.85
C TYR E 318 38.81 6.05 26.31
N THR E 319 39.52 7.02 25.75
CA THR E 319 38.89 8.19 25.14
C THR E 319 39.23 8.17 23.66
N ALA E 320 38.34 8.72 22.85
CA ALA E 320 38.58 8.81 21.43
C ALA E 320 39.24 10.14 21.12
N ASN E 321 40.49 10.10 20.69
CA ASN E 321 41.20 11.35 20.31
C ASN E 321 40.67 11.79 18.93
N ASP E 322 40.11 10.84 18.18
CA ASP E 322 39.52 11.11 16.87
C ASP E 322 38.25 10.24 16.77
N PRO E 323 37.12 10.75 17.30
CA PRO E 323 35.87 9.96 17.31
C PRO E 323 35.40 9.35 15.99
N SER E 324 35.45 10.11 14.87
CA SER E 324 35.05 9.54 13.58
C SER E 324 36.01 8.43 13.12
N MET E 325 37.31 8.59 13.38
CA MET E 325 38.27 7.56 13.01
C MET E 325 38.10 6.33 13.93
N TRP E 326 37.77 6.53 15.22
CA TRP E 326 37.55 5.40 16.13
C TRP E 326 36.36 4.59 15.59
N ASN E 327 35.28 5.28 15.19
CA ASN E 327 34.12 4.60 14.63
C ASN E 327 34.54 3.81 13.40
N ALA E 328 35.33 4.43 12.53
CA ALA E 328 35.79 3.77 11.30
C ALA E 328 36.68 2.54 11.62
N TYR E 329 37.50 2.62 12.68
CA TYR E 329 38.35 1.48 13.07
C TYR E 329 37.46 0.35 13.62
N VAL E 330 36.35 0.70 14.32
CA VAL E 330 35.43 -0.33 14.79
C VAL E 330 34.76 -0.99 13.58
N CYS E 331 34.43 -0.22 12.54
CA CYS E 331 33.81 -0.78 11.32
C CYS E 331 34.78 -1.73 10.61
N ALA E 332 36.07 -1.37 10.57
CA ALA E 332 37.09 -2.23 9.95
C ALA E 332 37.24 -3.50 10.78
N GLY E 333 37.30 -3.37 12.12
CA GLY E 333 37.41 -4.52 12.99
C GLY E 333 36.20 -5.42 12.85
N LEU E 334 35.05 -4.80 12.57
CA LEU E 334 33.76 -5.54 12.44
C LEU E 334 33.84 -6.49 11.24
N VAL E 335 34.30 -6.02 10.09
CA VAL E 335 34.38 -6.88 8.90
C VAL E 335 35.50 -7.90 9.09
N ALA E 336 36.60 -7.52 9.77
CA ALA E 336 37.67 -8.46 10.06
C ALA E 336 37.13 -9.57 10.99
N ALA E 337 36.34 -9.20 12.00
CA ALA E 337 35.79 -10.20 12.95
C ALA E 337 34.90 -11.21 12.21
N VAL E 338 34.08 -10.74 11.27
CA VAL E 338 33.20 -11.62 10.50
C VAL E 338 34.06 -12.54 9.61
N ILE E 339 35.13 -12.02 9.04
CA ILE E 339 36.01 -12.83 8.19
C ILE E 339 36.65 -13.92 9.04
N VAL E 340 37.10 -13.57 10.25
CA VAL E 340 37.72 -14.56 11.14
C VAL E 340 36.69 -15.57 11.67
N ASN E 341 35.56 -15.10 12.21
CA ASN E 341 34.57 -16.01 12.76
C ASN E 341 33.82 -16.84 11.68
N GLN E 342 33.10 -16.18 10.77
CA GLN E 342 32.41 -16.94 9.72
C GLN E 342 33.41 -17.61 8.77
N GLY E 343 34.60 -17.06 8.66
CA GLY E 343 35.64 -17.66 7.83
C GLY E 343 36.13 -18.98 8.42
N ALA E 344 36.22 -19.08 9.74
CA ALA E 344 36.68 -20.32 10.36
C ALA E 344 35.63 -21.43 10.13
N ALA E 345 34.35 -21.09 10.25
CA ALA E 345 33.29 -22.08 10.03
C ALA E 345 32.97 -22.26 8.53
N ARG E 346 33.39 -21.33 7.69
CA ARG E 346 33.06 -21.31 6.26
C ARG E 346 31.52 -21.44 6.11
N ALA E 347 30.80 -20.77 7.05
CA ALA E 347 29.35 -20.80 7.12
C ALA E 347 28.92 -19.39 7.49
N ALA E 348 28.08 -18.76 6.67
CA ALA E 348 27.67 -17.39 6.87
C ALA E 348 26.71 -17.10 8.01
N GLN E 349 25.90 -18.07 8.46
CA GLN E 349 24.87 -17.78 9.44
C GLN E 349 25.28 -16.96 10.66
N GLY E 350 26.46 -17.23 11.21
CA GLY E 350 26.89 -16.51 12.41
C GLY E 350 27.21 -15.05 12.24
N VAL E 351 27.17 -14.54 10.98
CA VAL E 351 27.48 -13.13 10.72
C VAL E 351 26.66 -12.18 11.62
N SER E 352 25.39 -12.50 11.83
CA SER E 352 24.51 -11.66 12.65
C SER E 352 24.98 -11.67 14.09
N SER E 353 25.43 -12.82 14.60
CA SER E 353 25.95 -12.88 15.96
C SER E 353 27.24 -12.06 16.05
N THR E 354 28.16 -12.16 15.07
CA THR E 354 29.42 -11.43 15.13
C THR E 354 29.16 -9.92 15.06
N LEU E 355 28.17 -9.50 14.27
CA LEU E 355 27.80 -8.09 14.15
C LEU E 355 27.42 -7.55 15.54
N LEU E 356 26.62 -8.32 16.27
CA LEU E 356 26.20 -7.92 17.61
C LEU E 356 27.34 -7.97 18.64
N TYR E 357 27.97 -9.14 18.82
CA TYR E 357 28.95 -9.31 19.90
C TYR E 357 30.33 -8.72 19.65
N PHE E 358 30.75 -8.48 18.39
CA PHE E 358 32.06 -7.82 18.20
C PHE E 358 31.93 -6.38 18.79
N ASN E 359 30.79 -5.72 18.49
CA ASN E 359 30.48 -4.38 18.98
C ASN E 359 30.28 -4.40 20.51
N ASP E 360 29.49 -5.35 21.02
CA ASP E 360 29.25 -5.44 22.47
C ASP E 360 30.57 -5.66 23.23
N LEU E 361 31.45 -6.53 22.70
CA LEU E 361 32.75 -6.80 23.35
C LEU E 361 33.60 -5.55 23.29
N ILE E 362 33.57 -4.82 22.17
CA ILE E 362 34.34 -3.56 22.02
C ILE E 362 33.97 -2.58 23.13
N GLU E 363 32.67 -2.32 23.35
CA GLU E 363 32.25 -1.39 24.40
C GLU E 363 32.68 -1.87 25.77
N HIS E 364 32.44 -3.15 26.08
CA HIS E 364 32.82 -3.67 27.39
C HIS E 364 34.33 -3.60 27.62
N GLU E 365 35.10 -3.75 26.53
CA GLU E 365 36.57 -3.71 26.55
C GLU E 365 37.17 -2.30 26.70
N THR E 366 36.51 -1.27 26.15
CA THR E 366 37.07 0.08 26.16
C THR E 366 36.29 1.19 26.86
N GLY E 367 34.99 1.04 26.98
CA GLY E 367 34.16 2.10 27.54
C GLY E 367 33.88 3.18 26.49
N LEU E 368 34.09 2.84 25.19
CA LEU E 368 33.83 3.72 24.05
C LEU E 368 32.64 3.18 23.26
N PRO E 369 31.90 4.03 22.54
CA PRO E 369 30.72 3.53 21.81
C PRO E 369 31.12 2.71 20.60
N HIS E 370 30.32 1.68 20.27
CA HIS E 370 30.61 0.85 19.11
C HIS E 370 30.17 1.56 17.81
N ALA E 371 30.29 0.87 16.66
CA ALA E 371 29.93 1.42 15.37
C ALA E 371 28.46 1.95 15.32
N GLY E 372 28.32 3.22 14.92
CA GLY E 372 26.99 3.78 14.79
C GLY E 372 26.31 4.12 16.09
N TYR E 373 27.07 4.19 17.19
CA TYR E 373 26.49 4.60 18.49
C TYR E 373 25.20 3.86 18.87
N GLY E 374 25.12 2.58 18.51
CA GLY E 374 23.93 1.80 18.80
C GLY E 374 23.41 1.00 17.63
N ASP E 375 23.64 1.47 16.40
CA ASP E 375 23.16 0.75 15.22
C ASP E 375 23.87 -0.58 14.97
N GLY E 376 25.17 -0.66 15.28
CA GLY E 376 25.89 -1.92 15.08
C GLY E 376 25.28 -3.04 15.92
N MET E 377 25.04 -2.79 17.20
CA MET E 377 24.44 -3.81 18.05
C MET E 377 22.96 -3.95 17.73
N GLY E 378 22.31 -2.84 17.39
CA GLY E 378 20.90 -2.86 17.05
C GLY E 378 20.65 -3.78 15.88
N ASN E 379 21.43 -3.61 14.81
CA ASN E 379 21.28 -4.48 13.64
C ASN E 379 21.78 -5.89 13.89
N GLY E 380 22.74 -6.06 14.81
CA GLY E 380 23.16 -7.41 15.17
C GLY E 380 21.96 -8.14 15.76
N VAL E 381 21.21 -7.42 16.64
CA VAL E 381 20.00 -7.95 17.26
C VAL E 381 18.89 -8.24 16.19
N SER E 382 18.48 -7.25 15.40
CA SER E 382 17.42 -7.45 14.42
C SER E 382 17.79 -8.50 13.39
N PHE E 383 19.00 -8.39 12.85
CA PHE E 383 19.47 -9.32 11.84
C PHE E 383 19.59 -10.75 12.44
N SER E 384 20.04 -10.90 13.72
CA SER E 384 20.10 -12.24 14.33
C SER E 384 18.70 -12.81 14.43
N PHE E 385 17.78 -12.01 14.96
CA PHE E 385 16.40 -12.42 15.13
C PHE E 385 15.75 -12.82 13.82
N PHE E 386 15.80 -11.96 12.82
CA PHE E 386 15.16 -12.24 11.54
C PHE E 386 15.93 -13.18 10.60
N SER E 387 16.94 -13.89 11.10
CA SER E 387 17.61 -14.92 10.29
C SER E 387 17.56 -16.27 11.08
N HIS E 388 16.81 -16.34 12.21
CA HIS E 388 16.72 -17.56 13.02
C HIS E 388 15.32 -17.67 13.68
N ALA E 389 14.26 -17.03 13.11
CA ALA E 389 12.96 -17.07 13.79
C ALA E 389 11.81 -17.22 12.78
N ILE E 390 10.59 -17.43 13.26
CA ILE E 390 9.45 -17.66 12.37
C ILE E 390 8.84 -16.42 11.75
N TYR E 391 9.22 -15.23 12.24
CA TYR E 391 8.56 -13.97 11.95
C TYR E 391 8.74 -13.33 10.58
N GLY E 392 9.88 -13.53 9.97
CA GLY E 392 10.18 -12.97 8.68
C GLY E 392 11.67 -13.11 8.41
N GLY E 393 12.19 -12.33 7.49
CA GLY E 393 13.62 -12.37 7.18
C GLY E 393 13.98 -13.48 6.24
N GLY E 394 15.13 -14.11 6.49
CA GLY E 394 15.62 -15.16 5.61
C GLY E 394 17.08 -15.44 5.91
N SER E 395 17.77 -16.14 5.01
CA SER E 395 19.19 -16.39 5.26
C SER E 395 19.97 -15.09 4.97
N PRO E 396 21.20 -14.96 5.46
CA PRO E 396 21.95 -13.71 5.29
C PRO E 396 21.98 -13.06 3.91
N GLY E 397 22.14 -13.86 2.87
CA GLY E 397 22.26 -13.35 1.51
C GLY E 397 21.08 -12.59 0.94
N ILE E 398 19.88 -12.70 1.53
CA ILE E 398 18.72 -11.97 0.97
C ILE E 398 18.55 -10.57 1.56
N PHE E 399 19.41 -10.17 2.53
CA PHE E 399 19.31 -8.82 3.09
C PHE E 399 20.07 -7.82 2.23
N SER E 400 19.76 -6.54 2.45
CA SER E 400 20.35 -5.41 1.74
C SER E 400 20.20 -4.14 2.58
N GLY E 401 20.83 -3.04 2.14
CA GLY E 401 20.69 -1.79 2.85
C GLY E 401 19.26 -1.27 2.81
N ASN E 402 18.42 -1.76 1.88
CA ASN E 402 17.01 -1.32 1.81
C ASN E 402 16.08 -2.25 2.59
N HIS E 403 16.56 -3.39 3.11
CA HIS E 403 15.68 -4.32 3.82
C HIS E 403 15.35 -3.69 5.17
N ILE E 404 14.07 -3.69 5.58
CA ILE E 404 13.68 -3.10 6.85
C ILE E 404 14.50 -3.66 8.02
N VAL E 405 14.91 -4.93 7.95
CA VAL E 405 15.65 -5.53 9.05
C VAL E 405 17.07 -4.97 9.21
N THR E 406 17.76 -4.68 8.09
CA THR E 406 19.15 -4.28 8.09
C THR E 406 19.48 -2.87 7.56
N ARG E 407 18.47 -2.05 7.27
CA ARG E 407 18.72 -0.70 6.73
C ARG E 407 19.36 0.32 7.66
N HIS E 408 19.15 0.16 8.97
CA HIS E 408 19.53 1.17 9.96
C HIS E 408 20.99 1.62 9.99
N SER E 409 21.95 0.68 10.11
CA SER E 409 23.36 1.05 10.18
C SER E 409 23.75 1.95 9.05
N LYS E 410 24.56 3.00 9.32
CA LYS E 410 24.90 3.94 8.27
C LYS E 410 26.09 3.47 7.40
N GLY E 411 25.83 2.43 6.62
CA GLY E 411 26.75 1.86 5.64
C GLY E 411 27.77 0.82 6.04
N PHE E 412 27.84 0.43 7.31
CA PHE E 412 28.84 -0.54 7.75
C PHE E 412 28.31 -1.95 8.05
N ALA E 413 27.03 -2.25 7.77
CA ALA E 413 26.47 -3.57 8.07
C ALA E 413 26.40 -4.51 6.87
N ILE E 414 25.87 -4.04 5.74
CA ILE E 414 25.74 -4.90 4.58
C ILE E 414 27.11 -5.44 4.12
N PRO E 415 28.19 -4.66 4.14
CA PRO E 415 29.50 -5.21 3.69
C PRO E 415 29.94 -6.43 4.48
N VAL E 416 29.54 -6.55 5.75
CA VAL E 416 29.96 -7.74 6.55
C VAL E 416 29.12 -8.95 6.11
N ILE E 417 27.91 -8.72 5.63
CA ILE E 417 27.07 -9.81 5.15
C ILE E 417 27.71 -10.32 3.85
N ALA E 418 28.18 -9.42 2.99
CA ALA E 418 28.83 -9.80 1.72
C ALA E 418 30.08 -10.63 2.03
N ALA E 419 30.85 -10.24 3.04
CA ALA E 419 32.05 -11.00 3.40
C ALA E 419 31.67 -12.42 3.86
N ALA E 420 30.68 -12.54 4.75
CA ALA E 420 30.29 -13.85 5.29
C ALA E 420 29.70 -14.76 4.21
N VAL E 421 28.81 -14.22 3.37
CA VAL E 421 28.23 -15.03 2.31
C VAL E 421 29.31 -15.44 1.29
N SER E 422 30.33 -14.61 1.09
CA SER E 422 31.42 -14.96 0.16
C SER E 422 32.19 -16.18 0.68
N LEU E 423 32.33 -16.28 2.02
CA LEU E 423 33.07 -17.36 2.66
C LEU E 423 32.26 -18.62 2.89
N ASP E 424 30.94 -18.56 2.68
CA ASP E 424 30.07 -19.71 2.90
C ASP E 424 30.38 -20.87 1.92
N SER E 425 30.41 -22.11 2.46
CA SER E 425 30.72 -23.32 1.69
C SER E 425 29.52 -23.99 1.01
N GLY E 426 28.35 -23.35 1.04
CA GLY E 426 27.13 -23.88 0.44
C GLY E 426 26.22 -24.45 1.52
N THR E 427 26.09 -23.72 2.63
CA THR E 427 25.26 -24.17 3.76
C THR E 427 23.82 -23.68 3.72
N ALA E 428 23.47 -22.80 2.76
CA ALA E 428 22.13 -22.23 2.64
C ALA E 428 21.42 -22.75 1.40
N VAL E 429 20.10 -22.64 1.37
CA VAL E 429 19.30 -23.05 0.22
C VAL E 429 19.07 -21.79 -0.66
N TYR E 430 18.99 -20.59 -0.04
CA TYR E 430 18.81 -19.34 -0.76
C TYR E 430 20.16 -18.62 -0.83
N GLY E 431 21.11 -19.30 -1.44
CA GLY E 431 22.48 -18.79 -1.62
C GLY E 431 22.61 -18.06 -2.95
N PRO E 432 23.80 -17.52 -3.23
CA PRO E 432 23.98 -16.77 -4.48
C PRO E 432 23.59 -17.51 -5.76
N GLU E 433 23.87 -18.80 -5.86
CA GLU E 433 23.50 -19.55 -7.07
C GLU E 433 21.96 -19.59 -7.23
N ALA E 434 21.25 -19.79 -6.12
CA ALA E 434 19.80 -19.85 -6.16
C ALA E 434 19.09 -18.53 -6.50
N THR E 435 19.55 -17.40 -5.93
CA THR E 435 18.87 -16.13 -6.16
C THR E 435 19.52 -15.18 -7.16
N SER E 436 20.81 -15.39 -7.47
CA SER E 436 21.56 -14.45 -8.31
C SER E 436 22.43 -15.10 -9.39
N GLY E 437 21.99 -16.23 -9.94
CA GLY E 437 22.77 -16.91 -10.97
C GLY E 437 23.02 -16.07 -12.21
N LEU E 438 21.94 -15.51 -12.78
CA LEU E 438 22.04 -14.68 -13.98
C LEU E 438 22.83 -13.42 -13.68
N VAL E 439 22.62 -12.83 -12.50
CA VAL E 439 23.32 -11.62 -12.10
C VAL E 439 24.83 -11.84 -12.12
N GLY E 440 25.28 -12.91 -11.50
CA GLY E 440 26.71 -13.21 -11.44
C GLY E 440 27.30 -13.56 -12.78
N ASP E 441 26.53 -14.31 -13.60
CA ASP E 441 27.02 -14.74 -14.91
C ASP E 441 27.09 -13.62 -15.90
N ILE E 442 26.11 -12.70 -15.87
CA ILE E 442 26.06 -11.60 -16.84
C ILE E 442 26.74 -10.31 -16.31
N PHE E 443 26.24 -9.72 -15.22
CA PHE E 443 26.80 -8.47 -14.69
C PHE E 443 28.19 -8.66 -14.06
N GLY E 444 28.51 -9.87 -13.63
CA GLY E 444 29.82 -10.18 -13.06
C GLY E 444 30.92 -10.08 -14.09
N GLU E 445 30.57 -10.04 -15.41
CA GLU E 445 31.57 -9.89 -16.47
C GLU E 445 32.05 -8.43 -16.56
N VAL E 446 31.28 -7.48 -15.99
CA VAL E 446 31.69 -6.08 -15.99
C VAL E 446 32.83 -5.95 -14.97
N ASP E 447 34.04 -5.68 -15.46
CA ASP E 447 35.24 -5.57 -14.61
C ASP E 447 35.08 -4.64 -13.42
N LEU E 448 34.42 -3.51 -13.62
CA LEU E 448 34.23 -2.49 -12.54
C LEU E 448 33.39 -3.08 -11.40
N ILE E 449 32.35 -3.86 -11.72
CA ILE E 449 31.46 -4.45 -10.72
C ILE E 449 32.16 -5.62 -10.02
N ARG E 450 32.86 -6.44 -10.79
CA ARG E 450 33.54 -7.60 -10.24
C ARG E 450 34.79 -7.28 -9.43
N ARG E 451 35.53 -6.24 -9.78
CA ARG E 451 36.78 -5.90 -9.10
C ARG E 451 36.92 -4.39 -8.94
N PRO E 452 36.08 -3.79 -8.08
CA PRO E 452 36.13 -2.33 -7.89
C PRO E 452 37.34 -1.78 -7.12
N MET E 453 37.95 -2.54 -6.22
CA MET E 453 39.06 -2.02 -5.40
C MET E 453 40.17 -1.33 -6.22
N GLU E 454 40.76 -2.05 -7.19
CA GLU E 454 41.83 -1.48 -8.00
C GLU E 454 41.34 -0.30 -8.82
N ALA E 455 40.11 -0.40 -9.37
CA ALA E 455 39.57 0.68 -10.18
C ALA E 455 39.39 1.97 -9.34
N ILE E 456 38.94 1.84 -8.08
CA ILE E 456 38.75 3.00 -7.22
C ILE E 456 40.08 3.63 -6.85
N ALA E 457 41.05 2.81 -6.52
CA ALA E 457 42.39 3.28 -6.16
C ALA E 457 43.05 4.00 -7.32
N SER E 458 42.99 3.44 -8.55
CA SER E 458 43.61 4.09 -9.70
C SER E 458 42.93 5.41 -9.99
N ALA E 459 41.60 5.46 -9.87
CA ALA E 459 40.87 6.71 -10.14
C ALA E 459 41.19 7.75 -9.06
N ALA E 460 41.35 7.31 -7.81
CA ALA E 460 41.68 8.22 -6.71
C ALA E 460 43.09 8.82 -6.95
N ALA E 461 44.03 8.02 -7.48
CA ALA E 461 45.39 8.53 -7.75
C ALA E 461 45.39 9.55 -8.89
N GLU E 462 44.47 9.40 -9.86
CA GLU E 462 44.36 10.33 -10.98
C GLU E 462 43.99 11.74 -10.52
N ILE E 463 43.17 11.86 -9.47
CA ILE E 463 42.73 13.16 -8.97
C ILE E 463 43.32 13.53 -7.61
N LYS E 464 44.30 12.78 -7.10
CA LYS E 464 44.86 13.07 -5.79
C LYS E 464 45.39 14.49 -5.65
N ASP E 465 46.02 15.05 -6.69
CA ASP E 465 46.56 16.42 -6.60
C ASP E 465 45.51 17.56 -6.62
N LYS E 466 44.24 17.26 -6.91
CA LYS E 466 43.17 18.25 -6.93
C LYS E 466 42.81 18.76 -5.53
N PHE E 467 43.13 17.98 -4.49
CA PHE E 467 42.75 18.33 -3.13
C PHE E 467 43.95 18.62 -2.20
N VAL F 2 51.70 -7.09 22.14
CA VAL F 2 50.29 -7.08 21.72
C VAL F 2 49.43 -6.55 22.87
N TYR F 3 48.26 -5.98 22.54
CA TYR F 3 47.36 -5.44 23.53
C TYR F 3 46.71 -6.54 24.36
N GLN F 4 46.68 -6.37 25.69
CA GLN F 4 46.10 -7.35 26.62
C GLN F 4 44.70 -6.93 27.04
N ARG F 5 43.68 -7.73 26.66
CA ARG F 5 42.30 -7.39 26.98
C ARG F 5 42.01 -7.35 28.47
N GLN F 6 41.09 -6.47 28.87
CA GLN F 6 40.61 -6.32 30.25
C GLN F 6 39.17 -6.87 30.35
N PHE F 7 38.49 -7.09 29.19
CA PHE F 7 37.15 -7.69 29.05
C PHE F 7 35.96 -6.88 29.55
N LEU F 8 35.96 -6.50 30.83
CA LEU F 8 34.86 -5.74 31.41
C LEU F 8 35.24 -5.28 32.82
N PRO F 9 34.59 -4.23 33.36
CA PRO F 9 34.95 -3.78 34.72
C PRO F 9 34.66 -4.87 35.74
N ALA F 10 35.64 -5.19 36.57
CA ALA F 10 35.47 -6.24 37.57
C ALA F 10 35.93 -5.71 38.92
N ASP F 11 35.03 -4.98 39.59
CA ASP F 11 35.31 -4.37 40.89
C ASP F 11 34.76 -5.17 42.07
N ASP F 12 34.08 -6.30 41.85
CA ASP F 12 33.51 -7.09 42.94
C ASP F 12 33.47 -8.56 42.56
N ARG F 13 33.04 -9.44 43.49
CA ARG F 13 32.97 -10.88 43.24
C ARG F 13 32.16 -11.21 41.98
N VAL F 14 30.99 -10.57 41.80
CA VAL F 14 30.14 -10.88 40.66
C VAL F 14 30.81 -10.56 39.34
N THR F 15 31.34 -9.35 39.18
CA THR F 15 31.97 -8.97 37.90
C THR F 15 33.30 -9.71 37.72
N LYS F 16 34.00 -10.08 38.83
CA LYS F 16 35.23 -10.85 38.70
C LYS F 16 34.85 -12.26 38.20
N ASN F 17 33.70 -12.79 38.63
CA ASN F 17 33.20 -14.09 38.15
C ASN F 17 32.92 -13.97 36.66
N ARG F 18 32.34 -12.85 36.22
CA ARG F 18 32.07 -12.61 34.81
C ARG F 18 33.37 -12.62 34.01
N LYS F 19 34.40 -11.89 34.49
CA LYS F 19 35.69 -11.81 33.81
C LYS F 19 36.35 -13.19 33.65
N LYS F 20 36.28 -14.04 34.68
CA LYS F 20 36.85 -15.40 34.62
C LYS F 20 36.19 -16.19 33.51
N VAL F 21 34.86 -16.16 33.45
CA VAL F 21 34.12 -16.91 32.43
C VAL F 21 34.51 -16.49 31.02
N VAL F 22 34.57 -15.18 30.76
CA VAL F 22 34.86 -14.69 29.40
C VAL F 22 36.36 -14.65 29.00
N ASP F 23 37.29 -14.62 29.96
CA ASP F 23 38.72 -14.57 29.63
C ASP F 23 39.18 -15.96 29.15
N PRO F 24 39.61 -16.08 27.87
CA PRO F 24 40.00 -17.40 27.36
C PRO F 24 41.29 -17.95 27.94
N SER F 25 42.13 -17.09 28.53
CA SER F 25 43.37 -17.55 29.16
C SER F 25 43.10 -18.15 30.55
N VAL F 26 41.82 -18.19 31.01
CA VAL F 26 41.50 -18.74 32.31
C VAL F 26 40.85 -20.10 32.08
N LYS F 27 41.42 -21.13 32.67
CA LYS F 27 40.93 -22.48 32.52
C LYS F 27 39.66 -22.70 33.32
N LEU F 28 38.59 -23.19 32.68
CA LEU F 28 37.34 -23.50 33.39
C LEU F 28 37.53 -24.89 33.95
N GLU F 29 37.53 -25.03 35.28
CA GLU F 29 37.76 -26.31 35.95
C GLU F 29 36.70 -27.35 35.58
N LYS F 30 37.15 -28.58 35.32
CA LYS F 30 36.24 -29.69 35.00
C LYS F 30 35.66 -30.19 36.31
N ILE F 31 34.33 -30.29 36.42
CA ILE F 31 33.69 -30.76 37.67
C ILE F 31 32.91 -32.06 37.51
N ARG F 32 32.90 -32.64 36.31
CA ARG F 32 32.20 -33.91 36.09
C ARG F 32 32.75 -34.56 34.84
N THR F 33 32.59 -35.89 34.75
CA THR F 33 33.03 -36.66 33.62
C THR F 33 31.79 -37.26 32.93
N LEU F 34 31.73 -37.20 31.60
CA LEU F 34 30.63 -37.78 30.86
C LEU F 34 31.24 -38.76 29.84
N SER F 35 30.64 -39.96 29.72
CA SER F 35 31.14 -40.91 28.74
C SER F 35 30.81 -40.38 27.35
N ASP F 36 31.54 -40.81 26.32
CA ASP F 36 31.26 -40.34 24.97
C ASP F 36 29.82 -40.69 24.56
N LYS F 37 29.34 -41.89 24.95
CA LYS F 37 27.98 -42.29 24.63
C LYS F 37 26.94 -41.37 25.31
N ASP F 38 27.09 -41.10 26.62
CA ASP F 38 26.15 -40.25 27.35
C ASP F 38 26.22 -38.81 26.85
N PHE F 39 27.43 -38.32 26.58
CA PHE F 39 27.63 -36.96 26.08
C PHE F 39 26.90 -36.77 24.75
N LEU F 40 27.10 -37.69 23.80
CA LEU F 40 26.42 -37.58 22.49
C LEU F 40 24.91 -37.81 22.61
N THR F 41 24.48 -38.67 23.52
CA THR F 41 23.06 -38.95 23.71
C THR F 41 22.35 -37.68 24.24
N LEU F 42 23.02 -36.96 25.15
CA LEU F 42 22.45 -35.74 25.70
C LEU F 42 22.28 -34.68 24.62
N ILE F 43 23.28 -34.50 23.74
CA ILE F 43 23.19 -33.52 22.64
C ILE F 43 22.00 -33.92 21.75
N GLY F 44 21.92 -35.20 21.40
CA GLY F 44 20.81 -35.73 20.65
C GLY F 44 20.84 -35.56 19.14
N HIS F 45 21.98 -35.17 18.58
CA HIS F 45 22.06 -34.98 17.12
C HIS F 45 22.62 -36.22 16.43
N ARG F 46 23.59 -36.87 17.08
CA ARG F 46 24.29 -38.03 16.56
C ARG F 46 24.63 -38.97 17.70
N HIS F 47 24.64 -40.28 17.43
CA HIS F 47 24.97 -41.30 18.47
C HIS F 47 26.39 -41.81 18.26
N LEU F 48 27.02 -42.31 19.32
CA LEU F 48 28.38 -42.83 19.24
C LEU F 48 28.57 -43.83 18.07
N GLY F 49 29.61 -43.61 17.29
CA GLY F 49 29.91 -44.48 16.16
C GLY F 49 29.17 -44.14 14.88
N GLU F 50 28.18 -43.24 14.97
CA GLU F 50 27.41 -42.84 13.78
C GLU F 50 28.23 -41.85 12.95
N ALA F 51 28.24 -42.02 11.63
CA ALA F 51 28.99 -41.13 10.74
C ALA F 51 28.42 -39.71 10.76
N TYR F 52 29.32 -38.70 10.68
CA TYR F 52 28.87 -37.32 10.64
C TYR F 52 28.16 -37.06 9.32
N ARG F 53 26.98 -36.42 9.37
CA ARG F 53 26.24 -36.09 8.16
C ARG F 53 26.85 -34.79 7.61
N SER F 54 26.77 -34.56 6.30
N SER F 54 26.76 -34.56 6.30
CA SER F 54 27.33 -33.36 5.69
CA SER F 54 27.31 -33.36 5.69
C SER F 54 26.26 -32.52 5.02
C SER F 54 26.23 -32.51 5.08
N VAL F 55 26.46 -31.19 5.01
CA VAL F 55 25.54 -30.25 4.37
C VAL F 55 26.14 -29.86 3.00
N ASN F 56 27.46 -29.97 2.83
CA ASN F 56 28.12 -29.67 1.57
C ASN F 56 29.35 -30.56 1.44
N PRO F 57 29.93 -30.75 0.23
CA PRO F 57 31.10 -31.62 0.12
C PRO F 57 32.30 -31.11 0.93
N PRO F 58 33.35 -31.94 1.14
CA PRO F 58 34.53 -31.44 1.86
C PRO F 58 35.05 -30.14 1.23
N LEU F 59 35.50 -29.21 2.08
CA LEU F 59 35.99 -27.91 1.62
C LEU F 59 36.96 -27.97 0.43
N ALA F 60 37.87 -28.96 0.43
CA ALA F 60 38.85 -29.11 -0.64
C ALA F 60 38.24 -29.43 -2.01
N GLU F 61 36.98 -29.89 -2.05
CA GLU F 61 36.31 -30.24 -3.31
C GLU F 61 35.35 -29.17 -3.84
N ILE F 62 35.00 -28.16 -3.04
CA ILE F 62 34.03 -27.14 -3.48
C ILE F 62 34.59 -26.04 -4.37
N GLY F 63 35.86 -26.09 -4.73
CA GLY F 63 36.46 -25.08 -5.58
C GLY F 63 36.42 -23.68 -5.02
N GLU F 64 37.03 -23.46 -3.83
CA GLU F 64 37.06 -22.11 -3.25
C GLU F 64 37.83 -21.21 -4.20
N PRO F 65 37.39 -19.97 -4.38
CA PRO F 65 38.08 -19.09 -5.31
C PRO F 65 39.41 -18.60 -4.77
N GLU F 66 40.28 -18.06 -5.65
CA GLU F 66 41.54 -17.46 -5.23
C GLU F 66 41.11 -16.25 -4.39
N ASP F 67 41.57 -16.18 -3.15
CA ASP F 67 41.13 -15.13 -2.24
C ASP F 67 42.15 -15.01 -1.14
N PRO F 68 43.08 -14.04 -1.24
CA PRO F 68 44.14 -13.94 -0.22
C PRO F 68 43.70 -13.81 1.22
N ILE F 69 42.59 -13.13 1.49
CA ILE F 69 42.14 -12.92 2.88
C ILE F 69 41.68 -14.25 3.49
N ARG F 70 40.96 -15.04 2.71
CA ARG F 70 40.44 -16.36 3.10
C ARG F 70 41.60 -17.27 3.53
N GLU F 71 42.72 -17.13 2.84
CA GLU F 71 43.90 -17.93 3.14
C GLU F 71 44.50 -17.62 4.53
N LEU F 72 44.14 -16.47 5.14
CA LEU F 72 44.62 -16.06 6.46
C LEU F 72 43.79 -16.68 7.60
N VAL F 73 42.65 -17.33 7.29
CA VAL F 73 41.76 -17.88 8.30
C VAL F 73 41.63 -19.39 8.12
N PRO F 74 42.39 -20.17 8.91
CA PRO F 74 42.30 -21.62 8.78
C PRO F 74 40.90 -22.13 9.09
N PRO F 75 40.33 -23.01 8.25
CA PRO F 75 39.01 -23.54 8.56
C PRO F 75 39.06 -24.51 9.72
N THR F 76 37.96 -24.63 10.47
CA THR F 76 37.91 -25.60 11.56
C THR F 76 37.84 -27.01 10.93
N GLU F 77 38.00 -28.06 11.73
CA GLU F 77 37.92 -29.43 11.23
C GLU F 77 36.53 -29.75 10.70
N GLY F 78 35.49 -29.19 11.32
CA GLY F 78 34.12 -29.41 10.86
C GLY F 78 33.90 -28.73 9.51
N ALA F 79 34.50 -27.53 9.32
CA ALA F 79 34.35 -26.80 8.06
C ALA F 79 35.10 -27.56 6.97
N LYS F 80 36.30 -28.05 7.26
CA LYS F 80 37.07 -28.84 6.29
C LYS F 80 36.29 -30.08 5.85
N ALA F 81 35.57 -30.73 6.79
CA ALA F 81 34.81 -31.94 6.45
C ALA F 81 33.46 -31.66 5.76
N GLY F 82 32.90 -30.47 5.95
CA GLY F 82 31.61 -30.14 5.37
C GLY F 82 30.47 -30.57 6.28
N ASP F 83 30.71 -30.68 7.61
CA ASP F 83 29.64 -31.08 8.54
C ASP F 83 28.43 -30.14 8.46
N ARG F 84 27.25 -30.65 8.82
CA ARG F 84 26.07 -29.81 8.87
C ARG F 84 26.24 -28.92 10.09
N VAL F 85 25.50 -27.81 10.14
CA VAL F 85 25.60 -26.89 11.25
C VAL F 85 24.53 -27.33 12.22
N CYS F 86 24.91 -27.60 13.48
CA CYS F 86 23.97 -28.05 14.49
C CYS F 86 23.86 -27.04 15.58
N THR F 87 22.72 -27.04 16.29
CA THR F 87 22.47 -26.12 17.39
C THR F 87 22.35 -26.84 18.73
N ILE F 88 22.92 -26.23 19.78
CA ILE F 88 22.76 -26.74 21.14
C ILE F 88 22.21 -25.55 21.92
N ILE F 89 21.25 -25.80 22.80
CA ILE F 89 20.60 -24.69 23.54
C ILE F 89 20.69 -24.96 25.05
N MET F 90 21.07 -23.92 25.80
CA MET F 90 21.13 -24.03 27.25
C MET F 90 20.36 -22.87 27.87
N THR F 91 19.89 -23.07 29.10
CA THR F 91 19.10 -22.08 29.82
C THR F 91 19.69 -21.97 31.21
N ASP F 92 19.89 -20.74 31.67
CA ASP F 92 20.43 -20.50 33.01
C ASP F 92 19.35 -19.86 33.84
N SER F 93 19.10 -20.42 35.00
CA SER F 93 18.12 -19.88 35.93
C SER F 93 18.51 -18.46 36.34
N VAL F 94 17.51 -17.65 36.72
CA VAL F 94 17.81 -16.32 37.24
C VAL F 94 18.40 -16.49 38.67
N TYR F 95 18.21 -17.66 39.30
CA TYR F 95 18.67 -17.90 40.67
C TYR F 95 20.12 -18.38 40.79
N ASN F 96 21.02 -17.40 40.84
CA ASN F 96 22.46 -17.59 41.08
C ASN F 96 23.20 -18.61 40.20
N PRO F 97 23.09 -18.52 38.86
CA PRO F 97 23.83 -19.44 38.01
C PRO F 97 25.32 -19.07 37.89
N PRO F 98 26.22 -20.04 37.63
CA PRO F 98 27.64 -19.69 37.46
C PRO F 98 27.91 -19.03 36.11
N ILE F 99 26.92 -19.05 35.24
CA ILE F 99 27.02 -18.37 33.95
C ILE F 99 25.62 -17.93 33.60
N ALA F 100 25.50 -16.75 32.95
CA ALA F 100 24.20 -16.25 32.57
C ALA F 100 24.19 -16.04 31.05
N HIS F 101 23.10 -15.50 30.51
CA HIS F 101 22.94 -15.43 29.03
C HIS F 101 23.97 -14.56 28.29
N TYR F 102 24.13 -13.28 28.60
CA TYR F 102 25.09 -12.48 27.83
C TYR F 102 26.54 -12.93 28.07
N THR F 103 26.86 -13.43 29.27
CA THR F 103 28.21 -13.96 29.52
C THR F 103 28.46 -15.17 28.58
N ARG F 104 27.42 -15.93 28.21
CA ARG F 104 27.60 -17.06 27.28
C ARG F 104 28.04 -16.49 25.93
N ALA F 105 27.33 -15.48 25.41
CA ALA F 105 27.73 -14.88 24.14
C ALA F 105 29.19 -14.35 24.20
N TRP F 106 29.54 -13.65 25.27
CA TRP F 106 30.88 -13.10 25.37
C TRP F 106 31.91 -14.21 25.48
N MET F 107 31.60 -15.26 26.25
CA MET F 107 32.52 -16.39 26.37
C MET F 107 32.66 -17.15 25.06
N TYR F 108 31.56 -17.48 24.40
CA TYR F 108 31.59 -18.21 23.14
C TYR F 108 32.47 -17.47 22.13
N HIS F 109 32.22 -16.19 21.93
CA HIS F 109 32.98 -15.37 20.99
C HIS F 109 34.46 -15.22 21.36
N ASN F 110 34.82 -15.47 22.62
CA ASN F 110 36.22 -15.38 23.07
C ASN F 110 36.95 -16.72 23.16
N ARG F 111 36.22 -17.84 23.33
CA ARG F 111 36.83 -19.17 23.49
C ARG F 111 36.66 -20.13 22.32
N PHE F 112 35.59 -19.97 21.49
CA PHE F 112 35.34 -20.89 20.40
C PHE F 112 35.44 -20.26 19.01
N ARG F 113 36.02 -21.00 18.05
CA ARG F 113 36.14 -20.51 16.68
C ARG F 113 34.93 -20.93 15.85
N GLY F 114 34.58 -20.10 14.87
CA GLY F 114 33.51 -20.37 13.91
C GLY F 114 32.13 -20.60 14.47
N ILE F 115 31.59 -19.62 15.20
CA ILE F 115 30.29 -19.75 15.83
C ILE F 115 29.19 -18.84 15.31
N ASP F 116 27.97 -19.28 15.61
CA ASP F 116 26.67 -18.59 15.45
C ASP F 116 26.06 -18.69 16.84
N ASN F 117 25.49 -17.62 17.37
CA ASN F 117 24.99 -17.71 18.77
C ASN F 117 23.93 -16.63 18.99
N GLY F 118 22.83 -17.01 19.64
CA GLY F 118 21.80 -16.03 19.92
C GLY F 118 21.48 -16.02 21.39
N VAL F 119 21.27 -14.80 21.91
CA VAL F 119 20.93 -14.63 23.35
C VAL F 119 19.47 -14.20 23.46
N TYR F 120 18.72 -14.92 24.28
CA TYR F 120 17.33 -14.67 24.56
C TYR F 120 17.23 -14.65 26.09
N SER F 121 16.13 -14.17 26.63
CA SER F 121 15.99 -14.19 28.08
C SER F 121 15.90 -15.62 28.61
N GLY F 122 15.21 -16.51 27.89
CA GLY F 122 14.97 -17.88 28.35
C GLY F 122 15.89 -18.96 27.82
N ARG F 123 16.80 -18.64 26.91
CA ARG F 123 17.72 -19.63 26.37
C ARG F 123 18.84 -18.96 25.62
N VAL F 124 19.89 -19.73 25.31
CA VAL F 124 21.02 -19.24 24.52
C VAL F 124 21.36 -20.33 23.53
N THR F 125 21.46 -19.96 22.25
CA THR F 125 21.79 -20.96 21.20
C THR F 125 23.27 -20.85 20.83
N LEU F 126 23.85 -21.98 20.42
CA LEU F 126 25.22 -22.04 19.90
C LEU F 126 25.09 -22.95 18.71
N GLU F 127 25.50 -22.48 17.52
CA GLU F 127 25.36 -23.27 16.29
C GLU F 127 26.70 -23.29 15.60
N MET F 128 27.24 -24.48 15.44
CA MET F 128 28.55 -24.68 14.82
C MET F 128 28.53 -25.95 14.01
N ARG F 129 29.58 -26.17 13.21
CA ARG F 129 29.73 -27.41 12.42
C ARG F 129 29.68 -28.57 13.44
N GLU F 130 28.92 -29.61 13.17
CA GLU F 130 28.70 -30.68 14.16
C GLU F 130 29.92 -31.11 15.01
N ARG F 131 31.07 -31.49 14.42
CA ARG F 131 32.20 -31.93 15.26
C ARG F 131 32.78 -30.80 16.11
N ASP F 132 32.69 -29.55 15.62
CA ASP F 132 33.16 -28.38 16.37
C ASP F 132 32.24 -28.17 17.56
N LEU F 133 30.92 -28.29 17.34
CA LEU F 133 29.91 -28.12 18.41
C LEU F 133 30.16 -29.14 19.51
N GLU F 134 30.45 -30.40 19.13
CA GLU F 134 30.73 -31.45 20.12
C GLU F 134 31.89 -31.05 21.02
N GLU F 135 32.98 -30.55 20.44
CA GLU F 135 34.15 -30.14 21.24
C GLU F 135 33.76 -28.99 22.20
N ALA F 136 33.00 -28.00 21.71
CA ALA F 136 32.55 -26.88 22.54
C ALA F 136 31.68 -27.35 23.68
N CYS F 137 30.78 -28.31 23.42
CA CYS F 137 29.87 -28.82 24.46
C CYS F 137 30.57 -29.48 25.61
N ARG F 138 31.83 -29.94 25.44
CA ARG F 138 32.56 -30.52 26.58
C ARG F 138 32.75 -29.43 27.64
N THR F 139 33.05 -28.19 27.22
CA THR F 139 33.21 -27.06 28.14
C THR F 139 31.86 -26.67 28.74
N LEU F 140 30.83 -26.58 27.91
CA LEU F 140 29.49 -26.18 28.37
C LEU F 140 28.87 -27.16 29.37
N PHE F 141 29.15 -28.47 29.24
CA PHE F 141 28.48 -29.51 30.06
C PHE F 141 29.30 -30.00 31.26
N GLU F 142 30.63 -30.05 31.16
CA GLU F 142 31.47 -30.62 32.20
C GLU F 142 32.19 -29.66 33.12
N THR F 143 32.25 -28.36 32.82
CA THR F 143 33.01 -27.43 33.66
C THR F 143 32.18 -26.65 34.67
N GLU F 144 32.87 -25.83 35.46
CA GLU F 144 32.27 -25.03 36.57
C GLU F 144 31.14 -24.11 36.06
N ILE F 145 31.04 -23.86 34.75
CA ILE F 145 29.95 -23.04 34.25
C ILE F 145 28.65 -23.86 34.10
N CYS F 146 28.63 -25.12 34.53
CA CYS F 146 27.44 -25.93 34.43
C CYS F 146 27.08 -26.51 35.78
N ASP F 147 26.19 -25.83 36.49
CA ASP F 147 25.63 -26.38 37.75
C ASP F 147 24.41 -27.18 37.27
N ALA F 148 24.41 -28.49 37.49
CA ALA F 148 23.36 -29.34 36.95
C ALA F 148 21.92 -28.87 37.22
N SER F 149 21.65 -28.22 38.34
N SER F 149 21.65 -28.21 38.34
CA SER F 149 20.29 -27.76 38.66
CA SER F 149 20.30 -27.75 38.66
C SER F 149 19.94 -26.38 38.07
C SER F 149 19.95 -26.39 38.04
N ARG F 150 20.94 -25.50 37.85
CA ARG F 150 20.68 -24.15 37.32
C ARG F 150 21.06 -23.87 35.88
N ASP F 151 21.84 -24.74 35.21
CA ASP F 151 22.20 -24.49 33.80
C ASP F 151 21.88 -25.82 33.10
N GLN F 152 20.81 -25.84 32.30
CA GLN F 152 20.33 -27.08 31.68
C GLN F 152 20.23 -27.00 30.17
N VAL F 153 20.26 -28.17 29.52
CA VAL F 153 20.20 -28.27 28.04
C VAL F 153 18.76 -28.55 27.64
N ARG F 154 18.25 -27.84 26.62
CA ARG F 154 16.85 -28.01 26.20
C ARG F 154 16.68 -27.36 24.86
N GLN F 155 16.32 -28.14 23.84
CA GLN F 155 16.20 -27.64 22.46
C GLN F 155 14.93 -26.87 22.15
N TYR F 156 13.90 -27.02 22.99
CA TYR F 156 12.60 -26.35 22.80
C TYR F 156 11.73 -26.58 24.04
N THR F 157 10.63 -25.81 24.20
CA THR F 157 9.75 -25.83 25.39
C THR F 157 10.70 -25.51 26.54
N CYS F 158 11.38 -24.36 26.42
CA CYS F 158 12.46 -23.92 27.30
C CYS F 158 12.07 -23.17 28.54
N THR F 159 10.81 -22.82 28.73
CA THR F 159 10.39 -22.05 29.91
C THR F 159 10.95 -22.63 31.22
N GLY F 160 11.41 -21.76 32.11
CA GLY F 160 11.94 -22.18 33.41
C GLY F 160 12.95 -21.21 33.98
N HIS F 161 13.69 -20.47 33.13
CA HIS F 161 14.71 -19.55 33.68
C HIS F 161 14.17 -18.65 34.81
N SER F 162 12.97 -18.09 34.61
CA SER F 162 12.32 -17.16 35.55
C SER F 162 11.31 -17.79 36.49
N CYS F 163 11.03 -19.08 36.34
CA CYS F 163 10.07 -19.75 37.21
C CYS F 163 10.66 -20.02 38.60
N ARG F 164 9.79 -20.23 39.59
CA ARG F 164 10.23 -20.52 40.94
C ARG F 164 10.94 -21.90 40.92
N LEU F 165 11.93 -22.08 41.79
CA LEU F 165 12.64 -23.36 41.83
C LEU F 165 11.70 -24.41 42.42
N ASP F 166 11.85 -25.67 42.00
CA ASP F 166 11.00 -26.73 42.52
C ASP F 166 11.42 -27.09 43.96
N PRO F 167 10.71 -27.98 44.66
CA PRO F 167 11.06 -28.28 46.06
C PRO F 167 12.50 -28.75 46.31
N ASP F 168 13.17 -29.29 45.27
CA ASP F 168 14.54 -29.78 45.39
C ASP F 168 15.56 -28.73 44.91
N GLY F 169 15.12 -27.49 44.63
CA GLY F 169 16.00 -26.43 44.15
C GLY F 169 16.34 -26.55 42.68
N MET F 170 15.53 -27.30 41.93
CA MET F 170 15.77 -27.50 40.51
C MET F 170 14.99 -26.52 39.66
N MET F 171 15.56 -26.15 38.52
CA MET F 171 14.86 -25.26 37.61
C MET F 171 13.83 -26.10 36.85
N PHE F 172 12.65 -25.54 36.68
CA PHE F 172 11.51 -26.16 36.00
C PHE F 172 11.85 -26.50 34.56
N ASP F 173 11.34 -27.64 34.08
CA ASP F 173 11.47 -28.07 32.69
C ASP F 173 10.09 -28.63 32.29
N PRO F 174 9.34 -27.98 31.39
CA PRO F 174 8.02 -28.52 31.05
C PRO F 174 8.07 -29.97 30.56
N ILE F 175 9.13 -30.36 29.84
CA ILE F 175 9.26 -31.72 29.32
C ILE F 175 9.89 -32.70 30.33
N GLU F 176 10.34 -32.20 31.48
CA GLU F 176 10.94 -33.05 32.51
C GLU F 176 12.13 -33.85 31.98
N ARG F 177 13.01 -33.21 31.20
CA ARG F 177 14.20 -33.90 30.69
C ARG F 177 15.17 -34.14 31.86
N CYS F 178 15.26 -33.15 32.76
CA CYS F 178 16.15 -33.09 33.90
C CYS F 178 15.38 -33.41 35.19
N ILE F 179 15.83 -34.38 35.98
CA ILE F 179 15.16 -34.73 37.24
C ILE F 179 16.17 -34.92 38.36
N MET F 180 15.68 -34.96 39.60
CA MET F 180 16.54 -35.21 40.76
C MET F 180 16.26 -36.65 41.17
N SER F 181 17.31 -37.46 41.30
CA SER F 181 17.15 -38.86 41.69
C SER F 181 18.30 -39.25 42.60
N GLY F 182 17.98 -39.59 43.85
CA GLY F 182 18.98 -39.98 44.83
C GLY F 182 19.98 -38.88 45.11
N GLY F 183 19.52 -37.63 45.08
CA GLY F 183 20.39 -36.48 45.33
C GLY F 183 21.15 -36.00 44.11
N ASN F 184 21.15 -36.79 43.03
CA ASN F 184 21.86 -36.43 41.81
C ASN F 184 20.90 -35.85 40.79
N VAL F 185 21.41 -35.02 39.91
CA VAL F 185 20.61 -34.47 38.83
C VAL F 185 20.88 -35.41 37.68
N VAL F 186 19.82 -35.95 37.05
CA VAL F 186 20.02 -36.86 35.92
C VAL F 186 19.12 -36.45 34.78
N TYR F 187 19.55 -36.70 33.54
CA TYR F 187 18.73 -36.41 32.38
C TYR F 187 18.04 -37.73 32.03
N GLN F 188 16.73 -37.81 32.23
CA GLN F 188 15.96 -39.01 31.93
C GLN F 188 15.47 -39.02 30.48
N LYS F 189 15.66 -37.89 29.75
CA LYS F 189 15.36 -37.74 28.34
C LYS F 189 16.50 -36.90 27.77
N ASP F 190 16.69 -36.89 26.46
CA ASP F 190 17.76 -36.11 25.85
C ASP F 190 17.36 -34.62 25.71
N SER F 191 18.23 -33.78 25.12
CA SER F 191 17.97 -32.35 24.96
C SER F 191 16.69 -32.09 24.14
N PHE F 192 16.30 -33.04 23.29
CA PHE F 192 15.08 -32.94 22.47
C PHE F 192 13.84 -33.56 23.16
N GLY F 193 13.98 -34.01 24.39
CA GLY F 193 12.88 -34.64 25.12
C GLY F 193 12.63 -36.06 24.67
N ASN F 194 13.56 -36.65 23.88
CA ASN F 194 13.41 -38.01 23.36
C ASN F 194 13.87 -39.02 24.39
N PRO F 195 13.37 -40.27 24.32
CA PRO F 195 13.81 -41.27 25.31
C PRO F 195 15.30 -41.58 25.22
N VAL F 196 15.90 -41.98 26.36
CA VAL F 196 17.30 -42.37 26.39
C VAL F 196 17.34 -43.78 26.94
N ASP F 197 18.27 -44.61 26.46
CA ASP F 197 18.38 -46.00 26.95
C ASP F 197 18.65 -46.01 28.47
N THR F 198 19.57 -45.15 28.94
CA THR F 198 19.91 -45.05 30.35
C THR F 198 20.07 -43.56 30.73
N PRO F 199 19.61 -43.13 31.92
CA PRO F 199 19.76 -41.70 32.25
C PRO F 199 21.21 -41.22 32.32
N ILE F 200 21.44 -39.94 32.02
CA ILE F 200 22.77 -39.36 32.06
C ILE F 200 22.94 -38.68 33.42
N ASN F 201 23.77 -39.26 34.30
CA ASN F 201 24.00 -38.70 35.62
C ASN F 201 24.95 -37.49 35.56
N MET F 202 24.48 -36.33 36.07
CA MET F 202 25.27 -35.09 36.10
C MET F 202 25.93 -34.82 37.46
N GLY F 203 25.64 -35.66 38.45
CA GLY F 203 26.20 -35.49 39.78
C GLY F 203 25.34 -34.61 40.66
N LYS F 204 25.89 -34.17 41.77
CA LYS F 204 25.16 -33.35 42.72
C LYS F 204 25.16 -31.89 42.31
N PRO F 205 24.10 -31.13 42.64
CA PRO F 205 24.12 -29.70 42.35
C PRO F 205 24.85 -28.97 43.48
N LEU F 206 25.19 -27.69 43.29
CA LEU F 206 25.86 -26.92 44.32
C LEU F 206 24.83 -26.41 45.32
N SER F 207 25.27 -26.11 46.54
CA SER F 207 24.37 -25.55 47.55
C SER F 207 24.10 -24.09 47.17
N GLU F 208 23.12 -23.43 47.82
CA GLU F 208 22.84 -22.04 47.46
C GLU F 208 24.01 -21.13 47.82
N GLU F 209 24.65 -21.31 48.98
CA GLU F 209 25.78 -20.44 49.32
C GLU F 209 26.94 -20.63 48.34
N GLU F 210 27.16 -21.86 47.81
CA GLU F 210 28.23 -22.11 46.82
C GLU F 210 27.85 -21.49 45.47
N LEU F 211 26.57 -21.56 45.12
CA LEU F 211 26.11 -20.93 43.86
C LEU F 211 26.32 -19.41 43.98
N ILE F 212 25.98 -18.82 45.12
CA ILE F 212 26.14 -17.37 45.31
C ILE F 212 27.62 -16.95 45.16
N GLU F 213 28.54 -17.76 45.67
CA GLU F 213 29.95 -17.42 45.57
C GLU F 213 30.39 -17.31 44.12
N ARG F 214 29.93 -18.22 43.27
CA ARG F 214 30.37 -18.28 41.88
C ARG F 214 29.47 -17.58 40.88
N THR F 215 28.31 -17.08 41.29
CA THR F 215 27.37 -16.48 40.33
C THR F 215 27.86 -15.21 39.65
N VAL F 216 27.35 -15.02 38.42
CA VAL F 216 27.67 -13.84 37.62
C VAL F 216 26.52 -12.83 37.63
N VAL F 217 25.36 -13.14 38.24
CA VAL F 217 24.24 -12.21 38.23
C VAL F 217 24.18 -11.41 39.50
N TYR F 218 23.67 -10.17 39.41
CA TYR F 218 23.47 -9.37 40.61
C TYR F 218 22.03 -9.71 41.03
N ARG F 219 21.75 -9.72 42.34
CA ARG F 219 20.41 -9.99 42.81
C ARG F 219 20.17 -9.12 44.04
N THR F 220 19.10 -8.34 44.02
CA THR F 220 18.79 -7.46 45.14
C THR F 220 18.45 -8.23 46.42
N ASP F 221 17.74 -9.36 46.32
CA ASP F 221 17.35 -10.13 47.51
C ASP F 221 18.53 -10.61 48.36
N ARG F 222 19.69 -10.94 47.74
CA ARG F 222 20.84 -11.37 48.56
C ARG F 222 21.72 -10.17 49.01
N GLY F 223 21.22 -8.94 48.78
CA GLY F 223 21.90 -7.71 49.15
C GLY F 223 22.98 -7.31 48.17
N GLU F 224 22.91 -7.82 46.92
CA GLU F 224 23.92 -7.51 45.92
C GLU F 224 23.30 -7.06 44.59
N PRO F 225 22.54 -5.95 44.62
CA PRO F 225 21.94 -5.45 43.37
C PRO F 225 22.99 -4.71 42.56
N MET F 226 22.76 -4.51 41.25
CA MET F 226 23.72 -3.73 40.47
C MET F 226 23.71 -2.29 41.00
N THR F 227 22.50 -1.76 41.25
CA THR F 227 22.31 -0.39 41.74
C THR F 227 21.81 -0.46 43.18
N ARG F 228 22.58 0.08 44.10
CA ARG F 228 22.17 0.05 45.51
C ARG F 228 21.32 1.26 45.83
N GLU F 229 20.60 1.21 46.96
CA GLU F 229 19.71 2.30 47.35
C GLU F 229 20.41 3.68 47.32
N GLY F 230 21.68 3.77 47.72
CA GLY F 230 22.38 5.07 47.66
C GLY F 230 23.12 5.38 46.35
N ASP F 231 22.81 4.69 45.25
CA ASP F 231 23.53 4.92 43.98
C ASP F 231 22.88 5.83 42.95
N PRO F 232 21.56 5.78 42.69
CA PRO F 232 20.98 6.65 41.64
C PRO F 232 21.34 8.13 41.82
N GLY F 233 21.91 8.75 40.78
CA GLY F 233 22.30 10.16 40.82
C GLY F 233 23.62 10.44 41.53
N ALA F 234 24.10 9.52 42.38
CA ALA F 234 25.35 9.76 43.11
C ALA F 234 26.58 9.83 42.17
N PRO F 235 27.68 10.45 42.60
CA PRO F 235 28.86 10.51 41.73
C PRO F 235 29.38 9.12 41.36
N ASP F 236 30.07 9.02 40.23
CA ASP F 236 30.62 7.76 39.74
C ASP F 236 31.44 7.02 40.80
N GLU F 237 32.31 7.74 41.51
CA GLU F 237 33.16 7.14 42.54
C GLU F 237 32.38 6.48 43.66
N GLU F 238 31.10 6.83 43.82
CA GLU F 238 30.26 6.29 44.88
C GLU F 238 29.37 5.13 44.41
N VAL F 239 29.50 4.69 43.12
CA VAL F 239 28.67 3.60 42.61
C VAL F 239 29.52 2.46 42.04
N ARG F 240 28.87 1.32 41.67
CA ARG F 240 29.59 0.16 41.14
C ARG F 240 30.22 0.52 39.81
N GLU F 241 31.37 -0.09 39.46
CA GLU F 241 32.00 0.21 38.17
C GLU F 241 31.10 -0.18 37.00
N ALA F 242 30.23 -1.20 37.15
CA ALA F 242 29.32 -1.55 36.04
C ALA F 242 28.35 -0.37 35.78
N LEU F 243 27.95 0.35 36.84
CA LEU F 243 27.05 1.50 36.67
C LEU F 243 27.84 2.67 36.11
N GLN F 244 29.11 2.87 36.52
CA GLN F 244 29.94 3.95 35.95
C GLN F 244 30.15 3.68 34.45
N TRP F 245 30.34 2.40 34.08
CA TRP F 245 30.52 2.01 32.68
C TRP F 245 29.21 2.25 31.91
N SER F 246 28.07 1.88 32.49
CA SER F 246 26.77 2.08 31.85
C SER F 246 26.50 3.55 31.59
N ARG F 247 26.75 4.41 32.57
CA ARG F 247 26.53 5.86 32.41
C ARG F 247 27.43 6.40 31.30
N ARG F 248 28.69 5.94 31.24
CA ARG F 248 29.64 6.41 30.21
C ARG F 248 29.17 6.03 28.81
N ILE F 249 28.76 4.78 28.63
CA ILE F 249 28.29 4.36 27.30
C ILE F 249 27.08 5.19 26.88
N GLN F 250 26.13 5.45 27.80
CA GLN F 250 24.96 6.25 27.42
C GLN F 250 25.39 7.67 27.05
N TRP F 251 26.24 8.31 27.86
CA TRP F 251 26.69 9.67 27.54
C TRP F 251 27.37 9.76 26.17
N LEU F 252 28.25 8.82 25.86
CA LEU F 252 29.01 8.83 24.61
C LEU F 252 28.17 8.44 23.40
N ARG F 253 27.21 7.48 23.54
CA ARG F 253 26.33 7.16 22.42
C ARG F 253 25.43 8.37 22.12
N MET F 254 24.91 9.04 23.16
CA MET F 254 24.05 10.20 22.95
C MET F 254 24.82 11.38 22.31
N LEU F 255 25.95 11.77 22.90
CA LEU F 255 26.72 12.93 22.38
C LEU F 255 27.33 12.60 21.01
N GLY F 256 27.91 11.41 20.88
CA GLY F 256 28.55 10.99 19.63
C GLY F 256 27.59 10.94 18.47
N ASN F 257 26.35 10.47 18.73
CA ASN F 257 25.35 10.37 17.65
C ASN F 257 24.70 11.75 17.36
N MET F 258 24.98 12.77 18.19
CA MET F 258 24.46 14.11 17.93
C MET F 258 25.47 14.72 16.94
N VAL F 259 26.75 14.76 17.35
CA VAL F 259 27.86 15.24 16.51
C VAL F 259 29.08 14.41 16.93
N PRO F 260 29.70 13.60 16.05
CA PRO F 260 30.82 12.75 16.50
C PRO F 260 31.91 13.47 17.27
N ASP F 261 32.34 14.64 16.77
CA ASP F 261 33.41 15.39 17.43
C ASP F 261 33.10 15.77 18.88
N LYS F 262 31.83 15.72 19.31
CA LYS F 262 31.48 16.10 20.68
C LYS F 262 32.06 15.18 21.75
N ILE F 263 32.41 13.92 21.40
CA ILE F 263 32.98 13.01 22.40
C ILE F 263 34.51 12.98 22.37
N LYS F 264 35.15 13.84 21.58
CA LYS F 264 36.61 13.88 21.49
C LYS F 264 37.21 14.20 22.85
N GLY F 265 38.12 13.36 23.35
CA GLY F 265 38.76 13.62 24.63
C GLY F 265 37.87 13.40 25.85
N MET F 266 36.63 12.93 25.65
CA MET F 266 35.70 12.66 26.75
C MET F 266 35.84 11.23 27.33
#